data_5DJQ
#
_entry.id   5DJQ
#
_cell.length_a   136.475
_cell.length_b   279.933
_cell.length_c   175.192
_cell.angle_alpha   90.00
_cell.angle_beta   90.00
_cell.angle_gamma   90.00
#
_symmetry.space_group_name_H-M   'P 21 21 2'
#
loop_
_entity.id
_entity.type
_entity.pdbx_description
1 polymer 'Cbb3-type cytochrome c oxidase subunit CcoN1'
2 polymer 'Cbb3-type cytochrome c oxidase subunit II'
3 polymer 'Cbb3-type cytochrome c oxidase subunit CcoP1'
4 polymer 'Putative uncharacterized protein'
5 non-polymer 'PROTOPORPHYRIN IX CONTAINING FE'
6 non-polymer 'COPPER (II) ION'
7 non-polymer 'CALCIUM ION'
8 non-polymer 'HYDROGEN PEROXIDE'
9 non-polymer 'PHOSPHATE ION'
10 non-polymer 'HEME C'
11 non-polymer HEXACYANOFERRATE(3-)
#
loop_
_entity_poly.entity_id
_entity_poly.type
_entity_poly.pdbx_seq_one_letter_code
_entity_poly.pdbx_strand_id
1 'polypeptide(L)'
;MNTATSTAYSYKVVRQFAIMTVVWGIVGMGLGVFIAAQLAWPFLNFDLPWTSFGRLRPLHTNAVIFAFGGCALFATSYYS
VQRTCQTTLFAPKLAAFTFWGWQLVILLAAISLPLGFTSSKEYAELEWPIDILITIVWVAYAVVFFGTLAKRKVKHIYVG
NWFFGAFILTVAILHVVNNLEIPVTAMKSYSLYAGATDAMVQWWYGHNAVGFFLTAGFLGIMYYFVPKQAERPVYSYRLS
IVHFWALITVYIWAGPHHLHYTALPDWAQSLGMVMSLILLAPSWGGMINGMMTLSGAWHKLRSDPILRFLVVSLAFYGMS
TFEGPMMAIKTVNALSHYTDWTIGHVHAGALGWVAMVSIGALYHLVPKVFGREQMHSIGLINTHFWLATIGTVLYIASMW
VNGIAQGLMWRAINDDGTLTYSFVESLEASHPGFVVRMIGGAIFFAGMLVMAYNTWRTVQAAKPAEYDAAAQIA
;
A,D,G,K
2 'polypeptide(L)'
;MKSHEKLEKNVGLLTLFMILAVSIGGLTQIVPLFFQDSVNEPVEGMKPYTALQLEGRDLYIREGCVGCHSQMIRPFRAET
ERYGHYSVAGESVYDHPFLWGSKRTGPDLARVGGRYSDDWHRAHLYNPRNVVPESKMPSYPWLVENTLDGKDTAKKMSAL
RMLGVPYTEEDIAGARDSVNGKTEMDAMVAYLQVLGTALTNKR
;
B,E,H,L
3 'polypeptide(L)'
;MSTFWSGYIALLTLGTIVALFWLIFATRKGESAGTTDQTMGHAFDGIEEYDNPLPRWWFLLFIGTLVFGILYLVLYPGLG
NWKGVLPGYEGGWTQEKQWEREVAQADEKYGPIFAKYAAMSVEEVAQDPQAVKMGARLFANYCSICHGSDAKGSLGFPNL
ADQDWRWGGDAASIKTSILNGRIAAMPAWGQAIGEEGVKNVAAFVRKDLAGLPLPEGTDADLSAGKNVYAQTCAVCHGQG
GEGMAALGAPKLNSAAGWIYGSSLGQLQQTIRHGRNGQMPAQQQYLGDDKVHLLAAYVYSLSQKPEQLANQ
;
C,F,I,M
4 'polypeptide(L)' MFVDNVVLAGVVTVGLMVAFLAGFGYFIWRDAHKKS N,O,P,Q
#
loop_
_chem_comp.id
_chem_comp.type
_chem_comp.name
_chem_comp.formula
CA non-polymer 'CALCIUM ION' 'Ca 2'
CU non-polymer 'COPPER (II) ION' 'Cu 2'
FC6 non-polymer HEXACYANOFERRATE(3-) 'C6 Fe N6'
HEC non-polymer 'HEME C' 'C34 H34 Fe N4 O4'
HEM non-polymer 'PROTOPORPHYRIN IX CONTAINING FE' 'C34 H32 Fe N4 O4'
PEO non-polymer 'HYDROGEN PEROXIDE' 'H2 O2'
PO4 non-polymer 'PHOSPHATE ION' 'O4 P -3'
#
# COMPACT_ATOMS: atom_id res chain seq x y z
N THR A 5 68.34 -25.26 -58.96
CA THR A 5 68.54 -26.39 -58.07
C THR A 5 67.30 -26.56 -57.17
N SER A 6 67.48 -26.28 -55.89
CA SER A 6 66.37 -26.19 -54.93
C SER A 6 65.54 -27.47 -54.78
N THR A 7 65.98 -28.58 -55.39
CA THR A 7 65.23 -29.83 -55.30
C THR A 7 65.42 -30.54 -53.96
N ALA A 8 65.47 -29.76 -52.88
CA ALA A 8 65.38 -30.22 -51.49
C ALA A 8 64.10 -29.70 -50.85
N TYR A 9 63.30 -30.56 -50.23
CA TYR A 9 62.03 -30.11 -49.65
C TYR A 9 62.27 -28.97 -48.65
N SER A 10 61.39 -27.98 -48.69
CA SER A 10 61.42 -26.88 -47.71
C SER A 10 60.80 -27.33 -46.39
N TYR A 11 61.64 -27.71 -45.45
CA TYR A 11 61.18 -28.24 -44.18
C TYR A 11 61.06 -27.17 -43.07
N LYS A 12 61.47 -25.95 -43.40
CA LYS A 12 61.51 -24.86 -42.42
C LYS A 12 60.16 -24.56 -41.80
N VAL A 13 59.19 -24.28 -42.67
CA VAL A 13 57.85 -23.89 -42.25
C VAL A 13 57.22 -25.03 -41.47
N VAL A 14 57.36 -26.24 -41.98
CA VAL A 14 56.86 -27.44 -41.31
C VAL A 14 57.42 -27.55 -39.90
N ARG A 15 58.70 -27.25 -39.77
CA ARG A 15 59.37 -27.30 -38.48
C ARG A 15 58.71 -26.31 -37.49
N GLN A 16 58.59 -25.06 -37.94
CA GLN A 16 57.98 -24.01 -37.13
C GLN A 16 56.57 -24.39 -36.69
N PHE A 17 55.72 -24.69 -37.66
CA PHE A 17 54.34 -25.09 -37.39
C PHE A 17 54.21 -26.32 -36.52
N ALA A 18 55.13 -27.26 -36.63
CA ALA A 18 55.12 -28.43 -35.73
C ALA A 18 55.32 -28.01 -34.29
N ILE A 19 56.44 -27.31 -34.05
CA ILE A 19 56.75 -26.86 -32.70
C ILE A 19 55.57 -26.06 -32.11
N MET A 20 55.11 -25.10 -32.89
CA MET A 20 53.98 -24.29 -32.45
C MET A 20 52.71 -25.10 -32.28
N THR A 21 52.56 -26.20 -33.03
CA THR A 21 51.42 -27.09 -32.85
C THR A 21 51.45 -27.69 -31.47
N VAL A 22 52.63 -28.13 -31.03
CA VAL A 22 52.72 -28.67 -29.67
C VAL A 22 52.47 -27.56 -28.65
N VAL A 23 53.04 -26.38 -28.88
CA VAL A 23 52.87 -25.27 -27.94
C VAL A 23 51.40 -24.86 -27.74
N TRP A 24 50.70 -24.61 -28.84
CA TRP A 24 49.30 -24.22 -28.76
C TRP A 24 48.44 -25.36 -28.28
N GLY A 25 48.82 -26.61 -28.58
CA GLY A 25 48.20 -27.76 -27.96
C GLY A 25 48.19 -27.61 -26.45
N ILE A 26 49.38 -27.42 -25.88
CA ILE A 26 49.54 -27.21 -24.44
C ILE A 26 48.66 -26.05 -23.96
N VAL A 27 48.84 -24.86 -24.53
CA VAL A 27 48.09 -23.68 -24.11
C VAL A 27 46.58 -23.88 -24.14
N GLY A 28 46.08 -24.39 -25.27
CA GLY A 28 44.66 -24.59 -25.50
C GLY A 28 44.05 -25.60 -24.56
N MET A 29 44.69 -26.76 -24.45
CA MET A 29 44.16 -27.81 -23.60
C MET A 29 44.30 -27.44 -22.12
N GLY A 30 45.33 -26.66 -21.81
CA GLY A 30 45.47 -26.08 -20.49
C GLY A 30 44.26 -25.24 -20.16
N LEU A 31 43.97 -24.29 -21.05
CA LEU A 31 42.75 -23.48 -20.95
C LEU A 31 41.52 -24.35 -20.73
N GLY A 32 41.43 -25.44 -21.50
CA GLY A 32 40.33 -26.38 -21.36
C GLY A 32 40.20 -26.88 -19.93
N VAL A 33 41.30 -27.44 -19.42
CA VAL A 33 41.32 -27.92 -18.04
C VAL A 33 40.89 -26.83 -17.07
N PHE A 34 41.41 -25.63 -17.29
CA PHE A 34 41.12 -24.53 -16.40
C PHE A 34 39.63 -24.18 -16.36
N ILE A 35 39.01 -23.96 -17.52
CA ILE A 35 37.58 -23.60 -17.55
C ILE A 35 36.71 -24.77 -17.08
N ALA A 36 37.20 -26.00 -17.27
CA ALA A 36 36.49 -27.15 -16.72
C ALA A 36 36.46 -27.04 -15.22
N ALA A 37 37.61 -26.65 -14.67
CA ALA A 37 37.73 -26.47 -13.24
C ALA A 37 36.84 -25.32 -12.76
N GLN A 38 36.70 -24.30 -13.59
CA GLN A 38 35.82 -23.20 -13.28
C GLN A 38 34.38 -23.67 -13.20
N LEU A 39 34.03 -24.59 -14.07
CA LEU A 39 32.68 -25.12 -14.03
C LEU A 39 32.50 -25.95 -12.78
N ALA A 40 33.59 -26.53 -12.29
CA ALA A 40 33.48 -27.31 -11.05
C ALA A 40 33.52 -26.40 -9.84
N TRP A 41 34.44 -25.44 -9.85
CA TRP A 41 34.70 -24.58 -8.71
C TRP A 41 34.80 -23.14 -9.18
N PRO A 42 33.67 -22.41 -9.14
CA PRO A 42 33.50 -21.09 -9.75
C PRO A 42 34.48 -20.03 -9.22
N PHE A 43 35.09 -20.28 -8.07
CA PHE A 43 36.02 -19.31 -7.50
C PHE A 43 37.20 -19.10 -8.44
N LEU A 44 37.46 -20.08 -9.30
CA LEU A 44 38.56 -20.00 -10.24
C LEU A 44 38.28 -18.96 -11.32
N ASN A 45 37.10 -18.37 -11.28
CA ASN A 45 36.79 -17.22 -12.13
C ASN A 45 37.58 -15.99 -11.65
N PHE A 46 37.85 -15.96 -10.35
CA PHE A 46 38.67 -14.93 -9.70
C PHE A 46 38.10 -13.51 -9.75
N ASP A 47 36.78 -13.40 -9.94
CA ASP A 47 36.12 -12.10 -10.02
C ASP A 47 36.88 -11.10 -10.90
N LEU A 48 37.48 -11.59 -11.97
CA LEU A 48 38.17 -10.76 -12.93
C LEU A 48 37.53 -10.94 -14.29
N PRO A 49 37.30 -9.84 -14.99
CA PRO A 49 36.67 -9.89 -16.32
C PRO A 49 37.44 -10.73 -17.32
N TRP A 50 38.77 -10.68 -17.28
CA TRP A 50 39.57 -11.36 -18.31
C TRP A 50 39.79 -12.84 -18.02
N THR A 51 39.42 -13.29 -16.84
CA THR A 51 39.64 -14.69 -16.46
C THR A 51 38.34 -15.40 -16.14
N SER A 52 37.21 -14.71 -16.31
CA SER A 52 35.90 -15.33 -16.11
C SER A 52 35.61 -16.31 -17.25
N PHE A 53 34.77 -17.31 -16.97
CA PHE A 53 34.47 -18.38 -17.90
C PHE A 53 33.93 -17.90 -19.24
N GLY A 54 32.99 -16.96 -19.21
CA GLY A 54 32.34 -16.49 -20.41
C GLY A 54 33.30 -16.00 -21.47
N ARG A 55 34.42 -15.41 -21.03
CA ARG A 55 35.41 -14.86 -21.95
C ARG A 55 36.48 -15.87 -22.29
N LEU A 56 36.88 -16.66 -21.31
CA LEU A 56 37.92 -17.65 -21.53
C LEU A 56 37.47 -18.79 -22.44
N ARG A 57 36.20 -19.14 -22.37
CA ARG A 57 35.68 -20.27 -23.14
C ARG A 57 36.03 -20.15 -24.63
N PRO A 58 35.61 -19.05 -25.30
CA PRO A 58 35.98 -18.96 -26.72
C PRO A 58 37.50 -18.90 -26.95
N LEU A 59 38.26 -18.50 -25.94
CA LEU A 59 39.70 -18.58 -26.06
C LEU A 59 40.11 -20.04 -26.14
N HIS A 60 39.60 -20.88 -25.24
CA HIS A 60 39.84 -22.33 -25.31
C HIS A 60 39.46 -22.83 -26.69
N THR A 61 38.25 -22.50 -27.12
CA THR A 61 37.74 -22.89 -28.42
C THR A 61 38.70 -22.55 -29.57
N ASN A 62 39.04 -21.27 -29.71
CA ASN A 62 39.84 -20.82 -30.84
C ASN A 62 41.28 -21.30 -30.76
N ALA A 63 41.85 -21.24 -29.57
CA ALA A 63 43.20 -21.76 -29.34
C ALA A 63 43.28 -23.23 -29.71
N VAL A 64 42.24 -23.96 -29.36
CA VAL A 64 42.32 -25.39 -29.52
C VAL A 64 42.01 -25.84 -30.95
N ILE A 65 41.13 -25.12 -31.63
CA ILE A 65 40.78 -25.45 -33.01
C ILE A 65 41.71 -24.80 -34.02
N PHE A 66 41.76 -23.48 -34.00
CA PHE A 66 42.50 -22.74 -35.01
C PHE A 66 43.99 -22.65 -34.72
N ALA A 67 44.36 -22.58 -33.44
CA ALA A 67 45.78 -22.57 -33.11
C ALA A 67 46.35 -23.98 -33.10
N PHE A 68 45.81 -24.86 -32.27
CA PHE A 68 46.30 -26.24 -32.21
C PHE A 68 46.00 -26.99 -33.50
N GLY A 69 44.71 -27.23 -33.74
CA GLY A 69 44.27 -27.88 -34.96
C GLY A 69 44.79 -27.20 -36.21
N GLY A 70 44.71 -25.87 -36.22
CA GLY A 70 45.24 -25.10 -37.32
C GLY A 70 46.70 -25.38 -37.61
N CYS A 71 47.56 -25.23 -36.60
CA CYS A 71 48.99 -25.43 -36.80
C CYS A 71 49.29 -26.86 -37.19
N ALA A 72 48.53 -27.78 -36.60
CA ALA A 72 48.63 -29.18 -37.00
C ALA A 72 48.38 -29.33 -38.49
N LEU A 73 47.33 -28.67 -38.96
CA LEU A 73 46.95 -28.69 -40.36
C LEU A 73 48.01 -28.08 -41.27
N PHE A 74 48.59 -26.96 -40.86
CA PHE A 74 49.66 -26.32 -41.62
C PHE A 74 50.88 -27.22 -41.73
N ALA A 75 51.41 -27.68 -40.60
CA ALA A 75 52.58 -28.53 -40.59
C ALA A 75 52.35 -29.77 -41.43
N THR A 76 51.20 -30.41 -41.20
CA THR A 76 50.87 -31.63 -41.88
C THR A 76 50.74 -31.41 -43.38
N SER A 77 49.94 -30.44 -43.79
CA SER A 77 49.72 -30.21 -45.21
C SER A 77 51.02 -29.81 -45.92
N TYR A 78 51.80 -28.94 -45.30
CA TYR A 78 53.05 -28.51 -45.93
C TYR A 78 54.05 -29.65 -46.09
N TYR A 79 54.13 -30.53 -45.09
CA TYR A 79 54.96 -31.73 -45.22
C TYR A 79 54.40 -32.69 -46.28
N SER A 80 53.18 -33.14 -46.01
CA SER A 80 52.45 -34.11 -46.82
C SER A 80 52.37 -33.76 -48.29
N VAL A 81 51.91 -32.55 -48.63
CA VAL A 81 51.76 -32.20 -50.05
C VAL A 81 53.12 -32.27 -50.74
N GLN A 82 54.14 -31.68 -50.12
CA GLN A 82 55.48 -31.66 -50.68
C GLN A 82 55.97 -33.06 -51.03
N ARG A 83 55.85 -33.99 -50.09
CA ARG A 83 56.33 -35.35 -50.37
C ARG A 83 55.41 -36.12 -51.32
N THR A 84 54.11 -36.02 -51.06
CA THR A 84 53.09 -36.75 -51.80
C THR A 84 53.04 -36.36 -53.27
N CYS A 85 53.62 -35.22 -53.65
CA CYS A 85 53.72 -34.94 -55.08
C CYS A 85 55.14 -34.53 -55.50
N GLN A 86 56.07 -34.58 -54.54
CA GLN A 86 57.51 -34.59 -54.81
C GLN A 86 58.09 -33.31 -55.42
N THR A 87 57.77 -32.16 -54.81
CA THR A 87 58.44 -30.91 -55.13
C THR A 87 58.50 -30.01 -53.90
N THR A 88 59.40 -29.04 -53.92
CA THR A 88 59.53 -28.04 -52.87
C THR A 88 58.28 -27.16 -52.84
N LEU A 89 57.88 -26.72 -51.65
CA LEU A 89 56.69 -25.89 -51.49
C LEU A 89 56.75 -24.67 -52.40
N PHE A 90 55.64 -24.44 -53.10
CA PHE A 90 55.52 -23.32 -54.01
C PHE A 90 55.67 -22.06 -53.16
N ALA A 91 56.41 -21.07 -53.64
CA ALA A 91 56.46 -19.79 -52.95
C ALA A 91 56.81 -19.95 -51.47
N PRO A 92 58.00 -20.51 -51.17
CA PRO A 92 58.22 -20.89 -49.77
C PRO A 92 58.12 -19.72 -48.79
N LYS A 93 58.55 -18.52 -49.21
CA LYS A 93 58.47 -17.38 -48.31
C LYS A 93 57.01 -17.11 -47.97
N LEU A 94 56.14 -17.12 -48.98
CA LEU A 94 54.71 -16.98 -48.75
C LEU A 94 54.21 -17.97 -47.70
N ALA A 95 54.83 -19.15 -47.66
CA ALA A 95 54.48 -20.13 -46.62
C ALA A 95 54.96 -19.61 -45.27
N ALA A 96 56.15 -19.02 -45.24
CA ALA A 96 56.66 -18.41 -44.01
C ALA A 96 55.70 -17.29 -43.52
N PHE A 97 55.24 -16.48 -44.46
CA PHE A 97 54.22 -15.49 -44.18
C PHE A 97 53.01 -16.15 -43.55
N THR A 98 52.53 -17.25 -44.12
CA THR A 98 51.37 -17.91 -43.54
C THR A 98 51.68 -18.39 -42.12
N PHE A 99 52.95 -18.65 -41.83
CA PHE A 99 53.29 -19.02 -40.47
C PHE A 99 53.17 -17.84 -39.52
N TRP A 100 53.97 -16.81 -39.74
CA TRP A 100 53.93 -15.66 -38.84
C TRP A 100 52.57 -14.99 -38.81
N GLY A 101 51.91 -14.97 -39.96
CA GLY A 101 50.54 -14.52 -40.08
C GLY A 101 49.61 -15.29 -39.17
N TRP A 102 49.68 -16.61 -39.22
CA TRP A 102 48.80 -17.43 -38.39
C TRP A 102 49.09 -17.21 -36.91
N GLN A 103 50.37 -17.05 -36.59
CA GLN A 103 50.79 -16.80 -35.21
C GLN A 103 50.22 -15.49 -34.72
N LEU A 104 50.29 -14.48 -35.58
CA LEU A 104 49.72 -13.19 -35.27
C LEU A 104 48.21 -13.30 -35.05
N VAL A 105 47.55 -14.14 -35.84
CA VAL A 105 46.12 -14.38 -35.66
C VAL A 105 45.85 -14.94 -34.27
N ILE A 106 46.58 -15.99 -33.91
CA ILE A 106 46.39 -16.64 -32.61
C ILE A 106 46.66 -15.67 -31.46
N LEU A 107 47.74 -14.93 -31.56
CA LEU A 107 48.12 -13.96 -30.52
C LEU A 107 47.05 -12.87 -30.38
N LEU A 108 46.51 -12.44 -31.51
CA LEU A 108 45.44 -11.46 -31.52
C LEU A 108 44.20 -12.04 -30.84
N ALA A 109 43.92 -13.33 -31.06
CA ALA A 109 42.84 -14.00 -30.35
C ALA A 109 43.06 -13.97 -28.83
N ALA A 110 44.28 -14.36 -28.44
CA ALA A 110 44.67 -14.45 -27.03
C ALA A 110 44.49 -13.12 -26.33
N ILE A 111 44.86 -12.03 -26.99
CA ILE A 111 44.69 -10.71 -26.40
C ILE A 111 43.24 -10.24 -26.43
N SER A 112 42.61 -10.37 -27.59
CA SER A 112 41.31 -9.77 -27.84
C SER A 112 40.14 -10.44 -27.12
N LEU A 113 40.15 -11.76 -27.02
CA LEU A 113 38.99 -12.45 -26.48
C LEU A 113 38.78 -12.24 -24.97
N PRO A 114 39.86 -12.32 -24.16
CA PRO A 114 39.65 -12.02 -22.73
C PRO A 114 39.38 -10.54 -22.50
N LEU A 115 39.84 -9.72 -23.43
CA LEU A 115 39.56 -8.29 -23.41
C LEU A 115 38.10 -8.00 -23.73
N GLY A 116 37.38 -9.02 -24.21
CA GLY A 116 35.96 -8.92 -24.43
C GLY A 116 35.50 -8.63 -25.84
N PHE A 117 36.41 -8.59 -26.81
CA PHE A 117 35.94 -8.36 -28.17
C PHE A 117 35.56 -9.62 -28.92
N THR A 118 34.29 -9.98 -28.87
CA THR A 118 33.82 -11.18 -29.52
C THR A 118 32.55 -10.93 -30.31
N SER A 119 32.42 -11.60 -31.45
CA SER A 119 31.20 -11.54 -32.27
C SER A 119 30.05 -12.24 -31.57
N SER A 120 30.38 -13.22 -30.72
CA SER A 120 29.43 -14.10 -30.02
C SER A 120 29.00 -15.21 -30.94
N LYS A 121 29.64 -15.30 -32.10
CA LYS A 121 29.31 -16.34 -33.04
C LYS A 121 30.35 -17.42 -32.82
N GLU A 122 29.86 -18.63 -32.59
CA GLU A 122 30.70 -19.75 -32.22
C GLU A 122 31.65 -20.10 -33.34
N TYR A 123 32.92 -20.23 -32.95
CA TYR A 123 34.02 -20.58 -33.84
C TYR A 123 34.27 -19.50 -34.90
N ALA A 124 33.71 -18.33 -34.66
CA ALA A 124 33.91 -17.18 -35.54
C ALA A 124 33.94 -15.91 -34.69
N GLU A 125 34.40 -16.06 -33.45
CA GLU A 125 34.23 -15.05 -32.41
C GLU A 125 35.12 -13.81 -32.57
N LEU A 126 36.24 -13.94 -33.26
CA LEU A 126 37.17 -12.82 -33.45
C LEU A 126 36.56 -11.68 -34.29
N GLU A 127 36.87 -10.45 -33.93
CA GLU A 127 36.25 -9.32 -34.61
C GLU A 127 36.84 -9.04 -35.99
N TRP A 128 36.15 -8.19 -36.75
CA TRP A 128 36.41 -8.00 -38.17
C TRP A 128 37.86 -7.74 -38.63
N PRO A 129 38.67 -6.95 -37.88
CA PRO A 129 40.02 -6.77 -38.42
C PRO A 129 40.79 -8.10 -38.46
N ILE A 130 40.57 -8.91 -37.43
CA ILE A 130 41.21 -10.21 -37.36
C ILE A 130 40.64 -11.14 -38.45
N ASP A 131 39.36 -10.99 -38.75
CA ASP A 131 38.76 -11.75 -39.86
C ASP A 131 39.40 -11.37 -41.19
N ILE A 132 39.71 -10.09 -41.38
CA ILE A 132 40.44 -9.67 -42.57
C ILE A 132 41.81 -10.32 -42.61
N LEU A 133 42.53 -10.25 -41.49
CA LEU A 133 43.86 -10.86 -41.42
C LEU A 133 43.82 -12.34 -41.75
N ILE A 134 42.92 -13.06 -41.11
CA ILE A 134 42.68 -14.46 -41.40
C ILE A 134 42.43 -14.72 -42.88
N THR A 135 41.51 -13.96 -43.48
CA THR A 135 41.24 -14.10 -44.91
C THR A 135 42.51 -13.96 -45.74
N ILE A 136 43.33 -12.97 -45.42
CA ILE A 136 44.57 -12.74 -46.15
C ILE A 136 45.53 -13.94 -46.02
N VAL A 137 45.77 -14.34 -44.77
CA VAL A 137 46.69 -15.45 -44.49
C VAL A 137 46.21 -16.73 -45.18
N TRP A 138 44.91 -16.95 -45.14
CA TRP A 138 44.31 -18.12 -45.77
C TRP A 138 44.46 -18.09 -47.28
N VAL A 139 44.21 -16.93 -47.90
CA VAL A 139 44.43 -16.80 -49.32
C VAL A 139 45.87 -17.17 -49.67
N ALA A 140 46.82 -16.64 -48.90
CA ALA A 140 48.23 -16.94 -49.09
C ALA A 140 48.50 -18.45 -49.00
N TYR A 141 47.92 -19.06 -47.97
CA TYR A 141 48.03 -20.50 -47.72
C TYR A 141 47.51 -21.32 -48.89
N ALA A 142 46.35 -20.93 -49.40
CA ALA A 142 45.74 -21.53 -50.58
C ALA A 142 46.69 -21.47 -51.76
N VAL A 143 47.27 -20.29 -51.97
CA VAL A 143 48.23 -20.10 -53.06
C VAL A 143 49.43 -21.04 -52.91
N VAL A 144 49.96 -21.13 -51.70
CA VAL A 144 51.11 -22.00 -51.45
C VAL A 144 50.78 -23.47 -51.74
N PHE A 145 49.65 -23.94 -51.21
CA PHE A 145 49.27 -25.34 -51.34
C PHE A 145 48.90 -25.71 -52.78
N PHE A 146 47.88 -25.05 -53.31
CA PHE A 146 47.42 -25.34 -54.66
C PHE A 146 48.49 -25.07 -55.70
N GLY A 147 49.38 -24.16 -55.37
CA GLY A 147 50.54 -23.93 -56.19
C GLY A 147 51.48 -25.11 -56.17
N THR A 148 51.72 -25.65 -54.97
CA THR A 148 52.59 -26.80 -54.83
C THR A 148 52.01 -27.99 -55.61
N LEU A 149 50.69 -28.14 -55.56
CA LEU A 149 50.02 -29.12 -56.42
C LEU A 149 50.26 -28.84 -57.90
N ALA A 150 50.04 -27.60 -58.30
CA ALA A 150 50.15 -27.18 -59.69
C ALA A 150 51.54 -27.42 -60.28
N LYS A 151 52.55 -27.54 -59.42
CA LYS A 151 53.90 -27.78 -59.92
C LYS A 151 54.46 -29.11 -59.42
N ARG A 152 53.58 -30.09 -59.28
CA ARG A 152 53.97 -31.44 -58.87
C ARG A 152 54.75 -32.16 -59.95
N LYS A 153 55.15 -33.39 -59.65
CA LYS A 153 55.88 -34.21 -60.61
C LYS A 153 54.98 -35.30 -61.20
N VAL A 154 54.30 -36.05 -60.35
CA VAL A 154 53.42 -37.13 -60.79
C VAL A 154 52.18 -36.60 -61.51
N LYS A 155 51.62 -37.40 -62.42
CA LYS A 155 50.41 -37.02 -63.12
C LYS A 155 49.22 -36.95 -62.16
N HIS A 156 49.12 -37.96 -61.29
CA HIS A 156 48.00 -38.04 -60.35
C HIS A 156 48.22 -37.24 -59.09
N ILE A 157 47.12 -36.80 -58.50
CA ILE A 157 47.14 -36.12 -57.21
C ILE A 157 46.58 -37.04 -56.14
N TYR A 158 47.38 -37.29 -55.10
CA TYR A 158 46.97 -38.15 -54.00
C TYR A 158 45.69 -37.65 -53.33
N VAL A 159 44.85 -38.60 -52.91
CA VAL A 159 43.54 -38.29 -52.35
C VAL A 159 43.65 -37.48 -51.06
N GLY A 160 44.78 -37.61 -50.38
CA GLY A 160 45.05 -36.83 -49.20
C GLY A 160 44.94 -35.36 -49.54
N ASN A 161 45.41 -35.01 -50.74
CA ASN A 161 45.36 -33.64 -51.19
C ASN A 161 43.99 -33.24 -51.76
N TRP A 162 43.15 -34.24 -52.07
CA TRP A 162 41.78 -33.94 -52.40
C TRP A 162 41.16 -33.38 -51.15
N PHE A 163 41.38 -34.08 -50.04
CA PHE A 163 40.81 -33.64 -48.78
C PHE A 163 41.39 -32.32 -48.30
N PHE A 164 42.72 -32.20 -48.30
CA PHE A 164 43.36 -30.94 -47.93
C PHE A 164 42.85 -29.78 -48.78
N GLY A 165 42.97 -29.92 -50.10
CA GLY A 165 42.50 -28.92 -51.04
C GLY A 165 41.08 -28.47 -50.77
N ALA A 166 40.18 -29.46 -50.67
CA ALA A 166 38.78 -29.20 -50.39
C ALA A 166 38.67 -28.33 -49.14
N PHE A 167 39.19 -28.87 -48.03
CA PHE A 167 39.24 -28.19 -46.74
C PHE A 167 39.65 -26.72 -46.87
N ILE A 168 40.72 -26.47 -47.61
CA ILE A 168 41.21 -25.11 -47.78
C ILE A 168 40.18 -24.22 -48.46
N LEU A 169 39.71 -24.65 -49.62
CA LEU A 169 38.75 -23.85 -50.37
C LEU A 169 37.48 -23.57 -49.57
N THR A 170 36.85 -24.62 -49.06
CA THR A 170 35.56 -24.47 -48.40
C THR A 170 35.69 -23.72 -47.07
N VAL A 171 36.81 -23.87 -46.39
CA VAL A 171 37.02 -23.06 -45.19
C VAL A 171 37.08 -21.59 -45.58
N ALA A 172 37.78 -21.28 -46.67
CA ALA A 172 37.81 -19.89 -47.15
C ALA A 172 36.40 -19.33 -47.41
N ILE A 173 35.61 -20.05 -48.21
CA ILE A 173 34.23 -19.63 -48.49
C ILE A 173 33.43 -19.43 -47.20
N LEU A 174 33.37 -20.48 -46.39
CA LEU A 174 32.75 -20.46 -45.06
C LEU A 174 33.07 -19.20 -44.27
N HIS A 175 34.36 -18.96 -44.11
CA HIS A 175 34.87 -17.86 -43.29
C HIS A 175 34.41 -16.54 -43.83
N VAL A 176 34.55 -16.33 -45.13
CA VAL A 176 34.16 -15.05 -45.70
C VAL A 176 32.66 -14.81 -45.54
N VAL A 177 31.85 -15.79 -45.92
CA VAL A 177 30.40 -15.64 -45.84
C VAL A 177 29.89 -15.39 -44.43
N ASN A 178 30.29 -16.22 -43.47
CA ASN A 178 29.74 -16.11 -42.11
C ASN A 178 30.26 -14.91 -41.31
N ASN A 179 31.31 -14.26 -41.80
CA ASN A 179 31.86 -13.10 -41.10
C ASN A 179 31.59 -11.80 -41.83
N LEU A 180 30.63 -11.79 -42.75
CA LEU A 180 30.16 -10.52 -43.30
C LEU A 180 29.48 -9.72 -42.20
N GLU A 181 30.01 -8.53 -41.94
CA GLU A 181 29.61 -7.75 -40.79
C GLU A 181 29.93 -6.27 -40.96
N ILE A 182 28.98 -5.42 -40.61
CA ILE A 182 29.23 -3.98 -40.61
C ILE A 182 30.09 -3.60 -39.41
N PRO A 183 31.26 -3.00 -39.65
CA PRO A 183 32.09 -2.49 -38.56
C PRO A 183 31.48 -1.23 -37.98
N VAL A 184 31.41 -1.17 -36.66
CA VAL A 184 30.94 0.00 -35.94
C VAL A 184 32.12 0.79 -35.41
N THR A 185 33.02 0.08 -34.75
CA THR A 185 34.27 0.67 -34.26
C THR A 185 35.43 -0.27 -34.59
N ALA A 186 36.59 0.00 -34.00
CA ALA A 186 37.79 -0.81 -34.23
C ALA A 186 37.55 -2.29 -34.00
N MET A 187 37.01 -2.62 -32.84
CA MET A 187 36.83 -4.03 -32.47
C MET A 187 35.38 -4.39 -32.17
N LYS A 188 34.45 -3.81 -32.93
CA LYS A 188 33.04 -4.12 -32.75
C LYS A 188 32.31 -4.07 -34.07
N SER A 189 31.67 -5.17 -34.43
CA SER A 189 30.88 -5.22 -35.65
C SER A 189 29.55 -5.89 -35.41
N TYR A 190 28.59 -5.63 -36.28
CA TYR A 190 27.31 -6.34 -36.24
C TYR A 190 27.19 -7.27 -37.42
N SER A 191 26.70 -8.48 -37.17
CA SER A 191 26.50 -9.47 -38.22
C SER A 191 25.59 -8.95 -39.31
N LEU A 192 25.90 -9.34 -40.54
CA LEU A 192 25.06 -9.00 -41.69
C LEU A 192 23.65 -9.55 -41.50
N TYR A 193 23.58 -10.71 -40.85
CA TYR A 193 22.34 -11.45 -40.72
C TYR A 193 21.76 -11.29 -39.34
N ALA A 194 20.52 -11.73 -39.19
CA ALA A 194 19.85 -11.72 -37.89
C ALA A 194 18.90 -12.91 -37.75
N GLY A 195 18.49 -13.18 -36.52
CA GLY A 195 17.52 -14.23 -36.23
C GLY A 195 17.79 -15.58 -36.86
N ALA A 196 16.73 -16.18 -37.39
CA ALA A 196 16.85 -17.52 -37.95
C ALA A 196 17.88 -17.61 -39.07
N THR A 197 17.95 -16.57 -39.88
CA THR A 197 18.88 -16.53 -41.01
C THR A 197 20.30 -16.54 -40.48
N ASP A 198 20.55 -15.68 -39.51
CA ASP A 198 21.86 -15.66 -38.88
C ASP A 198 22.19 -17.02 -38.27
N ALA A 199 21.21 -17.65 -37.62
CA ALA A 199 21.43 -18.97 -37.04
C ALA A 199 21.87 -19.97 -38.12
N MET A 200 21.19 -19.93 -39.25
CA MET A 200 21.50 -20.86 -40.32
C MET A 200 22.87 -20.60 -40.93
N VAL A 201 23.18 -19.35 -41.26
CA VAL A 201 24.51 -19.03 -41.75
C VAL A 201 25.56 -19.47 -40.73
N GLN A 202 25.26 -19.22 -39.47
CA GLN A 202 26.16 -19.54 -38.38
C GLN A 202 26.46 -21.01 -38.29
N TRP A 203 25.45 -21.87 -38.43
CA TRP A 203 25.72 -23.30 -38.25
C TRP A 203 26.03 -24.05 -39.54
N TRP A 204 25.75 -23.42 -40.67
CA TRP A 204 26.32 -23.86 -41.91
C TRP A 204 27.83 -23.71 -41.74
N TYR A 205 28.22 -22.52 -41.32
CA TYR A 205 29.63 -22.25 -41.05
C TYR A 205 30.18 -23.14 -39.94
N GLY A 206 29.44 -23.21 -38.86
CA GLY A 206 29.85 -23.88 -37.64
C GLY A 206 30.07 -25.35 -37.84
N HIS A 207 29.11 -26.01 -38.46
CA HIS A 207 29.29 -27.42 -38.68
C HIS A 207 30.35 -27.65 -39.72
N ASN A 208 30.28 -26.93 -40.85
CA ASN A 208 31.26 -27.17 -41.90
C ASN A 208 32.68 -26.79 -41.46
N ALA A 209 32.77 -26.06 -40.35
CA ALA A 209 34.04 -25.82 -39.70
C ALA A 209 34.64 -27.15 -39.25
N VAL A 210 33.93 -27.90 -38.41
CA VAL A 210 34.47 -29.20 -37.97
C VAL A 210 34.43 -30.21 -39.12
N GLY A 211 33.55 -29.97 -40.08
CA GLY A 211 33.38 -30.81 -41.25
C GLY A 211 34.57 -30.77 -42.19
N PHE A 212 35.17 -29.60 -42.34
CA PHE A 212 36.27 -29.49 -43.28
C PHE A 212 37.59 -29.16 -42.60
N PHE A 213 37.55 -28.27 -41.62
CA PHE A 213 38.72 -27.95 -40.83
C PHE A 213 39.13 -29.15 -39.96
N LEU A 214 38.16 -29.73 -39.24
CA LEU A 214 38.46 -30.82 -38.30
C LEU A 214 38.18 -32.22 -38.84
N THR A 215 37.48 -32.33 -39.96
CA THR A 215 37.25 -33.65 -40.58
C THR A 215 38.06 -33.81 -41.87
N ALA A 216 37.66 -33.13 -42.93
CA ALA A 216 38.35 -33.25 -44.22
C ALA A 216 39.88 -33.07 -44.13
N GLY A 217 40.31 -31.93 -43.62
CA GLY A 217 41.74 -31.66 -43.49
C GLY A 217 42.50 -32.73 -42.73
N PHE A 218 41.84 -33.26 -41.71
CA PHE A 218 42.47 -34.27 -40.90
C PHE A 218 42.34 -35.63 -41.56
N LEU A 219 41.35 -35.80 -42.45
CA LEU A 219 41.31 -37.01 -43.25
C LEU A 219 42.49 -37.00 -44.21
N GLY A 220 42.86 -35.81 -44.69
CA GLY A 220 44.09 -35.65 -45.45
C GLY A 220 45.28 -36.14 -44.66
N ILE A 221 45.36 -35.66 -43.42
CA ILE A 221 46.41 -36.11 -42.51
C ILE A 221 46.47 -37.64 -42.42
N MET A 222 45.31 -38.23 -42.11
CA MET A 222 45.16 -39.68 -42.01
C MET A 222 45.64 -40.40 -43.25
N TYR A 223 45.26 -39.86 -44.40
CA TYR A 223 45.54 -40.49 -45.68
C TYR A 223 47.02 -40.46 -46.00
N TYR A 224 47.75 -39.48 -45.47
CA TYR A 224 49.20 -39.59 -45.63
C TYR A 224 49.83 -40.48 -44.57
N PHE A 225 49.59 -40.16 -43.29
CA PHE A 225 50.35 -40.77 -42.20
C PHE A 225 49.99 -42.22 -41.87
N VAL A 226 48.72 -42.60 -41.93
CA VAL A 226 48.37 -44.01 -41.68
C VAL A 226 49.14 -44.94 -42.64
N PRO A 227 49.04 -44.69 -43.96
CA PRO A 227 49.79 -45.60 -44.84
C PRO A 227 51.31 -45.44 -44.68
N LYS A 228 51.76 -44.22 -44.41
CA LYS A 228 53.20 -43.98 -44.31
C LYS A 228 53.82 -44.61 -43.08
N GLN A 229 53.09 -44.58 -41.97
CA GLN A 229 53.56 -45.17 -40.73
C GLN A 229 53.43 -46.69 -40.77
N ALA A 230 52.28 -47.17 -41.22
CA ALA A 230 52.05 -48.62 -41.31
C ALA A 230 52.88 -49.26 -42.42
N GLU A 231 53.25 -48.46 -43.42
CA GLU A 231 53.95 -48.92 -44.61
C GLU A 231 53.15 -50.03 -45.28
N ARG A 232 51.87 -49.75 -45.43
CA ARG A 232 50.96 -50.61 -46.14
C ARG A 232 50.35 -49.74 -47.20
N PRO A 233 49.82 -50.38 -48.23
CA PRO A 233 49.11 -49.63 -49.25
C PRO A 233 47.68 -49.29 -48.79
N VAL A 234 47.15 -48.21 -49.32
CA VAL A 234 45.82 -47.74 -48.99
C VAL A 234 44.80 -48.69 -49.55
N TYR A 235 43.86 -49.08 -48.70
CA TYR A 235 42.81 -50.00 -49.07
C TYR A 235 41.80 -49.22 -49.87
N SER A 236 41.24 -49.90 -50.85
CA SER A 236 40.08 -49.43 -51.60
C SER A 236 40.06 -48.06 -52.25
N TYR A 237 40.90 -47.81 -53.24
CA TYR A 237 40.94 -46.50 -53.85
C TYR A 237 39.58 -46.01 -54.30
N ARG A 238 38.78 -46.92 -54.86
CA ARG A 238 37.40 -46.58 -55.18
C ARG A 238 36.67 -45.91 -54.02
N LEU A 239 36.85 -46.47 -52.83
CA LEU A 239 36.26 -45.93 -51.62
C LEU A 239 36.74 -44.50 -51.43
N SER A 240 38.03 -44.28 -51.64
CA SER A 240 38.57 -42.93 -51.52
C SER A 240 37.73 -41.99 -52.38
N ILE A 241 37.45 -42.37 -53.62
CA ILE A 241 36.60 -41.52 -54.46
C ILE A 241 35.20 -41.29 -53.88
N VAL A 242 34.46 -42.38 -53.73
CA VAL A 242 33.09 -42.29 -53.23
C VAL A 242 33.00 -41.45 -51.97
N HIS A 243 33.67 -41.93 -50.94
CA HIS A 243 33.66 -41.32 -49.62
C HIS A 243 34.11 -39.86 -49.66
N PHE A 244 35.07 -39.52 -50.53
CA PHE A 244 35.49 -38.13 -50.63
C PHE A 244 34.38 -37.25 -51.21
N TRP A 245 33.90 -37.56 -52.41
CA TRP A 245 32.90 -36.69 -53.04
C TRP A 245 31.60 -36.64 -52.25
N ALA A 246 31.13 -37.81 -51.83
CA ALA A 246 29.91 -37.90 -51.04
C ALA A 246 30.04 -37.09 -49.74
N LEU A 247 31.17 -37.21 -49.04
CA LEU A 247 31.39 -36.41 -47.84
C LEU A 247 31.38 -34.92 -48.14
N ILE A 248 32.18 -34.54 -49.14
CA ILE A 248 32.39 -33.16 -49.52
C ILE A 248 31.08 -32.47 -49.90
N THR A 249 30.12 -33.24 -50.39
CA THR A 249 28.86 -32.65 -50.86
C THR A 249 27.77 -32.71 -49.81
N VAL A 250 27.66 -33.84 -49.14
CA VAL A 250 26.62 -34.06 -48.14
C VAL A 250 26.86 -33.24 -46.87
N TYR A 251 28.11 -33.09 -46.47
CA TYR A 251 28.42 -32.47 -45.18
C TYR A 251 27.90 -31.03 -45.06
N ILE A 252 27.93 -30.29 -46.18
CA ILE A 252 27.49 -28.90 -46.20
C ILE A 252 26.05 -28.75 -45.72
N TRP A 253 25.22 -29.70 -46.13
CA TRP A 253 23.82 -29.72 -45.78
C TRP A 253 23.56 -29.94 -44.28
N ALA A 254 24.57 -30.45 -43.57
CA ALA A 254 24.35 -30.89 -42.18
C ALA A 254 24.14 -29.73 -41.20
N GLY A 255 24.17 -28.50 -41.70
CA GLY A 255 23.97 -27.33 -40.85
C GLY A 255 22.83 -27.38 -39.84
N PRO A 256 21.59 -27.54 -40.33
CA PRO A 256 20.40 -27.45 -39.47
C PRO A 256 20.32 -28.46 -38.32
N HIS A 257 21.19 -29.47 -38.26
CA HIS A 257 21.08 -30.44 -37.16
C HIS A 257 21.45 -29.78 -35.84
N HIS A 258 22.07 -28.61 -35.92
CA HIS A 258 22.32 -27.81 -34.73
C HIS A 258 21.02 -27.14 -34.24
N LEU A 259 20.19 -26.73 -35.18
CA LEU A 259 19.02 -25.93 -34.86
C LEU A 259 17.72 -26.74 -34.85
N HIS A 260 17.76 -27.96 -34.33
CA HIS A 260 16.56 -28.81 -34.29
C HIS A 260 15.57 -28.31 -33.24
N TYR A 261 14.30 -28.28 -33.63
CA TYR A 261 13.21 -27.78 -32.80
C TYR A 261 13.47 -26.35 -32.29
N THR A 262 14.08 -25.53 -33.13
CA THR A 262 14.28 -24.11 -32.88
C THR A 262 13.36 -23.30 -33.79
N ALA A 263 13.59 -22.00 -33.85
CA ALA A 263 12.79 -21.11 -34.67
C ALA A 263 13.11 -21.23 -36.15
N LEU A 264 14.21 -21.93 -36.46
CA LEU A 264 14.52 -22.30 -37.82
C LEU A 264 13.36 -23.11 -38.38
N PRO A 265 12.92 -22.78 -39.61
CA PRO A 265 11.79 -23.49 -40.23
C PRO A 265 11.99 -25.00 -40.26
N ASP A 266 10.87 -25.72 -40.18
CA ASP A 266 10.89 -27.17 -40.15
C ASP A 266 11.59 -27.80 -41.33
N TRP A 267 11.36 -27.26 -42.52
CA TRP A 267 11.94 -27.82 -43.72
C TRP A 267 13.47 -27.86 -43.70
N ALA A 268 14.07 -26.78 -43.23
CA ALA A 268 15.51 -26.69 -43.16
C ALA A 268 16.04 -27.71 -42.15
N GLN A 269 15.42 -27.73 -40.97
CA GLN A 269 15.76 -28.67 -39.91
C GLN A 269 15.81 -30.09 -40.46
N SER A 270 14.74 -30.47 -41.14
CA SER A 270 14.63 -31.79 -41.74
C SER A 270 15.73 -32.05 -42.77
N LEU A 271 15.90 -31.13 -43.72
CA LEU A 271 17.00 -31.22 -44.69
C LEU A 271 18.32 -31.55 -43.98
N GLY A 272 18.53 -30.89 -42.85
CA GLY A 272 19.74 -31.07 -42.06
C GLY A 272 19.79 -32.48 -41.47
N MET A 273 18.70 -32.95 -40.89
CA MET A 273 18.66 -34.29 -40.33
C MET A 273 18.91 -35.36 -41.39
N VAL A 274 18.11 -35.32 -42.45
CA VAL A 274 18.22 -36.27 -43.54
C VAL A 274 19.65 -36.33 -44.06
N MET A 275 20.23 -35.18 -44.36
CA MET A 275 21.56 -35.20 -44.94
C MET A 275 22.64 -35.58 -43.92
N SER A 276 22.42 -35.23 -42.65
CA SER A 276 23.30 -35.67 -41.58
C SER A 276 23.32 -37.19 -41.49
N LEU A 277 22.16 -37.81 -41.68
CA LEU A 277 22.06 -39.26 -41.65
C LEU A 277 22.73 -39.89 -42.88
N ILE A 278 22.50 -39.31 -44.06
CA ILE A 278 23.22 -39.76 -45.25
C ILE A 278 24.73 -39.70 -45.02
N LEU A 279 25.17 -38.65 -44.34
CA LEU A 279 26.58 -38.37 -44.06
C LEU A 279 27.31 -39.51 -43.32
N LEU A 280 26.57 -40.34 -42.61
CA LEU A 280 27.11 -41.48 -41.88
C LEU A 280 28.02 -42.33 -42.75
N ALA A 281 27.49 -42.73 -43.89
CA ALA A 281 28.21 -43.56 -44.85
C ALA A 281 29.59 -43.00 -45.25
N PRO A 282 29.66 -41.81 -45.90
CA PRO A 282 30.98 -41.34 -46.35
C PRO A 282 31.99 -41.22 -45.22
N SER A 283 31.49 -40.68 -44.11
CA SER A 283 32.30 -40.47 -42.93
C SER A 283 32.97 -41.78 -42.55
N TRP A 284 32.17 -42.84 -42.48
CA TRP A 284 32.69 -44.16 -42.16
C TRP A 284 33.60 -44.72 -43.24
N GLY A 285 33.34 -44.35 -44.50
CA GLY A 285 34.22 -44.72 -45.59
C GLY A 285 35.63 -44.27 -45.29
N GLY A 286 35.72 -43.14 -44.60
CA GLY A 286 37.02 -42.66 -44.15
C GLY A 286 37.72 -43.65 -43.20
N MET A 287 37.04 -44.04 -42.13
CA MET A 287 37.67 -44.89 -41.12
C MET A 287 37.87 -46.31 -41.62
N ILE A 288 37.00 -46.75 -42.52
CA ILE A 288 37.17 -48.04 -43.17
C ILE A 288 38.44 -48.01 -43.99
N ASN A 289 38.54 -47.03 -44.87
CA ASN A 289 39.74 -46.89 -45.67
C ASN A 289 41.02 -46.77 -44.84
N GLY A 290 40.91 -46.18 -43.66
CA GLY A 290 42.04 -46.01 -42.78
C GLY A 290 42.44 -47.31 -42.10
N MET A 291 41.45 -48.02 -41.56
CA MET A 291 41.70 -49.22 -40.77
C MET A 291 42.01 -50.46 -41.56
N MET A 292 41.23 -50.71 -42.61
CA MET A 292 41.43 -51.89 -43.43
C MET A 292 42.80 -51.81 -44.08
N THR A 293 43.34 -50.59 -44.16
CA THR A 293 44.71 -50.39 -44.57
C THR A 293 45.69 -51.13 -43.65
N LEU A 294 45.36 -51.16 -42.37
CA LEU A 294 46.22 -51.78 -41.38
C LEU A 294 46.13 -53.31 -41.34
N SER A 295 45.15 -53.86 -42.06
CA SER A 295 44.91 -55.32 -42.07
C SER A 295 46.18 -56.11 -42.42
N GLY A 296 46.47 -57.13 -41.62
CA GLY A 296 47.70 -57.88 -41.73
C GLY A 296 48.79 -57.34 -40.82
N ALA A 297 48.90 -56.02 -40.75
CA ALA A 297 49.95 -55.36 -39.97
C ALA A 297 49.51 -54.96 -38.57
N TRP A 298 48.45 -55.60 -38.07
CA TRP A 298 47.93 -55.30 -36.74
C TRP A 298 48.93 -55.60 -35.64
N HIS A 299 49.85 -56.51 -35.93
CA HIS A 299 50.90 -56.85 -34.98
C HIS A 299 51.80 -55.65 -34.69
N LYS A 300 51.73 -54.64 -35.55
CA LYS A 300 52.53 -53.44 -35.37
C LYS A 300 51.98 -52.60 -34.23
N LEU A 301 50.72 -52.81 -33.86
CA LEU A 301 50.08 -51.97 -32.84
C LEU A 301 50.75 -52.13 -31.48
N ARG A 302 51.13 -53.35 -31.12
CA ARG A 302 51.85 -53.55 -29.88
C ARG A 302 53.28 -53.01 -30.01
N SER A 303 53.79 -52.97 -31.23
CA SER A 303 55.16 -52.51 -31.49
C SER A 303 55.27 -50.97 -31.52
N ASP A 304 54.43 -50.34 -32.33
CA ASP A 304 54.55 -48.92 -32.64
C ASP A 304 53.39 -48.08 -32.08
N PRO A 305 53.68 -47.27 -31.06
CA PRO A 305 52.68 -46.41 -30.42
C PRO A 305 52.19 -45.26 -31.30
N ILE A 306 52.99 -44.83 -32.26
CA ILE A 306 52.54 -43.82 -33.20
C ILE A 306 51.36 -44.36 -34.01
N LEU A 307 51.54 -45.59 -34.49
CA LEU A 307 50.48 -46.29 -35.20
C LEU A 307 49.26 -46.48 -34.28
N ARG A 308 49.51 -46.86 -33.02
CA ARG A 308 48.45 -46.93 -32.01
C ARG A 308 47.61 -45.66 -32.05
N PHE A 309 48.28 -44.52 -31.90
CA PHE A 309 47.65 -43.21 -31.97
C PHE A 309 46.76 -43.09 -33.20
N LEU A 310 47.33 -43.30 -34.38
CA LEU A 310 46.56 -43.16 -35.62
C LEU A 310 45.30 -44.06 -35.66
N VAL A 311 45.47 -45.32 -35.29
CA VAL A 311 44.37 -46.28 -35.33
C VAL A 311 43.25 -45.91 -34.37
N VAL A 312 43.59 -45.80 -33.08
CA VAL A 312 42.62 -45.40 -32.04
C VAL A 312 41.96 -44.10 -32.42
N SER A 313 42.75 -43.24 -33.05
CA SER A 313 42.23 -42.00 -33.62
C SER A 313 41.07 -42.27 -34.55
N LEU A 314 41.27 -43.25 -35.44
CA LEU A 314 40.20 -43.64 -36.35
C LEU A 314 39.00 -44.23 -35.61
N ALA A 315 39.27 -44.94 -34.53
CA ALA A 315 38.21 -45.50 -33.69
C ALA A 315 37.27 -44.44 -33.20
N PHE A 316 37.85 -43.41 -32.58
CA PHE A 316 37.05 -42.32 -32.06
C PHE A 316 36.39 -41.54 -33.20
N TYR A 317 37.11 -41.37 -34.31
CA TYR A 317 36.51 -40.72 -35.47
C TYR A 317 35.21 -41.39 -35.91
N GLY A 318 35.26 -42.71 -36.11
CA GLY A 318 34.06 -43.44 -36.49
C GLY A 318 32.96 -43.32 -35.46
N MET A 319 33.36 -43.44 -34.20
CA MET A 319 32.41 -43.38 -33.10
C MET A 319 31.65 -42.05 -33.10
N SER A 320 32.36 -40.95 -33.33
CA SER A 320 31.72 -39.64 -33.31
C SER A 320 31.01 -39.31 -34.63
N THR A 321 31.43 -39.93 -35.72
CA THR A 321 30.74 -39.76 -36.99
C THR A 321 29.60 -40.77 -37.08
N PHE A 322 29.32 -41.41 -35.95
CA PHE A 322 28.16 -42.25 -35.81
C PHE A 322 27.22 -41.58 -34.81
N GLU A 323 27.80 -41.16 -33.70
CA GLU A 323 27.11 -40.39 -32.68
C GLU A 323 26.47 -39.15 -33.25
N GLY A 324 27.20 -38.47 -34.13
CA GLY A 324 26.71 -37.25 -34.75
C GLY A 324 25.41 -37.44 -35.52
N PRO A 325 25.41 -38.32 -36.53
CA PRO A 325 24.17 -38.63 -37.25
C PRO A 325 23.00 -38.99 -36.32
N MET A 326 23.28 -39.74 -35.27
CA MET A 326 22.26 -40.13 -34.29
C MET A 326 21.67 -38.91 -33.60
N MET A 327 22.55 -38.03 -33.13
CA MET A 327 22.11 -36.83 -32.43
C MET A 327 21.50 -35.84 -33.39
N ALA A 328 21.65 -36.10 -34.69
CA ALA A 328 21.08 -35.25 -35.72
C ALA A 328 19.64 -35.66 -36.02
N ILE A 329 19.22 -36.77 -35.43
CA ILE A 329 17.82 -37.17 -35.46
C ILE A 329 17.05 -36.28 -34.49
N LYS A 330 15.99 -35.65 -34.98
CA LYS A 330 15.22 -34.66 -34.19
C LYS A 330 14.84 -35.18 -32.81
N THR A 331 14.31 -36.40 -32.72
CA THR A 331 13.90 -36.93 -31.42
C THR A 331 15.08 -37.11 -30.46
N VAL A 332 16.24 -37.47 -30.99
CA VAL A 332 17.41 -37.60 -30.14
C VAL A 332 17.91 -36.21 -29.73
N ASN A 333 18.04 -35.30 -30.69
CA ASN A 333 18.45 -33.94 -30.40
C ASN A 333 17.50 -33.29 -29.41
N ALA A 334 16.26 -33.75 -29.39
CA ALA A 334 15.26 -33.25 -28.47
C ALA A 334 15.75 -33.40 -27.04
N LEU A 335 16.52 -34.45 -26.78
CA LEU A 335 17.12 -34.64 -25.47
C LEU A 335 18.55 -34.12 -25.39
N SER A 336 19.34 -34.37 -26.42
CA SER A 336 20.76 -34.02 -26.40
C SER A 336 21.04 -32.51 -26.33
N HIS A 337 20.25 -31.72 -27.05
CA HIS A 337 20.52 -30.29 -27.28
C HIS A 337 20.61 -29.56 -25.95
N TYR A 338 21.61 -28.69 -25.83
CA TYR A 338 21.84 -27.77 -24.70
C TYR A 338 22.43 -28.48 -23.49
N THR A 339 22.65 -29.78 -23.63
CA THR A 339 23.15 -30.60 -22.54
C THR A 339 24.64 -30.84 -22.71
N ASP A 340 25.27 -31.33 -21.65
CA ASP A 340 26.68 -31.66 -21.72
C ASP A 340 26.98 -32.76 -22.76
N TRP A 341 25.95 -33.45 -23.24
CA TRP A 341 26.14 -34.48 -24.25
C TRP A 341 26.78 -33.90 -25.51
N THR A 342 26.34 -32.70 -25.91
CA THR A 342 26.93 -32.03 -27.06
C THR A 342 28.43 -31.91 -26.86
N ILE A 343 28.82 -31.40 -25.70
CA ILE A 343 30.23 -31.24 -25.35
C ILE A 343 30.99 -32.57 -25.36
N GLY A 344 30.30 -33.62 -24.90
CA GLY A 344 30.85 -34.96 -24.91
C GLY A 344 31.18 -35.45 -26.31
N HIS A 345 30.22 -35.33 -27.20
CA HIS A 345 30.42 -35.58 -28.61
C HIS A 345 31.61 -34.79 -29.12
N VAL A 346 31.58 -33.50 -28.82
CA VAL A 346 32.63 -32.58 -29.23
C VAL A 346 34.00 -33.14 -28.90
N HIS A 347 34.22 -33.49 -27.65
CA HIS A 347 35.55 -33.88 -27.24
C HIS A 347 35.87 -35.33 -27.56
N ALA A 348 34.84 -36.14 -27.79
CA ALA A 348 35.05 -37.46 -28.40
C ALA A 348 35.79 -37.23 -29.70
N GLY A 349 35.16 -36.50 -30.62
CA GLY A 349 35.82 -36.10 -31.86
C GLY A 349 37.13 -35.32 -31.68
N ALA A 350 37.17 -34.43 -30.71
CA ALA A 350 38.25 -33.46 -30.56
C ALA A 350 39.52 -34.09 -30.00
N LEU A 351 39.38 -34.75 -28.86
CA LEU A 351 40.47 -35.44 -28.21
C LEU A 351 40.77 -36.75 -28.93
N GLY A 352 39.71 -37.54 -29.14
CA GLY A 352 39.82 -38.85 -29.74
C GLY A 352 40.18 -38.95 -31.22
N TRP A 353 39.71 -38.01 -32.03
CA TRP A 353 40.00 -38.07 -33.46
C TRP A 353 41.05 -37.02 -33.87
N VAL A 354 40.67 -35.75 -33.84
CA VAL A 354 41.56 -34.65 -34.23
C VAL A 354 42.90 -34.71 -33.48
N ALA A 355 42.83 -34.64 -32.16
CA ALA A 355 44.02 -34.60 -31.32
C ALA A 355 44.90 -35.83 -31.51
N MET A 356 44.30 -37.02 -31.43
CA MET A 356 45.06 -38.25 -31.60
C MET A 356 45.77 -38.34 -32.95
N VAL A 357 45.02 -38.09 -34.02
CA VAL A 357 45.61 -38.21 -35.34
C VAL A 357 46.70 -37.18 -35.56
N SER A 358 46.52 -35.95 -35.06
CA SER A 358 47.54 -34.92 -35.23
C SER A 358 48.77 -35.22 -34.38
N ILE A 359 48.54 -35.73 -33.17
CA ILE A 359 49.61 -36.26 -32.33
C ILE A 359 50.47 -37.26 -33.09
N GLY A 360 49.83 -38.35 -33.53
CA GLY A 360 50.50 -39.37 -34.31
C GLY A 360 51.28 -38.79 -35.46
N ALA A 361 50.62 -37.94 -36.25
CA ALA A 361 51.25 -37.32 -37.41
C ALA A 361 52.51 -36.56 -37.01
N LEU A 362 52.44 -35.80 -35.93
CA LEU A 362 53.60 -35.05 -35.45
C LEU A 362 54.72 -35.98 -34.98
N TYR A 363 54.38 -36.92 -34.12
CA TYR A 363 55.34 -37.94 -33.68
C TYR A 363 56.05 -38.57 -34.87
N HIS A 364 55.34 -38.74 -35.98
CA HIS A 364 55.96 -39.25 -37.20
C HIS A 364 56.89 -38.22 -37.84
N LEU A 365 56.38 -37.01 -38.07
CA LEU A 365 57.07 -36.07 -38.94
C LEU A 365 58.17 -35.25 -38.27
N VAL A 366 57.96 -34.87 -37.02
CA VAL A 366 58.92 -34.03 -36.28
C VAL A 366 60.35 -34.54 -36.32
N PRO A 367 60.59 -35.86 -36.07
CA PRO A 367 61.96 -36.33 -36.24
C PRO A 367 62.48 -36.07 -37.65
N LYS A 368 61.76 -36.59 -38.64
CA LYS A 368 62.06 -36.37 -40.05
C LYS A 368 62.43 -34.92 -40.35
N VAL A 369 61.55 -34.00 -39.97
CA VAL A 369 61.71 -32.59 -40.29
C VAL A 369 62.89 -31.99 -39.53
N PHE A 370 63.22 -32.56 -38.37
CA PHE A 370 64.35 -32.09 -37.60
C PHE A 370 65.64 -32.87 -37.89
N GLY A 371 65.71 -33.48 -39.07
CA GLY A 371 66.83 -34.32 -39.44
C GLY A 371 67.18 -35.32 -38.36
N ARG A 372 66.27 -36.24 -38.11
CA ARG A 372 66.43 -37.20 -37.03
C ARG A 372 65.62 -38.44 -37.34
N GLU A 373 66.19 -39.60 -37.05
CA GLU A 373 65.62 -40.87 -37.48
C GLU A 373 64.33 -41.22 -36.74
N GLN A 374 64.23 -40.80 -35.49
CA GLN A 374 63.02 -41.02 -34.72
C GLN A 374 62.92 -40.10 -33.50
N MET A 375 61.81 -40.22 -32.77
CA MET A 375 61.63 -39.48 -31.53
C MET A 375 62.67 -39.88 -30.50
N HIS A 376 62.79 -39.07 -29.44
CA HIS A 376 63.77 -39.29 -28.39
C HIS A 376 63.46 -40.57 -27.62
N SER A 377 62.21 -40.72 -27.23
CA SER A 377 61.79 -41.90 -26.47
C SER A 377 60.45 -42.40 -26.99
N ILE A 378 60.44 -43.64 -27.47
CA ILE A 378 59.22 -44.25 -27.96
C ILE A 378 58.32 -44.64 -26.78
N GLY A 379 58.96 -45.00 -25.67
CA GLY A 379 58.26 -45.29 -24.44
C GLY A 379 57.32 -44.17 -24.01
N LEU A 380 57.78 -42.93 -24.13
CA LEU A 380 56.97 -41.77 -23.78
C LEU A 380 55.84 -41.54 -24.78
N ILE A 381 56.00 -42.11 -25.98
CA ILE A 381 54.95 -42.04 -26.98
C ILE A 381 53.87 -43.00 -26.53
N ASN A 382 54.29 -44.12 -25.95
CA ASN A 382 53.32 -45.08 -25.44
C ASN A 382 52.58 -44.57 -24.20
N THR A 383 53.33 -44.02 -23.25
CA THR A 383 52.71 -43.47 -22.04
C THR A 383 51.81 -42.29 -22.40
N HIS A 384 52.23 -41.50 -23.37
CA HIS A 384 51.37 -40.45 -23.90
C HIS A 384 50.07 -41.05 -24.41
N PHE A 385 50.20 -42.11 -25.22
CA PHE A 385 49.04 -42.79 -25.77
C PHE A 385 48.04 -43.18 -24.70
N TRP A 386 48.53 -43.80 -23.64
CA TRP A 386 47.62 -44.27 -22.60
C TRP A 386 47.01 -43.11 -21.81
N LEU A 387 47.81 -42.11 -21.46
CA LEU A 387 47.26 -40.94 -20.78
C LEU A 387 46.14 -40.32 -21.61
N ALA A 388 46.39 -40.15 -22.90
CA ALA A 388 45.44 -39.52 -23.80
C ALA A 388 44.18 -40.35 -24.00
N THR A 389 44.33 -41.66 -24.07
CA THR A 389 43.18 -42.53 -24.24
C THR A 389 42.30 -42.54 -22.99
N ILE A 390 42.91 -42.86 -21.84
CA ILE A 390 42.21 -42.80 -20.56
C ILE A 390 41.48 -41.47 -20.38
N GLY A 391 42.22 -40.37 -20.58
CA GLY A 391 41.62 -39.05 -20.53
C GLY A 391 40.40 -38.89 -21.42
N THR A 392 40.54 -39.22 -22.69
CA THR A 392 39.42 -39.10 -23.63
C THR A 392 38.21 -39.90 -23.17
N VAL A 393 38.42 -41.15 -22.82
CA VAL A 393 37.34 -42.01 -22.38
C VAL A 393 36.64 -41.46 -21.13
N LEU A 394 37.42 -41.03 -20.15
CA LEU A 394 36.84 -40.42 -18.95
C LEU A 394 35.96 -39.22 -19.29
N TYR A 395 36.50 -38.34 -20.12
CA TYR A 395 35.80 -37.14 -20.58
C TYR A 395 34.43 -37.53 -21.19
N ILE A 396 34.50 -38.40 -22.19
CA ILE A 396 33.31 -38.90 -22.88
C ILE A 396 32.29 -39.44 -21.91
N ALA A 397 32.72 -40.35 -21.05
CA ALA A 397 31.84 -40.98 -20.08
C ALA A 397 31.12 -39.95 -19.19
N SER A 398 31.91 -39.05 -18.61
CA SER A 398 31.34 -38.06 -17.71
C SER A 398 30.32 -37.19 -18.42
N MET A 399 30.60 -36.86 -19.67
CA MET A 399 29.68 -36.03 -20.43
C MET A 399 28.42 -36.76 -20.88
N TRP A 400 28.51 -38.05 -21.16
CA TRP A 400 27.29 -38.82 -21.43
C TRP A 400 26.41 -38.86 -20.20
N VAL A 401 27.01 -39.21 -19.07
CA VAL A 401 26.29 -39.24 -17.81
C VAL A 401 25.59 -37.90 -17.55
N ASN A 402 26.37 -36.84 -17.52
CA ASN A 402 25.85 -35.50 -17.33
C ASN A 402 24.75 -35.13 -18.32
N GLY A 403 25.01 -35.34 -19.61
CA GLY A 403 24.06 -35.00 -20.67
C GLY A 403 22.71 -35.71 -20.58
N ILE A 404 22.76 -37.02 -20.38
CA ILE A 404 21.53 -37.79 -20.22
C ILE A 404 20.80 -37.29 -19.00
N ALA A 405 21.54 -37.13 -17.90
CA ALA A 405 20.98 -36.63 -16.64
C ALA A 405 20.25 -35.31 -16.86
N GLN A 406 20.91 -34.40 -17.56
CA GLN A 406 20.37 -33.09 -17.82
C GLN A 406 19.12 -33.14 -18.67
N GLY A 407 19.22 -33.68 -19.89
CA GLY A 407 18.05 -33.81 -20.75
C GLY A 407 16.84 -34.40 -20.03
N LEU A 408 17.10 -35.55 -19.41
CA LEU A 408 16.08 -36.24 -18.65
C LEU A 408 15.45 -35.34 -17.58
N MET A 409 16.29 -34.79 -16.70
CA MET A 409 15.81 -34.00 -15.58
C MET A 409 15.06 -32.75 -16.01
N TRP A 410 15.54 -32.17 -17.10
CA TRP A 410 14.93 -30.98 -17.63
C TRP A 410 13.52 -31.28 -18.11
N ARG A 411 13.34 -32.41 -18.79
CA ARG A 411 12.01 -32.66 -19.35
C ARG A 411 11.13 -33.54 -18.47
N ALA A 412 11.72 -34.04 -17.40
CA ALA A 412 11.03 -34.89 -16.42
C ALA A 412 9.75 -34.28 -15.89
N ILE A 413 8.64 -34.95 -16.18
CA ILE A 413 7.30 -34.55 -15.77
C ILE A 413 6.83 -35.56 -14.72
N ASN A 414 6.08 -35.08 -13.73
CA ASN A 414 5.47 -35.94 -12.73
C ASN A 414 4.15 -36.56 -13.19
N ASP A 415 3.54 -37.35 -12.32
CA ASP A 415 2.26 -37.99 -12.61
C ASP A 415 1.11 -36.98 -12.72
N ASP A 416 1.28 -35.81 -12.12
CA ASP A 416 0.29 -34.73 -12.18
C ASP A 416 0.72 -33.64 -13.15
N GLY A 417 1.66 -33.96 -14.03
CA GLY A 417 2.00 -33.05 -15.10
C GLY A 417 3.01 -31.98 -14.77
N THR A 418 3.28 -31.77 -13.49
CA THR A 418 4.24 -30.75 -13.09
C THR A 418 5.68 -31.19 -13.36
N LEU A 419 6.56 -30.21 -13.52
CA LEU A 419 7.97 -30.48 -13.78
C LEU A 419 8.66 -31.08 -12.55
N THR A 420 9.39 -32.17 -12.74
CA THR A 420 9.95 -32.93 -11.63
C THR A 420 11.11 -32.23 -10.96
N TYR A 421 11.96 -31.59 -11.77
CA TYR A 421 13.21 -31.04 -11.27
C TYR A 421 13.37 -29.56 -11.55
N SER A 422 13.89 -28.84 -10.56
CA SER A 422 14.34 -27.47 -10.77
C SER A 422 15.63 -27.50 -11.61
N PHE A 423 15.91 -26.42 -12.32
CA PHE A 423 17.12 -26.37 -13.14
C PHE A 423 18.35 -26.50 -12.23
N VAL A 424 18.24 -25.96 -11.03
CA VAL A 424 19.33 -26.02 -10.08
C VAL A 424 19.59 -27.46 -9.64
N GLU A 425 18.54 -28.28 -9.53
CA GLU A 425 18.74 -29.70 -9.22
C GLU A 425 19.53 -30.41 -10.29
N SER A 426 19.26 -30.10 -11.56
CA SER A 426 20.01 -30.64 -12.68
C SER A 426 21.46 -30.15 -12.61
N LEU A 427 21.61 -28.86 -12.29
CA LEU A 427 22.92 -28.24 -12.15
C LEU A 427 23.76 -28.98 -11.12
N GLU A 428 23.15 -29.24 -9.96
CA GLU A 428 23.82 -29.93 -8.87
C GLU A 428 24.16 -31.34 -9.28
N ALA A 429 23.22 -32.00 -9.94
CA ALA A 429 23.46 -33.34 -10.46
C ALA A 429 24.70 -33.41 -11.32
N SER A 430 24.99 -32.32 -12.03
CA SER A 430 26.10 -32.32 -12.98
C SER A 430 27.50 -32.13 -12.36
N HIS A 431 27.58 -31.75 -11.10
CA HIS A 431 28.89 -31.43 -10.53
C HIS A 431 29.90 -32.60 -10.54
N PRO A 432 29.50 -33.81 -10.11
CA PRO A 432 30.44 -34.93 -10.21
C PRO A 432 30.98 -35.08 -11.62
N GLY A 433 30.08 -35.00 -12.60
CA GLY A 433 30.48 -34.99 -14.00
C GLY A 433 31.50 -33.91 -14.32
N PHE A 434 31.27 -32.69 -13.82
CA PHE A 434 32.19 -31.59 -14.07
C PHE A 434 33.58 -31.91 -13.54
N VAL A 435 33.64 -32.59 -12.39
CA VAL A 435 34.91 -32.88 -11.75
C VAL A 435 35.63 -34.02 -12.49
N VAL A 436 34.90 -35.07 -12.81
CA VAL A 436 35.47 -36.18 -13.57
C VAL A 436 36.02 -35.69 -14.90
N ARG A 437 35.25 -34.86 -15.58
CA ARG A 437 35.71 -34.30 -16.85
C ARG A 437 36.96 -33.48 -16.62
N MET A 438 36.96 -32.69 -15.55
CA MET A 438 38.14 -31.89 -15.26
C MET A 438 39.36 -32.80 -15.11
N ILE A 439 39.18 -33.94 -14.47
CA ILE A 439 40.29 -34.87 -14.30
C ILE A 439 40.71 -35.57 -15.61
N GLY A 440 39.75 -36.01 -16.41
CA GLY A 440 40.06 -36.65 -17.68
C GLY A 440 40.84 -35.73 -18.59
N GLY A 441 40.32 -34.52 -18.77
CA GLY A 441 40.99 -33.50 -19.54
C GLY A 441 42.36 -33.19 -18.97
N ALA A 442 42.45 -33.16 -17.65
CA ALA A 442 43.72 -32.97 -16.98
C ALA A 442 44.72 -34.03 -17.40
N ILE A 443 44.29 -35.29 -17.41
CA ILE A 443 45.15 -36.41 -17.77
C ILE A 443 45.62 -36.30 -19.21
N PHE A 444 44.69 -35.97 -20.11
CA PHE A 444 45.03 -35.78 -21.51
C PHE A 444 46.10 -34.69 -21.64
N PHE A 445 45.86 -33.58 -20.94
CA PHE A 445 46.80 -32.47 -20.88
C PHE A 445 48.18 -32.91 -20.39
N ALA A 446 48.20 -33.79 -19.40
CA ALA A 446 49.45 -34.33 -18.87
C ALA A 446 50.19 -35.04 -19.99
N GLY A 447 49.43 -35.81 -20.76
CA GLY A 447 49.99 -36.51 -21.91
C GLY A 447 50.63 -35.51 -22.86
N MET A 448 49.95 -34.38 -23.06
CA MET A 448 50.50 -33.33 -23.91
C MET A 448 51.82 -32.79 -23.36
N LEU A 449 51.92 -32.67 -22.04
CA LEU A 449 53.18 -32.24 -21.44
C LEU A 449 54.27 -33.27 -21.73
N VAL A 450 53.93 -34.56 -21.63
CA VAL A 450 54.87 -35.63 -21.93
C VAL A 450 55.36 -35.49 -23.36
N MET A 451 54.43 -35.18 -24.26
CA MET A 451 54.79 -34.98 -25.65
C MET A 451 55.76 -33.82 -25.76
N ALA A 452 55.44 -32.72 -25.07
CA ALA A 452 56.28 -31.52 -25.10
C ALA A 452 57.71 -31.85 -24.68
N TYR A 453 57.84 -32.58 -23.57
CA TYR A 453 59.16 -32.96 -23.09
C TYR A 453 59.89 -33.82 -24.10
N ASN A 454 59.21 -34.82 -24.62
CA ASN A 454 59.81 -35.72 -25.60
C ASN A 454 60.31 -34.97 -26.81
N THR A 455 59.40 -34.17 -27.36
CA THR A 455 59.67 -33.46 -28.58
C THR A 455 60.85 -32.58 -28.34
N TRP A 456 60.89 -31.93 -27.18
CA TRP A 456 61.97 -31.02 -26.85
C TRP A 456 63.30 -31.75 -26.82
N ARG A 457 63.29 -32.93 -26.23
CA ARG A 457 64.51 -33.68 -26.11
C ARG A 457 65.07 -34.00 -27.47
N THR A 458 64.19 -34.42 -28.38
CA THR A 458 64.64 -34.70 -29.75
C THR A 458 65.06 -33.45 -30.53
N VAL A 459 64.40 -32.33 -30.23
CA VAL A 459 64.68 -31.04 -30.87
C VAL A 459 66.06 -30.58 -30.52
N GLN A 460 66.54 -31.01 -29.36
CA GLN A 460 67.84 -30.59 -28.87
C GLN A 460 68.96 -31.03 -29.81
N ALA A 461 68.82 -32.22 -30.39
CA ALA A 461 69.96 -32.94 -30.96
C ALA A 461 70.79 -32.31 -32.10
N ALA A 462 70.18 -31.75 -33.14
CA ALA A 462 71.02 -31.29 -34.26
C ALA A 462 70.66 -29.87 -34.67
N LYS A 463 71.61 -28.94 -34.77
CA LYS A 463 71.23 -27.63 -35.31
C LYS A 463 71.06 -27.69 -36.84
N PRO A 464 72.03 -28.23 -37.60
CA PRO A 464 71.76 -28.40 -39.04
C PRO A 464 71.03 -29.74 -39.12
N ALA A 465 69.84 -29.73 -39.71
CA ALA A 465 68.97 -30.89 -39.74
C ALA A 465 68.23 -31.08 -41.03
N GLU A 466 68.63 -30.38 -42.06
CA GLU A 466 68.12 -30.54 -43.40
C GLU A 466 68.15 -31.96 -44.01
N TYR A 467 67.98 -33.03 -43.23
CA TYR A 467 68.11 -34.34 -43.87
C TYR A 467 66.60 -34.27 -44.18
N ASP A 468 66.59 -34.55 -45.47
CA ASP A 468 66.01 -35.47 -46.38
C ASP A 468 66.15 -34.40 -47.42
N ALA A 469 66.34 -35.01 -48.57
CA ALA A 469 66.61 -34.45 -49.87
C ALA A 469 65.61 -34.71 -50.95
N ALA A 470 65.16 -35.95 -51.02
CA ALA A 470 64.28 -36.35 -52.09
C ALA A 470 62.99 -35.57 -52.07
N LYS B 6 38.82 -38.80 -65.65
CA LYS B 6 39.58 -39.08 -64.41
C LYS B 6 39.47 -37.80 -63.55
N LEU B 7 40.05 -36.70 -64.07
CA LEU B 7 40.06 -35.35 -63.49
C LEU B 7 40.95 -35.39 -62.24
N GLU B 8 41.72 -36.47 -62.13
CA GLU B 8 42.63 -36.61 -60.99
C GLU B 8 43.89 -35.79 -61.19
N LYS B 9 44.28 -35.71 -62.46
CA LYS B 9 45.46 -35.01 -62.95
C LYS B 9 45.27 -33.53 -63.32
N ASN B 10 44.01 -33.13 -63.39
CA ASN B 10 43.60 -31.77 -63.73
C ASN B 10 43.37 -30.86 -62.51
N VAL B 11 44.28 -29.94 -62.20
CA VAL B 11 44.17 -29.18 -60.94
C VAL B 11 42.96 -28.25 -60.92
N GLY B 12 42.71 -27.59 -62.05
CA GLY B 12 41.63 -26.63 -62.14
C GLY B 12 40.30 -27.34 -62.20
N LEU B 13 40.23 -28.48 -62.86
CA LEU B 13 38.98 -29.23 -62.92
C LEU B 13 38.58 -29.75 -61.53
N LEU B 14 39.53 -30.34 -60.80
CA LEU B 14 39.29 -30.78 -59.42
C LEU B 14 38.86 -29.62 -58.53
N THR B 15 39.60 -28.52 -58.61
CA THR B 15 39.28 -27.33 -57.84
C THR B 15 37.85 -26.86 -58.12
N LEU B 16 37.52 -26.75 -59.40
CA LEU B 16 36.22 -26.27 -59.85
C LEU B 16 35.10 -27.18 -59.34
N PHE B 17 35.21 -28.48 -59.57
CA PHE B 17 34.17 -29.40 -59.11
C PHE B 17 34.07 -29.46 -57.58
N MET B 18 35.16 -29.14 -56.89
CA MET B 18 35.10 -29.02 -55.44
C MET B 18 34.28 -27.81 -55.03
N ILE B 19 34.63 -26.63 -55.54
CA ILE B 19 33.90 -25.41 -55.23
C ILE B 19 32.43 -25.50 -55.66
N LEU B 20 32.17 -26.31 -56.68
CA LEU B 20 30.81 -26.55 -57.13
C LEU B 20 30.06 -27.45 -56.15
N ALA B 21 30.63 -28.62 -55.88
CA ALA B 21 30.01 -29.63 -55.02
C ALA B 21 29.74 -29.10 -53.63
N VAL B 22 30.60 -28.22 -53.16
CA VAL B 22 30.56 -27.75 -51.79
C VAL B 22 29.55 -26.62 -51.63
N SER B 23 29.11 -26.04 -52.75
CA SER B 23 28.24 -24.87 -52.72
C SER B 23 26.74 -25.18 -52.61
N ILE B 24 26.31 -26.28 -53.22
CA ILE B 24 24.89 -26.63 -53.30
C ILE B 24 24.11 -26.50 -51.97
N GLY B 25 24.63 -27.08 -50.89
CA GLY B 25 23.97 -27.00 -49.60
C GLY B 25 23.78 -25.58 -49.06
N GLY B 26 24.80 -24.76 -49.22
CA GLY B 26 24.74 -23.37 -48.83
C GLY B 26 23.67 -22.63 -49.63
N LEU B 27 23.70 -22.80 -50.95
CA LEU B 27 22.72 -22.16 -51.81
C LEU B 27 21.29 -22.62 -51.52
N THR B 28 21.15 -23.87 -51.11
CA THR B 28 19.82 -24.43 -50.97
C THR B 28 19.24 -24.21 -49.57
N GLN B 29 20.10 -23.92 -48.59
CA GLN B 29 19.62 -23.74 -47.23
C GLN B 29 19.60 -22.28 -46.79
N ILE B 30 20.66 -21.55 -47.08
CA ILE B 30 20.76 -20.17 -46.65
C ILE B 30 19.95 -19.22 -47.53
N VAL B 31 20.17 -19.30 -48.83
CA VAL B 31 19.55 -18.35 -49.76
C VAL B 31 18.02 -18.20 -49.67
N PRO B 32 17.27 -19.31 -49.65
CA PRO B 32 15.81 -19.15 -49.62
C PRO B 32 15.28 -18.51 -48.33
N LEU B 33 16.08 -18.54 -47.27
CA LEU B 33 15.69 -17.96 -45.99
C LEU B 33 15.69 -16.44 -46.09
N PHE B 34 16.53 -15.90 -46.95
CA PHE B 34 16.59 -14.45 -47.16
C PHE B 34 15.22 -13.98 -47.63
N PHE B 35 14.53 -14.83 -48.36
CA PHE B 35 13.27 -14.45 -48.98
C PHE B 35 12.03 -15.05 -48.31
N GLN B 36 12.23 -15.92 -47.32
CA GLN B 36 11.10 -16.46 -46.56
C GLN B 36 10.56 -15.40 -45.60
N ASP B 37 9.25 -15.22 -45.60
CA ASP B 37 8.64 -14.20 -44.76
C ASP B 37 8.67 -14.53 -43.28
N SER B 38 8.32 -15.77 -42.94
CA SER B 38 8.11 -16.16 -41.54
C SER B 38 9.32 -15.89 -40.65
N VAL B 39 10.52 -15.98 -41.21
CA VAL B 39 11.74 -15.78 -40.45
C VAL B 39 12.31 -14.38 -40.64
N ASN B 40 11.58 -13.50 -41.34
CA ASN B 40 12.04 -12.12 -41.48
C ASN B 40 11.03 -11.11 -40.95
N GLU B 41 9.84 -11.58 -40.60
CA GLU B 41 8.77 -10.75 -40.06
C GLU B 41 8.92 -10.65 -38.56
N PRO B 42 9.01 -9.41 -38.06
CA PRO B 42 9.09 -9.18 -36.62
C PRO B 42 7.77 -9.56 -35.99
N VAL B 43 7.73 -9.83 -34.68
CA VAL B 43 6.44 -9.92 -34.03
C VAL B 43 5.83 -8.52 -34.17
N GLU B 44 4.52 -8.47 -34.35
CA GLU B 44 3.84 -7.25 -34.78
C GLU B 44 4.05 -6.10 -33.81
N GLY B 45 3.99 -6.41 -32.52
CA GLY B 45 4.18 -5.41 -31.50
C GLY B 45 5.60 -4.88 -31.37
N MET B 46 6.57 -5.71 -31.76
CA MET B 46 7.98 -5.47 -31.45
C MET B 46 8.64 -4.26 -32.04
N LYS B 47 9.44 -3.63 -31.17
CA LYS B 47 10.31 -2.52 -31.50
C LYS B 47 11.75 -2.98 -31.41
N PRO B 48 12.67 -2.21 -31.99
CA PRO B 48 14.11 -2.43 -31.84
C PRO B 48 14.55 -2.25 -30.39
N TYR B 49 15.72 -2.79 -30.03
CA TYR B 49 16.21 -2.61 -28.67
C TYR B 49 16.44 -1.12 -28.39
N THR B 50 16.07 -0.65 -27.20
CA THR B 50 16.34 0.73 -26.83
C THR B 50 17.83 0.90 -26.58
N ALA B 51 18.32 2.13 -26.74
CA ALA B 51 19.75 2.42 -26.63
C ALA B 51 20.40 1.69 -25.47
N LEU B 52 19.75 1.77 -24.31
CA LEU B 52 20.28 1.13 -23.12
C LEU B 52 20.23 -0.39 -23.27
N GLN B 53 19.11 -0.89 -23.81
CA GLN B 53 18.96 -2.34 -24.02
C GLN B 53 20.01 -2.83 -25.01
N LEU B 54 20.21 -2.07 -26.07
CA LEU B 54 21.17 -2.41 -27.12
C LEU B 54 22.58 -2.45 -26.54
N GLU B 55 22.88 -1.46 -25.70
CA GLU B 55 24.19 -1.39 -25.06
C GLU B 55 24.40 -2.58 -24.13
N GLY B 56 23.34 -2.95 -23.43
CA GLY B 56 23.39 -4.06 -22.49
C GLY B 56 23.50 -5.40 -23.21
N ARG B 57 22.90 -5.48 -24.39
CA ARG B 57 23.00 -6.68 -25.18
C ARG B 57 24.43 -6.84 -25.64
N ASP B 58 25.06 -5.74 -26.02
CA ASP B 58 26.45 -5.82 -26.40
C ASP B 58 27.34 -6.16 -25.19
N LEU B 59 26.87 -5.82 -23.99
CA LEU B 59 27.58 -6.24 -22.78
C LEU B 59 27.47 -7.74 -22.53
N TYR B 60 26.25 -8.24 -22.68
CA TYR B 60 25.92 -9.66 -22.65
C TYR B 60 26.78 -10.43 -23.63
N ILE B 61 27.03 -9.81 -24.78
CA ILE B 61 27.87 -10.41 -25.81
C ILE B 61 29.33 -10.44 -25.34
N ARG B 62 29.81 -9.33 -24.79
CA ARG B 62 31.23 -9.23 -24.48
C ARG B 62 31.58 -10.12 -23.29
N GLU B 63 30.62 -10.34 -22.41
CA GLU B 63 30.92 -11.14 -21.22
C GLU B 63 30.85 -12.66 -21.45
N GLY B 64 30.29 -13.07 -22.58
CA GLY B 64 30.26 -14.47 -22.94
C GLY B 64 29.05 -15.21 -22.39
N CYS B 65 28.01 -14.44 -22.08
CA CYS B 65 26.77 -14.98 -21.53
C CYS B 65 26.17 -16.12 -22.32
N VAL B 66 26.20 -15.98 -23.65
CA VAL B 66 25.70 -16.98 -24.58
C VAL B 66 26.31 -18.34 -24.25
N GLY B 67 27.54 -18.33 -23.77
CA GLY B 67 28.25 -19.55 -23.45
C GLY B 67 27.65 -20.47 -22.41
N CYS B 68 26.69 -19.99 -21.62
CA CYS B 68 26.04 -20.88 -20.65
C CYS B 68 24.54 -20.73 -20.80
N HIS B 69 24.11 -19.72 -21.54
CA HIS B 69 22.70 -19.36 -21.58
C HIS B 69 22.12 -19.33 -22.98
N SER B 70 21.12 -20.18 -23.21
CA SER B 70 20.37 -20.19 -24.45
C SER B 70 19.28 -19.12 -24.45
N GLN B 71 18.91 -18.63 -25.63
CA GLN B 71 17.75 -17.79 -25.81
C GLN B 71 16.86 -18.36 -26.90
N MET B 72 16.36 -19.55 -26.65
CA MET B 72 15.63 -20.29 -27.66
C MET B 72 14.84 -21.42 -27.04
N ILE B 73 13.55 -21.19 -26.85
CA ILE B 73 12.68 -22.18 -26.24
C ILE B 73 12.09 -23.11 -27.28
N ARG B 74 12.38 -24.39 -27.10
CA ARG B 74 11.95 -25.43 -28.03
C ARG B 74 10.50 -25.81 -27.75
N PRO B 75 9.74 -26.15 -28.81
CA PRO B 75 8.31 -26.42 -28.68
C PRO B 75 8.02 -27.78 -28.05
N PHE B 76 8.53 -27.99 -26.84
CA PHE B 76 8.13 -29.15 -26.04
C PHE B 76 7.30 -28.68 -24.87
N ARG B 77 6.40 -29.54 -24.38
CA ARG B 77 5.58 -29.20 -23.24
C ARG B 77 6.43 -28.81 -22.02
N ALA B 78 7.45 -29.61 -21.71
CA ALA B 78 8.26 -29.36 -20.52
C ALA B 78 9.05 -28.07 -20.62
N GLU B 79 9.51 -27.71 -21.82
CA GLU B 79 10.24 -26.45 -21.98
C GLU B 79 9.29 -25.27 -21.94
N THR B 80 8.13 -25.43 -22.54
CA THR B 80 7.05 -24.49 -22.41
C THR B 80 6.71 -24.20 -20.94
N GLU B 81 6.54 -25.26 -20.16
CA GLU B 81 6.18 -25.15 -18.76
C GLU B 81 7.30 -24.48 -17.97
N ARG B 82 8.53 -24.82 -18.33
CA ARG B 82 9.66 -24.28 -17.58
C ARG B 82 9.98 -22.83 -17.89
N TYR B 83 9.84 -22.44 -19.16
CA TYR B 83 10.32 -21.14 -19.61
C TYR B 83 9.24 -20.21 -20.17
N GLY B 84 8.20 -20.79 -20.73
CA GLY B 84 7.16 -19.99 -21.34
C GLY B 84 6.93 -20.38 -22.78
N HIS B 85 6.33 -19.48 -23.55
CA HIS B 85 5.98 -19.76 -24.93
C HIS B 85 7.23 -20.06 -25.73
N TYR B 86 7.19 -21.12 -26.52
CA TYR B 86 8.33 -21.47 -27.35
C TYR B 86 8.70 -20.30 -28.23
N SER B 87 10.00 -20.06 -28.35
CA SER B 87 10.54 -18.98 -29.16
C SER B 87 10.02 -18.99 -30.60
N VAL B 88 9.87 -17.81 -31.17
CA VAL B 88 9.34 -17.64 -32.51
C VAL B 88 10.38 -16.90 -33.35
N ALA B 89 10.51 -17.26 -34.62
CA ALA B 89 11.48 -16.61 -35.51
C ALA B 89 11.41 -15.10 -35.43
N GLY B 90 10.18 -14.58 -35.43
CA GLY B 90 9.94 -13.16 -35.42
C GLY B 90 10.53 -12.41 -34.24
N GLU B 91 10.82 -13.13 -33.17
CA GLU B 91 11.37 -12.51 -31.99
C GLU B 91 12.82 -12.11 -32.19
N SER B 92 13.54 -12.85 -33.03
CA SER B 92 14.97 -12.59 -33.17
C SER B 92 15.30 -11.87 -34.46
N VAL B 93 14.28 -11.37 -35.14
CA VAL B 93 14.43 -10.73 -36.44
C VAL B 93 15.42 -9.54 -36.46
N TYR B 94 15.57 -8.84 -35.32
CA TYR B 94 16.51 -7.70 -35.25
C TYR B 94 17.79 -8.01 -34.49
N ASP B 95 18.07 -9.30 -34.28
CA ASP B 95 19.24 -9.72 -33.50
C ASP B 95 20.49 -9.90 -34.35
N HIS B 96 21.26 -8.83 -34.50
CA HIS B 96 22.60 -8.90 -35.08
C HIS B 96 23.66 -8.88 -33.99
N PRO B 97 24.31 -10.02 -33.71
CA PRO B 97 24.02 -11.36 -34.24
C PRO B 97 23.08 -12.13 -33.33
N PHE B 98 22.50 -13.21 -33.83
CA PHE B 98 21.54 -13.99 -33.04
C PHE B 98 22.22 -14.58 -31.81
N LEU B 99 21.47 -14.66 -30.70
CA LEU B 99 22.00 -15.19 -29.47
C LEU B 99 21.16 -16.35 -28.95
N TRP B 100 20.65 -17.16 -29.88
CA TRP B 100 20.12 -18.46 -29.51
C TRP B 100 21.30 -19.19 -28.88
N GLY B 101 21.06 -20.05 -27.92
CA GLY B 101 22.20 -20.73 -27.34
C GLY B 101 22.63 -21.95 -28.14
N SER B 102 23.62 -22.66 -27.59
CA SER B 102 23.86 -24.03 -28.01
C SER B 102 24.12 -24.83 -26.73
N LYS B 103 24.33 -24.12 -25.61
CA LYS B 103 24.40 -24.80 -24.31
C LYS B 103 23.58 -24.12 -23.23
N ARG B 104 23.14 -24.93 -22.27
CA ARG B 104 22.45 -24.45 -21.08
C ARG B 104 23.17 -24.88 -19.81
N THR B 105 24.31 -24.24 -19.51
CA THR B 105 24.95 -24.45 -18.23
C THR B 105 24.05 -23.80 -17.18
N GLY B 106 23.55 -22.61 -17.51
CA GLY B 106 22.49 -21.96 -16.76
C GLY B 106 21.20 -22.04 -17.57
N PRO B 107 20.07 -21.62 -16.98
CA PRO B 107 18.77 -21.78 -17.64
C PRO B 107 18.64 -20.92 -18.88
N ASP B 108 17.59 -21.20 -19.65
CA ASP B 108 17.30 -20.41 -20.82
C ASP B 108 16.84 -19.00 -20.40
N LEU B 109 17.29 -17.99 -21.14
CA LEU B 109 16.95 -16.61 -20.81
C LEU B 109 16.06 -15.95 -21.86
N ALA B 110 15.49 -16.75 -22.76
CA ALA B 110 14.67 -16.21 -23.83
C ALA B 110 13.50 -15.40 -23.29
N ARG B 111 13.03 -15.78 -22.10
CA ARG B 111 11.93 -15.06 -21.48
C ARG B 111 12.17 -14.73 -20.00
N VAL B 112 13.39 -14.36 -19.63
CA VAL B 112 13.59 -13.84 -18.27
C VAL B 112 12.79 -12.56 -18.06
N GLY B 113 12.37 -11.94 -19.16
CA GLY B 113 11.25 -11.02 -19.18
C GLY B 113 11.14 -10.12 -17.97
N GLY B 114 10.06 -10.27 -17.24
CA GLY B 114 9.91 -9.61 -15.96
C GLY B 114 9.73 -10.65 -14.86
N ARG B 115 10.38 -11.79 -15.03
CA ARG B 115 10.23 -12.90 -14.12
C ARG B 115 10.93 -12.58 -12.80
N TYR B 116 11.92 -11.70 -12.87
CA TYR B 116 12.68 -11.25 -11.72
C TYR B 116 12.76 -9.73 -11.64
N SER B 117 12.89 -9.23 -10.41
CA SER B 117 13.04 -7.81 -10.16
C SER B 117 14.42 -7.31 -10.58
N ASP B 118 14.54 -6.03 -10.93
CA ASP B 118 15.84 -5.43 -11.23
C ASP B 118 16.83 -5.64 -10.10
N ASP B 119 16.32 -5.50 -8.88
CA ASP B 119 17.11 -5.64 -7.67
C ASP B 119 17.73 -7.03 -7.60
N TRP B 120 16.92 -8.04 -7.91
CA TRP B 120 17.40 -9.41 -7.89
C TRP B 120 18.50 -9.58 -8.94
N HIS B 121 18.27 -9.06 -10.14
CA HIS B 121 19.24 -9.20 -11.22
C HIS B 121 20.56 -8.57 -10.86
N ARG B 122 20.48 -7.48 -10.11
CA ARG B 122 21.68 -6.78 -9.71
C ARG B 122 22.45 -7.59 -8.69
N ALA B 123 21.74 -8.08 -7.67
CA ALA B 123 22.39 -8.89 -6.65
C ALA B 123 23.03 -10.13 -7.24
N HIS B 124 22.32 -10.76 -8.16
CA HIS B 124 22.70 -12.05 -8.71
C HIS B 124 23.86 -11.92 -9.69
N LEU B 125 23.82 -10.89 -10.53
CA LEU B 125 24.95 -10.62 -11.39
C LEU B 125 26.17 -10.24 -10.56
N TYR B 126 25.97 -9.49 -9.47
CA TYR B 126 27.10 -9.07 -8.64
C TYR B 126 27.76 -10.27 -7.96
N ASN B 127 26.96 -11.27 -7.61
CA ASN B 127 27.45 -12.49 -6.99
C ASN B 127 26.36 -13.56 -7.01
N PRO B 128 26.37 -14.40 -8.05
CA PRO B 128 25.28 -15.38 -8.20
C PRO B 128 25.18 -16.30 -7.00
N ARG B 129 26.33 -16.66 -6.43
CA ARG B 129 26.36 -17.56 -5.28
C ARG B 129 25.66 -16.95 -4.08
N ASN B 130 25.65 -15.63 -4.03
CA ASN B 130 25.01 -14.91 -2.94
C ASN B 130 23.50 -15.05 -2.90
N VAL B 131 22.88 -15.32 -4.04
CA VAL B 131 21.44 -15.46 -4.10
C VAL B 131 21.08 -16.89 -4.44
N VAL B 132 21.93 -17.54 -5.22
CA VAL B 132 21.71 -18.92 -5.58
C VAL B 132 22.98 -19.68 -5.24
N PRO B 133 23.07 -20.13 -3.98
CA PRO B 133 24.29 -20.65 -3.34
C PRO B 133 25.02 -21.70 -4.18
N GLU B 134 24.29 -22.47 -4.96
CA GLU B 134 24.89 -23.56 -5.70
C GLU B 134 25.04 -23.20 -7.17
N SER B 135 25.08 -21.91 -7.45
CA SER B 135 25.26 -21.45 -8.81
C SER B 135 26.68 -21.74 -9.27
N LYS B 136 26.86 -21.90 -10.57
CA LYS B 136 28.19 -22.08 -11.11
C LYS B 136 28.53 -20.86 -11.94
N MET B 137 27.59 -19.92 -11.97
CA MET B 137 27.78 -18.66 -12.67
C MET B 137 28.88 -17.79 -12.06
N PRO B 138 29.70 -17.20 -12.93
CA PRO B 138 30.73 -16.24 -12.51
C PRO B 138 30.10 -14.99 -11.89
N SER B 139 30.82 -14.37 -10.96
CA SER B 139 30.40 -13.07 -10.44
C SER B 139 30.74 -11.99 -11.46
N TYR B 140 29.88 -10.99 -11.60
CA TYR B 140 30.09 -9.91 -12.55
C TYR B 140 30.04 -8.53 -11.92
N PRO B 141 30.83 -8.31 -10.85
CA PRO B 141 30.73 -7.07 -10.08
C PRO B 141 31.20 -5.83 -10.83
N TRP B 142 32.11 -6.00 -11.79
CA TRP B 142 32.63 -4.84 -12.50
C TRP B 142 31.54 -4.10 -13.25
N LEU B 143 30.43 -4.79 -13.53
CA LEU B 143 29.30 -4.17 -14.23
C LEU B 143 28.80 -2.96 -13.44
N VAL B 144 29.00 -3.00 -12.13
CA VAL B 144 28.57 -1.92 -11.24
C VAL B 144 29.59 -0.80 -11.21
N GLU B 145 30.86 -1.16 -11.34
CA GLU B 145 31.93 -0.19 -11.25
C GLU B 145 32.16 0.58 -12.55
N ASN B 146 31.52 0.12 -13.61
CA ASN B 146 31.72 0.71 -14.94
C ASN B 146 30.55 1.56 -15.40
N THR B 147 30.86 2.68 -16.03
CA THR B 147 29.84 3.62 -16.47
C THR B 147 29.86 3.77 -17.98
N LEU B 148 28.68 3.65 -18.59
CA LEU B 148 28.54 3.89 -20.01
C LEU B 148 28.63 5.38 -20.35
N ASP B 149 29.41 5.72 -21.38
CA ASP B 149 29.54 7.10 -21.79
C ASP B 149 28.63 7.40 -22.98
N GLY B 150 28.12 6.34 -23.60
CA GLY B 150 27.19 6.47 -24.71
C GLY B 150 27.82 6.99 -26.00
N LYS B 151 29.14 6.95 -26.06
CA LYS B 151 29.88 7.44 -27.22
C LYS B 151 29.43 6.80 -28.53
N ASP B 152 29.40 5.48 -28.56
CA ASP B 152 29.23 4.74 -29.81
C ASP B 152 27.80 4.27 -30.10
N THR B 153 26.90 4.46 -29.14
CA THR B 153 25.51 4.02 -29.27
C THR B 153 24.86 4.54 -30.55
N ALA B 154 25.05 5.82 -30.83
CA ALA B 154 24.59 6.43 -32.08
C ALA B 154 25.08 5.64 -33.30
N LYS B 155 26.39 5.42 -33.37
CA LYS B 155 26.99 4.66 -34.46
C LYS B 155 26.39 3.26 -34.55
N LYS B 156 26.26 2.59 -33.41
CA LYS B 156 25.71 1.24 -33.38
C LYS B 156 24.32 1.20 -33.99
N MET B 157 23.46 2.12 -33.56
CA MET B 157 22.10 2.16 -34.06
C MET B 157 22.04 2.52 -35.53
N SER B 158 22.88 3.45 -35.97
CA SER B 158 22.98 3.77 -37.39
C SER B 158 23.33 2.52 -38.21
N ALA B 159 24.33 1.79 -37.73
CA ALA B 159 24.75 0.55 -38.38
C ALA B 159 23.60 -0.44 -38.45
N LEU B 160 22.90 -0.64 -37.34
CA LEU B 160 21.79 -1.60 -37.32
C LEU B 160 20.64 -1.17 -38.22
N ARG B 161 20.39 0.13 -38.31
CA ARG B 161 19.38 0.62 -39.24
C ARG B 161 19.80 0.29 -40.67
N MET B 162 21.06 0.56 -40.97
CA MET B 162 21.64 0.17 -42.26
C MET B 162 21.43 -1.32 -42.53
N LEU B 163 21.40 -2.11 -41.46
CA LEU B 163 21.18 -3.54 -41.56
C LEU B 163 19.70 -3.92 -41.48
N GLY B 164 18.81 -2.93 -41.45
CA GLY B 164 17.39 -3.23 -41.50
C GLY B 164 16.57 -2.85 -40.27
N VAL B 165 17.24 -2.70 -39.14
CA VAL B 165 16.54 -2.40 -37.89
C VAL B 165 15.96 -0.99 -37.89
N PRO B 166 14.63 -0.88 -37.77
CA PRO B 166 13.98 0.41 -37.99
C PRO B 166 14.14 1.39 -36.83
N TYR B 167 15.37 1.81 -36.58
CA TYR B 167 15.62 2.87 -35.61
C TYR B 167 15.19 4.19 -36.20
N THR B 168 14.47 5.00 -35.41
CA THR B 168 14.02 6.29 -35.87
C THR B 168 15.14 7.31 -35.73
N GLU B 169 15.03 8.43 -36.44
CA GLU B 169 15.98 9.52 -36.26
C GLU B 169 15.92 10.00 -34.82
N GLU B 170 14.72 9.99 -34.27
CA GLU B 170 14.49 10.32 -32.86
C GLU B 170 15.29 9.37 -31.98
N ASP B 171 15.27 8.10 -32.35
CA ASP B 171 16.01 7.08 -31.60
C ASP B 171 17.51 7.35 -31.59
N ILE B 172 18.10 7.54 -32.76
CA ILE B 172 19.55 7.77 -32.87
C ILE B 172 19.96 9.08 -32.21
N ALA B 173 19.33 10.18 -32.62
CA ALA B 173 19.49 11.44 -31.90
C ALA B 173 19.20 11.24 -30.42
N GLY B 174 20.17 11.58 -29.58
CA GLY B 174 20.03 11.43 -28.15
C GLY B 174 19.86 10.01 -27.68
N ALA B 175 20.43 9.08 -28.44
CA ALA B 175 20.64 7.72 -27.95
C ALA B 175 21.77 7.75 -26.94
N ARG B 176 22.67 8.74 -27.10
CA ARG B 176 23.77 8.96 -26.17
C ARG B 176 23.28 9.28 -24.76
N ASP B 177 22.42 10.28 -24.65
CA ASP B 177 21.99 10.76 -23.33
C ASP B 177 20.94 9.81 -22.75
N SER B 178 20.57 8.80 -23.52
CA SER B 178 19.74 7.73 -23.00
C SER B 178 20.60 6.78 -22.18
N VAL B 179 21.90 6.87 -22.44
CA VAL B 179 22.85 5.87 -21.95
C VAL B 179 23.92 6.46 -21.04
N ASN B 180 24.39 7.66 -21.38
CA ASN B 180 25.46 8.29 -20.63
C ASN B 180 25.17 8.34 -19.13
N GLY B 181 26.15 7.91 -18.35
CA GLY B 181 26.02 7.94 -16.90
C GLY B 181 25.43 6.69 -16.29
N LYS B 182 24.71 5.93 -17.10
CA LYS B 182 24.19 4.63 -16.65
C LYS B 182 25.34 3.65 -16.47
N THR B 183 25.19 2.73 -15.52
CA THR B 183 26.25 1.75 -15.30
C THR B 183 26.03 0.56 -16.23
N GLU B 184 27.10 -0.18 -16.47
CA GLU B 184 27.00 -1.35 -17.30
C GLU B 184 25.96 -2.30 -16.73
N MET B 185 25.91 -2.41 -15.41
CA MET B 185 24.91 -3.24 -14.75
C MET B 185 23.49 -2.76 -15.08
N ASP B 186 23.32 -1.45 -15.10
CA ASP B 186 22.03 -0.86 -15.49
C ASP B 186 21.64 -1.40 -16.87
N ALA B 187 22.58 -1.34 -17.80
CA ALA B 187 22.33 -1.76 -19.18
C ALA B 187 22.04 -3.25 -19.27
N MET B 188 22.83 -4.07 -18.59
CA MET B 188 22.62 -5.51 -18.61
C MET B 188 21.22 -5.86 -18.12
N VAL B 189 20.83 -5.24 -17.02
CA VAL B 189 19.53 -5.47 -16.43
C VAL B 189 18.44 -5.03 -17.40
N ALA B 190 18.65 -3.88 -18.03
CA ALA B 190 17.70 -3.36 -18.99
C ALA B 190 17.50 -4.33 -20.13
N TYR B 191 18.59 -4.91 -20.61
CA TYR B 191 18.53 -5.90 -21.67
C TYR B 191 17.75 -7.12 -21.23
N LEU B 192 18.16 -7.70 -20.10
CA LEU B 192 17.52 -8.91 -19.59
C LEU B 192 16.01 -8.73 -19.39
N GLN B 193 15.59 -7.54 -19.01
CA GLN B 193 14.19 -7.33 -18.70
C GLN B 193 13.28 -7.19 -19.93
N VAL B 194 13.87 -7.15 -21.13
CA VAL B 194 13.07 -7.02 -22.34
C VAL B 194 12.95 -8.35 -23.07
N LEU B 195 13.83 -9.28 -22.73
CA LEU B 195 13.87 -10.60 -23.37
C LEU B 195 12.54 -11.34 -23.33
N GLY B 196 11.98 -11.58 -24.51
CA GLY B 196 10.78 -12.38 -24.67
C GLY B 196 9.49 -11.66 -24.34
N THR B 197 9.63 -10.39 -23.92
CA THR B 197 8.49 -9.56 -23.59
C THR B 197 7.66 -9.20 -24.82
N ALA B 198 8.35 -9.05 -25.94
CA ALA B 198 7.75 -8.64 -27.20
C ALA B 198 6.56 -9.50 -27.60
N LEU B 199 6.69 -10.80 -27.37
CA LEU B 199 5.65 -11.73 -27.75
C LEU B 199 4.47 -11.66 -26.80
N THR B 200 4.74 -11.74 -25.50
CA THR B 200 3.69 -11.93 -24.52
C THR B 200 2.90 -10.67 -24.16
N ASN B 201 3.04 -9.60 -24.93
CA ASN B 201 2.21 -8.42 -24.71
C ASN B 201 1.74 -7.78 -26.02
N LYS B 202 1.98 -8.48 -27.13
CA LYS B 202 1.57 -8.01 -28.46
C LYS B 202 0.05 -7.89 -28.56
N MET C 1 6.52 -19.50 -47.91
CA MET C 1 7.47 -19.72 -48.97
C MET C 1 6.77 -19.57 -50.33
N SER C 2 7.36 -18.76 -51.22
CA SER C 2 6.86 -18.66 -52.58
C SER C 2 7.13 -19.99 -53.25
N THR C 3 6.28 -20.34 -54.20
CA THR C 3 6.39 -21.60 -54.90
C THR C 3 7.75 -21.73 -55.55
N PHE C 4 8.26 -20.65 -56.12
CA PHE C 4 9.55 -20.70 -56.79
C PHE C 4 10.61 -21.25 -55.87
N TRP C 5 10.63 -20.75 -54.65
CA TRP C 5 11.60 -21.17 -53.65
C TRP C 5 11.35 -22.60 -53.25
N SER C 6 10.09 -22.99 -53.10
CA SER C 6 9.77 -24.35 -52.71
C SER C 6 10.31 -25.31 -53.75
N GLY C 7 10.08 -24.96 -55.01
CA GLY C 7 10.52 -25.77 -56.13
C GLY C 7 12.03 -25.82 -56.17
N TYR C 8 12.66 -24.67 -55.92
CA TYR C 8 14.12 -24.57 -56.00
C TYR C 8 14.73 -25.50 -54.98
N ILE C 9 14.18 -25.44 -53.76
CA ILE C 9 14.72 -26.27 -52.71
C ILE C 9 14.54 -27.74 -53.02
N ALA C 10 13.34 -28.11 -53.46
CA ALA C 10 13.06 -29.53 -53.69
C ALA C 10 13.91 -30.11 -54.81
N LEU C 11 14.03 -29.33 -55.88
CA LEU C 11 14.72 -29.74 -57.10
C LEU C 11 16.19 -29.93 -56.70
N LEU C 12 16.76 -29.01 -55.94
CA LEU C 12 18.18 -29.12 -55.60
C LEU C 12 18.38 -30.29 -54.65
N THR C 13 17.50 -30.46 -53.68
CA THR C 13 17.66 -31.54 -52.71
C THR C 13 17.63 -32.89 -53.42
N LEU C 14 16.64 -33.05 -54.29
CA LEU C 14 16.44 -34.30 -55.01
C LEU C 14 17.58 -34.53 -55.98
N GLY C 15 18.03 -33.47 -56.65
CA GLY C 15 19.09 -33.58 -57.63
C GLY C 15 20.31 -34.06 -56.89
N THR C 16 20.56 -33.52 -55.70
CA THR C 16 21.71 -33.93 -54.91
C THR C 16 21.61 -35.41 -54.56
N ILE C 17 20.42 -35.86 -54.14
CA ILE C 17 20.24 -37.27 -53.81
C ILE C 17 20.50 -38.20 -55.04
N VAL C 18 19.94 -37.80 -56.18
CA VAL C 18 20.03 -38.54 -57.42
C VAL C 18 21.50 -38.64 -57.76
N ALA C 19 22.18 -37.50 -57.63
CA ALA C 19 23.57 -37.36 -57.97
C ALA C 19 24.35 -38.31 -57.09
N LEU C 20 23.94 -38.41 -55.84
CA LEU C 20 24.61 -39.27 -54.88
C LEU C 20 24.50 -40.73 -55.32
N PHE C 21 23.30 -41.14 -55.75
CA PHE C 21 23.09 -42.52 -56.19
C PHE C 21 23.93 -42.81 -57.40
N TRP C 22 23.96 -41.82 -58.29
CA TRP C 22 24.66 -41.95 -59.53
C TRP C 22 26.12 -42.16 -59.13
N LEU C 23 26.58 -41.40 -58.15
CA LEU C 23 27.97 -41.48 -57.72
C LEU C 23 28.32 -42.83 -57.13
N ILE C 24 27.46 -43.35 -56.24
CA ILE C 24 27.82 -44.61 -55.61
C ILE C 24 27.90 -45.71 -56.67
N PHE C 25 26.90 -45.76 -57.55
CA PHE C 25 26.91 -46.79 -58.58
C PHE C 25 28.04 -46.64 -59.58
N ALA C 26 28.27 -45.42 -60.05
CA ALA C 26 29.29 -45.20 -61.05
C ALA C 26 30.67 -45.56 -60.53
N THR C 27 30.88 -45.28 -59.24
CA THR C 27 32.13 -45.67 -58.54
C THR C 27 32.23 -47.17 -58.50
N ARG C 28 31.07 -47.83 -58.46
CA ARG C 28 31.01 -49.30 -58.24
C ARG C 28 31.23 -50.18 -59.47
N LYS C 29 31.39 -49.66 -60.68
CA LYS C 29 31.29 -50.61 -61.86
C LYS C 29 32.19 -51.88 -62.10
N GLY C 30 33.50 -51.78 -61.90
CA GLY C 30 34.38 -52.92 -62.12
C GLY C 30 34.69 -53.61 -60.82
N GLU C 31 33.65 -53.95 -60.09
CA GLU C 31 33.77 -54.47 -58.74
C GLU C 31 34.24 -55.90 -58.65
N SER C 32 35.39 -56.04 -58.02
CA SER C 32 36.05 -57.30 -57.80
C SER C 32 35.13 -58.11 -56.94
N ALA C 33 34.46 -57.48 -55.99
CA ALA C 33 33.56 -58.15 -55.04
C ALA C 33 34.35 -59.01 -54.10
N GLY C 34 35.65 -58.80 -54.16
CA GLY C 34 36.57 -59.51 -53.31
C GLY C 34 37.72 -58.64 -52.88
N THR C 35 38.38 -59.04 -51.81
CA THR C 35 39.45 -58.25 -51.23
C THR C 35 40.52 -58.10 -52.33
N THR C 36 40.77 -59.14 -53.13
CA THR C 36 41.55 -58.93 -54.36
C THR C 36 43.05 -58.68 -54.20
N ASP C 37 43.38 -57.62 -53.47
CA ASP C 37 44.75 -57.17 -53.21
C ASP C 37 45.60 -56.63 -54.37
N GLN C 38 44.95 -56.16 -55.44
CA GLN C 38 45.70 -55.70 -56.60
C GLN C 38 46.16 -54.32 -56.13
N THR C 39 47.04 -53.64 -56.85
CA THR C 39 47.49 -52.30 -56.41
C THR C 39 47.56 -51.53 -57.70
N MET C 40 47.46 -50.21 -57.66
CA MET C 40 47.69 -49.46 -58.92
C MET C 40 49.04 -48.88 -59.09
N GLY C 41 49.49 -48.86 -60.36
CA GLY C 41 50.81 -48.34 -60.39
C GLY C 41 51.39 -47.01 -60.13
N HIS C 42 50.89 -46.24 -59.17
CA HIS C 42 51.57 -44.97 -59.13
C HIS C 42 51.65 -44.93 -57.64
N ALA C 43 52.84 -44.52 -57.28
CA ALA C 43 53.38 -44.26 -55.98
C ALA C 43 53.31 -42.85 -55.53
N PHE C 44 52.90 -42.56 -54.31
CA PHE C 44 53.02 -41.17 -53.88
C PHE C 44 53.98 -41.43 -52.76
N ASP C 45 55.19 -40.88 -52.80
CA ASP C 45 56.12 -41.22 -51.73
C ASP C 45 56.18 -42.77 -51.64
N GLY C 46 56.02 -43.15 -50.38
CA GLY C 46 55.82 -44.49 -49.84
C GLY C 46 54.50 -45.09 -50.32
N ILE C 47 53.46 -44.27 -50.45
CA ILE C 47 52.13 -44.82 -50.53
C ILE C 47 51.72 -45.23 -51.92
N GLU C 48 51.00 -46.35 -51.91
CA GLU C 48 50.37 -47.00 -53.06
C GLU C 48 49.00 -47.43 -52.64
N GLU C 49 48.12 -47.61 -53.62
CA GLU C 49 46.74 -47.88 -53.30
C GLU C 49 46.16 -49.17 -53.88
N TYR C 50 45.55 -50.05 -53.08
CA TYR C 50 44.82 -51.19 -53.68
C TYR C 50 43.60 -50.86 -54.47
N ASP C 51 43.37 -51.51 -55.61
CA ASP C 51 42.10 -51.23 -56.23
C ASP C 51 41.10 -52.22 -55.60
N ASN C 52 40.44 -51.82 -54.52
CA ASN C 52 39.51 -52.71 -53.81
C ASN C 52 38.08 -52.32 -53.98
N PRO C 53 37.19 -53.29 -53.78
CA PRO C 53 35.78 -52.95 -53.89
C PRO C 53 35.23 -52.34 -52.61
N LEU C 54 34.17 -51.57 -52.78
CA LEU C 54 33.48 -50.98 -51.68
C LEU C 54 32.91 -52.12 -50.86
N PRO C 55 33.02 -52.04 -49.52
CA PRO C 55 32.46 -53.13 -48.70
C PRO C 55 30.96 -53.23 -48.98
N ARG C 56 30.44 -54.44 -49.11
CA ARG C 56 29.06 -54.59 -49.53
C ARG C 56 28.21 -53.97 -48.45
N TRP C 57 28.56 -54.21 -47.18
CA TRP C 57 27.76 -53.69 -46.07
C TRP C 57 27.78 -52.17 -46.07
N TRP C 58 28.95 -51.57 -46.31
CA TRP C 58 29.08 -50.12 -46.31
C TRP C 58 28.20 -49.59 -47.44
N PHE C 59 28.20 -50.31 -48.56
CA PHE C 59 27.37 -49.90 -49.67
C PHE C 59 25.91 -49.90 -49.27
N LEU C 60 25.53 -50.96 -48.57
CA LEU C 60 24.16 -51.18 -48.15
C LEU C 60 23.72 -50.08 -47.22
N LEU C 61 24.64 -49.74 -46.32
CA LEU C 61 24.37 -48.72 -45.32
C LEU C 61 24.14 -47.43 -45.97
N PHE C 62 24.99 -47.12 -46.94
CA PHE C 62 24.90 -45.85 -47.59
C PHE C 62 23.56 -45.71 -48.31
N ILE C 63 23.19 -46.75 -49.04
CA ILE C 63 21.96 -46.75 -49.82
C ILE C 63 20.74 -46.64 -48.93
N GLY C 64 20.82 -47.38 -47.83
CA GLY C 64 19.74 -47.45 -46.87
C GLY C 64 19.55 -46.07 -46.32
N THR C 65 20.65 -45.36 -46.05
CA THR C 65 20.49 -44.01 -45.52
C THR C 65 19.79 -43.16 -46.54
N LEU C 66 20.19 -43.24 -47.82
CA LEU C 66 19.51 -42.35 -48.80
C LEU C 66 18.04 -42.68 -48.86
N VAL C 67 17.70 -43.97 -48.84
CA VAL C 67 16.31 -44.44 -48.94
C VAL C 67 15.56 -43.88 -47.77
N PHE C 68 16.18 -43.94 -46.60
CA PHE C 68 15.54 -43.48 -45.41
C PHE C 68 15.29 -41.98 -45.61
N GLY C 69 16.26 -41.27 -46.19
CA GLY C 69 16.11 -39.84 -46.39
C GLY C 69 14.94 -39.54 -47.32
N ILE C 70 14.77 -40.30 -48.40
CA ILE C 70 13.64 -40.04 -49.31
C ILE C 70 12.35 -40.27 -48.55
N LEU C 71 12.35 -41.35 -47.77
CA LEU C 71 11.17 -41.74 -47.01
C LEU C 71 10.82 -40.64 -46.03
N TYR C 72 11.82 -40.09 -45.35
CA TYR C 72 11.61 -39.04 -44.36
C TYR C 72 11.04 -37.81 -45.04
N LEU C 73 11.59 -37.47 -46.20
CA LEU C 73 11.18 -36.28 -46.91
C LEU C 73 9.70 -36.43 -47.32
N VAL C 74 9.34 -37.61 -47.78
CA VAL C 74 7.97 -37.88 -48.20
C VAL C 74 7.07 -37.82 -46.96
N LEU C 75 7.53 -38.41 -45.89
CA LEU C 75 6.76 -38.40 -44.67
C LEU C 75 6.59 -37.01 -44.02
N TYR C 76 7.65 -36.22 -44.11
CA TYR C 76 7.84 -34.98 -43.33
C TYR C 76 8.19 -33.73 -44.12
N PRO C 77 7.92 -32.54 -43.55
CA PRO C 77 8.24 -31.37 -44.38
C PRO C 77 9.75 -31.28 -44.54
N GLY C 78 10.21 -30.58 -45.57
CA GLY C 78 11.62 -30.57 -45.90
C GLY C 78 11.78 -30.11 -47.34
N LEU C 79 11.23 -30.83 -48.30
CA LEU C 79 11.44 -30.38 -49.66
C LEU C 79 10.52 -29.20 -49.85
N GLY C 80 11.06 -28.01 -50.10
CA GLY C 80 10.14 -26.94 -50.39
C GLY C 80 9.07 -26.68 -49.35
N ASN C 81 7.88 -26.43 -49.91
CA ASN C 81 6.61 -26.21 -49.22
C ASN C 81 5.86 -27.47 -49.08
N TRP C 82 6.49 -28.56 -49.48
CA TRP C 82 5.78 -29.80 -49.50
C TRP C 82 5.41 -29.99 -48.01
N LYS C 83 4.16 -30.36 -47.75
CA LYS C 83 3.70 -30.65 -46.40
C LYS C 83 3.83 -32.14 -46.20
N GLY C 84 4.04 -32.57 -44.97
CA GLY C 84 4.18 -33.97 -44.70
C GLY C 84 2.95 -34.82 -44.99
N VAL C 85 3.16 -36.03 -45.47
CA VAL C 85 2.07 -36.95 -45.76
C VAL C 85 1.93 -37.87 -44.55
N LEU C 86 2.67 -37.58 -43.49
CA LEU C 86 2.67 -38.52 -42.40
C LEU C 86 1.27 -38.64 -41.85
N PRO C 87 0.88 -39.86 -41.45
CA PRO C 87 -0.48 -40.04 -41.00
C PRO C 87 -0.68 -39.45 -39.62
N GLY C 88 -1.90 -39.06 -39.32
CA GLY C 88 -2.27 -38.65 -37.99
C GLY C 88 -2.11 -37.18 -37.70
N TYR C 89 -1.49 -36.43 -38.61
CA TYR C 89 -1.48 -35.01 -38.35
C TYR C 89 -2.23 -34.47 -39.55
N GLU C 90 -3.33 -33.79 -39.32
CA GLU C 90 -4.10 -33.35 -40.45
C GLU C 90 -3.42 -32.12 -41.02
N GLY C 91 -3.39 -32.03 -42.35
CA GLY C 91 -2.79 -30.88 -43.02
C GLY C 91 -1.27 -30.91 -42.88
N GLY C 92 -0.73 -32.08 -42.57
CA GLY C 92 0.69 -32.26 -42.38
C GLY C 92 1.23 -32.08 -40.97
N TRP C 93 2.55 -32.15 -40.85
CA TRP C 93 3.24 -32.08 -39.58
C TRP C 93 4.20 -30.91 -39.48
N THR C 94 4.10 -30.18 -38.38
CA THR C 94 5.00 -29.06 -38.09
C THR C 94 5.32 -29.17 -36.61
N GLN C 95 6.43 -28.59 -36.19
CA GLN C 95 6.84 -28.67 -34.79
C GLN C 95 5.77 -28.01 -33.92
N GLU C 96 5.22 -26.91 -34.42
CA GLU C 96 4.22 -26.18 -33.69
C GLU C 96 2.98 -27.07 -33.47
N LYS C 97 2.60 -27.79 -34.52
CA LYS C 97 1.41 -28.65 -34.54
C LYS C 97 1.59 -29.77 -33.49
N GLN C 98 2.83 -30.28 -33.47
CA GLN C 98 3.21 -31.35 -32.57
C GLN C 98 3.08 -30.85 -31.15
N TRP C 99 3.50 -29.61 -30.96
CA TRP C 99 3.49 -28.99 -29.66
C TRP C 99 2.07 -28.86 -29.18
N GLU C 100 1.19 -28.44 -30.09
CA GLU C 100 -0.23 -28.25 -29.75
C GLU C 100 -0.77 -29.57 -29.29
N ARG C 101 -0.44 -30.66 -29.98
CA ARG C 101 -0.94 -31.95 -29.52
C ARG C 101 -0.43 -32.31 -28.16
N GLU C 102 0.86 -32.11 -27.91
CA GLU C 102 1.36 -32.55 -26.62
C GLU C 102 0.67 -31.76 -25.53
N VAL C 103 0.49 -30.46 -25.72
CA VAL C 103 -0.17 -29.67 -24.69
C VAL C 103 -1.60 -30.12 -24.55
N ALA C 104 -2.30 -30.33 -25.66
CA ALA C 104 -3.73 -30.64 -25.62
C ALA C 104 -3.92 -31.96 -24.89
N GLN C 105 -3.07 -32.92 -25.20
CA GLN C 105 -3.11 -34.27 -24.63
C GLN C 105 -2.88 -34.13 -23.13
N ALA C 106 -1.92 -33.26 -22.79
CA ALA C 106 -1.56 -33.04 -21.39
C ALA C 106 -2.77 -32.43 -20.68
N ASP C 107 -3.41 -31.48 -21.34
CA ASP C 107 -4.56 -30.75 -20.81
C ASP C 107 -5.69 -31.73 -20.58
N GLU C 108 -5.91 -32.64 -21.52
CA GLU C 108 -6.96 -33.61 -21.33
C GLU C 108 -6.63 -34.52 -20.13
N LYS C 109 -5.38 -34.96 -20.05
CA LYS C 109 -4.95 -35.87 -18.98
C LYS C 109 -4.97 -35.29 -17.55
N TYR C 110 -4.46 -34.06 -17.44
CA TYR C 110 -4.24 -33.36 -16.18
C TYR C 110 -5.27 -32.31 -15.86
N GLY C 111 -6.14 -32.04 -16.83
CA GLY C 111 -7.06 -30.93 -16.72
C GLY C 111 -8.00 -31.14 -15.56
N PRO C 112 -8.49 -32.39 -15.39
CA PRO C 112 -9.42 -32.62 -14.29
C PRO C 112 -8.78 -32.35 -12.95
N ILE C 113 -7.52 -32.71 -12.75
CA ILE C 113 -6.88 -32.56 -11.45
C ILE C 113 -6.86 -31.08 -11.04
N PHE C 114 -6.52 -30.25 -12.02
CA PHE C 114 -6.49 -28.81 -11.86
C PHE C 114 -7.89 -28.32 -11.57
N ALA C 115 -8.83 -28.87 -12.33
CA ALA C 115 -10.22 -28.46 -12.26
C ALA C 115 -10.78 -28.78 -10.88
N LYS C 116 -10.40 -29.95 -10.37
CA LYS C 116 -10.89 -30.47 -9.12
C LYS C 116 -10.45 -29.52 -8.04
N TYR C 117 -9.18 -29.15 -8.12
CA TYR C 117 -8.60 -28.24 -7.12
C TYR C 117 -9.18 -26.84 -7.19
N ALA C 118 -9.47 -26.35 -8.40
CA ALA C 118 -9.93 -24.98 -8.59
C ALA C 118 -11.24 -24.71 -7.84
N ALA C 119 -12.15 -25.69 -7.85
CA ALA C 119 -13.42 -25.55 -7.16
C ALA C 119 -13.17 -25.37 -5.67
N MET C 120 -12.20 -26.10 -5.15
CA MET C 120 -11.90 -26.05 -3.72
C MET C 120 -11.30 -24.70 -3.30
N SER C 121 -11.60 -24.32 -2.07
CA SER C 121 -11.09 -23.10 -1.45
C SER C 121 -9.60 -23.30 -1.19
N VAL C 122 -8.84 -22.20 -1.17
CA VAL C 122 -7.40 -22.26 -1.03
C VAL C 122 -7.10 -22.97 0.28
N GLU C 123 -7.87 -22.60 1.29
CA GLU C 123 -7.73 -23.22 2.60
C GLU C 123 -8.07 -24.70 2.44
N GLU C 124 -9.08 -25.05 1.65
CA GLU C 124 -9.41 -26.48 1.44
C GLU C 124 -8.28 -27.24 0.75
N VAL C 125 -7.67 -26.62 -0.26
CA VAL C 125 -6.60 -27.24 -1.03
C VAL C 125 -5.41 -27.56 -0.14
N ALA C 126 -5.11 -26.68 0.82
CA ALA C 126 -3.93 -26.94 1.67
C ALA C 126 -4.11 -28.26 2.43
N GLN C 127 -5.34 -28.59 2.78
CA GLN C 127 -5.65 -29.78 3.56
C GLN C 127 -5.24 -31.03 2.80
N ASP C 128 -5.47 -31.03 1.49
CA ASP C 128 -5.17 -32.20 0.68
C ASP C 128 -3.66 -32.31 0.56
N PRO C 129 -3.09 -33.45 1.00
CA PRO C 129 -1.65 -33.68 0.90
C PRO C 129 -1.18 -33.77 -0.55
N GLN C 130 -2.03 -34.36 -1.38
CA GLN C 130 -1.70 -34.62 -2.77
C GLN C 130 -1.45 -33.28 -3.45
N ALA C 131 -2.36 -32.35 -3.12
CA ALA C 131 -2.31 -31.02 -3.65
C ALA C 131 -1.07 -30.27 -3.21
N VAL C 132 -0.73 -30.43 -1.92
CA VAL C 132 0.41 -29.73 -1.35
C VAL C 132 1.66 -30.15 -2.06
N LYS C 133 1.78 -31.45 -2.26
CA LYS C 133 2.97 -31.98 -2.89
C LYS C 133 3.10 -31.45 -4.31
N MET C 134 1.95 -31.34 -4.97
CA MET C 134 1.90 -30.74 -6.31
C MET C 134 2.34 -29.27 -6.29
N GLY C 135 1.85 -28.55 -5.28
CA GLY C 135 2.14 -27.14 -5.10
C GLY C 135 3.61 -26.96 -4.85
N ALA C 136 4.19 -27.83 -4.04
CA ALA C 136 5.61 -27.79 -3.69
C ALA C 136 6.43 -27.97 -4.95
N ARG C 137 5.94 -28.87 -5.80
CA ARG C 137 6.63 -29.18 -7.03
C ARG C 137 6.66 -27.89 -7.84
N LEU C 138 5.54 -27.19 -7.85
CA LEU C 138 5.43 -25.93 -8.60
C LEU C 138 6.38 -24.88 -8.00
N PHE C 139 6.44 -24.89 -6.68
CA PHE C 139 7.17 -23.89 -5.91
C PHE C 139 8.63 -23.99 -6.28
N ALA C 140 9.16 -25.21 -6.33
CA ALA C 140 10.60 -25.36 -6.55
C ALA C 140 11.00 -24.79 -7.92
N ASN C 141 10.18 -25.07 -8.93
CA ASN C 141 10.43 -24.60 -10.30
C ASN C 141 10.35 -23.10 -10.48
N TYR C 142 9.34 -22.49 -9.85
CA TYR C 142 9.08 -21.08 -10.10
C TYR C 142 9.35 -20.15 -8.93
N CYS C 143 9.37 -20.69 -7.72
CA CYS C 143 9.47 -19.80 -6.60
C CYS C 143 10.74 -19.93 -5.77
N SER C 144 11.46 -21.03 -5.99
CA SER C 144 12.61 -21.39 -5.15
C SER C 144 13.76 -20.44 -5.21
N ILE C 145 14.00 -19.90 -6.40
CA ILE C 145 15.22 -19.16 -6.63
C ILE C 145 15.28 -17.92 -5.71
N CYS C 146 14.15 -17.25 -5.44
CA CYS C 146 14.12 -16.05 -4.59
C CYS C 146 13.91 -16.42 -3.13
N HIS C 147 12.91 -17.28 -2.90
CA HIS C 147 12.43 -17.58 -1.56
C HIS C 147 13.13 -18.77 -0.93
N GLY C 148 14.16 -19.25 -1.61
CA GLY C 148 14.92 -20.38 -1.10
C GLY C 148 14.25 -21.68 -1.44
N SER C 149 15.05 -22.72 -1.63
CA SER C 149 14.50 -24.04 -1.88
C SER C 149 13.67 -24.60 -0.73
N ASP C 150 13.92 -24.08 0.47
CA ASP C 150 13.20 -24.45 1.68
C ASP C 150 12.07 -23.49 1.97
N ALA C 151 11.89 -22.52 1.07
CA ALA C 151 10.89 -21.46 1.20
C ALA C 151 11.12 -20.54 2.40
N LYS C 152 12.33 -20.60 2.97
CA LYS C 152 12.63 -19.86 4.18
C LYS C 152 13.43 -18.59 3.89
N GLY C 153 13.56 -18.25 2.61
CA GLY C 153 14.11 -16.98 2.18
C GLY C 153 15.55 -16.65 2.51
N SER C 154 15.91 -15.40 2.22
CA SER C 154 17.23 -14.85 2.49
C SER C 154 17.13 -13.33 2.55
N LEU C 155 18.25 -12.66 2.76
CA LEU C 155 18.27 -11.20 2.83
C LEU C 155 17.64 -10.54 1.61
N GLY C 156 16.54 -9.84 1.83
CA GLY C 156 15.81 -9.22 0.74
C GLY C 156 14.56 -9.99 0.37
N PHE C 157 14.47 -11.24 0.82
CA PHE C 157 13.40 -12.11 0.37
C PHE C 157 12.75 -12.86 1.52
N PRO C 158 11.43 -12.69 1.68
CA PRO C 158 10.63 -13.21 2.80
C PRO C 158 10.74 -14.71 3.01
N ASN C 159 10.72 -15.09 4.27
CA ASN C 159 10.58 -16.49 4.66
C ASN C 159 9.09 -16.79 4.61
N LEU C 160 8.69 -17.67 3.70
CA LEU C 160 7.27 -17.99 3.53
C LEU C 160 6.83 -19.13 4.45
N ALA C 161 7.80 -19.78 5.07
CA ALA C 161 7.53 -20.93 5.92
C ALA C 161 7.10 -20.49 7.34
N ASP C 162 7.59 -19.35 7.80
CA ASP C 162 7.29 -18.90 9.15
C ASP C 162 5.87 -18.34 9.32
N GLN C 163 5.59 -17.77 10.49
CA GLN C 163 4.27 -17.26 10.80
C GLN C 163 4.18 -15.74 10.62
N ASP C 164 5.24 -15.14 10.09
CA ASP C 164 5.26 -13.70 9.88
C ASP C 164 4.92 -13.36 8.43
N TRP C 165 3.86 -12.56 8.25
CA TRP C 165 3.43 -12.13 6.91
C TRP C 165 3.40 -10.61 6.81
N ARG C 166 3.98 -10.08 5.74
CA ARG C 166 4.03 -8.64 5.54
C ARG C 166 2.72 -8.13 4.96
N TRP C 167 2.18 -8.89 4.01
CA TRP C 167 0.95 -8.49 3.33
C TRP C 167 -0.27 -9.26 3.83
N GLY C 168 -0.10 -9.99 4.92
CA GLY C 168 -1.18 -10.80 5.46
C GLY C 168 -1.02 -12.25 5.09
N GLY C 169 -1.47 -13.13 5.97
CA GLY C 169 -1.23 -14.55 5.82
C GLY C 169 -2.49 -15.36 5.69
N ASP C 170 -3.60 -14.68 5.45
CA ASP C 170 -4.82 -15.39 5.10
C ASP C 170 -4.69 -15.89 3.68
N ALA C 171 -5.50 -16.87 3.33
CA ALA C 171 -5.49 -17.44 1.99
C ALA C 171 -5.59 -16.36 0.92
N ALA C 172 -6.59 -15.51 1.06
CA ALA C 172 -6.87 -14.49 0.05
C ALA C 172 -5.69 -13.54 -0.14
N SER C 173 -5.08 -13.14 0.96
CA SER C 173 -3.92 -12.25 0.88
C SER C 173 -2.75 -12.90 0.17
N ILE C 174 -2.43 -14.13 0.56
CA ILE C 174 -1.31 -14.85 -0.06
C ILE C 174 -1.54 -15.05 -1.56
N LYS C 175 -2.73 -15.54 -1.89
CA LYS C 175 -3.10 -15.73 -3.28
C LYS C 175 -3.00 -14.42 -4.06
N THR C 176 -3.43 -13.32 -3.45
CA THR C 176 -3.32 -12.02 -4.11
C THR C 176 -1.85 -11.66 -4.33
N SER C 177 -1.02 -11.91 -3.32
CA SER C 177 0.41 -11.65 -3.43
C SER C 177 0.99 -12.36 -4.64
N ILE C 178 0.62 -13.61 -4.82
CA ILE C 178 1.20 -14.42 -5.90
C ILE C 178 0.61 -14.01 -7.26
N LEU C 179 -0.70 -13.83 -7.27
CA LEU C 179 -1.42 -13.56 -8.51
C LEU C 179 -1.10 -12.19 -9.09
N ASN C 180 -1.24 -11.15 -8.28
CA ASN C 180 -1.08 -9.77 -8.75
C ASN C 180 0.29 -9.17 -8.47
N GLY C 181 1.10 -9.90 -7.72
CA GLY C 181 2.41 -9.41 -7.31
C GLY C 181 2.28 -8.37 -6.20
N ARG C 182 3.42 -7.86 -5.76
CA ARG C 182 3.45 -6.89 -4.69
C ARG C 182 4.67 -5.99 -4.78
N ILE C 183 4.49 -4.69 -4.63
CA ILE C 183 5.62 -3.80 -4.46
C ILE C 183 5.46 -3.00 -3.18
N ALA C 184 6.44 -3.10 -2.29
CA ALA C 184 6.42 -2.33 -1.06
C ALA C 184 7.15 -0.99 -1.28
N ALA C 185 6.84 -0.02 -0.43
CA ALA C 185 7.50 1.26 -0.53
C ALA C 185 7.80 1.89 0.84
N MET C 186 8.96 1.55 1.39
CA MET C 186 9.55 2.29 2.51
C MET C 186 10.17 3.51 1.90
N PRO C 187 9.63 4.68 2.24
CA PRO C 187 10.28 5.88 1.69
C PRO C 187 11.59 6.14 2.41
N ALA C 188 12.41 7.00 1.83
CA ALA C 188 13.71 7.31 2.41
C ALA C 188 13.60 8.46 3.40
N TRP C 189 14.19 8.29 4.58
CA TRP C 189 14.08 9.36 5.56
C TRP C 189 15.36 10.15 5.77
N GLY C 190 16.47 9.69 5.21
CA GLY C 190 17.74 10.39 5.27
C GLY C 190 17.65 11.90 5.27
N GLN C 191 17.16 12.46 4.17
CA GLN C 191 17.09 13.90 4.03
C GLN C 191 16.03 14.50 4.96
N ALA C 192 14.88 13.85 4.99
CA ALA C 192 13.73 14.33 5.75
C ALA C 192 13.96 14.40 7.26
N ILE C 193 14.73 13.44 7.75
CA ILE C 193 14.79 13.12 9.17
C ILE C 193 16.14 13.49 9.79
N GLY C 194 17.15 13.69 8.94
CA GLY C 194 18.50 13.99 9.39
C GLY C 194 19.26 12.71 9.74
N GLU C 195 20.57 12.73 9.56
CA GLU C 195 21.39 11.56 9.86
C GLU C 195 21.26 11.10 11.31
N GLU C 196 21.35 12.06 12.24
CA GLU C 196 21.16 11.78 13.65
C GLU C 196 19.76 11.23 13.92
N GLY C 197 18.79 11.76 13.19
CA GLY C 197 17.42 11.28 13.29
C GLY C 197 17.38 9.82 12.90
N VAL C 198 18.05 9.48 11.81
CA VAL C 198 18.14 8.10 11.33
C VAL C 198 18.73 7.20 12.41
N LYS C 199 19.89 7.58 12.94
CA LYS C 199 20.55 6.81 13.99
C LYS C 199 19.61 6.57 15.17
N ASN C 200 18.86 7.61 15.53
CA ASN C 200 17.96 7.52 16.67
C ASN C 200 16.76 6.59 16.46
N VAL C 201 15.99 6.76 15.37
CA VAL C 201 14.89 5.81 15.18
C VAL C 201 15.41 4.41 15.03
N ALA C 202 16.55 4.25 14.37
CA ALA C 202 17.12 2.94 14.18
C ALA C 202 17.33 2.30 15.55
N ALA C 203 18.03 3.02 16.43
CA ALA C 203 18.25 2.53 17.78
C ALA C 203 16.94 2.23 18.50
N PHE C 204 15.97 3.13 18.42
CA PHE C 204 14.68 2.92 19.06
C PHE C 204 13.95 1.65 18.58
N VAL C 205 13.90 1.46 17.26
CA VAL C 205 13.27 0.30 16.66
C VAL C 205 13.98 -0.96 17.11
N ARG C 206 15.31 -0.94 17.06
CA ARG C 206 16.06 -2.14 17.43
C ARG C 206 15.87 -2.51 18.90
N LYS C 207 16.15 -1.56 19.80
CA LYS C 207 16.05 -1.84 21.23
C LYS C 207 14.63 -1.87 21.74
N ASP C 208 13.94 -0.74 21.64
CA ASP C 208 12.64 -0.57 22.29
C ASP C 208 11.50 -1.33 21.60
N LEU C 209 11.51 -1.37 20.27
CA LEU C 209 10.47 -2.12 19.58
C LEU C 209 10.81 -3.59 19.40
N ALA C 210 11.98 -3.87 18.85
CA ALA C 210 12.33 -5.23 18.46
C ALA C 210 12.97 -6.04 19.58
N GLY C 211 13.27 -5.38 20.70
CA GLY C 211 13.82 -6.07 21.85
C GLY C 211 15.19 -6.66 21.62
N LEU C 212 15.97 -5.98 20.78
CA LEU C 212 17.33 -6.38 20.49
C LEU C 212 18.31 -5.45 21.20
N PRO C 213 19.43 -5.98 21.67
CA PRO C 213 20.30 -5.09 22.44
C PRO C 213 21.15 -4.19 21.56
N LEU C 214 21.52 -3.03 22.07
CA LEU C 214 22.33 -2.09 21.31
C LEU C 214 23.81 -2.38 21.48
N PRO C 215 24.60 -2.09 20.45
CA PRO C 215 26.05 -2.29 20.51
C PRO C 215 26.65 -1.44 21.60
N GLU C 216 27.69 -1.95 22.28
CA GLU C 216 28.21 -1.25 23.44
C GLU C 216 28.69 0.13 23.03
N GLY C 217 28.37 1.10 23.88
CA GLY C 217 28.64 2.50 23.60
C GLY C 217 28.19 2.99 22.23
N THR C 218 26.89 3.05 22.02
CA THR C 218 26.35 3.75 20.87
C THR C 218 25.34 4.74 21.40
N ASP C 219 25.84 5.90 21.82
CA ASP C 219 24.98 6.87 22.49
C ASP C 219 23.99 7.49 21.51
N ALA C 220 22.94 6.74 21.23
CA ALA C 220 21.82 7.28 20.47
C ALA C 220 20.75 7.79 21.41
N ASP C 221 20.07 8.85 20.99
CA ASP C 221 18.99 9.40 21.77
C ASP C 221 17.74 8.57 21.51
N LEU C 222 17.49 7.63 22.41
CA LEU C 222 16.37 6.72 22.25
C LEU C 222 15.03 7.44 22.40
N SER C 223 15.03 8.53 23.17
CA SER C 223 13.85 9.35 23.33
C SER C 223 13.53 10.04 22.02
N ALA C 224 14.58 10.60 21.41
CA ALA C 224 14.45 11.20 20.09
C ALA C 224 13.91 10.17 19.11
N GLY C 225 14.55 9.00 19.09
CA GLY C 225 14.09 7.91 18.28
C GLY C 225 12.60 7.62 18.44
N LYS C 226 12.18 7.48 19.70
CA LYS C 226 10.77 7.24 20.01
C LYS C 226 9.87 8.30 19.41
N ASN C 227 10.23 9.55 19.60
CA ASN C 227 9.43 10.64 19.09
C ASN C 227 9.36 10.65 17.57
N VAL C 228 10.50 10.41 16.94
CA VAL C 228 10.57 10.31 15.48
C VAL C 228 9.63 9.22 14.98
N TYR C 229 9.69 8.06 15.65
CA TYR C 229 8.89 6.92 15.27
C TYR C 229 7.42 7.30 15.35
N ALA C 230 7.02 7.91 16.45
CA ALA C 230 5.62 8.27 16.66
C ALA C 230 5.16 9.28 15.62
N GLN C 231 6.08 10.16 15.22
CA GLN C 231 5.75 11.21 14.28
C GLN C 231 5.57 10.71 12.87
N THR C 232 6.39 9.73 12.49
CA THR C 232 6.50 9.35 11.09
C THR C 232 6.21 7.88 10.83
N CYS C 233 6.94 7.04 11.54
CA CYS C 233 6.86 5.60 11.39
C CYS C 233 5.53 4.98 11.77
N ALA C 234 4.96 5.48 12.86
CA ALA C 234 3.80 4.87 13.44
C ALA C 234 2.66 4.88 12.45
N VAL C 235 2.73 5.81 11.50
CA VAL C 235 1.65 5.97 10.55
C VAL C 235 1.47 4.70 9.74
N CYS C 236 2.57 4.08 9.34
CA CYS C 236 2.48 2.88 8.51
C CYS C 236 2.74 1.61 9.30
N HIS C 237 3.71 1.65 10.21
CA HIS C 237 4.09 0.46 10.98
C HIS C 237 3.25 0.33 12.24
N GLY C 238 2.43 1.33 12.49
CA GLY C 238 1.63 1.41 13.69
C GLY C 238 2.56 1.84 14.82
N GLN C 239 1.99 2.36 15.89
CA GLN C 239 2.79 2.67 17.06
C GLN C 239 2.87 1.41 17.88
N GLY C 240 4.05 1.09 18.38
CA GLY C 240 4.31 -0.20 19.00
C GLY C 240 4.68 -1.23 17.94
N GLY C 241 4.72 -0.79 16.69
CA GLY C 241 5.17 -1.60 15.57
C GLY C 241 4.46 -2.91 15.26
N GLU C 242 3.14 -2.93 15.38
CA GLU C 242 2.30 -4.05 14.98
C GLU C 242 2.43 -4.24 13.47
N GLY C 243 2.53 -3.12 12.76
CA GLY C 243 2.75 -3.11 11.32
C GLY C 243 1.38 -3.16 10.67
N MET C 244 1.30 -2.78 9.41
CA MET C 244 0.03 -2.83 8.68
C MET C 244 0.15 -3.62 7.40
N ALA C 245 -0.60 -4.72 7.36
CA ALA C 245 -0.60 -5.66 6.24
C ALA C 245 -1.13 -5.02 4.98
N ALA C 246 -1.97 -4.01 5.14
CA ALA C 246 -2.54 -3.28 4.03
C ALA C 246 -1.46 -2.65 3.15
N LEU C 247 -0.42 -2.15 3.79
CA LEU C 247 0.65 -1.47 3.10
C LEU C 247 1.85 -2.37 2.86
N GLY C 248 1.78 -3.57 3.40
CA GLY C 248 2.91 -4.46 3.40
C GLY C 248 4.02 -3.93 4.30
N ALA C 249 3.66 -3.01 5.19
CA ALA C 249 4.57 -2.57 6.23
C ALA C 249 4.69 -3.66 7.30
N PRO C 250 5.90 -4.21 7.47
CA PRO C 250 6.16 -5.32 8.39
C PRO C 250 6.14 -4.85 9.84
N LYS C 251 5.86 -5.75 10.77
CA LYS C 251 5.88 -5.41 12.19
C LYS C 251 7.31 -5.16 12.65
N LEU C 252 7.46 -4.24 13.59
CA LEU C 252 8.78 -3.79 14.00
C LEU C 252 9.00 -4.19 15.44
N ASN C 253 8.01 -4.83 16.03
CA ASN C 253 8.11 -5.30 17.41
C ASN C 253 8.75 -6.69 17.50
N SER C 254 9.28 -7.17 16.37
CA SER C 254 10.01 -8.43 16.34
C SER C 254 10.86 -8.52 15.07
N ALA C 255 12.14 -8.80 15.24
CA ALA C 255 13.06 -8.86 14.10
C ALA C 255 12.85 -10.11 13.26
N ALA C 256 12.06 -11.04 13.80
CA ALA C 256 11.90 -12.36 13.19
C ALA C 256 11.54 -12.33 11.70
N GLY C 257 10.67 -11.41 11.32
CA GLY C 257 10.15 -11.34 9.97
C GLY C 257 10.81 -10.33 9.06
N TRP C 258 11.97 -9.84 9.49
CA TRP C 258 12.66 -8.79 8.76
C TRP C 258 13.49 -9.37 7.62
N ILE C 259 13.37 -8.78 6.45
CA ILE C 259 14.12 -9.28 5.29
C ILE C 259 15.36 -8.45 4.98
N TYR C 260 15.54 -7.32 5.67
CA TYR C 260 16.71 -6.48 5.40
C TYR C 260 17.72 -6.42 6.55
N GLY C 261 17.70 -7.43 7.41
CA GLY C 261 18.65 -7.47 8.51
C GLY C 261 18.14 -6.75 9.75
N SER C 262 18.83 -6.94 10.85
CA SER C 262 18.36 -6.43 12.13
C SER C 262 19.46 -5.70 12.85
N SER C 263 20.64 -5.64 12.24
CA SER C 263 21.75 -4.92 12.86
C SER C 263 21.43 -3.44 12.81
N LEU C 264 21.95 -2.70 13.79
CA LEU C 264 21.74 -1.27 13.85
C LEU C 264 22.05 -0.61 12.52
N GLY C 265 23.20 -0.94 11.95
CA GLY C 265 23.59 -0.40 10.66
C GLY C 265 22.63 -0.64 9.52
N GLN C 266 22.17 -1.88 9.40
CA GLN C 266 21.22 -2.25 8.34
C GLN C 266 19.91 -1.50 8.53
N LEU C 267 19.48 -1.38 9.77
CA LEU C 267 18.28 -0.65 10.09
C LEU C 267 18.48 0.80 9.65
N GLN C 268 19.66 1.33 9.93
CA GLN C 268 19.98 2.69 9.55
C GLN C 268 19.89 2.87 8.05
N GLN C 269 20.36 1.90 7.28
CA GLN C 269 20.33 2.00 5.82
C GLN C 269 18.91 1.90 5.27
N THR C 270 18.14 0.99 5.85
CA THR C 270 16.74 0.83 5.48
C THR C 270 16.03 2.15 5.68
N ILE C 271 16.17 2.70 6.89
CA ILE C 271 15.54 3.97 7.27
C ILE C 271 16.02 5.15 6.44
N ARG C 272 17.32 5.19 6.19
CA ARG C 272 17.93 6.31 5.51
C ARG C 272 17.56 6.37 4.04
N HIS C 273 17.63 5.23 3.35
CA HIS C 273 17.39 5.20 1.90
C HIS C 273 16.14 4.47 1.44
N GLY C 274 15.37 3.93 2.37
CA GLY C 274 14.13 3.25 2.04
C GLY C 274 14.30 1.85 1.47
N ARG C 275 13.17 1.21 1.17
CA ARG C 275 13.14 -0.12 0.59
C ARG C 275 12.01 -0.21 -0.42
N ASN C 276 12.24 -0.96 -1.50
CA ASN C 276 11.21 -1.20 -2.51
C ASN C 276 11.16 -2.64 -2.98
N GLY C 277 10.82 -3.55 -2.07
CA GLY C 277 10.72 -4.94 -2.41
C GLY C 277 9.70 -5.22 -3.49
N GLN C 278 10.03 -6.13 -4.39
CA GLN C 278 9.09 -6.52 -5.43
C GLN C 278 8.93 -8.01 -5.47
N MET C 279 7.67 -8.42 -5.43
CA MET C 279 7.21 -9.76 -5.62
C MET C 279 6.52 -9.74 -6.98
N PRO C 280 7.16 -10.34 -8.01
CA PRO C 280 6.63 -10.28 -9.37
C PRO C 280 5.28 -11.00 -9.51
N ALA C 281 4.41 -10.49 -10.38
CA ALA C 281 3.11 -11.11 -10.55
C ALA C 281 3.23 -12.38 -11.36
N GLN C 282 2.48 -13.41 -10.95
CA GLN C 282 2.56 -14.72 -11.58
C GLN C 282 1.34 -15.04 -12.45
N GLN C 283 0.35 -14.16 -12.39
CA GLN C 283 -0.87 -14.25 -13.19
C GLN C 283 -0.58 -14.56 -14.66
N GLN C 284 0.47 -13.95 -15.20
CA GLN C 284 0.83 -14.08 -16.61
C GLN C 284 1.64 -15.33 -16.89
N TYR C 285 2.65 -15.58 -16.06
CA TYR C 285 3.57 -16.69 -16.29
C TYR C 285 2.96 -18.03 -15.93
N LEU C 286 2.15 -18.07 -14.87
CA LEU C 286 1.70 -19.35 -14.36
C LEU C 286 0.21 -19.59 -14.53
N GLY C 287 -0.57 -18.52 -14.54
CA GLY C 287 -2.00 -18.67 -14.69
C GLY C 287 -2.71 -19.01 -13.39
N ASP C 288 -4.01 -18.77 -13.39
CA ASP C 288 -4.85 -18.93 -12.22
C ASP C 288 -4.70 -20.28 -11.51
N ASP C 289 -4.70 -21.36 -12.27
CA ASP C 289 -4.60 -22.71 -11.71
C ASP C 289 -3.33 -22.93 -10.88
N LYS C 290 -2.19 -22.86 -11.56
CA LYS C 290 -0.90 -22.95 -10.89
C LYS C 290 -0.81 -22.03 -9.70
N VAL C 291 -1.22 -20.77 -9.89
CA VAL C 291 -1.15 -19.79 -8.80
C VAL C 291 -1.98 -20.22 -7.60
N HIS C 292 -3.15 -20.78 -7.88
CA HIS C 292 -4.05 -21.27 -6.84
C HIS C 292 -3.37 -22.36 -6.02
N LEU C 293 -2.81 -23.34 -6.72
CA LEU C 293 -2.08 -24.41 -6.05
C LEU C 293 -0.91 -23.89 -5.22
N LEU C 294 -0.23 -22.87 -5.73
CA LEU C 294 0.91 -22.31 -5.03
C LEU C 294 0.48 -21.59 -3.77
N ALA C 295 -0.66 -20.90 -3.84
CA ALA C 295 -1.19 -20.21 -2.68
C ALA C 295 -1.52 -21.25 -1.62
N ALA C 296 -2.13 -22.34 -2.06
CA ALA C 296 -2.39 -23.45 -1.17
C ALA C 296 -1.13 -23.94 -0.50
N TYR C 297 -0.08 -24.16 -1.29
CA TYR C 297 1.19 -24.66 -0.76
C TYR C 297 1.79 -23.73 0.29
N VAL C 298 1.94 -22.46 -0.07
CA VAL C 298 2.53 -21.46 0.84
C VAL C 298 1.72 -21.38 2.13
N TYR C 299 0.39 -21.37 1.99
CA TYR C 299 -0.51 -21.41 3.14
C TYR C 299 -0.23 -22.62 4.02
N SER C 300 -0.07 -23.77 3.38
CA SER C 300 0.18 -25.03 4.08
C SER C 300 1.45 -24.97 4.92
N LEU C 301 2.51 -24.42 4.33
CA LEU C 301 3.81 -24.28 5.00
C LEU C 301 3.79 -23.92 6.49
N SER C 302 2.88 -23.03 6.87
CA SER C 302 2.84 -22.51 8.23
C SER C 302 1.78 -23.17 9.11
N GLN C 303 1.93 -24.49 9.28
CA GLN C 303 1.08 -25.36 10.10
C GLN C 303 1.31 -26.82 9.70
N ALA D 8 -42.53 -38.66 -45.64
CA ALA D 8 -41.99 -38.28 -44.34
C ALA D 8 -41.60 -36.81 -44.31
N TYR D 9 -42.09 -36.07 -43.31
CA TYR D 9 -41.81 -34.65 -43.22
C TYR D 9 -40.30 -34.40 -43.22
N SER D 10 -39.88 -33.37 -43.93
CA SER D 10 -38.48 -32.94 -43.92
C SER D 10 -38.19 -32.12 -42.66
N TYR D 11 -37.63 -32.79 -41.66
CA TYR D 11 -37.37 -32.15 -40.37
C TYR D 11 -35.97 -31.56 -40.24
N LYS D 12 -35.15 -31.76 -41.25
CA LYS D 12 -33.75 -31.33 -41.22
C LYS D 12 -33.61 -29.83 -40.99
N VAL D 13 -34.25 -29.06 -41.87
CA VAL D 13 -34.15 -27.61 -41.86
C VAL D 13 -34.72 -27.05 -40.55
N VAL D 14 -35.87 -27.58 -40.14
CA VAL D 14 -36.51 -27.20 -38.88
C VAL D 14 -35.56 -27.41 -37.70
N ARG D 15 -34.85 -28.53 -37.73
CA ARG D 15 -33.88 -28.85 -36.68
C ARG D 15 -32.80 -27.78 -36.60
N GLN D 16 -32.20 -27.51 -37.76
CA GLN D 16 -31.14 -26.51 -37.86
C GLN D 16 -31.61 -25.14 -37.34
N PHE D 17 -32.69 -24.65 -37.94
CA PHE D 17 -33.26 -23.37 -37.56
C PHE D 17 -33.70 -23.28 -36.09
N ALA D 18 -34.16 -24.38 -35.52
CA ALA D 18 -34.49 -24.41 -34.10
C ALA D 18 -33.25 -24.15 -33.25
N ILE D 19 -32.23 -24.99 -33.45
CA ILE D 19 -30.98 -24.86 -32.70
C ILE D 19 -30.42 -23.44 -32.83
N MET D 20 -30.33 -22.97 -34.08
CA MET D 20 -29.83 -21.63 -34.34
C MET D 20 -30.73 -20.55 -33.74
N THR D 21 -32.02 -20.82 -33.61
CA THR D 21 -32.92 -19.89 -32.95
C THR D 21 -32.51 -19.71 -31.51
N VAL D 22 -32.19 -20.82 -30.84
CA VAL D 22 -31.73 -20.71 -29.45
C VAL D 22 -30.38 -19.99 -29.37
N VAL D 23 -29.47 -20.35 -30.29
CA VAL D 23 -28.14 -19.75 -30.32
C VAL D 23 -28.17 -18.23 -30.50
N TRP D 24 -28.90 -17.80 -31.52
CA TRP D 24 -29.02 -16.37 -31.82
C TRP D 24 -29.83 -15.66 -30.75
N GLY D 25 -30.79 -16.35 -30.15
CA GLY D 25 -31.45 -15.85 -28.96
C GLY D 25 -30.43 -15.42 -27.93
N ILE D 26 -29.57 -16.36 -27.56
CA ILE D 26 -28.50 -16.10 -26.62
C ILE D 26 -27.63 -14.91 -27.04
N VAL D 27 -27.05 -14.99 -28.24
CA VAL D 27 -26.15 -13.94 -28.72
C VAL D 27 -26.79 -12.55 -28.72
N GLY D 28 -27.99 -12.47 -29.26
CA GLY D 28 -28.71 -11.21 -29.41
C GLY D 28 -29.11 -10.59 -28.09
N MET D 29 -29.71 -11.39 -27.22
CA MET D 29 -30.16 -10.87 -25.92
C MET D 29 -28.98 -10.57 -25.02
N GLY D 30 -27.89 -11.31 -25.22
CA GLY D 30 -26.62 -11.02 -24.58
C GLY D 30 -26.17 -9.62 -24.96
N LEU D 31 -26.10 -9.38 -26.27
CA LEU D 31 -25.82 -8.04 -26.79
C LEU D 31 -26.71 -7.00 -26.13
N GLY D 32 -28.00 -7.32 -26.01
CA GLY D 32 -28.94 -6.45 -25.34
C GLY D 32 -28.52 -6.08 -23.94
N VAL D 33 -28.29 -7.09 -23.11
CA VAL D 33 -27.82 -6.89 -21.73
C VAL D 33 -26.58 -6.00 -21.73
N PHE D 34 -25.66 -6.29 -22.63
CA PHE D 34 -24.40 -5.56 -22.68
C PHE D 34 -24.58 -4.08 -22.97
N ILE D 35 -25.31 -3.76 -24.04
CA ILE D 35 -25.51 -2.36 -24.38
C ILE D 35 -26.37 -1.64 -23.33
N ALA D 36 -27.24 -2.38 -22.64
CA ALA D 36 -27.99 -1.82 -21.52
C ALA D 36 -27.02 -1.40 -20.42
N ALA D 37 -26.05 -2.27 -20.18
CA ALA D 37 -25.02 -2.01 -19.20
C ALA D 37 -24.17 -0.81 -19.63
N GLN D 38 -23.95 -0.67 -20.94
CA GLN D 38 -23.24 0.47 -21.47
C GLN D 38 -24.00 1.74 -21.19
N LEU D 39 -25.32 1.68 -21.28
CA LEU D 39 -26.14 2.85 -20.99
C LEU D 39 -26.08 3.17 -19.50
N ALA D 40 -25.85 2.15 -18.68
CA ALA D 40 -25.73 2.37 -17.25
C ALA D 40 -24.32 2.85 -16.89
N TRP D 41 -23.32 2.18 -17.47
CA TRP D 41 -21.93 2.42 -17.12
C TRP D 41 -21.08 2.54 -18.37
N PRO D 42 -20.89 3.78 -18.86
CA PRO D 42 -20.31 4.08 -20.17
C PRO D 42 -18.91 3.53 -20.40
N PHE D 43 -18.21 3.16 -19.33
CA PHE D 43 -16.85 2.64 -19.46
C PHE D 43 -16.86 1.35 -20.26
N LEU D 44 -18.02 0.69 -20.28
CA LEU D 44 -18.19 -0.56 -20.98
C LEU D 44 -18.18 -0.37 -22.49
N ASN D 45 -18.09 0.88 -22.92
CA ASN D 45 -17.87 1.18 -24.32
C ASN D 45 -16.44 0.80 -24.71
N PHE D 46 -15.54 0.88 -23.72
CA PHE D 46 -14.14 0.46 -23.85
C PHE D 46 -13.31 1.27 -24.86
N ASP D 47 -13.74 2.49 -25.17
CA ASP D 47 -13.06 3.35 -26.13
C ASP D 47 -12.62 2.63 -27.40
N LEU D 48 -13.45 1.69 -27.84
CA LEU D 48 -13.22 0.98 -29.09
C LEU D 48 -14.40 1.23 -30.01
N PRO D 49 -14.11 1.52 -31.28
CA PRO D 49 -15.15 1.80 -32.28
C PRO D 49 -16.13 0.64 -32.47
N TRP D 50 -15.64 -0.59 -32.42
CA TRP D 50 -16.47 -1.76 -32.72
C TRP D 50 -17.28 -2.23 -31.54
N THR D 51 -17.00 -1.67 -30.36
CA THR D 51 -17.69 -2.10 -29.15
C THR D 51 -18.45 -0.96 -28.51
N SER D 52 -18.43 0.20 -29.17
CA SER D 52 -19.18 1.36 -28.71
C SER D 52 -20.68 1.13 -28.93
N PHE D 53 -21.48 1.80 -28.11
CA PHE D 53 -22.93 1.64 -28.12
C PHE D 53 -23.55 1.89 -29.48
N GLY D 54 -23.15 2.99 -30.11
CA GLY D 54 -23.72 3.41 -31.38
C GLY D 54 -23.69 2.33 -32.44
N ARG D 55 -22.65 1.51 -32.41
CA ARG D 55 -22.48 0.45 -33.40
C ARG D 55 -23.09 -0.85 -32.95
N LEU D 56 -22.96 -1.16 -31.67
CA LEU D 56 -23.49 -2.41 -31.16
C LEU D 56 -25.03 -2.44 -31.15
N ARG D 57 -25.65 -1.27 -30.94
CA ARG D 57 -27.12 -1.19 -30.85
C ARG D 57 -27.82 -1.83 -32.06
N PRO D 58 -27.55 -1.35 -33.30
CA PRO D 58 -28.23 -2.01 -34.42
C PRO D 58 -27.85 -3.48 -34.57
N LEU D 59 -26.71 -3.90 -34.01
CA LEU D 59 -26.35 -5.31 -33.96
C LEU D 59 -27.35 -6.04 -33.06
N HIS D 60 -27.58 -5.52 -31.86
CA HIS D 60 -28.60 -6.07 -30.97
C HIS D 60 -29.92 -6.18 -31.71
N THR D 61 -30.33 -5.07 -32.30
CA THR D 61 -31.56 -5.00 -33.07
C THR D 61 -31.70 -6.11 -34.13
N ASN D 62 -30.74 -6.18 -35.05
CA ASN D 62 -30.82 -7.12 -36.16
C ASN D 62 -30.66 -8.57 -35.72
N ALA D 63 -29.71 -8.82 -34.82
CA ALA D 63 -29.51 -10.15 -34.25
C ALA D 63 -30.78 -10.64 -33.57
N VAL D 64 -31.45 -9.73 -32.87
CA VAL D 64 -32.57 -10.14 -32.05
C VAL D 64 -33.86 -10.30 -32.89
N ILE D 65 -34.02 -9.47 -33.92
CA ILE D 65 -35.21 -9.56 -34.77
C ILE D 65 -35.01 -10.56 -35.90
N PHE D 66 -34.01 -10.32 -36.74
CA PHE D 66 -33.80 -11.12 -37.94
C PHE D 66 -33.08 -12.44 -37.68
N ALA D 67 -32.16 -12.46 -36.73
CA ALA D 67 -31.50 -13.73 -36.41
C ALA D 67 -32.37 -14.57 -35.47
N PHE D 68 -32.69 -14.04 -34.29
CA PHE D 68 -33.52 -14.77 -33.34
C PHE D 68 -34.95 -14.95 -33.82
N GLY D 69 -35.69 -13.85 -33.92
CA GLY D 69 -37.05 -13.86 -34.44
C GLY D 69 -37.14 -14.51 -35.80
N GLY D 70 -36.21 -14.15 -36.67
CA GLY D 70 -36.12 -14.74 -37.99
C GLY D 70 -36.02 -16.25 -37.99
N CYS D 71 -35.03 -16.78 -37.28
CA CYS D 71 -34.81 -18.22 -37.25
C CYS D 71 -35.99 -18.92 -36.60
N ALA D 72 -36.56 -18.27 -35.59
CA ALA D 72 -37.79 -18.77 -34.97
C ALA D 72 -38.88 -18.92 -36.02
N LEU D 73 -39.02 -17.90 -36.86
CA LEU D 73 -40.01 -17.89 -37.93
C LEU D 73 -39.76 -18.98 -38.94
N PHE D 74 -38.50 -19.19 -39.32
CA PHE D 74 -38.16 -20.27 -40.24
C PHE D 74 -38.49 -21.65 -39.68
N ALA D 75 -37.97 -21.96 -38.50
CA ALA D 75 -38.21 -23.25 -37.88
C ALA D 75 -39.70 -23.51 -37.72
N THR D 76 -40.38 -22.51 -37.17
CA THR D 76 -41.80 -22.62 -36.91
C THR D 76 -42.60 -22.80 -38.19
N SER D 77 -42.39 -21.94 -39.17
CA SER D 77 -43.14 -22.00 -40.43
C SER D 77 -42.88 -23.32 -41.17
N TYR D 78 -41.62 -23.75 -41.23
CA TYR D 78 -41.28 -24.99 -41.92
C TYR D 78 -41.91 -26.21 -41.25
N TYR D 79 -41.94 -26.22 -39.92
CA TYR D 79 -42.63 -27.28 -39.18
C TYR D 79 -44.16 -27.21 -39.41
N SER D 80 -44.71 -26.07 -39.00
CA SER D 80 -46.14 -25.78 -39.06
C SER D 80 -46.77 -26.02 -40.41
N VAL D 81 -46.24 -25.43 -41.48
CA VAL D 81 -46.86 -25.60 -42.80
C VAL D 81 -46.90 -27.08 -43.20
N GLN D 82 -45.77 -27.76 -43.03
CA GLN D 82 -45.64 -29.17 -43.38
C GLN D 82 -46.71 -29.99 -42.71
N ARG D 83 -46.88 -29.83 -41.40
CA ARG D 83 -47.89 -30.64 -40.73
C ARG D 83 -49.32 -30.17 -41.02
N THR D 84 -49.53 -28.86 -40.98
CA THR D 84 -50.84 -28.26 -41.15
C THR D 84 -51.44 -28.49 -42.54
N CYS D 85 -50.65 -28.89 -43.53
CA CYS D 85 -51.28 -29.28 -44.79
C CYS D 85 -50.77 -30.63 -45.28
N GLN D 86 -49.93 -31.25 -44.46
CA GLN D 86 -49.63 -32.68 -44.55
C GLN D 86 -48.88 -33.10 -45.80
N THR D 87 -47.78 -32.39 -46.09
CA THR D 87 -46.83 -32.83 -47.12
C THR D 87 -45.42 -32.38 -46.75
N THR D 88 -44.43 -33.04 -47.36
CA THR D 88 -43.03 -32.68 -47.18
C THR D 88 -42.80 -31.30 -47.79
N LEU D 89 -41.90 -30.52 -47.20
CA LEU D 89 -41.59 -29.18 -47.67
C LEU D 89 -41.23 -29.13 -49.14
N PHE D 90 -41.83 -28.19 -49.86
CA PHE D 90 -41.56 -28.06 -51.28
C PHE D 90 -40.11 -27.70 -51.42
N ALA D 91 -39.44 -28.32 -52.38
CA ALA D 91 -38.07 -27.97 -52.74
C ALA D 91 -37.21 -27.96 -51.49
N PRO D 92 -37.11 -29.10 -50.78
CA PRO D 92 -36.49 -29.07 -49.45
C PRO D 92 -35.05 -28.54 -49.48
N LYS D 93 -34.34 -28.88 -50.55
CA LYS D 93 -32.96 -28.45 -50.70
C LYS D 93 -32.92 -26.92 -50.73
N LEU D 94 -33.82 -26.31 -51.50
CA LEU D 94 -33.97 -24.86 -51.54
C LEU D 94 -34.15 -24.28 -50.13
N ALA D 95 -34.80 -25.07 -49.26
CA ALA D 95 -34.97 -24.71 -47.85
C ALA D 95 -33.64 -24.76 -47.13
N ALA D 96 -32.84 -25.77 -47.42
CA ALA D 96 -31.50 -25.84 -46.84
C ALA D 96 -30.73 -24.59 -47.24
N PHE D 97 -30.86 -24.22 -48.51
CA PHE D 97 -30.31 -22.96 -48.99
C PHE D 97 -30.80 -21.79 -48.16
N THR D 98 -32.10 -21.70 -47.90
CA THR D 98 -32.60 -20.59 -47.10
C THR D 98 -31.99 -20.61 -45.70
N PHE D 99 -31.60 -21.79 -45.22
CA PHE D 99 -30.94 -21.86 -43.93
C PHE D 99 -29.54 -21.27 -44.00
N TRP D 100 -28.67 -21.87 -44.78
CA TRP D 100 -27.29 -21.37 -44.85
C TRP D 100 -27.21 -19.93 -45.33
N GLY D 101 -28.10 -19.59 -46.26
CA GLY D 101 -28.29 -18.22 -46.71
C GLY D 101 -28.60 -17.27 -45.56
N TRP D 102 -29.59 -17.63 -44.76
CA TRP D 102 -29.98 -16.78 -43.63
C TRP D 102 -28.84 -16.65 -42.62
N GLN D 103 -28.12 -17.75 -42.41
CA GLN D 103 -26.99 -17.76 -41.49
C GLN D 103 -25.89 -16.83 -42.00
N LEU D 104 -25.64 -16.89 -43.30
CA LEU D 104 -24.67 -16.02 -43.94
C LEU D 104 -25.08 -14.56 -43.78
N VAL D 105 -26.39 -14.30 -43.90
CA VAL D 105 -26.92 -12.96 -43.67
C VAL D 105 -26.59 -12.49 -42.26
N ILE D 106 -26.92 -13.32 -41.26
CA ILE D 106 -26.68 -12.97 -39.87
C ILE D 106 -25.19 -12.73 -39.57
N LEU D 107 -24.35 -13.63 -40.06
CA LEU D 107 -22.90 -13.53 -39.85
C LEU D 107 -22.35 -12.26 -40.51
N LEU D 108 -22.87 -11.94 -41.69
CA LEU D 108 -22.50 -10.72 -42.39
C LEU D 108 -22.91 -9.48 -41.60
N ALA D 109 -24.08 -9.54 -40.97
CA ALA D 109 -24.51 -8.47 -40.07
C ALA D 109 -23.53 -8.30 -38.93
N ALA D 110 -23.19 -9.44 -38.31
CA ALA D 110 -22.29 -9.49 -37.16
C ALA D 110 -20.93 -8.86 -37.49
N ILE D 111 -20.42 -9.14 -38.68
CA ILE D 111 -19.15 -8.55 -39.09
C ILE D 111 -19.29 -7.08 -39.49
N SER D 112 -20.29 -6.79 -40.32
CA SER D 112 -20.41 -5.48 -40.94
C SER D 112 -20.83 -4.34 -40.01
N LEU D 113 -21.74 -4.62 -39.06
CA LEU D 113 -22.26 -3.53 -38.24
C LEU D 113 -21.26 -2.93 -37.23
N PRO D 114 -20.49 -3.77 -36.51
CA PRO D 114 -19.48 -3.16 -35.64
C PRO D 114 -18.34 -2.52 -36.41
N LEU D 115 -18.12 -2.99 -37.63
CA LEU D 115 -17.14 -2.40 -38.53
C LEU D 115 -17.58 -1.02 -39.03
N GLY D 116 -18.84 -0.69 -38.80
CA GLY D 116 -19.38 0.63 -39.12
C GLY D 116 -20.13 0.76 -40.42
N PHE D 117 -20.35 -0.33 -41.13
CA PHE D 117 -21.12 -0.22 -42.36
C PHE D 117 -22.61 -0.35 -42.11
N THR D 118 -23.29 0.78 -41.94
CA THR D 118 -24.72 0.74 -41.68
C THR D 118 -25.43 1.75 -42.57
N SER D 119 -26.63 1.41 -43.01
CA SER D 119 -27.46 2.34 -43.79
C SER D 119 -27.96 3.48 -42.92
N SER D 120 -28.12 3.21 -41.62
CA SER D 120 -28.69 4.15 -40.64
C SER D 120 -30.21 4.13 -40.67
N LYS D 121 -30.78 3.21 -41.43
CA LYS D 121 -32.22 3.10 -41.49
C LYS D 121 -32.53 1.98 -40.52
N GLU D 122 -33.42 2.25 -39.59
CA GLU D 122 -33.71 1.32 -38.50
C GLU D 122 -34.33 0.03 -39.01
N TYR D 123 -33.75 -1.09 -38.55
CA TYR D 123 -34.20 -2.45 -38.92
C TYR D 123 -34.00 -2.72 -40.41
N ALA D 124 -33.18 -1.89 -41.04
CA ALA D 124 -32.82 -2.04 -42.44
C ALA D 124 -31.38 -1.58 -42.59
N GLU D 125 -30.63 -1.76 -41.51
CA GLU D 125 -29.32 -1.12 -41.37
C GLU D 125 -28.22 -1.73 -42.23
N LEU D 126 -28.37 -2.99 -42.61
CA LEU D 126 -27.37 -3.68 -43.41
C LEU D 126 -27.24 -3.06 -44.80
N GLU D 127 -26.02 -3.00 -45.32
CA GLU D 127 -25.76 -2.34 -46.60
C GLU D 127 -26.19 -3.15 -47.81
N TRP D 128 -26.21 -2.50 -48.97
CA TRP D 128 -26.83 -3.03 -50.18
C TRP D 128 -26.44 -4.45 -50.63
N PRO D 129 -25.15 -4.86 -50.50
CA PRO D 129 -24.90 -6.23 -50.97
C PRO D 129 -25.66 -7.26 -50.13
N ILE D 130 -25.73 -6.99 -48.83
CA ILE D 130 -26.43 -7.85 -47.90
C ILE D 130 -27.93 -7.76 -48.18
N ASP D 131 -28.42 -6.59 -48.57
CA ASP D 131 -29.83 -6.47 -48.95
C ASP D 131 -30.17 -7.31 -50.18
N ILE D 132 -29.25 -7.37 -51.14
CA ILE D 132 -29.42 -8.23 -52.31
C ILE D 132 -29.47 -9.70 -51.86
N LEU D 133 -28.53 -10.08 -51.02
CA LEU D 133 -28.46 -11.45 -50.50
C LEU D 133 -29.77 -11.84 -49.79
N ILE D 134 -30.19 -10.97 -48.88
CA ILE D 134 -31.46 -11.10 -48.18
C ILE D 134 -32.60 -11.31 -49.16
N THR D 135 -32.69 -10.44 -50.17
CA THR D 135 -33.72 -10.56 -51.19
C THR D 135 -33.73 -11.94 -51.83
N ILE D 136 -32.54 -12.44 -52.18
CA ILE D 136 -32.42 -13.76 -52.79
C ILE D 136 -32.94 -14.87 -51.87
N VAL D 137 -32.43 -14.87 -50.63
CA VAL D 137 -32.81 -15.87 -49.65
C VAL D 137 -34.32 -15.85 -49.37
N TRP D 138 -34.88 -14.65 -49.29
CA TRP D 138 -36.31 -14.47 -49.04
C TRP D 138 -37.15 -14.98 -50.20
N VAL D 139 -36.74 -14.66 -51.43
CA VAL D 139 -37.43 -15.19 -52.60
C VAL D 139 -37.45 -16.72 -52.54
N ALA D 140 -36.30 -17.31 -52.23
CA ALA D 140 -36.19 -18.77 -52.09
C ALA D 140 -37.15 -19.31 -51.03
N TYR D 141 -37.18 -18.63 -49.88
CA TYR D 141 -38.05 -18.99 -48.77
C TYR D 141 -39.52 -18.95 -49.17
N ALA D 142 -39.90 -17.89 -49.87
CA ALA D 142 -41.25 -17.74 -50.42
C ALA D 142 -41.61 -18.90 -51.33
N VAL D 143 -40.69 -19.26 -52.22
CA VAL D 143 -40.91 -20.38 -53.13
C VAL D 143 -41.15 -21.68 -52.36
N VAL D 144 -40.32 -21.92 -51.34
CA VAL D 144 -40.45 -23.12 -50.53
C VAL D 144 -41.80 -23.18 -49.81
N PHE D 145 -42.17 -22.08 -49.16
CA PHE D 145 -43.40 -22.04 -48.37
C PHE D 145 -44.66 -22.12 -49.23
N PHE D 146 -44.83 -21.15 -50.13
CA PHE D 146 -46.03 -21.12 -50.97
C PHE D 146 -46.12 -22.34 -51.86
N GLY D 147 -44.97 -22.91 -52.18
CA GLY D 147 -44.95 -24.18 -52.87
C GLY D 147 -45.48 -25.32 -52.03
N THR D 148 -45.08 -25.36 -50.76
CA THR D 148 -45.54 -26.41 -49.86
C THR D 148 -47.05 -26.29 -49.72
N LEU D 149 -47.53 -25.06 -49.65
CA LEU D 149 -48.98 -24.82 -49.70
C LEU D 149 -49.58 -25.36 -50.99
N ALA D 150 -48.98 -25.00 -52.12
CA ALA D 150 -49.47 -25.36 -53.45
C ALA D 150 -49.57 -26.86 -53.71
N LYS D 151 -48.85 -27.66 -52.94
CA LYS D 151 -48.90 -29.10 -53.11
C LYS D 151 -49.40 -29.79 -51.85
N ARG D 152 -50.32 -29.14 -51.16
CA ARG D 152 -50.95 -29.69 -49.96
C ARG D 152 -51.89 -30.86 -50.28
N LYS D 153 -52.48 -31.42 -49.23
CA LYS D 153 -53.45 -32.50 -49.38
C LYS D 153 -54.88 -32.03 -49.18
N VAL D 154 -55.13 -31.32 -48.08
CA VAL D 154 -56.46 -30.82 -47.78
C VAL D 154 -56.85 -29.74 -48.76
N LYS D 155 -58.14 -29.59 -48.98
CA LYS D 155 -58.65 -28.54 -49.86
C LYS D 155 -58.39 -27.17 -49.25
N HIS D 156 -58.66 -27.09 -47.96
CA HIS D 156 -58.54 -25.84 -47.23
C HIS D 156 -57.13 -25.50 -46.72
N ILE D 157 -56.83 -24.22 -46.61
CA ILE D 157 -55.58 -23.72 -46.00
C ILE D 157 -55.80 -23.12 -44.61
N TYR D 158 -55.10 -23.65 -43.61
CA TYR D 158 -55.20 -23.17 -42.23
C TYR D 158 -54.87 -21.69 -42.11
N VAL D 159 -55.58 -20.99 -41.24
CA VAL D 159 -55.43 -19.53 -41.10
C VAL D 159 -54.01 -19.15 -40.65
N GLY D 160 -53.33 -20.07 -39.96
CA GLY D 160 -51.95 -19.87 -39.55
C GLY D 160 -51.09 -19.57 -40.76
N ASN D 161 -51.39 -20.25 -41.86
CA ASN D 161 -50.65 -20.04 -43.11
C ASN D 161 -51.14 -18.82 -43.87
N TRP D 162 -52.32 -18.30 -43.51
CA TRP D 162 -52.73 -17.01 -44.04
C TRP D 162 -51.75 -16.01 -43.47
N PHE D 163 -51.54 -16.11 -42.16
CA PHE D 163 -50.63 -15.18 -41.51
C PHE D 163 -49.18 -15.35 -41.95
N PHE D 164 -48.68 -16.58 -41.98
CA PHE D 164 -47.33 -16.84 -42.47
C PHE D 164 -47.13 -16.33 -43.91
N GLY D 165 -47.98 -16.79 -44.82
CA GLY D 165 -47.94 -16.37 -46.21
C GLY D 165 -47.90 -14.86 -46.38
N ALA D 166 -48.85 -14.20 -45.72
CA ALA D 166 -48.95 -12.75 -45.75
C ALA D 166 -47.62 -12.14 -45.33
N PHE D 167 -47.22 -12.48 -44.11
CA PHE D 167 -45.94 -12.05 -43.55
C PHE D 167 -44.80 -12.15 -44.57
N ILE D 168 -44.70 -13.29 -45.25
CA ILE D 168 -43.63 -13.49 -46.22
C ILE D 168 -43.71 -12.49 -47.38
N LEU D 169 -44.87 -12.44 -48.03
CA LEU D 169 -45.03 -11.55 -49.19
C LEU D 169 -44.77 -10.08 -48.84
N THR D 170 -45.47 -9.58 -47.83
CA THR D 170 -45.41 -8.17 -47.51
C THR D 170 -44.02 -7.79 -46.96
N VAL D 171 -43.37 -8.71 -46.26
CA VAL D 171 -42.00 -8.46 -45.82
C VAL D 171 -41.10 -8.32 -47.05
N ALA D 172 -41.30 -9.17 -48.05
CA ALA D 172 -40.54 -9.05 -49.30
C ALA D 172 -40.71 -7.66 -49.92
N ILE D 173 -41.96 -7.25 -50.11
CA ILE D 173 -42.25 -5.92 -50.66
C ILE D 173 -41.60 -4.80 -49.85
N LEU D 174 -41.91 -4.76 -48.56
CA LEU D 174 -41.30 -3.85 -47.60
C LEU D 174 -39.80 -3.69 -47.80
N HIS D 175 -39.11 -4.83 -47.75
CA HIS D 175 -37.65 -4.89 -47.81
C HIS D 175 -37.14 -4.32 -49.12
N VAL D 176 -37.73 -4.75 -50.23
CA VAL D 176 -37.25 -4.26 -51.52
C VAL D 176 -37.45 -2.76 -51.66
N VAL D 177 -38.67 -2.28 -51.36
CA VAL D 177 -38.99 -0.85 -51.49
C VAL D 177 -38.10 0.05 -50.62
N ASN D 178 -38.01 -0.27 -49.34
CA ASN D 178 -37.30 0.60 -48.40
C ASN D 178 -35.78 0.52 -48.54
N ASN D 179 -35.28 -0.45 -49.29
CA ASN D 179 -33.84 -0.57 -49.48
C ASN D 179 -33.36 -0.22 -50.89
N LEU D 180 -34.19 0.49 -51.64
CA LEU D 180 -33.74 1.09 -52.89
C LEU D 180 -32.70 2.17 -52.59
N GLU D 181 -31.50 2.00 -53.13
CA GLU D 181 -30.38 2.85 -52.75
C GLU D 181 -29.28 2.84 -53.81
N ILE D 182 -28.75 4.02 -54.14
CA ILE D 182 -27.62 4.09 -55.05
C ILE D 182 -26.35 3.65 -54.36
N PRO D 183 -25.69 2.61 -54.89
CA PRO D 183 -24.39 2.21 -54.34
C PRO D 183 -23.28 3.17 -54.73
N VAL D 184 -22.48 3.56 -53.75
CA VAL D 184 -21.31 4.41 -53.99
C VAL D 184 -20.04 3.55 -54.02
N THR D 185 -19.89 2.72 -53.01
CA THR D 185 -18.79 1.76 -52.93
C THR D 185 -19.31 0.39 -52.50
N ALA D 186 -18.38 -0.50 -52.18
CA ALA D 186 -18.72 -1.87 -51.76
C ALA D 186 -19.75 -1.90 -50.64
N MET D 187 -19.46 -1.17 -49.56
CA MET D 187 -20.32 -1.21 -48.38
C MET D 187 -20.87 0.17 -48.01
N LYS D 188 -21.22 0.97 -49.01
CA LYS D 188 -21.78 2.29 -48.75
C LYS D 188 -22.79 2.66 -49.83
N SER D 189 -24.02 2.96 -49.43
CA SER D 189 -25.03 3.40 -50.37
C SER D 189 -25.82 4.59 -49.83
N TYR D 190 -26.45 5.34 -50.72
CA TYR D 190 -27.36 6.41 -50.31
C TYR D 190 -28.80 6.06 -50.63
N SER D 191 -29.69 6.33 -49.68
CA SER D 191 -31.11 6.08 -49.87
C SER D 191 -31.67 6.78 -51.09
N LEU D 192 -32.60 6.12 -51.77
CA LEU D 192 -33.30 6.70 -52.91
C LEU D 192 -34.05 7.96 -52.48
N TYR D 193 -34.54 7.93 -51.24
CA TYR D 193 -35.41 8.99 -50.73
C TYR D 193 -34.67 9.92 -49.79
N ALA D 194 -35.30 11.05 -49.44
CA ALA D 194 -34.71 11.99 -48.49
C ALA D 194 -35.80 12.66 -47.65
N GLY D 195 -35.39 13.29 -46.56
CA GLY D 195 -36.29 14.04 -45.70
C GLY D 195 -37.55 13.32 -45.30
N ALA D 196 -38.67 14.04 -45.36
CA ALA D 196 -39.97 13.53 -44.94
C ALA D 196 -40.35 12.27 -45.72
N THR D 197 -40.02 12.25 -47.01
CA THR D 197 -40.34 11.11 -47.86
C THR D 197 -39.59 9.87 -47.39
N ASP D 198 -38.29 10.03 -47.15
CA ASP D 198 -37.48 8.95 -46.63
C ASP D 198 -38.01 8.48 -45.28
N ALA D 199 -38.39 9.43 -44.43
CA ALA D 199 -38.94 9.11 -43.13
C ALA D 199 -40.18 8.23 -43.25
N MET D 200 -41.05 8.59 -44.18
CA MET D 200 -42.28 7.86 -44.37
C MET D 200 -42.06 6.46 -44.93
N VAL D 201 -41.26 6.35 -45.99
CA VAL D 201 -40.91 5.03 -46.51
C VAL D 201 -40.30 4.18 -45.39
N GLN D 202 -39.44 4.83 -44.61
CA GLN D 202 -38.73 4.20 -43.52
C GLN D 202 -39.65 3.63 -42.46
N TRP D 203 -40.68 4.37 -42.06
CA TRP D 203 -41.54 3.87 -40.98
C TRP D 203 -42.76 3.10 -41.45
N TRP D 204 -43.07 3.20 -42.73
CA TRP D 204 -43.97 2.25 -43.37
C TRP D 204 -43.29 0.89 -43.27
N TYR D 205 -42.04 0.87 -43.71
CA TYR D 205 -41.22 -0.34 -43.62
C TYR D 205 -41.02 -0.78 -42.18
N GLY D 206 -40.67 0.19 -41.34
CA GLY D 206 -40.31 -0.02 -39.95
C GLY D 206 -41.43 -0.59 -39.12
N HIS D 207 -42.60 0.02 -39.22
CA HIS D 207 -43.71 -0.49 -38.45
C HIS D 207 -44.16 -1.81 -39.05
N ASN D 208 -44.33 -1.88 -40.37
CA ASN D 208 -44.80 -3.12 -40.97
C ASN D 208 -43.82 -4.27 -40.84
N ALA D 209 -42.59 -3.95 -40.45
CA ALA D 209 -41.61 -4.94 -40.05
C ALA D 209 -42.11 -5.68 -38.83
N VAL D 210 -42.37 -4.97 -37.74
CA VAL D 210 -42.87 -5.62 -36.54
C VAL D 210 -44.32 -6.08 -36.75
N GLY D 211 -45.01 -5.43 -37.67
CA GLY D 211 -46.38 -5.73 -38.01
C GLY D 211 -46.58 -7.06 -38.68
N PHE D 212 -45.64 -7.45 -39.55
CA PHE D 212 -45.80 -8.69 -40.27
C PHE D 212 -44.73 -9.71 -39.89
N PHE D 213 -43.50 -9.24 -39.74
CA PHE D 213 -42.42 -10.11 -39.27
C PHE D 213 -42.64 -10.51 -37.82
N LEU D 214 -42.92 -9.52 -36.97
CA LEU D 214 -43.06 -9.80 -35.54
C LEU D 214 -44.49 -9.94 -35.04
N THR D 215 -45.48 -9.57 -35.85
CA THR D 215 -46.86 -9.78 -35.42
C THR D 215 -47.53 -10.90 -36.24
N ALA D 216 -47.82 -10.62 -37.51
CA ALA D 216 -48.48 -11.58 -38.41
C ALA D 216 -47.80 -12.95 -38.40
N GLY D 217 -46.51 -12.97 -38.76
CA GLY D 217 -45.73 -14.18 -38.82
C GLY D 217 -45.78 -14.96 -37.53
N PHE D 218 -45.78 -14.26 -36.40
CA PHE D 218 -45.80 -14.91 -35.09
C PHE D 218 -47.23 -15.29 -34.69
N LEU D 219 -48.21 -14.62 -35.29
CA LEU D 219 -49.61 -15.02 -35.13
C LEU D 219 -49.83 -16.36 -35.80
N GLY D 220 -49.15 -16.60 -36.92
CA GLY D 220 -49.15 -17.93 -37.50
C GLY D 220 -48.69 -18.97 -36.50
N ILE D 221 -47.55 -18.68 -35.86
CA ILE D 221 -47.01 -19.52 -34.80
C ILE D 221 -48.05 -19.81 -33.73
N MET D 222 -48.64 -18.74 -33.21
CA MET D 222 -49.69 -18.84 -32.19
C MET D 222 -50.81 -19.76 -32.65
N TYR D 223 -51.21 -19.59 -33.91
CA TYR D 223 -52.34 -20.32 -34.48
C TYR D 223 -52.05 -21.80 -34.66
N TYR D 224 -50.79 -22.18 -34.84
CA TYR D 224 -50.51 -23.61 -34.82
C TYR D 224 -50.33 -24.14 -33.39
N PHE D 225 -49.41 -23.52 -32.65
CA PHE D 225 -48.95 -24.08 -31.38
C PHE D 225 -49.92 -23.96 -30.20
N VAL D 226 -50.64 -22.84 -30.08
CA VAL D 226 -51.63 -22.73 -29.00
C VAL D 226 -52.64 -23.88 -29.08
N PRO D 227 -53.29 -24.08 -30.24
CA PRO D 227 -54.25 -25.19 -30.27
C PRO D 227 -53.57 -26.55 -30.18
N LYS D 228 -52.37 -26.68 -30.75
CA LYS D 228 -51.66 -27.96 -30.77
C LYS D 228 -51.18 -28.34 -29.37
N GLN D 229 -50.74 -27.36 -28.60
CA GLN D 229 -50.28 -27.61 -27.24
C GLN D 229 -51.46 -27.83 -26.30
N ALA D 230 -52.46 -26.96 -26.39
CA ALA D 230 -53.62 -27.09 -25.53
C ALA D 230 -54.46 -28.30 -25.90
N GLU D 231 -54.36 -28.72 -27.16
CA GLU D 231 -55.18 -29.80 -27.70
C GLU D 231 -56.62 -29.42 -27.49
N ARG D 232 -56.89 -28.19 -27.88
CA ARG D 232 -58.23 -27.67 -27.90
C ARG D 232 -58.45 -27.21 -29.29
N PRO D 233 -59.71 -27.10 -29.65
CA PRO D 233 -60.04 -26.55 -30.95
C PRO D 233 -59.98 -25.02 -31.02
N VAL D 234 -59.71 -24.49 -32.20
CA VAL D 234 -59.64 -23.05 -32.39
C VAL D 234 -60.99 -22.38 -32.27
N TYR D 235 -61.06 -21.35 -31.45
CA TYR D 235 -62.30 -20.63 -31.26
C TYR D 235 -62.59 -19.69 -32.47
N SER D 236 -63.86 -19.54 -32.85
CA SER D 236 -64.30 -18.51 -33.83
C SER D 236 -63.57 -18.39 -35.16
N TYR D 237 -63.67 -19.40 -36.00
CA TYR D 237 -62.95 -19.39 -37.27
C TYR D 237 -63.32 -18.05 -37.94
N ARG D 238 -64.59 -17.64 -37.83
CA ARG D 238 -64.99 -16.31 -38.30
C ARG D 238 -64.09 -15.16 -37.84
N LEU D 239 -63.74 -15.18 -36.55
CA LEU D 239 -62.84 -14.16 -35.99
C LEU D 239 -61.53 -14.23 -36.72
N SER D 240 -61.07 -15.45 -36.96
CA SER D 240 -59.83 -15.66 -37.70
C SER D 240 -59.91 -14.90 -39.01
N ILE D 241 -61.04 -15.01 -39.72
CA ILE D 241 -61.19 -14.25 -40.96
C ILE D 241 -61.12 -12.74 -40.74
N VAL D 242 -62.05 -12.22 -39.93
CA VAL D 242 -62.12 -10.77 -39.67
C VAL D 242 -60.78 -10.20 -39.28
N HIS D 243 -60.28 -10.70 -38.15
CA HIS D 243 -59.05 -10.25 -37.56
C HIS D 243 -57.87 -10.39 -38.53
N PHE D 244 -57.88 -11.43 -39.36
CA PHE D 244 -56.79 -11.57 -40.33
C PHE D 244 -56.84 -10.47 -41.39
N TRP D 245 -57.95 -10.35 -42.11
CA TRP D 245 -57.99 -9.36 -43.19
C TRP D 245 -57.88 -7.93 -42.69
N ALA D 246 -58.63 -7.63 -41.63
CA ALA D 246 -58.59 -6.31 -41.02
C ALA D 246 -57.19 -5.95 -40.55
N LEU D 247 -56.51 -6.89 -39.89
CA LEU D 247 -55.13 -6.64 -39.47
C LEU D 247 -54.23 -6.39 -40.68
N ILE D 248 -54.31 -7.32 -41.64
CA ILE D 248 -53.45 -7.31 -42.83
C ILE D 248 -53.58 -6.03 -43.64
N THR D 249 -54.75 -5.38 -43.58
CA THR D 249 -54.99 -4.20 -44.39
C THR D 249 -54.74 -2.91 -43.61
N VAL D 250 -55.21 -2.90 -42.36
CA VAL D 250 -55.08 -1.71 -41.52
C VAL D 250 -53.64 -1.45 -41.07
N TYR D 251 -52.89 -2.52 -40.80
CA TYR D 251 -51.55 -2.37 -40.22
C TYR D 251 -50.61 -1.56 -41.10
N ILE D 252 -50.74 -1.71 -42.42
CA ILE D 252 -49.87 -0.99 -43.36
C ILE D 252 -49.93 0.52 -43.16
N TRP D 253 -51.13 1.02 -42.90
CA TRP D 253 -51.37 2.45 -42.69
C TRP D 253 -50.73 3.02 -41.43
N ALA D 254 -50.37 2.16 -40.50
CA ALA D 254 -49.94 2.59 -39.17
C ALA D 254 -48.57 3.27 -39.15
N GLY D 255 -47.93 3.39 -40.32
CA GLY D 255 -46.62 4.01 -40.43
C GLY D 255 -46.41 5.33 -39.69
N PRO D 256 -47.20 6.36 -40.03
CA PRO D 256 -46.99 7.71 -39.49
C PRO D 256 -47.07 7.86 -37.97
N HIS D 257 -47.51 6.86 -37.23
CA HIS D 257 -47.60 7.02 -35.78
C HIS D 257 -46.20 7.12 -35.16
N HIS D 258 -45.19 6.75 -35.94
CA HIS D 258 -43.81 6.97 -35.53
C HIS D 258 -43.42 8.43 -35.66
N LEU D 259 -43.95 9.08 -36.70
CA LEU D 259 -43.53 10.44 -37.05
C LEU D 259 -44.52 11.51 -36.59
N HIS D 260 -45.08 11.33 -35.41
CA HIS D 260 -46.05 12.30 -34.87
C HIS D 260 -45.37 13.60 -34.46
N TYR D 261 -45.98 14.71 -34.83
CA TYR D 261 -45.44 16.05 -34.56
C TYR D 261 -44.03 16.23 -35.10
N THR D 262 -43.76 15.62 -36.25
CA THR D 262 -42.51 15.82 -36.97
C THR D 262 -42.75 16.66 -38.23
N ALA D 263 -41.75 16.70 -39.11
CA ALA D 263 -41.86 17.47 -40.34
C ALA D 263 -42.76 16.77 -41.35
N LEU D 264 -43.09 15.51 -41.09
CA LEU D 264 -44.11 14.80 -41.86
C LEU D 264 -45.41 15.58 -41.81
N PRO D 265 -46.06 15.76 -42.97
CA PRO D 265 -47.32 16.50 -43.03
C PRO D 265 -48.38 15.98 -42.07
N ASP D 266 -49.21 16.89 -41.58
CA ASP D 266 -50.26 16.58 -40.61
C ASP D 266 -51.20 15.50 -41.10
N TRP D 267 -51.56 15.56 -42.39
CA TRP D 267 -52.51 14.62 -42.95
C TRP D 267 -52.03 13.17 -42.84
N ALA D 268 -50.75 12.95 -43.12
CA ALA D 268 -50.17 11.62 -43.05
C ALA D 268 -50.18 11.16 -41.60
N GLN D 269 -49.71 12.04 -40.71
CA GLN D 269 -49.69 11.80 -39.28
C GLN D 269 -51.05 11.31 -38.79
N SER D 270 -52.08 12.06 -39.14
CA SER D 270 -53.45 11.72 -38.75
C SER D 270 -53.86 10.37 -39.32
N LEU D 271 -53.67 10.16 -40.62
CA LEU D 271 -53.94 8.85 -41.22
C LEU D 271 -53.33 7.71 -40.39
N GLY D 272 -52.10 7.94 -39.95
CA GLY D 272 -51.38 6.96 -39.16
C GLY D 272 -52.03 6.73 -37.81
N MET D 273 -52.39 7.82 -37.14
CA MET D 273 -53.05 7.71 -35.83
C MET D 273 -54.39 6.98 -35.93
N VAL D 274 -55.26 7.48 -36.80
CA VAL D 274 -56.59 6.91 -37.01
C VAL D 274 -56.51 5.41 -37.29
N MET D 275 -55.67 5.04 -38.25
CA MET D 275 -55.61 3.63 -38.62
C MET D 275 -54.94 2.79 -37.54
N SER D 276 -54.00 3.38 -36.81
CA SER D 276 -53.40 2.72 -35.66
C SER D 276 -54.47 2.40 -34.61
N LEU D 277 -55.40 3.33 -34.41
CA LEU D 277 -56.50 3.12 -33.45
C LEU D 277 -57.46 2.06 -33.93
N ILE D 278 -57.82 2.10 -35.22
CA ILE D 278 -58.66 1.05 -35.81
C ILE D 278 -58.00 -0.32 -35.62
N LEU D 279 -56.67 -0.34 -35.75
CA LEU D 279 -55.86 -1.55 -35.66
C LEU D 279 -56.04 -2.31 -34.34
N LEU D 280 -56.46 -1.60 -33.30
CA LEU D 280 -56.69 -2.19 -31.97
C LEU D 280 -57.56 -3.43 -32.04
N ALA D 281 -58.72 -3.30 -32.67
CA ALA D 281 -59.67 -4.39 -32.82
C ALA D 281 -59.06 -5.68 -33.39
N PRO D 282 -58.57 -5.68 -34.66
CA PRO D 282 -58.06 -6.96 -35.20
C PRO D 282 -56.97 -7.59 -34.34
N SER D 283 -56.05 -6.75 -33.88
CA SER D 283 -54.94 -7.18 -33.04
C SER D 283 -55.48 -7.97 -31.86
N TRP D 284 -56.46 -7.40 -31.19
CA TRP D 284 -57.09 -8.07 -30.05
C TRP D 284 -57.87 -9.30 -30.48
N GLY D 285 -58.41 -9.29 -31.69
CA GLY D 285 -59.07 -10.47 -32.24
C GLY D 285 -58.10 -11.63 -32.23
N GLY D 286 -56.83 -11.31 -32.43
CA GLY D 286 -55.78 -12.31 -32.32
C GLY D 286 -55.68 -12.95 -30.94
N MET D 287 -55.56 -12.12 -29.91
CA MET D 287 -55.35 -12.64 -28.56
C MET D 287 -56.62 -13.27 -28.01
N ILE D 288 -57.77 -12.78 -28.43
CA ILE D 288 -59.05 -13.38 -28.10
C ILE D 288 -59.12 -14.79 -28.67
N ASN D 289 -58.90 -14.88 -29.98
CA ASN D 289 -58.90 -16.18 -30.65
C ASN D 289 -57.89 -17.13 -30.00
N GLY D 290 -56.80 -16.59 -29.48
CA GLY D 290 -55.79 -17.41 -28.82
C GLY D 290 -56.19 -17.90 -27.44
N MET D 291 -56.70 -16.98 -26.62
CA MET D 291 -57.01 -17.25 -25.22
C MET D 291 -58.30 -18.03 -25.03
N MET D 292 -59.35 -17.60 -25.72
CA MET D 292 -60.65 -18.25 -25.60
C MET D 292 -60.56 -19.70 -26.07
N THR D 293 -59.55 -20.00 -26.87
CA THR D 293 -59.23 -21.36 -27.25
C THR D 293 -58.92 -22.21 -26.01
N LEU D 294 -58.27 -21.58 -25.04
CA LEU D 294 -57.87 -22.28 -23.83
C LEU D 294 -58.99 -22.48 -22.81
N SER D 295 -60.14 -21.85 -23.05
CA SER D 295 -61.27 -21.92 -22.13
C SER D 295 -61.66 -23.36 -21.80
N GLY D 296 -61.81 -23.65 -20.51
CA GLY D 296 -62.02 -24.99 -20.05
C GLY D 296 -60.73 -25.70 -19.64
N ALA D 297 -59.70 -25.51 -20.46
CA ALA D 297 -58.42 -26.18 -20.25
C ALA D 297 -57.43 -25.33 -19.46
N TRP D 298 -57.93 -24.34 -18.73
CA TRP D 298 -57.08 -23.46 -17.95
C TRP D 298 -56.33 -24.21 -16.85
N HIS D 299 -56.87 -25.36 -16.44
CA HIS D 299 -56.22 -26.20 -15.44
C HIS D 299 -54.88 -26.72 -15.97
N LYS D 300 -54.67 -26.63 -17.28
CA LYS D 300 -53.42 -27.07 -17.86
C LYS D 300 -52.29 -26.10 -17.57
N LEU D 301 -52.62 -24.86 -17.20
CA LEU D 301 -51.59 -23.84 -16.98
C LEU D 301 -50.68 -24.17 -15.81
N ARG D 302 -51.24 -24.72 -14.75
CA ARG D 302 -50.43 -25.16 -13.63
C ARG D 302 -49.67 -26.44 -14.01
N SER D 303 -50.22 -27.20 -14.95
CA SER D 303 -49.61 -28.45 -15.38
C SER D 303 -48.47 -28.25 -16.37
N ASP D 304 -48.75 -27.50 -17.44
CA ASP D 304 -47.83 -27.39 -18.57
C ASP D 304 -47.27 -25.98 -18.74
N PRO D 305 -45.97 -25.81 -18.46
CA PRO D 305 -45.28 -24.53 -18.57
C PRO D 305 -45.13 -24.04 -20.01
N ILE D 306 -45.13 -24.95 -20.99
CA ILE D 306 -45.09 -24.54 -22.40
C ILE D 306 -46.35 -23.74 -22.74
N LEU D 307 -47.49 -24.28 -22.30
CA LEU D 307 -48.77 -23.61 -22.46
C LEU D 307 -48.74 -22.28 -21.72
N ARG D 308 -48.18 -22.28 -20.50
CA ARG D 308 -47.95 -21.05 -19.76
C ARG D 308 -47.30 -19.99 -20.63
N PHE D 309 -46.17 -20.36 -21.22
CA PHE D 309 -45.45 -19.50 -22.16
C PHE D 309 -46.38 -18.93 -23.21
N LEU D 310 -47.06 -19.80 -23.94
CA LEU D 310 -47.95 -19.34 -25.02
C LEU D 310 -49.03 -18.35 -24.54
N VAL D 311 -49.69 -18.70 -23.44
CA VAL D 311 -50.78 -17.88 -22.90
C VAL D 311 -50.30 -16.51 -22.44
N VAL D 312 -49.34 -16.50 -21.52
CA VAL D 312 -48.75 -15.25 -21.03
C VAL D 312 -48.24 -14.41 -22.21
N SER D 313 -47.71 -15.11 -23.21
CA SER D 313 -47.33 -14.48 -24.47
C SER D 313 -48.50 -13.71 -25.05
N LEU D 314 -49.67 -14.33 -25.09
CA LEU D 314 -50.86 -13.63 -25.58
C LEU D 314 -51.25 -12.44 -24.69
N ALA D 315 -51.04 -12.59 -23.37
CA ALA D 315 -51.31 -11.50 -22.43
C ALA D 315 -50.51 -10.26 -22.82
N PHE D 316 -49.20 -10.44 -22.98
CA PHE D 316 -48.33 -9.34 -23.35
C PHE D 316 -48.63 -8.83 -24.76
N TYR D 317 -48.94 -9.74 -25.68
CA TYR D 317 -49.33 -9.34 -27.03
C TYR D 317 -50.49 -8.36 -27.00
N GLY D 318 -51.54 -8.72 -26.29
CA GLY D 318 -52.70 -7.85 -26.16
C GLY D 318 -52.30 -6.53 -25.51
N MET D 319 -51.49 -6.64 -24.47
CA MET D 319 -51.05 -5.47 -23.73
C MET D 319 -50.31 -4.46 -24.62
N SER D 320 -49.43 -4.94 -25.49
CA SER D 320 -48.66 -4.05 -26.36
C SER D 320 -49.45 -3.62 -27.58
N THR D 321 -50.45 -4.42 -27.97
CA THR D 321 -51.33 -4.03 -29.09
C THR D 321 -52.50 -3.20 -28.55
N PHE D 322 -52.37 -2.80 -27.29
CA PHE D 322 -53.28 -1.84 -26.69
C PHE D 322 -52.48 -0.57 -26.41
N GLU D 323 -51.32 -0.76 -25.80
CA GLU D 323 -50.35 0.30 -25.54
C GLU D 323 -49.96 1.04 -26.81
N GLY D 324 -49.75 0.29 -27.88
CA GLY D 324 -49.37 0.85 -29.17
C GLY D 324 -50.36 1.85 -29.73
N PRO D 325 -51.62 1.44 -29.94
CA PRO D 325 -52.68 2.35 -30.37
C PRO D 325 -52.77 3.61 -29.49
N MET D 326 -52.58 3.44 -28.18
CA MET D 326 -52.62 4.56 -27.24
C MET D 326 -51.51 5.56 -27.55
N MET D 327 -50.29 5.06 -27.72
CA MET D 327 -49.14 5.91 -28.00
C MET D 327 -49.20 6.46 -29.42
N ALA D 328 -50.11 5.92 -30.22
CA ALA D 328 -50.27 6.39 -31.59
C ALA D 328 -51.23 7.56 -31.64
N ILE D 329 -51.83 7.86 -30.48
CA ILE D 329 -52.60 9.09 -30.32
C ILE D 329 -51.61 10.24 -30.21
N LYS D 330 -51.78 11.26 -31.05
CA LYS D 330 -50.84 12.38 -31.12
C LYS D 330 -50.50 13.01 -29.78
N THR D 331 -51.51 13.28 -28.95
CA THR D 331 -51.28 13.90 -27.65
C THR D 331 -50.44 12.99 -26.74
N VAL D 332 -50.65 11.68 -26.84
CA VAL D 332 -49.87 10.74 -26.06
C VAL D 332 -48.44 10.64 -26.61
N ASN D 333 -48.31 10.48 -27.92
CA ASN D 333 -47.01 10.43 -28.58
C ASN D 333 -46.20 11.70 -28.30
N ALA D 334 -46.91 12.79 -28.05
CA ALA D 334 -46.29 14.07 -27.72
C ALA D 334 -45.37 13.91 -26.50
N LEU D 335 -45.75 13.02 -25.60
CA LEU D 335 -44.90 12.73 -24.45
C LEU D 335 -44.02 11.50 -24.69
N SER D 336 -44.60 10.46 -25.26
CA SER D 336 -43.89 9.19 -25.42
C SER D 336 -42.67 9.30 -26.34
N HIS D 337 -42.83 10.05 -27.43
CA HIS D 337 -41.85 10.05 -28.51
C HIS D 337 -40.48 10.47 -27.97
N TYR D 338 -39.45 9.74 -28.37
CA TYR D 338 -38.04 10.03 -28.10
C TYR D 338 -37.65 9.61 -26.67
N THR D 339 -38.61 9.09 -25.91
CA THR D 339 -38.39 8.70 -24.51
C THR D 339 -38.15 7.20 -24.40
N ASP D 340 -37.65 6.74 -23.24
CA ASP D 340 -37.46 5.31 -23.00
C ASP D 340 -38.77 4.51 -23.05
N TRP D 341 -39.90 5.22 -23.01
CA TRP D 341 -41.22 4.59 -23.08
C TRP D 341 -41.32 3.80 -24.37
N THR D 342 -40.80 4.37 -25.45
CA THR D 342 -40.79 3.68 -26.74
C THR D 342 -40.13 2.33 -26.59
N ILE D 343 -38.94 2.33 -25.99
CA ILE D 343 -38.18 1.12 -25.75
C ILE D 343 -38.97 0.13 -24.88
N GLY D 344 -39.71 0.69 -23.92
CA GLY D 344 -40.57 -0.12 -23.07
C GLY D 344 -41.65 -0.86 -23.82
N HIS D 345 -42.40 -0.14 -24.66
CA HIS D 345 -43.35 -0.76 -25.57
C HIS D 345 -42.68 -1.86 -26.38
N VAL D 346 -41.56 -1.49 -27.00
CA VAL D 346 -40.78 -2.39 -27.84
C VAL D 346 -40.55 -3.71 -27.15
N HIS D 347 -39.98 -3.68 -25.96
CA HIS D 347 -39.58 -4.91 -25.28
C HIS D 347 -40.74 -5.58 -24.56
N ALA D 348 -41.81 -4.83 -24.30
CA ALA D 348 -43.07 -5.43 -23.88
C ALA D 348 -43.47 -6.44 -24.95
N GLY D 349 -43.68 -5.94 -26.17
CA GLY D 349 -43.93 -6.79 -27.32
C GLY D 349 -42.86 -7.84 -27.60
N ALA D 350 -41.60 -7.44 -27.43
CA ALA D 350 -40.47 -8.25 -27.87
C ALA D 350 -40.20 -9.43 -26.94
N LEU D 351 -40.07 -9.14 -25.66
CA LEU D 351 -39.84 -10.17 -24.65
C LEU D 351 -41.15 -10.87 -24.35
N GLY D 352 -42.18 -10.09 -24.07
CA GLY D 352 -43.47 -10.62 -23.67
C GLY D 352 -44.28 -11.34 -24.72
N TRP D 353 -44.22 -10.88 -25.97
CA TRP D 353 -44.99 -11.51 -27.03
C TRP D 353 -44.13 -12.38 -27.94
N VAL D 354 -43.28 -11.73 -28.73
CA VAL D 354 -42.40 -12.44 -29.66
C VAL D 354 -41.59 -13.55 -29.01
N ALA D 355 -40.78 -13.15 -28.03
CA ALA D 355 -39.88 -14.08 -27.35
C ALA D 355 -40.63 -15.21 -26.68
N MET D 356 -41.66 -14.89 -25.89
CA MET D 356 -42.45 -15.91 -25.20
C MET D 356 -43.07 -16.95 -26.15
N VAL D 357 -43.77 -16.47 -27.16
CA VAL D 357 -44.47 -17.36 -28.08
C VAL D 357 -43.47 -18.24 -28.85
N SER D 358 -42.33 -17.67 -29.23
CA SER D 358 -41.35 -18.46 -29.96
C SER D 358 -40.68 -19.47 -29.05
N ILE D 359 -40.44 -19.08 -27.81
CA ILE D 359 -40.00 -20.00 -26.76
C ILE D 359 -40.92 -21.21 -26.66
N GLY D 360 -42.19 -20.95 -26.35
CA GLY D 360 -43.19 -22.00 -26.26
C GLY D 360 -43.18 -22.90 -27.47
N ALA D 361 -43.21 -22.29 -28.65
CA ALA D 361 -43.23 -23.03 -29.91
C ALA D 361 -42.02 -23.97 -30.02
N LEU D 362 -40.84 -23.47 -29.65
CA LEU D 362 -39.64 -24.29 -29.69
C LEU D 362 -39.68 -25.42 -28.68
N TYR D 363 -39.99 -25.10 -27.42
CA TYR D 363 -40.17 -26.13 -26.39
C TYR D 363 -41.11 -27.24 -26.86
N HIS D 364 -42.12 -26.87 -27.64
CA HIS D 364 -43.03 -27.86 -28.22
C HIS D 364 -42.37 -28.67 -29.34
N LEU D 365 -41.78 -27.99 -30.31
CA LEU D 365 -41.39 -28.65 -31.56
C LEU D 365 -40.03 -29.36 -31.51
N VAL D 366 -39.07 -28.78 -30.79
CA VAL D 366 -37.71 -29.33 -30.69
C VAL D 366 -37.67 -30.83 -30.31
N PRO D 367 -38.43 -31.25 -29.27
CA PRO D 367 -38.45 -32.69 -29.01
C PRO D 367 -38.93 -33.48 -30.23
N LYS D 368 -40.13 -33.15 -30.71
CA LYS D 368 -40.69 -33.74 -31.93
C LYS D 368 -39.66 -33.86 -33.05
N VAL D 369 -39.02 -32.74 -33.38
CA VAL D 369 -38.10 -32.68 -34.51
C VAL D 369 -36.82 -33.48 -34.26
N PHE D 370 -36.43 -33.63 -32.99
CA PHE D 370 -35.24 -34.41 -32.66
C PHE D 370 -35.60 -35.84 -32.31
N GLY D 371 -36.74 -36.29 -32.82
CA GLY D 371 -37.23 -37.61 -32.49
C GLY D 371 -37.21 -37.91 -31.01
N ARG D 372 -38.04 -37.18 -30.27
CA ARG D 372 -38.05 -37.29 -28.82
C ARG D 372 -39.41 -36.86 -28.29
N GLU D 373 -39.92 -37.59 -27.30
CA GLU D 373 -41.31 -37.41 -26.86
C GLU D 373 -41.55 -36.09 -26.12
N GLN D 374 -40.54 -35.59 -25.42
CA GLN D 374 -40.67 -34.30 -24.75
C GLN D 374 -39.32 -33.70 -24.37
N MET D 375 -39.35 -32.51 -23.80
CA MET D 375 -38.13 -31.89 -23.31
C MET D 375 -37.54 -32.74 -22.18
N HIS D 376 -36.28 -32.49 -21.84
CA HIS D 376 -35.52 -33.21 -20.84
C HIS D 376 -36.07 -33.00 -19.46
N SER D 377 -36.31 -31.73 -19.19
CA SER D 377 -36.84 -31.32 -17.92
C SER D 377 -37.91 -30.26 -18.12
N ILE D 378 -39.12 -30.59 -17.69
CA ILE D 378 -40.23 -29.67 -17.77
C ILE D 378 -40.06 -28.61 -16.68
N GLY D 379 -39.46 -29.02 -15.57
CA GLY D 379 -39.13 -28.10 -14.49
C GLY D 379 -38.32 -26.90 -14.95
N LEU D 380 -37.34 -27.12 -15.83
CA LEU D 380 -36.53 -26.02 -16.34
C LEU D 380 -37.32 -25.17 -17.31
N ILE D 381 -38.41 -25.72 -17.84
CA ILE D 381 -39.29 -24.95 -18.70
C ILE D 381 -40.09 -24.01 -17.82
N ASN D 382 -40.46 -24.49 -16.63
CA ASN D 382 -41.18 -23.64 -15.68
C ASN D 382 -40.29 -22.54 -15.10
N THR D 383 -39.10 -22.92 -14.66
CA THR D 383 -38.15 -21.94 -14.11
C THR D 383 -37.77 -20.92 -15.18
N HIS D 384 -37.63 -21.40 -16.42
CA HIS D 384 -37.43 -20.49 -17.55
C HIS D 384 -38.59 -19.52 -17.62
N PHE D 385 -39.81 -20.04 -17.55
CA PHE D 385 -41.01 -19.20 -17.60
C PHE D 385 -40.95 -18.09 -16.58
N TRP D 386 -40.62 -18.43 -15.34
CA TRP D 386 -40.61 -17.40 -14.30
C TRP D 386 -39.48 -16.39 -14.46
N LEU D 387 -38.27 -16.86 -14.78
CA LEU D 387 -37.18 -15.92 -15.03
C LEU D 387 -37.56 -14.93 -16.13
N ALA D 388 -38.11 -15.45 -17.22
CA ALA D 388 -38.46 -14.63 -18.37
C ALA D 388 -39.61 -13.66 -18.07
N THR D 389 -40.57 -14.10 -17.26
CA THR D 389 -41.69 -13.23 -16.89
C THR D 389 -41.25 -12.10 -15.96
N ILE D 390 -40.61 -12.46 -14.85
CA ILE D 390 -40.03 -11.46 -13.93
C ILE D 390 -39.18 -10.45 -14.70
N GLY D 391 -38.26 -10.96 -15.52
CA GLY D 391 -37.44 -10.11 -16.38
C GLY D 391 -38.23 -9.15 -17.23
N THR D 392 -39.20 -9.66 -17.97
CA THR D 392 -40.03 -8.83 -18.85
C THR D 392 -40.72 -7.73 -18.08
N VAL D 393 -41.38 -8.10 -16.97
CA VAL D 393 -42.09 -7.14 -16.14
C VAL D 393 -41.17 -6.06 -15.59
N LEU D 394 -40.01 -6.45 -15.08
CA LEU D 394 -39.02 -5.48 -14.60
C LEU D 394 -38.63 -4.48 -15.69
N TYR D 395 -38.32 -5.03 -16.87
CA TYR D 395 -37.95 -4.22 -18.02
C TYR D 395 -39.03 -3.18 -18.30
N ILE D 396 -40.26 -3.66 -18.51
CA ILE D 396 -41.41 -2.80 -18.77
C ILE D 396 -41.55 -1.70 -17.72
N ALA D 397 -41.57 -2.09 -16.45
CA ALA D 397 -41.73 -1.15 -15.35
C ALA D 397 -40.67 -0.05 -15.36
N SER D 398 -39.41 -0.46 -15.45
CA SER D 398 -38.30 0.49 -15.42
C SER D 398 -38.40 1.46 -16.59
N MET D 399 -38.83 0.94 -17.73
CA MET D 399 -38.96 1.78 -18.92
C MET D 399 -40.16 2.72 -18.86
N TRP D 400 -41.24 2.32 -18.21
CA TRP D 400 -42.35 3.24 -17.97
C TRP D 400 -41.91 4.37 -17.06
N VAL D 401 -41.28 4.02 -15.96
CA VAL D 401 -40.75 5.01 -15.04
C VAL D 401 -39.86 6.00 -15.78
N ASN D 402 -38.82 5.47 -16.44
CA ASN D 402 -37.91 6.30 -17.23
C ASN D 402 -38.58 7.16 -18.28
N GLY D 403 -39.44 6.55 -19.08
CA GLY D 403 -40.14 7.25 -20.16
C GLY D 403 -41.01 8.40 -19.68
N ILE D 404 -41.83 8.13 -18.66
CA ILE D 404 -42.66 9.17 -18.08
C ILE D 404 -41.80 10.29 -17.51
N ALA D 405 -40.78 9.91 -16.74
CA ALA D 405 -39.86 10.87 -16.14
C ALA D 405 -39.25 11.79 -17.21
N GLN D 406 -38.79 11.18 -18.29
CA GLN D 406 -38.16 11.91 -19.39
C GLN D 406 -39.13 12.84 -20.09
N GLY D 407 -40.21 12.28 -20.63
CA GLY D 407 -41.24 13.07 -21.29
C GLY D 407 -41.65 14.27 -20.45
N LEU D 408 -42.01 14.00 -19.19
CA LEU D 408 -42.39 15.02 -18.24
C LEU D 408 -41.32 16.12 -18.09
N MET D 409 -40.10 15.69 -17.75
CA MET D 409 -38.99 16.59 -17.47
C MET D 409 -38.54 17.46 -18.63
N TRP D 410 -38.59 16.92 -19.85
CA TRP D 410 -38.18 17.67 -21.02
C TRP D 410 -39.09 18.86 -21.28
N ARG D 411 -40.39 18.65 -21.12
CA ARG D 411 -41.37 19.68 -21.44
C ARG D 411 -41.80 20.48 -20.21
N ALA D 412 -41.33 20.06 -19.04
CA ALA D 412 -41.62 20.72 -17.78
C ALA D 412 -41.33 22.21 -17.77
N ILE D 413 -42.37 23.03 -17.60
CA ILE D 413 -42.22 24.47 -17.57
C ILE D 413 -42.47 24.96 -16.13
N ASN D 414 -41.74 25.98 -15.69
CA ASN D 414 -41.97 26.60 -14.38
C ASN D 414 -43.06 27.67 -14.30
N ASP D 415 -43.26 28.22 -13.10
CA ASP D 415 -44.25 29.28 -12.98
C ASP D 415 -43.78 30.52 -13.75
N ASP D 416 -42.47 30.72 -13.97
CA ASP D 416 -42.02 31.89 -14.77
C ASP D 416 -41.59 31.54 -16.24
N GLY D 417 -42.00 30.36 -16.71
CA GLY D 417 -41.90 29.89 -18.10
C GLY D 417 -40.68 29.22 -18.69
N THR D 418 -39.57 29.36 -18.00
CA THR D 418 -38.31 28.80 -18.42
C THR D 418 -38.48 27.32 -18.11
N LEU D 419 -37.71 26.52 -18.81
CA LEU D 419 -37.68 25.08 -18.70
C LEU D 419 -37.12 24.67 -17.36
N THR D 420 -37.83 23.77 -16.69
CA THR D 420 -37.57 23.37 -15.31
C THR D 420 -36.31 22.51 -15.23
N TYR D 421 -36.10 21.62 -16.19
CA TYR D 421 -35.00 20.67 -16.07
C TYR D 421 -34.05 20.75 -17.26
N SER D 422 -32.76 20.66 -16.98
CA SER D 422 -31.75 20.46 -18.02
C SER D 422 -31.86 19.05 -18.54
N PHE D 423 -31.41 18.83 -19.77
CA PHE D 423 -31.47 17.50 -20.35
C PHE D 423 -30.61 16.53 -19.54
N VAL D 424 -29.52 17.05 -18.99
CA VAL D 424 -28.61 16.25 -18.19
C VAL D 424 -29.28 15.80 -16.90
N GLU D 425 -30.14 16.64 -16.33
CA GLU D 425 -30.91 16.27 -15.15
C GLU D 425 -31.83 15.08 -15.44
N SER D 426 -32.46 15.10 -16.62
CA SER D 426 -33.29 14.00 -17.08
C SER D 426 -32.46 12.74 -17.26
N LEU D 427 -31.28 12.92 -17.84
CA LEU D 427 -30.32 11.84 -18.07
C LEU D 427 -29.98 11.16 -16.76
N GLU D 428 -29.65 11.95 -15.75
CA GLU D 428 -29.28 11.43 -14.44
C GLU D 428 -30.47 10.73 -13.80
N ALA D 429 -31.65 11.35 -13.91
CA ALA D 429 -32.89 10.76 -13.42
C ALA D 429 -33.13 9.35 -13.96
N SER D 430 -32.68 9.11 -15.19
CA SER D 430 -32.94 7.86 -15.88
C SER D 430 -32.04 6.69 -15.47
N HIS D 431 -30.96 6.97 -14.74
CA HIS D 431 -29.97 5.94 -14.43
C HIS D 431 -30.52 4.75 -13.64
N PRO D 432 -31.29 5.00 -12.55
CA PRO D 432 -31.88 3.87 -11.85
C PRO D 432 -32.66 2.97 -12.80
N GLY D 433 -33.46 3.60 -13.67
CA GLY D 433 -34.16 2.89 -14.72
C GLY D 433 -33.23 2.07 -15.59
N PHE D 434 -32.10 2.65 -15.99
CA PHE D 434 -31.12 1.95 -16.83
C PHE D 434 -30.61 0.68 -16.13
N VAL D 435 -30.41 0.79 -14.82
CA VAL D 435 -29.86 -0.31 -14.05
C VAL D 435 -30.89 -1.42 -13.85
N VAL D 436 -32.10 -1.00 -13.48
CA VAL D 436 -33.19 -1.94 -13.30
C VAL D 436 -33.47 -2.70 -14.60
N ARG D 437 -33.48 -1.98 -15.72
CA ARG D 437 -33.69 -2.60 -17.02
C ARG D 437 -32.56 -3.59 -17.31
N MET D 438 -31.33 -3.17 -17.00
CA MET D 438 -30.17 -4.04 -17.21
C MET D 438 -30.33 -5.36 -16.46
N ILE D 439 -30.85 -5.27 -15.23
CA ILE D 439 -31.07 -6.46 -14.41
C ILE D 439 -32.20 -7.33 -14.96
N GLY D 440 -33.32 -6.71 -15.36
CA GLY D 440 -34.44 -7.44 -15.92
C GLY D 440 -34.04 -8.23 -17.15
N GLY D 441 -33.41 -7.53 -18.09
CA GLY D 441 -32.91 -8.15 -19.30
C GLY D 441 -31.91 -9.25 -18.98
N ALA D 442 -31.07 -9.01 -17.96
CA ALA D 442 -30.14 -10.03 -17.50
C ALA D 442 -30.86 -11.31 -17.08
N ILE D 443 -31.94 -11.16 -16.31
CA ILE D 443 -32.71 -12.30 -15.82
C ILE D 443 -33.35 -13.07 -16.97
N PHE D 444 -33.92 -12.33 -17.91
CA PHE D 444 -34.52 -12.93 -19.10
C PHE D 444 -33.49 -13.77 -19.88
N PHE D 445 -32.33 -13.14 -20.04
CA PHE D 445 -31.16 -13.74 -20.66
C PHE D 445 -30.84 -15.04 -19.93
N ALA D 446 -30.96 -15.00 -18.60
CA ALA D 446 -30.73 -16.17 -17.78
C ALA D 446 -31.70 -17.27 -18.20
N GLY D 447 -32.97 -16.93 -18.45
CA GLY D 447 -33.92 -17.93 -18.92
C GLY D 447 -33.46 -18.59 -20.21
N MET D 448 -32.94 -17.79 -21.13
CA MET D 448 -32.40 -18.33 -22.40
C MET D 448 -31.24 -19.31 -22.14
N LEU D 449 -30.42 -18.94 -21.16
CA LEU D 449 -29.31 -19.78 -20.71
C LEU D 449 -29.85 -21.10 -20.18
N VAL D 450 -30.94 -21.05 -19.42
CA VAL D 450 -31.57 -22.25 -18.88
C VAL D 450 -31.97 -23.14 -20.04
N MET D 451 -32.49 -22.50 -21.07
CA MET D 451 -32.89 -23.21 -22.28
C MET D 451 -31.77 -23.92 -23.01
N ALA D 452 -30.61 -23.29 -23.24
CA ALA D 452 -29.55 -24.01 -23.97
C ALA D 452 -29.23 -25.33 -23.26
N TYR D 453 -29.04 -25.27 -21.95
CA TYR D 453 -28.75 -26.46 -21.13
C TYR D 453 -29.83 -27.53 -21.15
N ASN D 454 -31.06 -27.07 -20.93
CA ASN D 454 -32.23 -27.93 -20.91
C ASN D 454 -32.30 -28.64 -22.24
N THR D 455 -32.23 -27.78 -23.24
CA THR D 455 -32.36 -28.18 -24.61
C THR D 455 -31.29 -29.17 -24.88
N TRP D 456 -30.07 -28.96 -24.41
CA TRP D 456 -28.95 -29.86 -24.67
C TRP D 456 -29.25 -31.19 -24.12
N ARG D 457 -29.79 -31.20 -22.92
CA ARG D 457 -30.02 -32.48 -22.40
C ARG D 457 -31.02 -33.17 -23.35
N THR D 458 -32.06 -32.45 -23.82
CA THR D 458 -32.93 -33.15 -24.76
C THR D 458 -32.27 -33.44 -26.09
N VAL D 459 -31.36 -32.56 -26.51
CA VAL D 459 -30.63 -32.69 -27.75
C VAL D 459 -29.66 -33.83 -27.85
N GLN D 460 -29.11 -34.23 -26.71
CA GLN D 460 -28.13 -35.28 -26.78
C GLN D 460 -28.63 -36.60 -27.30
N ALA D 461 -29.86 -36.91 -26.91
CA ALA D 461 -30.23 -38.29 -27.01
C ALA D 461 -30.21 -38.82 -28.42
N ALA D 462 -30.81 -38.08 -29.36
CA ALA D 462 -30.84 -38.77 -30.63
C ALA D 462 -30.49 -38.39 -32.09
N LYS D 463 -29.62 -39.24 -32.63
CA LYS D 463 -29.12 -39.42 -34.01
C LYS D 463 -30.14 -40.17 -34.92
N PRO D 464 -31.35 -40.54 -34.43
CA PRO D 464 -32.16 -41.13 -35.50
C PRO D 464 -32.97 -40.34 -36.45
N ALA D 465 -32.88 -40.85 -37.66
CA ALA D 465 -33.45 -40.23 -38.81
C ALA D 465 -34.77 -40.92 -39.09
N GLU D 466 -35.49 -40.31 -40.02
CA GLU D 466 -36.73 -40.81 -40.59
C GLU D 466 -37.91 -40.84 -39.56
N TYR D 467 -37.87 -39.86 -38.64
CA TYR D 467 -38.79 -39.63 -37.48
C TYR D 467 -39.92 -38.72 -37.90
N ASP D 468 -41.17 -39.10 -37.62
CA ASP D 468 -42.32 -38.27 -38.02
C ASP D 468 -42.17 -38.48 -39.49
N ALA D 469 -42.95 -39.43 -39.96
CA ALA D 469 -42.94 -39.91 -41.31
C ALA D 469 -44.30 -39.62 -41.83
N ALA D 470 -45.34 -39.90 -41.07
CA ALA D 470 -46.67 -39.72 -41.61
C ALA D 470 -46.84 -38.23 -41.95
N LYS E 6 -65.14 -17.51 -49.73
CA LYS E 6 -64.14 -18.11 -48.91
C LYS E 6 -62.70 -17.71 -49.09
N LEU E 7 -62.21 -18.08 -50.26
CA LEU E 7 -60.89 -17.78 -50.81
C LEU E 7 -59.77 -18.49 -50.07
N GLU E 8 -60.16 -19.45 -49.25
CA GLU E 8 -59.23 -20.25 -48.48
C GLU E 8 -58.58 -21.38 -49.29
N LYS E 9 -59.35 -21.93 -50.23
CA LYS E 9 -58.87 -23.04 -51.06
C LYS E 9 -58.14 -22.60 -52.32
N ASN E 10 -58.27 -21.32 -52.63
CA ASN E 10 -57.65 -20.76 -53.82
C ASN E 10 -56.28 -20.16 -53.49
N VAL E 11 -55.19 -20.85 -53.82
CA VAL E 11 -53.87 -20.37 -53.37
C VAL E 11 -53.52 -19.04 -54.03
N GLY E 12 -53.79 -18.95 -55.33
CA GLY E 12 -53.46 -17.79 -56.12
C GLY E 12 -54.37 -16.61 -55.84
N LEU E 13 -55.64 -16.89 -55.60
CA LEU E 13 -56.63 -15.88 -55.27
C LEU E 13 -56.27 -15.24 -53.91
N LEU E 14 -55.95 -16.09 -52.94
CA LEU E 14 -55.50 -15.65 -51.63
C LEU E 14 -54.25 -14.81 -51.77
N THR E 15 -53.28 -15.30 -52.54
CA THR E 15 -52.05 -14.56 -52.78
C THR E 15 -52.33 -13.16 -53.36
N LEU E 16 -53.16 -13.13 -54.40
CA LEU E 16 -53.49 -11.89 -55.09
C LEU E 16 -54.18 -10.89 -54.17
N PHE E 17 -55.23 -11.31 -53.49
CA PHE E 17 -55.95 -10.42 -52.58
C PHE E 17 -55.10 -9.99 -51.39
N MET E 18 -54.11 -10.81 -51.03
CA MET E 18 -53.15 -10.39 -50.01
C MET E 18 -52.26 -9.26 -50.51
N ILE E 19 -51.60 -9.48 -51.65
CA ILE E 19 -50.73 -8.44 -52.24
C ILE E 19 -51.52 -7.17 -52.55
N LEU E 20 -52.82 -7.32 -52.82
CA LEU E 20 -53.68 -6.19 -53.05
C LEU E 20 -53.98 -5.43 -51.76
N ALA E 21 -54.50 -6.15 -50.76
CA ALA E 21 -54.90 -5.55 -49.49
C ALA E 21 -53.74 -4.85 -48.80
N VAL E 22 -52.54 -5.39 -48.96
CA VAL E 22 -51.37 -4.94 -48.23
C VAL E 22 -50.75 -3.71 -48.88
N SER E 23 -51.11 -3.45 -50.13
CA SER E 23 -50.49 -2.38 -50.91
C SER E 23 -51.11 -1.00 -50.69
N ILE E 24 -52.42 -0.96 -50.47
CA ILE E 24 -53.18 0.29 -50.38
C ILE E 24 -52.55 1.37 -49.47
N GLY E 25 -52.17 0.99 -48.25
CA GLY E 25 -51.57 1.94 -47.33
C GLY E 25 -50.27 2.54 -47.85
N GLY E 26 -49.45 1.69 -48.45
CA GLY E 26 -48.22 2.14 -49.07
C GLY E 26 -48.48 3.11 -50.20
N LEU E 27 -49.39 2.75 -51.11
CA LEU E 27 -49.73 3.61 -52.23
C LEU E 27 -50.34 4.96 -51.80
N THR E 28 -51.06 4.94 -50.69
CA THR E 28 -51.80 6.13 -50.26
C THR E 28 -50.97 7.04 -49.37
N GLN E 29 -49.91 6.51 -48.78
CA GLN E 29 -49.09 7.31 -47.88
C GLN E 29 -47.75 7.74 -48.47
N ILE E 30 -47.08 6.82 -49.15
CA ILE E 30 -45.76 7.13 -49.71
C ILE E 30 -45.85 7.90 -51.02
N VAL E 31 -46.65 7.39 -51.95
CA VAL E 31 -46.72 7.94 -53.31
C VAL E 31 -47.04 9.45 -53.38
N PRO E 32 -48.08 9.93 -52.64
CA PRO E 32 -48.39 11.35 -52.79
C PRO E 32 -47.30 12.28 -52.26
N LEU E 33 -46.42 11.76 -51.40
CA LEU E 33 -45.35 12.55 -50.84
C LEU E 33 -44.30 12.86 -51.91
N PHE E 34 -44.16 11.96 -52.87
CA PHE E 34 -43.23 12.18 -53.97
C PHE E 34 -43.58 13.46 -54.70
N PHE E 35 -44.89 13.75 -54.74
CA PHE E 35 -45.37 14.88 -55.52
C PHE E 35 -45.79 16.08 -54.69
N GLN E 36 -45.76 15.94 -53.36
CA GLN E 36 -46.06 17.08 -52.50
C GLN E 36 -44.87 18.04 -52.49
N ASP E 37 -45.14 19.32 -52.67
CA ASP E 37 -44.11 20.34 -52.73
C ASP E 37 -43.44 20.60 -51.38
N SER E 38 -44.25 20.74 -50.34
CA SER E 38 -43.77 21.19 -49.04
C SER E 38 -42.64 20.32 -48.49
N VAL E 39 -42.68 19.04 -48.83
CA VAL E 39 -41.66 18.11 -48.33
C VAL E 39 -40.56 17.84 -49.36
N ASN E 40 -40.58 18.55 -50.48
CA ASN E 40 -39.51 18.38 -51.46
C ASN E 40 -38.78 19.69 -51.72
N GLU E 41 -39.32 20.79 -51.22
CA GLU E 41 -38.70 22.11 -51.41
C GLU E 41 -37.68 22.35 -50.33
N PRO E 42 -36.43 22.62 -50.73
CA PRO E 42 -35.40 22.95 -49.75
C PRO E 42 -35.70 24.29 -49.13
N VAL E 43 -35.15 24.60 -47.97
CA VAL E 43 -35.20 25.97 -47.49
C VAL E 43 -34.41 26.82 -48.48
N GLU E 44 -34.86 28.06 -48.69
CA GLU E 44 -34.38 28.87 -49.81
C GLU E 44 -32.87 29.13 -49.73
N GLY E 45 -32.40 29.40 -48.52
CA GLY E 45 -30.99 29.66 -48.29
C GLY E 45 -30.07 28.47 -48.43
N MET E 46 -30.60 27.28 -48.18
CA MET E 46 -29.79 26.06 -48.01
C MET E 46 -29.00 25.59 -49.21
N LYS E 47 -27.77 25.17 -48.94
CA LYS E 47 -26.90 24.55 -49.93
C LYS E 47 -26.74 23.10 -49.53
N PRO E 48 -26.24 22.27 -50.46
CA PRO E 48 -25.91 20.88 -50.12
C PRO E 48 -24.76 20.83 -49.12
N TYR E 49 -24.58 19.71 -48.43
CA TYR E 49 -23.46 19.59 -47.49
C TYR E 49 -22.16 19.73 -48.26
N THR E 50 -21.22 20.47 -47.68
CA THR E 50 -19.90 20.61 -48.28
C THR E 50 -19.17 19.28 -48.11
N ALA E 51 -18.19 19.02 -48.98
CA ALA E 51 -17.48 17.74 -49.00
C ALA E 51 -17.12 17.25 -47.60
N LEU E 52 -16.57 18.15 -46.80
CA LEU E 52 -16.17 17.83 -45.43
C LEU E 52 -17.39 17.54 -44.57
N GLN E 53 -18.44 18.36 -44.73
CA GLN E 53 -19.67 18.16 -43.97
C GLN E 53 -20.29 16.82 -44.34
N LEU E 54 -20.30 16.51 -45.64
CA LEU E 54 -20.88 15.26 -46.13
C LEU E 54 -20.11 14.05 -45.58
N GLU E 55 -18.80 14.16 -45.57
CA GLU E 55 -17.94 13.09 -45.05
C GLU E 55 -18.19 12.89 -43.55
N GLY E 56 -18.36 14.00 -42.86
CA GLY E 56 -18.59 13.97 -41.43
C GLY E 56 -19.97 13.42 -41.12
N ARG E 57 -20.93 13.67 -42.01
CA ARG E 57 -22.26 13.14 -41.85
C ARG E 57 -22.23 11.64 -42.00
N ASP E 58 -21.44 11.16 -42.95
CA ASP E 58 -21.28 9.72 -43.12
C ASP E 58 -20.56 9.12 -41.91
N LEU E 59 -19.75 9.94 -41.25
CA LEU E 59 -19.11 9.50 -40.00
C LEU E 59 -20.14 9.37 -38.87
N TYR E 60 -20.99 10.39 -38.77
CA TYR E 60 -22.14 10.41 -37.88
C TYR E 60 -23.01 9.17 -38.09
N ILE E 61 -23.13 8.78 -39.35
CA ILE E 61 -23.91 7.60 -39.70
C ILE E 61 -23.20 6.33 -39.24
N ARG E 62 -21.89 6.26 -39.48
CA ARG E 62 -21.15 5.03 -39.23
C ARG E 62 -20.99 4.76 -37.74
N GLU E 63 -20.95 5.82 -36.94
CA GLU E 63 -20.75 5.65 -35.51
C GLU E 63 -22.03 5.31 -34.75
N GLY E 64 -23.18 5.46 -35.41
CA GLY E 64 -24.44 5.09 -34.81
C GLY E 64 -25.05 6.21 -33.98
N CYS E 65 -24.63 7.43 -34.27
CA CYS E 65 -25.08 8.64 -33.59
C CYS E 65 -26.60 8.77 -33.51
N VAL E 66 -27.27 8.46 -34.63
CA VAL E 66 -28.72 8.50 -34.74
C VAL E 66 -29.40 7.73 -33.60
N GLY E 67 -28.74 6.67 -33.15
CA GLY E 67 -29.26 5.82 -32.11
C GLY E 67 -29.53 6.44 -30.75
N CYS E 68 -29.00 7.63 -30.48
CA CYS E 68 -29.28 8.29 -29.20
C CYS E 68 -29.73 9.72 -29.45
N HIS E 69 -29.55 10.20 -30.68
CA HIS E 69 -29.73 11.61 -31.00
C HIS E 69 -30.71 11.86 -32.14
N SER E 70 -31.78 12.59 -31.82
CA SER E 70 -32.74 13.01 -32.84
C SER E 70 -32.25 14.24 -33.58
N GLN E 71 -32.71 14.38 -34.82
CA GLN E 71 -32.51 15.61 -35.58
C GLN E 71 -33.86 16.07 -36.10
N MET E 72 -34.75 16.36 -35.15
CA MET E 72 -36.13 16.66 -35.45
C MET E 72 -36.81 17.31 -34.25
N ILE E 73 -36.94 18.64 -34.31
CA ILE E 73 -37.55 19.41 -33.22
C ILE E 73 -39.06 19.51 -33.43
N ARG E 74 -39.82 19.02 -32.47
CA ARG E 74 -41.28 19.00 -32.56
C ARG E 74 -41.88 20.36 -32.21
N PRO E 75 -43.00 20.71 -32.88
CA PRO E 75 -43.59 22.04 -32.69
C PRO E 75 -44.33 22.21 -31.37
N PHE E 76 -43.61 21.97 -30.27
CA PHE E 76 -44.12 22.31 -28.94
C PHE E 76 -43.32 23.49 -28.42
N ARG E 77 -43.95 24.28 -27.55
CA ARG E 77 -43.27 25.41 -26.95
C ARG E 77 -42.00 25.01 -26.22
N ALA E 78 -42.07 23.96 -25.40
CA ALA E 78 -40.92 23.56 -24.59
C ALA E 78 -39.74 23.07 -25.43
N GLU E 79 -40.03 22.39 -26.53
CA GLU E 79 -38.97 21.91 -27.41
C GLU E 79 -38.39 23.05 -28.21
N THR E 80 -39.27 23.95 -28.63
CA THR E 80 -38.84 25.21 -29.23
C THR E 80 -37.85 25.95 -28.33
N GLU E 81 -38.21 26.09 -27.06
CA GLU E 81 -37.39 26.80 -26.09
C GLU E 81 -36.06 26.08 -25.84
N ARG E 82 -36.12 24.75 -25.80
CA ARG E 82 -34.91 23.98 -25.49
C ARG E 82 -33.93 23.91 -26.66
N TYR E 83 -34.44 23.80 -27.88
CA TYR E 83 -33.57 23.50 -29.03
C TYR E 83 -33.58 24.58 -30.11
N GLY E 84 -34.70 25.31 -30.22
CA GLY E 84 -34.84 26.32 -31.25
C GLY E 84 -36.06 26.09 -32.11
N HIS E 85 -36.07 26.67 -33.31
CA HIS E 85 -37.23 26.58 -34.20
C HIS E 85 -37.49 25.12 -34.55
N TYR E 86 -38.75 24.71 -34.48
CA TYR E 86 -39.11 23.33 -34.84
C TYR E 86 -38.64 23.02 -36.26
N SER E 87 -38.10 21.82 -36.43
CA SER E 87 -37.59 21.37 -37.73
C SER E 87 -38.64 21.49 -38.83
N VAL E 88 -38.18 21.77 -40.04
CA VAL E 88 -39.04 21.97 -41.20
C VAL E 88 -38.62 20.94 -42.25
N ALA E 89 -39.58 20.39 -42.99
CA ALA E 89 -39.32 19.38 -44.02
C ALA E 89 -38.18 19.80 -44.95
N GLY E 90 -38.18 21.07 -45.35
CA GLY E 90 -37.20 21.58 -46.30
C GLY E 90 -35.77 21.45 -45.81
N GLU E 91 -35.59 21.30 -44.50
CA GLU E 91 -34.25 21.21 -43.93
C GLU E 91 -33.63 19.85 -44.24
N SER E 92 -34.46 18.83 -44.38
CA SER E 92 -33.91 17.48 -44.56
C SER E 92 -34.05 17.00 -46.00
N VAL E 93 -34.38 17.93 -46.89
CA VAL E 93 -34.65 17.64 -48.30
C VAL E 93 -33.47 16.93 -48.99
N TYR E 94 -32.24 17.21 -48.55
CA TYR E 94 -31.07 16.58 -49.15
C TYR E 94 -30.45 15.47 -48.29
N ASP E 95 -31.20 14.99 -47.30
CA ASP E 95 -30.67 13.99 -46.38
C ASP E 95 -30.91 12.56 -46.89
N HIS E 96 -29.96 12.03 -47.67
CA HIS E 96 -29.98 10.62 -48.03
C HIS E 96 -28.97 9.86 -47.17
N PRO E 97 -29.45 9.05 -46.21
CA PRO E 97 -30.84 8.93 -45.77
C PRO E 97 -31.15 9.88 -44.61
N PHE E 98 -32.43 10.10 -44.32
CA PHE E 98 -32.83 11.02 -43.27
C PHE E 98 -32.32 10.56 -41.90
N LEU E 99 -31.97 11.52 -41.06
CA LEU E 99 -31.46 11.18 -39.74
C LEU E 99 -32.28 11.86 -38.65
N TRP E 100 -33.59 11.95 -38.86
CA TRP E 100 -34.49 12.27 -37.77
C TRP E 100 -34.28 11.15 -36.79
N GLY E 101 -34.41 11.42 -35.50
CA GLY E 101 -34.21 10.37 -34.53
C GLY E 101 -35.44 9.51 -34.33
N SER E 102 -35.34 8.59 -33.38
CA SER E 102 -36.51 7.97 -32.80
C SER E 102 -36.34 7.86 -31.30
N LYS E 103 -35.11 8.08 -30.84
CA LYS E 103 -34.83 8.19 -29.40
C LYS E 103 -33.94 9.37 -29.09
N ARG E 104 -34.09 9.90 -27.88
CA ARG E 104 -33.22 10.95 -27.39
C ARG E 104 -32.53 10.53 -26.09
N THR E 105 -31.56 9.62 -26.20
CA THR E 105 -30.70 9.30 -25.06
C THR E 105 -29.83 10.51 -24.78
N GLY E 106 -29.32 11.12 -25.85
CA GLY E 106 -28.70 12.43 -25.75
C GLY E 106 -29.66 13.43 -26.35
N PRO E 107 -29.35 14.73 -26.24
CA PRO E 107 -30.28 15.78 -26.70
C PRO E 107 -30.45 15.79 -28.21
N ASP E 108 -31.44 16.52 -28.68
CA ASP E 108 -31.66 16.70 -30.11
C ASP E 108 -30.55 17.54 -30.71
N LEU E 109 -30.09 17.17 -31.90
CA LEU E 109 -29.00 17.88 -32.55
C LEU E 109 -29.41 18.63 -33.83
N ALA E 110 -30.71 18.77 -34.06
CA ALA E 110 -31.18 19.42 -35.28
C ALA E 110 -30.65 20.84 -35.41
N ARG E 111 -30.40 21.52 -34.29
CA ARG E 111 -29.88 22.88 -34.33
C ARG E 111 -28.71 23.12 -33.38
N VAL E 112 -27.81 22.15 -33.24
CA VAL E 112 -26.58 22.39 -32.52
C VAL E 112 -25.74 23.44 -33.24
N GLY E 113 -26.09 23.69 -34.50
CA GLY E 113 -25.77 24.93 -35.21
C GLY E 113 -24.41 25.50 -34.91
N GLY E 114 -24.39 26.70 -34.34
CA GLY E 114 -23.15 27.26 -33.85
C GLY E 114 -23.31 27.50 -32.36
N ARG E 115 -24.07 26.62 -31.72
CA ARG E 115 -24.39 26.76 -30.30
C ARG E 115 -23.17 26.45 -29.48
N TYR E 116 -22.27 25.65 -30.05
CA TYR E 116 -21.05 25.31 -29.36
C TYR E 116 -19.83 25.55 -30.22
N SER E 117 -18.70 25.83 -29.57
CA SER E 117 -17.45 26.03 -30.28
C SER E 117 -16.86 24.71 -30.80
N ASP E 118 -16.08 24.78 -31.87
CA ASP E 118 -15.39 23.61 -32.38
C ASP E 118 -14.56 22.97 -31.29
N ASP E 119 -13.93 23.81 -30.47
CA ASP E 119 -13.07 23.33 -29.40
C ASP E 119 -13.89 22.48 -28.44
N TRP E 120 -15.08 22.96 -28.10
CA TRP E 120 -15.95 22.21 -27.20
C TRP E 120 -16.36 20.89 -27.81
N HIS E 121 -16.77 20.92 -29.07
CA HIS E 121 -17.22 19.71 -29.76
C HIS E 121 -16.12 18.67 -29.82
N ARG E 122 -14.89 19.14 -29.95
CA ARG E 122 -13.73 18.27 -30.03
C ARG E 122 -13.46 17.63 -28.67
N ALA E 123 -13.47 18.46 -27.63
CA ALA E 123 -13.25 17.99 -26.28
C ALA E 123 -14.31 16.96 -25.91
N HIS E 124 -15.53 17.27 -26.31
CA HIS E 124 -16.70 16.51 -25.89
C HIS E 124 -16.78 15.18 -26.63
N LEU E 125 -16.50 15.21 -27.93
CA LEU E 125 -16.44 13.96 -28.69
C LEU E 125 -15.30 13.06 -28.24
N TYR E 126 -14.16 13.65 -27.88
CA TYR E 126 -13.02 12.85 -27.44
C TYR E 126 -13.32 12.13 -26.13
N ASN E 127 -14.09 12.79 -25.27
CA ASN E 127 -14.49 12.25 -23.97
C ASN E 127 -15.62 13.09 -23.37
N PRO E 128 -16.87 12.69 -23.59
CA PRO E 128 -17.99 13.52 -23.13
C PRO E 128 -17.94 13.72 -21.62
N ARG E 129 -17.52 12.69 -20.90
CA ARG E 129 -17.43 12.72 -19.45
C ARG E 129 -16.44 13.77 -19.00
N ASN E 130 -15.47 14.03 -19.85
CA ASN E 130 -14.43 15.00 -19.57
C ASN E 130 -14.99 16.44 -19.50
N VAL E 131 -16.09 16.69 -20.20
CA VAL E 131 -16.71 18.01 -20.21
C VAL E 131 -18.07 18.01 -19.51
N VAL E 132 -18.75 16.87 -19.62
CA VAL E 132 -20.05 16.68 -18.99
C VAL E 132 -19.97 15.40 -18.16
N PRO E 133 -19.51 15.52 -16.91
CA PRO E 133 -19.12 14.40 -16.05
C PRO E 133 -20.14 13.26 -15.97
N GLU E 134 -21.42 13.59 -16.08
CA GLU E 134 -22.47 12.59 -15.90
C GLU E 134 -23.08 12.15 -17.24
N SER E 135 -22.33 12.34 -18.32
CA SER E 135 -22.78 11.94 -19.65
C SER E 135 -22.78 10.42 -19.76
N LYS E 136 -23.63 9.89 -20.63
CA LYS E 136 -23.64 8.44 -20.88
C LYS E 136 -23.15 8.15 -22.31
N MET E 137 -22.79 9.22 -23.00
CA MET E 137 -22.24 9.16 -24.35
C MET E 137 -20.89 8.45 -24.36
N PRO E 138 -20.67 7.58 -25.36
CA PRO E 138 -19.38 6.92 -25.57
C PRO E 138 -18.27 7.91 -25.90
N SER E 139 -17.04 7.59 -25.51
CA SER E 139 -15.92 8.39 -25.97
C SER E 139 -15.61 8.02 -27.41
N TYR E 140 -15.22 9.01 -28.22
CA TYR E 140 -14.92 8.76 -29.63
C TYR E 140 -13.53 9.28 -30.01
N PRO E 141 -12.48 8.87 -29.27
CA PRO E 141 -11.15 9.43 -29.47
C PRO E 141 -10.50 9.07 -30.81
N TRP E 142 -10.88 7.93 -31.38
CA TRP E 142 -10.26 7.50 -32.63
C TRP E 142 -10.51 8.49 -33.77
N LEU E 143 -11.55 9.30 -33.62
CA LEU E 143 -11.88 10.32 -34.62
C LEU E 143 -10.70 11.27 -34.83
N VAL E 144 -9.87 11.42 -33.79
CA VAL E 144 -8.72 12.30 -33.87
C VAL E 144 -7.54 11.59 -34.54
N GLU E 145 -7.44 10.28 -34.32
CA GLU E 145 -6.32 9.49 -34.83
C GLU E 145 -6.51 9.09 -36.28
N ASN E 146 -7.70 9.34 -36.82
CA ASN E 146 -7.99 8.91 -38.19
C ASN E 146 -8.03 10.08 -39.17
N THR E 147 -7.47 9.85 -40.36
CA THR E 147 -7.36 10.90 -41.35
C THR E 147 -8.15 10.56 -42.62
N LEU E 148 -8.96 11.51 -43.08
CA LEU E 148 -9.68 11.35 -44.33
C LEU E 148 -8.73 11.50 -45.52
N ASP E 149 -8.83 10.59 -46.48
CA ASP E 149 -8.01 10.64 -47.68
C ASP E 149 -8.78 11.28 -48.83
N GLY E 150 -10.09 11.41 -48.67
CA GLY E 150 -10.94 12.04 -49.66
C GLY E 150 -11.12 11.24 -50.94
N LYS E 151 -10.79 9.95 -50.87
CA LYS E 151 -10.91 9.06 -52.02
C LYS E 151 -12.30 9.03 -52.64
N ASP E 152 -13.31 8.81 -51.80
CA ASP E 152 -14.66 8.52 -52.30
C ASP E 152 -15.62 9.71 -52.32
N THR E 153 -15.19 10.85 -51.79
CA THR E 153 -16.04 12.04 -51.72
C THR E 153 -16.64 12.42 -53.07
N ALA E 154 -15.79 12.43 -54.09
CA ALA E 154 -16.23 12.67 -55.46
C ALA E 154 -17.38 11.74 -55.86
N LYS E 155 -17.17 10.44 -55.69
CA LYS E 155 -18.19 9.44 -55.99
C LYS E 155 -19.48 9.69 -55.22
N LYS E 156 -19.35 9.94 -53.91
CA LYS E 156 -20.50 10.18 -53.04
C LYS E 156 -21.34 11.33 -53.55
N MET E 157 -20.68 12.44 -53.85
CA MET E 157 -21.36 13.63 -54.34
C MET E 157 -21.99 13.40 -55.72
N SER E 158 -21.28 12.68 -56.58
CA SER E 158 -21.84 12.30 -57.87
C SER E 158 -23.14 11.52 -57.69
N ALA E 159 -23.10 10.53 -56.80
CA ALA E 159 -24.27 9.72 -56.47
C ALA E 159 -25.44 10.57 -55.97
N LEU E 160 -25.14 11.48 -55.04
CA LEU E 160 -26.17 12.32 -54.45
C LEU E 160 -26.77 13.28 -55.46
N ARG E 161 -25.94 13.76 -56.40
CA ARG E 161 -26.43 14.59 -57.49
C ARG E 161 -27.39 13.79 -58.34
N MET E 162 -26.99 12.56 -58.66
CA MET E 162 -27.86 11.62 -59.36
C MET E 162 -29.19 11.46 -58.62
N LEU E 163 -29.15 11.60 -57.29
CA LEU E 163 -30.37 11.50 -56.47
C LEU E 163 -31.08 12.84 -56.26
N GLY E 164 -30.62 13.89 -56.93
CA GLY E 164 -31.30 15.18 -56.88
C GLY E 164 -30.56 16.34 -56.25
N VAL E 165 -29.57 16.04 -55.41
CA VAL E 165 -28.83 17.07 -54.69
C VAL E 165 -27.95 17.91 -55.62
N PRO E 166 -28.20 19.22 -55.67
CA PRO E 166 -27.57 20.07 -56.69
C PRO E 166 -26.11 20.41 -56.40
N TYR E 167 -25.25 19.40 -56.40
CA TYR E 167 -23.81 19.61 -56.31
C TYR E 167 -23.29 20.17 -57.63
N THR E 168 -22.44 21.19 -57.56
CA THR E 168 -21.90 21.78 -58.78
C THR E 168 -20.71 20.96 -59.27
N GLU E 169 -20.36 21.14 -60.54
CA GLU E 169 -19.16 20.54 -61.08
C GLU E 169 -17.96 21.03 -60.31
N GLU E 170 -18.01 22.30 -59.92
CA GLU E 170 -17.00 22.93 -59.07
C GLU E 170 -16.90 22.19 -57.75
N ASP E 171 -18.04 21.83 -57.20
CA ASP E 171 -18.10 21.11 -55.94
C ASP E 171 -17.42 19.74 -56.05
N ILE E 172 -17.80 18.95 -57.06
CA ILE E 172 -17.25 17.60 -57.25
C ILE E 172 -15.76 17.63 -57.58
N ALA E 173 -15.39 18.38 -58.62
CA ALA E 173 -13.98 18.65 -58.88
C ALA E 173 -13.33 19.22 -57.63
N GLY E 174 -12.27 18.56 -57.16
CA GLY E 174 -11.58 19.02 -55.97
C GLY E 174 -12.43 18.97 -54.71
N ALA E 175 -13.39 18.04 -54.68
CA ALA E 175 -14.04 17.66 -53.43
C ALA E 175 -13.06 16.85 -52.59
N ARG E 176 -12.15 16.17 -53.26
CA ARG E 176 -11.09 15.41 -52.60
C ARG E 176 -10.19 16.28 -51.74
N ASP E 177 -9.64 17.34 -52.32
CA ASP E 177 -8.66 18.17 -51.62
C ASP E 177 -9.31 19.14 -50.63
N SER E 178 -10.64 19.13 -50.60
CA SER E 178 -11.39 19.85 -49.57
C SER E 178 -11.37 19.03 -48.29
N VAL E 179 -11.07 17.74 -48.44
CA VAL E 179 -11.26 16.76 -47.39
C VAL E 179 -9.93 16.09 -47.00
N ASN E 180 -9.09 15.82 -48.00
CA ASN E 180 -7.81 15.12 -47.77
C ASN E 180 -6.95 15.77 -46.69
N GLY E 181 -6.47 14.95 -45.77
CA GLY E 181 -5.59 15.42 -44.71
C GLY E 181 -6.33 15.87 -43.47
N LYS E 182 -7.62 16.18 -43.63
CA LYS E 182 -8.48 16.50 -42.49
C LYS E 182 -8.71 15.24 -41.66
N THR E 183 -8.88 15.40 -40.35
CA THR E 183 -9.14 14.27 -39.48
C THR E 183 -10.64 13.97 -39.41
N GLU E 184 -10.99 12.75 -39.04
CA GLU E 184 -12.39 12.38 -38.92
C GLU E 184 -13.11 13.30 -37.96
N MET E 185 -12.43 13.65 -36.87
CA MET E 185 -12.99 14.58 -35.89
C MET E 185 -13.29 15.93 -36.54
N ASP E 186 -12.38 16.40 -37.40
CA ASP E 186 -12.59 17.63 -38.16
C ASP E 186 -13.90 17.58 -38.92
N ALA E 187 -14.10 16.47 -39.63
CA ALA E 187 -15.28 16.29 -40.47
C ALA E 187 -16.54 16.23 -39.62
N MET E 188 -16.48 15.46 -38.53
CA MET E 188 -17.60 15.33 -37.62
C MET E 188 -18.03 16.68 -37.06
N VAL E 189 -17.04 17.47 -36.63
CA VAL E 189 -17.29 18.79 -36.07
C VAL E 189 -17.91 19.68 -37.14
N ALA E 190 -17.37 19.59 -38.34
CA ALA E 190 -17.86 20.38 -39.46
C ALA E 190 -19.32 20.07 -39.75
N TYR E 191 -19.66 18.79 -39.70
CA TYR E 191 -21.03 18.35 -39.92
C TYR E 191 -21.93 18.93 -38.83
N LEU E 192 -21.56 18.67 -37.58
CA LEU E 192 -22.36 19.14 -36.46
C LEU E 192 -22.61 20.65 -36.49
N GLN E 193 -21.64 21.41 -36.98
CA GLN E 193 -21.74 22.87 -36.95
C GLN E 193 -22.62 23.47 -38.05
N VAL E 194 -23.11 22.63 -38.96
CA VAL E 194 -23.96 23.13 -40.03
C VAL E 194 -25.42 22.80 -39.76
N LEU E 195 -25.63 21.85 -38.85
CA LEU E 195 -26.97 21.39 -38.51
C LEU E 195 -27.92 22.52 -38.08
N GLY E 196 -28.97 22.73 -38.86
CA GLY E 196 -30.01 23.69 -38.53
C GLY E 196 -29.65 25.14 -38.82
N THR E 197 -28.44 25.37 -39.29
CA THR E 197 -28.01 26.72 -39.63
C THR E 197 -28.77 27.24 -40.84
N ALA E 198 -29.10 26.33 -41.75
CA ALA E 198 -29.76 26.70 -43.00
C ALA E 198 -31.04 27.53 -42.82
N LEU E 199 -31.83 27.18 -41.82
CA LEU E 199 -33.10 27.88 -41.57
C LEU E 199 -32.89 29.25 -40.93
N THR E 200 -32.12 29.29 -39.85
CA THR E 200 -32.03 30.48 -39.01
C THR E 200 -31.14 31.61 -39.54
N ASN E 201 -30.74 31.53 -40.80
CA ASN E 201 -30.00 32.64 -41.43
C ASN E 201 -30.44 32.89 -42.87
N LYS E 202 -31.53 32.24 -43.28
CA LYS E 202 -32.07 32.40 -44.62
C LYS E 202 -32.53 33.84 -44.86
N MET F 1 -50.27 20.11 -51.64
CA MET F 1 -50.91 18.95 -52.25
C MET F 1 -51.91 19.30 -53.34
N SER F 2 -51.78 18.68 -54.52
CA SER F 2 -52.79 18.86 -55.54
C SER F 2 -54.09 18.22 -55.13
N THR F 3 -55.20 18.78 -55.59
CA THR F 3 -56.53 18.25 -55.23
C THR F 3 -56.52 16.81 -55.73
N PHE F 4 -55.93 16.59 -56.90
CA PHE F 4 -55.88 15.28 -57.52
C PHE F 4 -55.28 14.36 -56.43
N TRP F 5 -54.16 14.78 -55.78
CA TRP F 5 -53.59 13.90 -54.74
C TRP F 5 -54.48 13.80 -53.53
N SER F 6 -55.04 14.93 -53.16
CA SER F 6 -55.91 14.98 -52.01
C SER F 6 -57.18 14.17 -52.01
N GLY F 7 -57.84 14.30 -53.15
CA GLY F 7 -59.09 13.68 -53.45
C GLY F 7 -58.76 12.24 -53.46
N TYR F 8 -57.61 11.95 -54.07
CA TYR F 8 -57.18 10.58 -54.22
C TYR F 8 -56.99 9.94 -52.86
N ILE F 9 -56.31 10.65 -51.97
CA ILE F 9 -56.00 10.16 -50.64
C ILE F 9 -57.26 9.93 -49.83
N ALA F 10 -58.16 10.91 -49.87
CA ALA F 10 -59.38 10.92 -49.09
C ALA F 10 -60.19 9.74 -49.61
N LEU F 11 -60.19 9.59 -50.93
CA LEU F 11 -60.97 8.58 -51.62
C LEU F 11 -60.51 7.21 -51.22
N LEU F 12 -59.21 7.01 -51.20
CA LEU F 12 -58.67 5.70 -50.90
C LEU F 12 -58.89 5.38 -49.45
N THR F 13 -58.68 6.36 -48.57
CA THR F 13 -58.83 6.10 -47.15
C THR F 13 -60.25 5.69 -46.89
N LEU F 14 -61.17 6.47 -47.45
CA LEU F 14 -62.59 6.23 -47.26
C LEU F 14 -63.02 4.94 -47.92
N GLY F 15 -62.50 4.66 -49.11
CA GLY F 15 -62.85 3.47 -49.88
C GLY F 15 -62.43 2.22 -49.13
N THR F 16 -61.23 2.33 -48.56
CA THR F 16 -60.58 1.29 -47.76
C THR F 16 -61.46 1.07 -46.56
N ILE F 17 -61.93 2.19 -46.01
CA ILE F 17 -62.83 2.21 -44.85
C ILE F 17 -64.12 1.50 -45.24
N VAL F 18 -64.60 1.78 -46.44
CA VAL F 18 -65.84 1.21 -46.89
C VAL F 18 -65.56 -0.28 -46.90
N ALA F 19 -64.41 -0.68 -47.43
CA ALA F 19 -64.11 -2.10 -47.54
C ALA F 19 -64.04 -2.77 -46.16
N LEU F 20 -63.46 -2.09 -45.16
CA LEU F 20 -63.37 -2.70 -43.83
C LEU F 20 -64.79 -2.90 -43.30
N PHE F 21 -65.66 -1.89 -43.43
CA PHE F 21 -67.04 -2.08 -42.93
C PHE F 21 -67.76 -3.16 -43.65
N TRP F 22 -67.58 -3.18 -44.96
CA TRP F 22 -68.28 -4.13 -45.75
C TRP F 22 -67.79 -5.49 -45.24
N LEU F 23 -66.49 -5.64 -44.97
CA LEU F 23 -65.92 -6.90 -44.51
C LEU F 23 -66.44 -7.33 -43.16
N ILE F 24 -66.51 -6.39 -42.22
CA ILE F 24 -66.92 -6.71 -40.88
C ILE F 24 -68.37 -7.19 -40.99
N PHE F 25 -69.18 -6.47 -41.76
CA PHE F 25 -70.57 -6.86 -41.87
C PHE F 25 -70.68 -8.21 -42.57
N ALA F 26 -69.92 -8.42 -43.64
CA ALA F 26 -70.02 -9.67 -44.37
C ALA F 26 -69.62 -10.83 -43.46
N THR F 27 -68.63 -10.58 -42.60
CA THR F 27 -68.24 -11.57 -41.61
C THR F 27 -69.36 -11.84 -40.60
N ARG F 28 -70.14 -10.80 -40.32
CA ARG F 28 -71.16 -10.79 -39.25
C ARG F 28 -72.51 -11.43 -39.64
N LYS F 29 -72.62 -11.84 -40.88
CA LYS F 29 -73.88 -12.23 -41.52
C LYS F 29 -74.68 -13.40 -40.87
N GLY F 30 -73.99 -14.44 -40.47
CA GLY F 30 -74.44 -15.69 -39.85
C GLY F 30 -74.37 -15.85 -38.33
N GLU F 31 -74.93 -14.93 -37.56
CA GLU F 31 -74.74 -14.95 -36.10
C GLU F 31 -75.52 -16.02 -35.30
N SER F 32 -74.76 -16.91 -34.67
CA SER F 32 -75.29 -17.99 -33.84
C SER F 32 -76.07 -17.45 -32.65
N ALA F 33 -75.54 -16.38 -32.06
CA ALA F 33 -76.07 -15.71 -30.86
C ALA F 33 -75.95 -16.53 -29.58
N GLY F 34 -75.19 -17.62 -29.65
CA GLY F 34 -74.94 -18.50 -28.52
C GLY F 34 -73.51 -18.93 -28.73
N THR F 35 -72.75 -19.41 -27.73
CA THR F 35 -71.38 -19.71 -28.07
C THR F 35 -71.49 -20.76 -29.16
N THR F 36 -72.45 -21.67 -28.92
CA THR F 36 -73.01 -22.62 -29.86
C THR F 36 -71.96 -23.75 -30.13
N ASP F 37 -70.81 -23.31 -30.63
CA ASP F 37 -69.64 -24.14 -30.97
C ASP F 37 -70.05 -25.06 -32.17
N GLN F 38 -70.05 -26.43 -32.09
CA GLN F 38 -69.08 -27.33 -31.48
C GLN F 38 -67.82 -27.61 -32.29
N THR F 39 -67.95 -27.66 -33.62
CA THR F 39 -66.81 -27.94 -34.48
C THR F 39 -66.72 -27.15 -35.79
N MET F 40 -65.50 -27.00 -36.32
CA MET F 40 -65.29 -26.42 -37.65
C MET F 40 -65.10 -27.42 -38.73
N GLY F 41 -65.63 -27.01 -39.86
CA GLY F 41 -65.58 -27.81 -41.03
C GLY F 41 -64.21 -28.06 -41.59
N HIS F 42 -63.07 -27.66 -41.03
CA HIS F 42 -62.00 -27.98 -41.94
C HIS F 42 -61.00 -28.55 -40.98
N ALA F 43 -60.34 -29.65 -41.37
CA ALA F 43 -59.31 -30.19 -40.48
C ALA F 43 -57.86 -29.82 -40.67
N PHE F 44 -57.09 -29.42 -39.66
CA PHE F 44 -55.69 -29.32 -40.01
C PHE F 44 -55.02 -30.33 -39.05
N ASP F 45 -54.35 -31.41 -39.45
CA ASP F 45 -53.84 -32.31 -38.41
C ASP F 45 -54.90 -32.80 -37.37
N GLY F 46 -54.49 -32.64 -36.10
CA GLY F 46 -55.19 -32.77 -34.83
C GLY F 46 -56.32 -31.79 -34.55
N ILE F 47 -56.11 -30.55 -35.01
CA ILE F 47 -56.85 -29.36 -34.58
C ILE F 47 -58.09 -29.19 -35.41
N GLU F 48 -59.10 -28.72 -34.69
CA GLU F 48 -60.42 -28.40 -35.20
C GLU F 48 -60.84 -27.06 -34.59
N GLU F 49 -61.77 -26.38 -35.24
CA GLU F 49 -62.14 -25.03 -34.82
C GLU F 49 -63.59 -24.77 -34.46
N TYR F 50 -63.90 -24.17 -33.34
CA TYR F 50 -65.30 -23.84 -33.23
C TYR F 50 -65.76 -22.78 -34.24
N ASP F 51 -66.95 -22.96 -34.86
CA ASP F 51 -67.49 -21.90 -35.73
C ASP F 51 -68.30 -20.95 -34.87
N ASN F 52 -67.68 -19.91 -34.37
CA ASN F 52 -68.39 -19.02 -33.49
C ASN F 52 -68.72 -17.62 -34.00
N PRO F 53 -69.74 -16.98 -33.42
CA PRO F 53 -69.95 -15.63 -33.92
C PRO F 53 -68.96 -14.76 -33.14
N LEU F 54 -68.58 -13.61 -33.68
CA LEU F 54 -67.70 -12.67 -33.01
C LEU F 54 -68.40 -12.19 -31.75
N PRO F 55 -67.66 -12.08 -30.62
CA PRO F 55 -68.34 -11.60 -29.41
C PRO F 55 -68.86 -10.23 -29.76
N ARG F 56 -70.09 -10.02 -29.31
CA ARG F 56 -70.84 -8.85 -29.67
C ARG F 56 -70.09 -7.63 -29.09
N TRP F 57 -69.58 -7.70 -27.86
CA TRP F 57 -68.89 -6.54 -27.24
C TRP F 57 -67.64 -6.18 -28.04
N TRP F 58 -66.88 -7.18 -28.50
CA TRP F 58 -65.66 -6.93 -29.25
C TRP F 58 -66.01 -6.22 -30.52
N PHE F 59 -67.11 -6.65 -31.08
CA PHE F 59 -67.63 -6.09 -32.28
C PHE F 59 -67.94 -4.62 -31.93
N LEU F 60 -68.51 -4.39 -30.75
CA LEU F 60 -68.91 -3.06 -30.29
C LEU F 60 -67.65 -2.17 -30.19
N LEU F 61 -66.57 -2.71 -29.67
CA LEU F 61 -65.34 -1.96 -29.50
C LEU F 61 -64.82 -1.55 -30.88
N PHE F 62 -64.87 -2.49 -31.81
CA PHE F 62 -64.33 -2.26 -33.14
C PHE F 62 -65.15 -1.13 -33.76
N ILE F 63 -66.48 -1.15 -33.64
CA ILE F 63 -67.31 -0.10 -34.25
C ILE F 63 -67.00 1.23 -33.61
N GLY F 64 -66.82 1.24 -32.30
CA GLY F 64 -66.55 2.50 -31.63
C GLY F 64 -65.25 3.03 -32.21
N THR F 65 -64.26 2.18 -32.46
CA THR F 65 -63.01 2.69 -33.04
C THR F 65 -63.26 3.30 -34.42
N LEU F 66 -64.04 2.62 -35.27
CA LEU F 66 -64.26 3.15 -36.62
C LEU F 66 -64.94 4.50 -36.52
N VAL F 67 -65.91 4.58 -35.61
CA VAL F 67 -66.65 5.83 -35.45
C VAL F 67 -65.71 6.94 -35.04
N PHE F 68 -64.83 6.64 -34.08
CA PHE F 68 -63.93 7.64 -33.55
C PHE F 68 -63.01 8.08 -34.72
N GLY F 69 -62.58 7.12 -35.54
CA GLY F 69 -61.68 7.47 -36.64
C GLY F 69 -62.37 8.40 -37.62
N ILE F 70 -63.63 8.13 -37.94
CA ILE F 70 -64.38 8.96 -38.88
C ILE F 70 -64.54 10.36 -38.28
N LEU F 71 -64.83 10.42 -36.99
CA LEU F 71 -65.06 11.68 -36.28
C LEU F 71 -63.76 12.48 -36.33
N TYR F 72 -62.63 11.80 -36.10
CA TYR F 72 -61.32 12.43 -36.11
C TYR F 72 -60.97 13.00 -37.44
N LEU F 73 -61.25 12.22 -38.46
CA LEU F 73 -60.90 12.61 -39.80
C LEU F 73 -61.73 13.86 -40.06
N VAL F 74 -62.98 13.88 -39.62
CA VAL F 74 -63.82 15.04 -39.87
C VAL F 74 -63.34 16.28 -39.09
N LEU F 75 -62.98 16.06 -37.82
CA LEU F 75 -62.51 17.10 -36.93
C LEU F 75 -61.16 17.67 -37.37
N TYR F 76 -60.29 16.80 -37.89
CA TYR F 76 -58.87 17.14 -38.08
C TYR F 76 -58.29 16.90 -39.46
N PRO F 77 -57.20 17.62 -39.78
CA PRO F 77 -56.68 17.42 -41.13
C PRO F 77 -56.15 16.00 -41.15
N GLY F 78 -56.02 15.42 -42.33
CA GLY F 78 -55.69 14.02 -42.37
C GLY F 78 -56.09 13.59 -43.75
N LEU F 79 -57.38 13.74 -43.96
CA LEU F 79 -58.00 13.33 -45.19
C LEU F 79 -57.68 14.34 -46.26
N GLY F 80 -56.97 13.94 -47.30
CA GLY F 80 -56.71 14.82 -48.43
C GLY F 80 -56.09 16.18 -48.15
N ASN F 81 -56.58 17.20 -48.87
CA ASN F 81 -56.15 18.58 -48.64
C ASN F 81 -57.14 19.19 -47.68
N TRP F 82 -58.04 18.35 -47.21
CA TRP F 82 -59.14 18.81 -46.36
C TRP F 82 -58.64 19.41 -45.05
N LYS F 83 -59.16 20.55 -44.61
CA LYS F 83 -58.74 21.03 -43.29
C LYS F 83 -59.77 20.57 -42.27
N GLY F 84 -59.32 20.36 -41.03
CA GLY F 84 -60.19 19.91 -39.96
C GLY F 84 -61.25 20.96 -39.69
N VAL F 85 -62.45 20.51 -39.34
CA VAL F 85 -63.56 21.43 -39.03
C VAL F 85 -63.73 21.69 -37.51
N LEU F 86 -62.81 21.17 -36.71
CA LEU F 86 -62.86 21.17 -35.23
C LEU F 86 -62.87 22.66 -34.79
N PRO F 87 -63.60 23.00 -33.70
CA PRO F 87 -63.74 24.42 -33.30
C PRO F 87 -62.60 25.19 -32.63
N GLY F 88 -62.64 26.52 -32.82
CA GLY F 88 -61.73 27.41 -32.10
C GLY F 88 -60.43 27.69 -32.78
N TYR F 89 -60.19 27.01 -33.89
CA TYR F 89 -59.03 27.24 -34.73
C TYR F 89 -59.28 27.70 -36.20
N GLU F 90 -58.74 28.87 -36.55
CA GLU F 90 -58.94 29.53 -37.86
C GLU F 90 -58.11 28.93 -38.97
N GLY F 91 -58.71 28.80 -40.14
CA GLY F 91 -57.97 28.26 -41.26
C GLY F 91 -57.70 26.79 -41.11
N GLY F 92 -58.46 26.08 -40.28
CA GLY F 92 -58.19 24.66 -40.10
C GLY F 92 -57.21 24.45 -38.98
N TRP F 93 -56.79 23.20 -38.77
CA TRP F 93 -55.91 22.91 -37.66
C TRP F 93 -54.59 22.35 -38.13
N THR F 94 -53.49 22.89 -37.61
CA THR F 94 -52.18 22.38 -37.94
C THR F 94 -51.37 22.37 -36.65
N GLN F 95 -50.35 21.53 -36.61
CA GLN F 95 -49.49 21.36 -35.44
C GLN F 95 -48.83 22.71 -35.19
N GLU F 96 -48.49 23.33 -36.32
CA GLU F 96 -47.83 24.62 -36.36
C GLU F 96 -48.74 25.63 -35.70
N LYS F 97 -50.03 25.54 -36.01
CA LYS F 97 -50.97 26.51 -35.50
C LYS F 97 -51.04 26.46 -33.97
N GLN F 98 -51.03 25.23 -33.43
CA GLN F 98 -51.09 25.03 -31.99
C GLN F 98 -49.88 25.66 -31.40
N TRP F 99 -48.76 25.48 -32.09
CA TRP F 99 -47.53 26.01 -31.55
C TRP F 99 -47.69 27.54 -31.50
N GLU F 100 -48.24 28.21 -32.52
CA GLU F 100 -48.36 29.69 -32.43
C GLU F 100 -49.23 30.07 -31.21
N ARG F 101 -50.34 29.37 -30.99
CA ARG F 101 -51.21 29.66 -29.83
C ARG F 101 -50.53 29.45 -28.51
N GLU F 102 -49.80 28.36 -28.41
CA GLU F 102 -49.14 27.91 -27.22
C GLU F 102 -48.17 29.09 -27.00
N VAL F 103 -47.54 29.64 -28.05
CA VAL F 103 -46.63 30.77 -27.82
C VAL F 103 -47.45 31.93 -27.28
N ALA F 104 -48.61 32.24 -27.86
CA ALA F 104 -49.31 33.43 -27.41
C ALA F 104 -49.70 33.27 -25.95
N GLN F 105 -50.19 32.07 -25.60
CA GLN F 105 -50.60 31.83 -24.23
C GLN F 105 -49.43 31.94 -23.27
N ALA F 106 -48.29 31.35 -23.66
CA ALA F 106 -47.12 31.39 -22.79
C ALA F 106 -46.64 32.81 -22.61
N ASP F 107 -46.58 33.52 -23.73
CA ASP F 107 -46.11 34.89 -23.78
C ASP F 107 -47.00 35.79 -22.97
N GLU F 108 -48.30 35.59 -23.11
CA GLU F 108 -49.31 36.35 -22.37
C GLU F 108 -49.33 36.15 -20.87
N LYS F 109 -49.22 34.86 -20.52
CA LYS F 109 -49.27 34.34 -19.16
C LYS F 109 -48.04 34.92 -18.45
N TYR F 110 -46.92 34.83 -19.16
CA TYR F 110 -45.54 35.16 -18.75
C TYR F 110 -44.85 36.44 -19.16
N GLY F 111 -45.49 37.15 -20.04
CA GLY F 111 -44.98 38.31 -20.74
C GLY F 111 -44.63 39.44 -19.81
N PRO F 112 -45.47 39.70 -18.78
CA PRO F 112 -45.10 40.81 -17.92
C PRO F 112 -43.77 40.50 -17.29
N ILE F 113 -43.47 39.26 -16.90
CA ILE F 113 -42.23 38.99 -16.20
C ILE F 113 -41.05 39.38 -17.14
N PHE F 114 -41.10 39.04 -18.43
CA PHE F 114 -40.00 39.48 -19.31
C PHE F 114 -39.99 41.00 -19.38
N ALA F 115 -41.16 41.60 -19.51
CA ALA F 115 -41.26 43.04 -19.66
C ALA F 115 -40.72 43.76 -18.43
N LYS F 116 -41.05 43.23 -17.27
CA LYS F 116 -40.75 43.76 -15.96
C LYS F 116 -39.27 43.82 -15.72
N TYR F 117 -38.59 42.72 -16.05
CA TYR F 117 -37.15 42.65 -15.84
C TYR F 117 -36.26 43.57 -16.69
N ALA F 118 -36.59 43.79 -17.97
CA ALA F 118 -35.71 44.57 -18.84
C ALA F 118 -35.56 45.97 -18.24
N ALA F 119 -36.69 46.46 -17.73
CA ALA F 119 -36.83 47.76 -17.09
C ALA F 119 -35.96 47.87 -15.84
N MET F 120 -35.87 46.79 -15.08
CA MET F 120 -35.10 46.82 -13.83
C MET F 120 -33.60 46.98 -14.18
N SER F 121 -32.82 47.67 -13.33
CA SER F 121 -31.38 47.75 -13.63
C SER F 121 -30.69 46.42 -13.43
N VAL F 122 -29.60 46.16 -14.16
CA VAL F 122 -29.01 44.82 -14.04
C VAL F 122 -28.50 44.38 -12.66
N GLU F 123 -27.80 45.27 -11.96
CA GLU F 123 -27.30 45.00 -10.61
C GLU F 123 -28.51 44.84 -9.71
N GLU F 124 -29.44 45.74 -10.02
CA GLU F 124 -30.73 45.83 -9.38
C GLU F 124 -31.46 44.52 -9.72
N VAL F 125 -31.35 44.04 -10.98
CA VAL F 125 -32.05 42.81 -11.39
C VAL F 125 -31.47 41.69 -10.52
N ALA F 126 -30.16 41.81 -10.28
CA ALA F 126 -29.33 40.88 -9.52
C ALA F 126 -29.83 40.78 -8.08
N GLN F 127 -30.35 41.89 -7.57
CA GLN F 127 -30.79 42.02 -6.18
C GLN F 127 -31.94 41.06 -5.84
N ASP F 128 -32.86 40.86 -6.78
CA ASP F 128 -34.02 40.01 -6.56
C ASP F 128 -33.62 38.53 -6.52
N PRO F 129 -33.91 37.82 -5.41
CA PRO F 129 -33.57 36.39 -5.38
C PRO F 129 -34.40 35.63 -6.44
N GLN F 130 -35.65 36.06 -6.66
CA GLN F 130 -36.62 35.39 -7.54
C GLN F 130 -36.08 35.40 -8.97
N ALA F 131 -35.53 36.55 -9.37
CA ALA F 131 -34.97 36.73 -10.70
C ALA F 131 -33.81 35.78 -10.83
N VAL F 132 -33.03 35.70 -9.77
CA VAL F 132 -31.82 34.87 -9.72
C VAL F 132 -32.18 33.43 -9.92
N LYS F 133 -33.23 33.00 -9.23
CA LYS F 133 -33.65 31.62 -9.28
C LYS F 133 -34.03 31.41 -10.75
N MET F 134 -34.63 32.42 -11.37
CA MET F 134 -34.91 32.36 -12.81
C MET F 134 -33.62 32.25 -13.61
N GLY F 135 -32.61 33.03 -13.24
CA GLY F 135 -31.33 33.03 -13.92
C GLY F 135 -30.60 31.71 -13.83
N ALA F 136 -30.62 31.13 -12.63
CA ALA F 136 -29.96 29.86 -12.34
C ALA F 136 -30.64 28.82 -13.20
N ARG F 137 -31.96 29.00 -13.27
CA ARG F 137 -32.80 28.09 -14.01
C ARG F 137 -32.39 28.15 -15.45
N LEU F 138 -32.17 29.37 -15.91
CA LEU F 138 -31.77 29.61 -17.28
C LEU F 138 -30.39 29.03 -17.59
N PHE F 139 -29.51 29.21 -16.60
CA PHE F 139 -28.11 28.86 -16.73
C PHE F 139 -27.97 27.37 -16.96
N ALA F 140 -28.70 26.58 -16.15
CA ALA F 140 -28.52 25.14 -16.21
C ALA F 140 -28.90 24.58 -17.57
N ASN F 141 -30.00 25.08 -18.11
CA ASN F 141 -30.48 24.62 -19.40
C ASN F 141 -29.56 24.99 -20.55
N TYR F 142 -29.04 26.22 -20.56
CA TYR F 142 -28.27 26.64 -21.75
C TYR F 142 -26.78 26.86 -21.55
N CYS F 143 -26.38 27.07 -20.31
CA CYS F 143 -25.00 27.46 -20.05
C CYS F 143 -24.14 26.50 -19.25
N SER F 144 -24.77 25.54 -18.61
CA SER F 144 -24.11 24.64 -17.67
C SER F 144 -23.06 23.79 -18.35
N ILE F 145 -23.36 23.39 -19.57
CA ILE F 145 -22.59 22.39 -20.28
C ILE F 145 -21.12 22.81 -20.53
N CYS F 146 -20.86 24.08 -20.80
CA CYS F 146 -19.50 24.53 -21.06
C CYS F 146 -18.89 24.92 -19.73
N HIS F 147 -19.65 25.71 -18.96
CA HIS F 147 -19.14 26.34 -17.75
C HIS F 147 -19.37 25.48 -16.52
N GLY F 148 -19.85 24.26 -16.70
CA GLY F 148 -20.10 23.37 -15.59
C GLY F 148 -21.46 23.64 -14.97
N SER F 149 -22.08 22.61 -14.42
CA SER F 149 -23.36 22.76 -13.71
C SER F 149 -23.21 23.65 -12.47
N ASP F 150 -21.99 23.74 -11.97
CA ASP F 150 -21.71 24.57 -10.80
C ASP F 150 -21.21 25.96 -11.19
N ALA F 151 -21.15 26.20 -12.51
CA ALA F 151 -20.65 27.45 -13.09
C ALA F 151 -19.17 27.68 -12.77
N LYS F 152 -18.47 26.63 -12.31
CA LYS F 152 -17.09 26.79 -11.89
C LYS F 152 -16.11 26.30 -12.96
N GLY F 153 -16.64 26.00 -14.14
CA GLY F 153 -15.85 25.72 -15.33
C GLY F 153 -14.96 24.49 -15.28
N SER F 154 -14.13 24.37 -16.31
CA SER F 154 -13.16 23.30 -16.44
C SER F 154 -12.05 23.72 -17.40
N LEU F 155 -11.08 22.84 -17.64
CA LEU F 155 -9.98 23.15 -18.55
C LEU F 155 -10.48 23.60 -19.92
N GLY F 156 -10.21 24.86 -20.26
CA GLY F 156 -10.68 25.43 -21.51
C GLY F 156 -11.86 26.37 -21.30
N PHE F 157 -12.48 26.27 -20.13
CA PHE F 157 -13.74 26.97 -19.88
C PHE F 157 -13.75 27.68 -18.52
N PRO F 158 -13.96 28.99 -18.56
CA PRO F 158 -13.88 29.90 -17.40
C PRO F 158 -14.77 29.52 -16.24
N ASN F 159 -14.26 29.75 -15.04
CA ASN F 159 -15.05 29.66 -13.83
C ASN F 159 -15.79 30.99 -13.69
N LEU F 160 -17.10 30.97 -13.81
CA LEU F 160 -17.90 32.20 -13.75
C LEU F 160 -18.25 32.55 -12.30
N ALA F 161 -18.02 31.61 -11.39
CA ALA F 161 -18.37 31.79 -9.99
C ALA F 161 -17.32 32.61 -9.24
N ASP F 162 -16.06 32.53 -9.66
CA ASP F 162 -14.99 33.23 -8.95
C ASP F 162 -14.98 34.73 -9.22
N GLN F 163 -13.95 35.39 -8.73
CA GLN F 163 -13.82 36.83 -8.85
C GLN F 163 -12.88 37.22 -10.00
N ASP F 164 -12.45 36.24 -10.78
CA ASP F 164 -11.55 36.50 -11.90
C ASP F 164 -12.31 36.57 -13.21
N TRP F 165 -12.19 37.71 -13.88
CA TRP F 165 -12.84 37.92 -15.16
C TRP F 165 -11.83 38.28 -16.26
N ARG F 166 -11.96 37.61 -17.40
CA ARG F 166 -11.05 37.83 -18.52
C ARG F 166 -11.48 39.06 -19.30
N TRP F 167 -12.78 39.21 -19.50
CA TRP F 167 -13.33 40.31 -20.28
C TRP F 167 -13.94 41.41 -19.41
N GLY F 168 -13.70 41.33 -18.10
CA GLY F 168 -14.27 42.29 -17.18
C GLY F 168 -15.49 41.75 -16.46
N GLY F 169 -15.71 42.20 -15.23
CA GLY F 169 -16.74 41.62 -14.39
C GLY F 169 -17.82 42.60 -13.96
N ASP F 170 -17.86 43.76 -14.60
CA ASP F 170 -18.99 44.68 -14.42
C ASP F 170 -20.19 44.14 -15.16
N ALA F 171 -21.39 44.60 -14.79
CA ALA F 171 -22.62 44.17 -15.43
C ALA F 171 -22.58 44.28 -16.96
N ALA F 172 -22.19 45.46 -17.45
CA ALA F 172 -22.20 45.74 -18.89
C ALA F 172 -21.29 44.79 -19.65
N SER F 173 -20.10 44.54 -19.08
CA SER F 173 -19.14 43.63 -19.68
C SER F 173 -19.68 42.20 -19.74
N ILE F 174 -20.23 41.72 -18.64
CA ILE F 174 -20.79 40.36 -18.60
C ILE F 174 -21.91 40.19 -19.62
N LYS F 175 -22.85 41.13 -19.59
CA LYS F 175 -23.96 41.12 -20.53
C LYS F 175 -23.46 41.15 -21.97
N THR F 176 -22.44 41.96 -22.24
CA THR F 176 -21.86 42.01 -23.58
C THR F 176 -21.28 40.65 -23.96
N SER F 177 -20.56 40.03 -23.03
CA SER F 177 -19.98 38.71 -23.24
C SER F 177 -21.04 37.72 -23.66
N ILE F 178 -22.18 37.76 -22.98
CA ILE F 178 -23.24 36.78 -23.25
C ILE F 178 -23.99 37.10 -24.54
N LEU F 179 -24.29 38.38 -24.72
CA LEU F 179 -25.10 38.88 -25.82
C LEU F 179 -24.39 38.78 -27.17
N ASN F 180 -23.19 39.34 -27.25
CA ASN F 180 -22.46 39.42 -28.51
C ASN F 180 -21.43 38.31 -28.67
N GLY F 181 -21.24 37.53 -27.62
CA GLY F 181 -20.24 36.49 -27.63
C GLY F 181 -18.85 37.05 -27.48
N ARG F 182 -17.85 36.17 -27.50
CA ARG F 182 -16.47 36.59 -27.33
C ARG F 182 -15.51 35.63 -27.99
N ILE F 183 -14.54 36.17 -28.72
CA ILE F 183 -13.42 35.37 -29.21
C ILE F 183 -12.11 35.99 -28.76
N ALA F 184 -11.32 35.20 -28.04
CA ALA F 184 -10.01 35.65 -27.60
C ALA F 184 -8.95 35.27 -28.63
N ALA F 185 -7.82 35.97 -28.59
CA ALA F 185 -6.75 35.66 -29.52
C ALA F 185 -5.37 35.78 -28.89
N MET F 186 -4.91 34.70 -28.28
CA MET F 186 -3.50 34.55 -27.96
C MET F 186 -2.82 34.16 -29.25
N PRO F 187 -1.96 35.02 -29.77
CA PRO F 187 -1.29 34.55 -30.99
C PRO F 187 -0.24 33.50 -30.64
N ALA F 188 0.23 32.77 -31.65
CA ALA F 188 1.22 31.72 -31.42
C ALA F 188 2.60 32.35 -31.48
N TRP F 189 3.44 32.03 -30.51
CA TRP F 189 4.77 32.60 -30.49
C TRP F 189 5.89 31.65 -30.84
N GLY F 190 5.57 30.36 -30.94
CA GLY F 190 6.54 29.35 -31.35
C GLY F 190 7.57 29.82 -32.36
N GLN F 191 7.10 30.17 -33.55
CA GLN F 191 7.98 30.58 -34.62
C GLN F 191 8.63 31.94 -34.33
N ALA F 192 7.81 32.89 -33.86
CA ALA F 192 8.28 34.26 -33.63
C ALA F 192 9.37 34.32 -32.56
N ILE F 193 9.27 33.46 -31.56
CA ILE F 193 10.00 33.64 -30.31
C ILE F 193 11.10 32.58 -30.11
N GLY F 194 11.02 31.48 -30.84
CA GLY F 194 11.98 30.39 -30.67
C GLY F 194 11.57 29.49 -29.53
N GLU F 195 11.92 28.21 -29.63
CA GLU F 195 11.58 27.23 -28.60
C GLU F 195 12.12 27.58 -27.21
N GLU F 196 13.40 27.97 -27.17
CA GLU F 196 14.03 28.42 -25.94
C GLU F 196 13.31 29.64 -25.41
N GLY F 197 12.87 30.52 -26.32
CA GLY F 197 12.12 31.69 -25.93
C GLY F 197 10.83 31.29 -25.24
N VAL F 198 10.13 30.32 -25.80
CA VAL F 198 8.89 29.81 -25.21
C VAL F 198 9.15 29.30 -23.80
N LYS F 199 10.14 28.42 -23.68
CA LYS F 199 10.50 27.87 -22.38
C LYS F 199 10.78 28.99 -21.36
N ASN F 200 11.47 30.04 -21.82
CA ASN F 200 11.82 31.12 -20.93
C ASN F 200 10.64 31.98 -20.47
N VAL F 201 9.81 32.48 -21.39
CA VAL F 201 8.66 33.24 -20.92
C VAL F 201 7.77 32.36 -20.08
N ALA F 202 7.64 31.09 -20.44
CA ALA F 202 6.82 30.17 -19.67
C ALA F 202 7.28 30.12 -18.22
N ALA F 203 8.57 29.84 -18.04
CA ALA F 203 9.16 29.82 -16.71
C ALA F 203 8.96 31.15 -15.96
N PHE F 204 9.24 32.25 -16.64
CA PHE F 204 9.07 33.58 -16.06
C PHE F 204 7.65 33.87 -15.59
N VAL F 205 6.68 33.56 -16.44
CA VAL F 205 5.26 33.75 -16.13
C VAL F 205 4.86 32.88 -14.95
N ARG F 206 5.29 31.62 -14.96
CA ARG F 206 4.94 30.69 -13.90
C ARG F 206 5.53 31.10 -12.56
N LYS F 207 6.85 31.31 -12.53
CA LYS F 207 7.52 31.66 -11.29
C LYS F 207 7.32 33.11 -10.88
N ASP F 208 7.81 34.03 -11.71
CA ASP F 208 7.90 35.43 -11.33
C ASP F 208 6.56 36.18 -11.33
N LEU F 209 5.69 35.86 -12.26
CA LEU F 209 4.39 36.50 -12.30
C LEU F 209 3.37 35.76 -11.42
N ALA F 210 3.22 34.45 -11.64
CA ALA F 210 2.16 33.68 -11.00
C ALA F 210 2.53 33.15 -9.62
N GLY F 211 3.80 33.30 -9.25
CA GLY F 211 4.27 32.87 -7.95
C GLY F 211 4.18 31.38 -7.73
N LEU F 212 4.37 30.63 -8.82
CA LEU F 212 4.36 29.18 -8.75
C LEU F 212 5.79 28.68 -8.88
N PRO F 213 6.13 27.59 -8.17
CA PRO F 213 7.54 27.19 -8.21
C PRO F 213 7.90 26.41 -9.47
N LEU F 214 9.16 26.48 -9.87
CA LEU F 214 9.63 25.77 -11.07
C LEU F 214 10.06 24.34 -10.75
N PRO F 215 9.91 23.42 -11.70
CA PRO F 215 10.35 22.04 -11.48
C PRO F 215 11.85 21.99 -11.24
N GLU F 216 12.32 21.09 -10.38
CA GLU F 216 13.73 21.10 -10.00
C GLU F 216 14.59 20.89 -11.24
N GLY F 217 15.69 21.64 -11.32
CA GLY F 217 16.54 21.64 -12.51
C GLY F 217 15.85 21.79 -13.85
N THR F 218 15.31 22.97 -14.11
CA THR F 218 14.85 23.35 -15.45
C THR F 218 15.49 24.67 -15.83
N ASP F 219 16.72 24.60 -16.36
CA ASP F 219 17.50 25.80 -16.63
C ASP F 219 16.97 26.63 -17.79
N ALA F 220 15.92 27.39 -17.50
CA ALA F 220 15.42 28.39 -18.42
C ALA F 220 16.06 29.72 -18.07
N ASP F 221 16.33 30.55 -19.07
CA ASP F 221 16.92 31.86 -18.82
C ASP F 221 15.81 32.81 -18.38
N LEU F 222 15.65 32.98 -17.07
CA LEU F 222 14.59 33.80 -16.52
C LEU F 222 14.76 35.29 -16.84
N SER F 223 16.00 35.74 -17.01
CA SER F 223 16.23 37.12 -17.40
C SER F 223 15.73 37.31 -18.82
N ALA F 224 16.09 36.35 -19.67
CA ALA F 224 15.60 36.32 -21.04
C ALA F 224 14.08 36.29 -21.04
N GLY F 225 13.49 35.37 -20.29
CA GLY F 225 12.05 35.29 -20.13
C GLY F 225 11.41 36.63 -19.78
N LYS F 226 11.95 37.29 -18.76
CA LYS F 226 11.47 38.60 -18.33
C LYS F 226 11.49 39.59 -19.48
N ASN F 227 12.63 39.62 -20.19
CA ASN F 227 12.79 40.54 -21.30
C ASN F 227 11.82 40.26 -22.43
N VAL F 228 11.65 38.98 -22.75
CA VAL F 228 10.69 38.56 -23.76
C VAL F 228 9.30 39.04 -23.39
N TYR F 229 8.93 38.83 -22.12
CA TYR F 229 7.61 39.21 -21.66
C TYR F 229 7.42 40.71 -21.84
N ALA F 230 8.41 41.48 -21.40
CA ALA F 230 8.31 42.93 -21.47
C ALA F 230 8.24 43.39 -22.93
N GLN F 231 8.93 42.65 -23.80
CA GLN F 231 9.01 42.99 -25.22
C GLN F 231 7.72 42.70 -25.98
N THR F 232 7.06 41.60 -25.63
CA THR F 232 5.97 41.09 -26.45
C THR F 232 4.66 40.95 -25.70
N CYS F 233 4.75 40.22 -24.59
CA CYS F 233 3.63 39.88 -23.73
C CYS F 233 2.98 41.06 -23.03
N ALA F 234 3.81 41.98 -22.56
CA ALA F 234 3.36 43.08 -21.70
C ALA F 234 2.35 43.94 -22.43
N VAL F 235 2.40 43.90 -23.76
CA VAL F 235 1.54 44.75 -24.57
C VAL F 235 0.06 44.44 -24.32
N CYS F 236 -0.28 43.16 -24.19
CA CYS F 236 -1.69 42.78 -24.00
C CYS F 236 -1.93 42.41 -22.53
N HIS F 237 -0.99 41.71 -21.92
CA HIS F 237 -1.20 41.24 -20.54
C HIS F 237 -0.74 42.25 -19.50
N GLY F 238 -0.11 43.32 -19.96
CA GLY F 238 0.45 44.28 -19.03
C GLY F 238 1.72 43.68 -18.48
N GLN F 239 2.59 44.52 -17.94
CA GLN F 239 3.78 44.02 -17.28
C GLN F 239 3.45 43.72 -15.83
N GLY F 240 3.89 42.59 -15.29
CA GLY F 240 3.37 42.21 -13.98
C GLY F 240 2.06 41.45 -14.12
N GLY F 241 1.63 41.28 -15.36
CA GLY F 241 0.46 40.47 -15.68
C GLY F 241 -0.87 40.88 -15.07
N GLU F 242 -1.14 42.18 -14.99
CA GLU F 242 -2.45 42.68 -14.56
C GLU F 242 -3.53 42.25 -15.54
N GLY F 243 -3.17 42.26 -16.82
CA GLY F 243 -4.06 41.79 -17.87
C GLY F 243 -4.95 42.91 -18.35
N MET F 244 -5.53 42.74 -19.54
CA MET F 244 -6.42 43.76 -20.07
C MET F 244 -7.78 43.20 -20.47
N ALA F 245 -8.81 43.67 -19.78
CA ALA F 245 -10.18 43.22 -19.98
C ALA F 245 -10.65 43.57 -21.38
N ALA F 246 -10.06 44.64 -21.93
CA ALA F 246 -10.40 45.08 -23.28
C ALA F 246 -10.13 43.99 -24.31
N LEU F 247 -9.04 43.24 -24.13
CA LEU F 247 -8.64 42.23 -25.09
C LEU F 247 -9.05 40.82 -24.66
N GLY F 248 -9.60 40.73 -23.46
CA GLY F 248 -9.88 39.45 -22.83
C GLY F 248 -8.59 38.72 -22.49
N ALA F 249 -7.49 39.46 -22.46
CA ALA F 249 -6.23 38.94 -21.95
C ALA F 249 -6.29 38.85 -20.43
N PRO F 250 -6.19 37.62 -19.91
CA PRO F 250 -6.30 37.35 -18.48
C PRO F 250 -5.07 37.80 -17.73
N LYS F 251 -5.22 38.08 -16.45
CA LYS F 251 -4.08 38.46 -15.64
C LYS F 251 -3.16 37.26 -15.45
N LEU F 252 -1.87 37.53 -15.39
CA LEU F 252 -0.86 36.49 -15.36
C LEU F 252 -0.12 36.49 -14.04
N ASN F 253 -0.50 37.40 -13.14
CA ASN F 253 0.13 37.47 -11.83
C ASN F 253 -0.56 36.53 -10.83
N SER F 254 -1.44 35.69 -11.34
CA SER F 254 -2.11 34.68 -10.53
C SER F 254 -2.71 33.61 -11.41
N ALA F 255 -2.39 32.35 -11.12
CA ALA F 255 -2.87 31.24 -11.93
C ALA F 255 -4.35 30.94 -11.68
N ALA F 256 -4.91 31.57 -10.65
CA ALA F 256 -6.27 31.28 -10.17
C ALA F 256 -7.32 31.30 -11.28
N GLY F 257 -7.21 32.27 -12.19
CA GLY F 257 -8.22 32.44 -13.22
C GLY F 257 -7.84 31.84 -14.55
N TRP F 258 -6.82 30.98 -14.56
CA TRP F 258 -6.33 30.41 -15.80
C TRP F 258 -7.17 29.22 -16.25
N ILE F 259 -7.56 29.21 -17.52
CA ILE F 259 -8.37 28.11 -18.04
C ILE F 259 -7.59 27.07 -18.86
N TYR F 260 -6.32 27.34 -19.14
CA TYR F 260 -5.52 26.39 -19.92
C TYR F 260 -4.40 25.71 -19.14
N GLY F 261 -4.53 25.68 -17.81
CA GLY F 261 -3.56 25.04 -16.95
C GLY F 261 -2.45 25.96 -16.52
N SER F 262 -1.66 25.53 -15.55
CA SER F 262 -0.65 26.40 -14.95
C SER F 262 0.69 25.72 -14.87
N SER F 263 0.72 24.48 -15.33
CA SER F 263 1.96 23.72 -15.32
C SER F 263 2.87 24.33 -16.36
N LEU F 264 4.17 24.23 -16.14
CA LEU F 264 5.15 24.77 -17.08
C LEU F 264 4.82 24.30 -18.49
N GLY F 265 4.59 23.01 -18.67
CA GLY F 265 4.24 22.46 -19.96
C GLY F 265 3.02 23.06 -20.63
N GLN F 266 1.94 23.21 -19.85
CA GLN F 266 0.71 23.80 -20.38
C GLN F 266 0.96 25.25 -20.79
N LEU F 267 1.72 25.96 -19.97
CA LEU F 267 2.08 27.32 -20.26
C LEU F 267 2.85 27.39 -21.57
N GLN F 268 3.79 26.45 -21.73
CA GLN F 268 4.61 26.38 -22.93
C GLN F 268 3.76 26.18 -24.16
N GLN F 269 2.74 25.32 -24.05
CA GLN F 269 1.88 25.05 -25.20
C GLN F 269 0.99 26.25 -25.54
N THR F 270 0.47 26.90 -24.50
CA THR F 270 -0.34 28.10 -24.70
C THR F 270 0.47 29.15 -25.45
N ILE F 271 1.66 29.43 -24.93
CA ILE F 271 2.55 30.42 -25.52
C ILE F 271 2.99 30.04 -26.93
N ARG F 272 3.29 28.75 -27.12
CA ARG F 272 3.84 28.26 -28.37
C ARG F 272 2.82 28.26 -29.51
N HIS F 273 1.61 27.78 -29.26
CA HIS F 273 0.64 27.66 -30.35
C HIS F 273 -0.56 28.59 -30.22
N GLY F 274 -0.58 29.39 -29.16
CA GLY F 274 -1.66 30.35 -28.98
C GLY F 274 -2.94 29.73 -28.47
N ARG F 275 -3.96 30.58 -28.28
CA ARG F 275 -5.28 30.16 -27.83
C ARG F 275 -6.36 30.97 -28.52
N ASN F 276 -7.48 30.32 -28.82
CA ASN F 276 -8.63 31.02 -29.41
C ASN F 276 -9.93 30.58 -28.77
N GLY F 277 -10.07 30.88 -27.48
CA GLY F 277 -11.27 30.54 -26.74
C GLY F 277 -12.48 31.21 -27.35
N GLN F 278 -13.60 30.50 -27.40
CA GLN F 278 -14.83 31.11 -27.90
C GLN F 278 -16.00 30.95 -26.97
N MET F 279 -16.63 32.09 -26.70
CA MET F 279 -17.88 32.19 -25.99
C MET F 279 -18.95 32.58 -27.02
N PRO F 280 -19.82 31.64 -27.39
CA PRO F 280 -20.82 31.87 -28.43
C PRO F 280 -21.82 32.94 -28.07
N ALA F 281 -22.28 33.69 -29.08
CA ALA F 281 -23.23 34.77 -28.85
C ALA F 281 -24.59 34.13 -28.61
N GLN F 282 -25.34 34.70 -27.66
CA GLN F 282 -26.62 34.13 -27.28
C GLN F 282 -27.78 34.98 -27.79
N GLN F 283 -27.43 36.14 -28.34
CA GLN F 283 -28.37 37.07 -28.94
C GLN F 283 -29.36 36.38 -29.86
N GLN F 284 -28.88 35.41 -30.62
CA GLN F 284 -29.70 34.72 -31.61
C GLN F 284 -30.51 33.60 -30.96
N TYR F 285 -29.85 32.80 -30.13
CA TYR F 285 -30.48 31.63 -29.54
C TYR F 285 -31.44 31.97 -28.40
N LEU F 286 -31.09 32.96 -27.59
CA LEU F 286 -31.83 33.21 -26.35
C LEU F 286 -32.63 34.51 -26.33
N GLY F 287 -32.16 35.52 -27.06
CA GLY F 287 -32.81 36.80 -27.10
C GLY F 287 -32.46 37.69 -25.93
N ASP F 288 -32.72 38.99 -26.10
CA ASP F 288 -32.36 40.01 -25.12
C ASP F 288 -32.81 39.75 -23.69
N ASP F 289 -34.07 39.35 -23.53
CA ASP F 289 -34.65 39.11 -22.22
C ASP F 289 -33.90 38.02 -21.44
N LYS F 290 -33.92 36.80 -21.98
CA LYS F 290 -33.16 35.69 -21.41
C LYS F 290 -31.72 36.06 -21.13
N VAL F 291 -31.07 36.69 -22.11
CA VAL F 291 -29.66 37.06 -21.97
C VAL F 291 -29.47 38.01 -20.79
N HIS F 292 -30.41 38.94 -20.64
CA HIS F 292 -30.39 39.91 -19.54
C HIS F 292 -30.46 39.21 -18.18
N LEU F 293 -31.44 38.32 -18.04
CA LEU F 293 -31.59 37.54 -16.82
C LEU F 293 -30.34 36.70 -16.51
N LEU F 294 -29.72 36.17 -17.56
CA LEU F 294 -28.53 35.33 -17.40
C LEU F 294 -27.35 36.18 -16.93
N ALA F 295 -27.27 37.40 -17.46
CA ALA F 295 -26.23 38.34 -17.06
C ALA F 295 -26.40 38.66 -15.60
N ALA F 296 -27.65 38.88 -15.21
CA ALA F 296 -27.97 39.10 -13.80
C ALA F 296 -27.49 37.93 -12.94
N TYR F 297 -27.80 36.71 -13.35
CA TYR F 297 -27.40 35.52 -12.61
C TYR F 297 -25.88 35.42 -12.43
N VAL F 298 -25.17 35.49 -13.55
CA VAL F 298 -23.70 35.40 -13.55
C VAL F 298 -23.09 36.48 -12.66
N TYR F 299 -23.62 37.71 -12.78
CA TYR F 299 -23.20 38.80 -11.91
C TYR F 299 -23.39 38.44 -10.43
N SER F 300 -24.55 37.86 -10.13
CA SER F 300 -24.89 37.47 -8.75
C SER F 300 -23.90 36.47 -8.18
N LEU F 301 -23.54 35.46 -8.97
CA LEU F 301 -22.60 34.41 -8.56
C LEU F 301 -21.39 34.84 -7.72
N SER F 302 -20.82 36.00 -8.04
CA SER F 302 -19.60 36.43 -7.35
C SER F 302 -19.88 37.46 -6.26
N GLN F 303 -20.67 37.05 -5.27
CA GLN F 303 -21.07 37.83 -4.09
C GLN F 303 -22.30 37.20 -3.45
N SER G 6 31.66 84.26 25.17
CA SER G 6 31.03 83.02 24.74
C SER G 6 29.51 83.07 24.88
N THR G 7 28.98 84.24 25.22
CA THR G 7 27.53 84.37 25.39
C THR G 7 26.77 84.43 24.08
N ALA G 8 26.52 83.26 23.50
CA ALA G 8 25.58 83.07 22.40
C ALA G 8 25.30 81.59 22.27
N TYR G 9 24.01 81.23 22.24
CA TYR G 9 23.64 79.82 22.17
C TYR G 9 24.24 79.10 20.96
N SER G 10 24.69 77.88 21.17
CA SER G 10 25.15 77.04 20.08
C SER G 10 23.93 76.47 19.35
N TYR G 11 23.52 77.10 18.25
CA TYR G 11 22.31 76.68 17.53
C TYR G 11 22.59 75.71 16.37
N LYS G 12 23.86 75.44 16.12
CA LYS G 12 24.29 74.61 15.00
C LYS G 12 23.68 73.22 15.05
N VAL G 13 23.93 72.55 16.18
CA VAL G 13 23.51 71.18 16.37
C VAL G 13 21.99 71.08 16.32
N VAL G 14 21.33 72.02 17.00
CA VAL G 14 19.87 72.10 16.99
C VAL G 14 19.31 72.21 15.58
N ARG G 15 19.97 73.01 14.76
CA ARG G 15 19.58 73.21 13.37
C ARG G 15 19.64 71.87 12.62
N GLN G 16 20.79 71.21 12.71
CA GLN G 16 20.98 69.93 12.04
C GLN G 16 19.93 68.90 12.45
N PHE G 17 19.84 68.66 13.75
CA PHE G 17 18.87 67.72 14.29
C PHE G 17 17.42 68.06 13.97
N ALA G 18 17.09 69.34 13.87
CA ALA G 18 15.75 69.75 13.46
C ALA G 18 15.46 69.28 12.03
N ILE G 19 16.30 69.71 11.10
CA ILE G 19 16.12 69.34 9.71
C ILE G 19 16.01 67.83 9.58
N MET G 20 16.95 67.14 10.17
CA MET G 20 16.96 65.68 10.12
C MET G 20 15.73 65.07 10.83
N THR G 21 15.18 65.75 11.83
CA THR G 21 13.96 65.28 12.46
C THR G 21 12.84 65.26 11.45
N VAL G 22 12.73 66.32 10.66
CA VAL G 22 11.69 66.34 9.62
C VAL G 22 11.98 65.26 8.56
N VAL G 23 13.23 65.15 8.15
CA VAL G 23 13.61 64.17 7.13
C VAL G 23 13.28 62.73 7.54
N TRP G 24 13.72 62.34 8.73
CA TRP G 24 13.48 60.99 9.24
C TRP G 24 12.01 60.80 9.57
N GLY G 25 11.32 61.87 9.97
CA GLY G 25 9.87 61.83 10.06
C GLY G 25 9.26 61.32 8.77
N ILE G 26 9.60 62.00 7.68
CA ILE G 26 9.14 61.59 6.35
C ILE G 26 9.49 60.13 6.03
N VAL G 27 10.78 59.81 6.10
CA VAL G 27 11.24 58.45 5.78
C VAL G 27 10.53 57.38 6.59
N GLY G 28 10.48 57.58 7.90
CA GLY G 28 9.91 56.63 8.83
C GLY G 28 8.43 56.43 8.64
N MET G 29 7.69 57.53 8.56
CA MET G 29 6.25 57.41 8.41
C MET G 29 5.89 56.91 7.02
N GLY G 30 6.74 57.22 6.05
CA GLY G 30 6.61 56.65 4.73
C GLY G 30 6.69 55.14 4.77
N LEU G 31 7.77 54.64 5.36
CA LEU G 31 7.94 53.22 5.61
C LEU G 31 6.70 52.64 6.25
N GLY G 32 6.18 53.35 7.25
CA GLY G 32 4.96 52.95 7.93
C GLY G 32 3.80 52.74 6.97
N VAL G 33 3.51 53.77 6.19
CA VAL G 33 2.46 53.71 5.18
C VAL G 33 2.66 52.52 4.27
N PHE G 34 3.90 52.32 3.84
CA PHE G 34 4.22 51.26 2.90
C PHE G 34 3.92 49.88 3.46
N ILE G 35 4.44 49.58 4.65
CA ILE G 35 4.23 48.27 5.24
C ILE G 35 2.74 48.09 5.59
N ALA G 36 2.05 49.18 5.87
CA ALA G 36 0.59 49.10 6.08
C ALA G 36 -0.06 48.62 4.80
N ALA G 37 0.41 49.18 3.69
CA ALA G 37 -0.09 48.79 2.39
C ALA G 37 0.25 47.33 2.09
N GLN G 38 1.40 46.88 2.56
CA GLN G 38 1.79 45.47 2.40
C GLN G 38 0.84 44.57 3.16
N LEU G 39 0.40 45.04 4.33
CA LEU G 39 -0.55 44.28 5.12
C LEU G 39 -1.90 44.25 4.45
N ALA G 40 -2.20 45.29 3.67
CA ALA G 40 -3.46 45.33 2.94
C ALA G 40 -3.36 44.52 1.66
N TRP G 41 -2.26 44.72 0.94
CA TRP G 41 -2.07 44.13 -0.39
C TRP G 41 -0.68 43.51 -0.52
N PRO G 42 -0.58 42.20 -0.23
CA PRO G 42 0.70 41.49 -0.07
C PRO G 42 1.62 41.56 -1.29
N PHE G 43 1.09 41.90 -2.45
CA PHE G 43 1.93 41.94 -3.63
C PHE G 43 3.04 42.98 -3.48
N LEU G 44 2.81 43.96 -2.62
CA LEU G 44 3.77 45.03 -2.38
C LEU G 44 5.01 44.55 -1.62
N ASN G 45 5.00 43.27 -1.24
CA ASN G 45 6.21 42.64 -0.70
C ASN G 45 7.25 42.45 -1.82
N PHE G 46 6.76 42.29 -3.05
CA PHE G 46 7.58 42.21 -4.27
C PHE G 46 8.52 41.00 -4.35
N ASP G 47 8.20 39.94 -3.60
CA ASP G 47 9.00 38.72 -3.56
C ASP G 47 10.51 38.99 -3.47
N LEU G 48 10.87 40.03 -2.72
CA LEU G 48 12.26 40.40 -2.43
C LEU G 48 12.52 40.38 -0.94
N PRO G 49 13.67 39.80 -0.54
CA PRO G 49 14.01 39.71 0.88
C PRO G 49 14.12 41.07 1.59
N TRP G 50 14.66 42.08 0.91
CA TRP G 50 14.92 43.37 1.54
C TRP G 50 13.71 44.28 1.60
N THR G 51 12.64 43.90 0.92
CA THR G 51 11.45 44.74 0.87
C THR G 51 10.24 44.02 1.43
N SER G 52 10.45 42.81 1.92
CA SER G 52 9.37 42.06 2.56
C SER G 52 9.02 42.69 3.92
N PHE G 53 7.77 42.48 4.34
CA PHE G 53 7.25 43.08 5.56
C PHE G 53 8.08 42.75 6.79
N GLY G 54 8.42 41.47 6.94
CA GLY G 54 9.13 41.03 8.14
C GLY G 54 10.40 41.79 8.46
N ARG G 55 11.10 42.23 7.41
CA ARG G 55 12.35 42.95 7.55
C ARG G 55 12.12 44.45 7.60
N LEU G 56 11.17 44.94 6.81
CA LEU G 56 10.89 46.37 6.78
C LEU G 56 10.27 46.87 8.05
N ARG G 57 9.47 46.04 8.72
CA ARG G 57 8.75 46.45 9.91
C ARG G 57 9.69 47.07 10.96
N PRO G 58 10.72 46.32 11.42
CA PRO G 58 11.61 46.94 12.40
C PRO G 58 12.36 48.16 11.84
N LEU G 59 12.47 48.27 10.51
CA LEU G 59 13.01 49.49 9.93
C LEU G 59 12.05 50.66 10.21
N HIS G 60 10.76 50.48 9.93
CA HIS G 60 9.75 51.49 10.28
C HIS G 60 9.89 51.86 11.74
N THR G 61 9.88 50.83 12.59
CA THR G 61 10.03 50.98 14.03
C THR G 61 11.22 51.85 14.44
N ASN G 62 12.43 51.46 14.05
CA ASN G 62 13.63 52.16 14.49
C ASN G 62 13.76 53.54 13.88
N ALA G 63 13.44 53.65 12.59
CA ALA G 63 13.44 54.95 11.94
C ALA G 63 12.49 55.91 12.62
N VAL G 64 11.35 55.40 13.03
CA VAL G 64 10.33 56.28 13.55
C VAL G 64 10.58 56.64 15.01
N ILE G 65 11.15 55.71 15.79
CA ILE G 65 11.43 55.99 17.20
C ILE G 65 12.79 56.63 17.38
N PHE G 66 13.83 55.93 16.94
CA PHE G 66 15.19 56.40 17.19
C PHE G 66 15.66 57.47 16.21
N ALA G 67 15.20 57.40 14.97
CA ALA G 67 15.58 58.46 14.03
C ALA G 67 14.68 59.68 14.18
N PHE G 68 13.38 59.50 13.99
CA PHE G 68 12.46 60.62 14.11
C PHE G 68 12.37 61.12 15.56
N GLY G 69 11.83 60.29 16.44
CA GLY G 69 11.76 60.61 17.86
C GLY G 69 13.10 61.00 18.46
N GLY G 70 14.12 60.21 18.14
CA GLY G 70 15.47 60.49 18.58
C GLY G 70 15.95 61.87 18.21
N CYS G 71 15.90 62.20 16.92
CA CYS G 71 16.39 63.50 16.46
C CYS G 71 15.57 64.63 17.03
N ALA G 72 14.27 64.39 17.16
CA ALA G 72 13.37 65.34 17.83
C ALA G 72 13.88 65.61 19.24
N LEU G 73 14.23 64.55 19.94
CA LEU G 73 14.73 64.65 21.30
C LEU G 73 16.05 65.41 21.37
N PHE G 74 16.95 65.14 20.43
CA PHE G 74 18.21 65.86 20.37
C PHE G 74 18.02 67.36 20.13
N ALA G 75 17.31 67.70 19.06
CA ALA G 75 17.07 69.11 18.72
C ALA G 75 16.41 69.83 19.89
N THR G 76 15.35 69.20 20.42
CA THR G 76 14.59 69.79 21.50
C THR G 76 15.44 69.97 22.73
N SER G 77 16.11 68.92 23.18
CA SER G 77 16.90 68.99 24.39
C SER G 77 18.05 69.99 24.26
N TYR G 78 18.74 69.98 23.13
CA TYR G 78 19.86 70.90 22.91
C TYR G 78 19.42 72.36 22.88
N TYR G 79 18.28 72.64 22.28
CA TYR G 79 17.70 73.98 22.32
C TYR G 79 17.27 74.35 23.75
N SER G 80 16.33 73.55 24.25
CA SER G 80 15.69 73.70 25.55
C SER G 80 16.65 73.85 26.71
N VAL G 81 17.59 72.93 26.89
CA VAL G 81 18.49 73.00 28.04
C VAL G 81 19.28 74.30 27.99
N GLN G 82 19.82 74.63 26.81
CA GLN G 82 20.61 75.84 26.63
C GLN G 82 19.85 77.07 27.07
N ARG G 83 18.61 77.21 26.61
CA ARG G 83 17.86 78.40 27.00
C ARG G 83 17.37 78.34 28.44
N THR G 84 16.84 77.19 28.83
CA THR G 84 16.24 76.99 30.15
C THR G 84 17.25 77.13 31.30
N CYS G 85 18.54 77.07 31.03
CA CYS G 85 19.48 77.38 32.11
C CYS G 85 20.54 78.40 31.66
N GLN G 86 20.37 78.89 30.43
CA GLN G 86 21.02 80.11 29.96
C GLN G 86 22.54 80.04 29.82
N THR G 87 23.03 78.99 29.14
CA THR G 87 24.42 78.92 28.73
C THR G 87 24.56 78.14 27.43
N THR G 88 25.69 78.34 26.74
CA THR G 88 26.01 77.61 25.53
C THR G 88 26.25 76.13 25.84
N LEU G 89 25.88 75.24 24.91
CA LEU G 89 26.04 73.82 25.12
C LEU G 89 27.46 73.46 25.52
N PHE G 90 27.57 72.66 26.57
CA PHE G 90 28.84 72.23 27.08
C PHE G 90 29.45 71.43 25.94
N ALA G 91 30.75 71.59 25.69
CA ALA G 91 31.44 70.74 24.72
C ALA G 91 30.71 70.71 23.38
N PRO G 92 30.56 71.87 22.73
CA PRO G 92 29.66 71.92 21.57
C PRO G 92 30.08 70.93 20.48
N LYS G 93 31.38 70.75 20.30
CA LYS G 93 31.85 69.84 19.29
C LYS G 93 31.37 68.41 19.59
N LEU G 94 31.49 67.99 20.85
CA LEU G 94 30.96 66.70 21.29
C LEU G 94 29.47 66.54 20.91
N ALA G 95 28.74 67.65 20.91
CA ALA G 95 27.35 67.63 20.48
C ALA G 95 27.28 67.37 18.97
N ALA G 96 28.18 68.00 18.23
CA ALA G 96 28.25 67.73 16.79
C ALA G 96 28.53 66.23 16.53
N PHE G 97 29.46 65.69 17.32
CA PHE G 97 29.72 64.26 17.31
C PHE G 97 28.43 63.49 17.54
N THR G 98 27.64 63.88 18.55
CA THR G 98 26.40 63.16 18.81
C THR G 98 25.47 63.27 17.60
N PHE G 99 25.62 64.34 16.82
CA PHE G 99 24.81 64.41 15.61
C PHE G 99 25.23 63.40 14.56
N TRP G 100 26.45 63.54 14.06
CA TRP G 100 26.91 62.63 13.00
C TRP G 100 26.91 61.18 13.46
N GLY G 101 27.24 60.96 14.73
CA GLY G 101 27.13 59.66 15.36
C GLY G 101 25.73 59.09 15.26
N TRP G 102 24.73 59.90 15.65
CA TRP G 102 23.35 59.42 15.61
C TRP G 102 22.91 59.14 14.17
N GLN G 103 23.37 59.99 13.25
CA GLN G 103 23.05 59.82 11.84
C GLN G 103 23.64 58.53 11.30
N LEU G 104 24.88 58.25 11.68
CA LEU G 104 25.56 57.02 11.31
C LEU G 104 24.82 55.80 11.86
N VAL G 105 24.30 55.94 13.08
CA VAL G 105 23.48 54.89 13.69
C VAL G 105 22.26 54.62 12.82
N ILE G 106 21.54 55.68 12.49
CA ILE G 106 20.32 55.55 11.68
C ILE G 106 20.62 54.93 10.31
N LEU G 107 21.68 55.40 9.67
CA LEU G 107 22.07 54.90 8.35
C LEU G 107 22.43 53.41 8.44
N LEU G 108 23.12 53.05 9.52
CA LEU G 108 23.47 51.66 9.78
C LEU G 108 22.23 50.82 9.96
N ALA G 109 21.22 51.36 10.64
CA ALA G 109 19.93 50.68 10.76
C ALA G 109 19.32 50.45 9.39
N ALA G 110 19.30 51.52 8.59
CA ALA G 110 18.72 51.50 7.26
C ALA G 110 19.35 50.43 6.37
N ILE G 111 20.66 50.30 6.44
CA ILE G 111 21.34 49.28 5.66
C ILE G 111 21.15 47.88 6.25
N SER G 112 21.37 47.75 7.55
CA SER G 112 21.44 46.45 8.20
C SER G 112 20.11 45.71 8.35
N LEU G 113 19.02 46.43 8.62
CA LEU G 113 17.74 45.75 8.91
C LEU G 113 17.09 45.09 7.69
N PRO G 114 17.08 45.77 6.52
CA PRO G 114 16.53 45.06 5.36
C PRO G 114 17.47 43.94 4.92
N LEU G 115 18.73 44.08 5.28
CA LEU G 115 19.72 43.04 5.04
C LEU G 115 19.55 41.79 5.94
N GLY G 116 18.70 41.88 6.96
CA GLY G 116 18.40 40.71 7.78
C GLY G 116 19.12 40.55 9.10
N PHE G 117 19.91 41.56 9.45
CA PHE G 117 20.67 41.62 10.71
C PHE G 117 19.82 42.24 11.82
N THR G 118 19.17 41.38 12.60
CA THR G 118 18.30 41.82 13.68
C THR G 118 18.57 41.06 14.98
N SER G 119 18.44 41.75 16.09
CA SER G 119 18.59 41.11 17.40
C SER G 119 17.41 40.18 17.60
N SER G 120 16.28 40.54 16.97
CA SER G 120 14.98 39.87 17.07
C SER G 120 14.30 40.35 18.31
N LYS G 121 14.91 41.35 18.92
CA LYS G 121 14.42 41.99 20.12
C LYS G 121 13.71 43.26 19.74
N GLU G 122 12.46 43.43 20.16
CA GLU G 122 11.70 44.57 19.71
C GLU G 122 12.33 45.89 20.20
N TYR G 123 12.53 46.84 19.28
CA TYR G 123 13.11 48.16 19.57
C TYR G 123 14.55 48.07 20.04
N ALA G 124 15.17 46.92 19.81
CA ALA G 124 16.58 46.74 20.14
C ALA G 124 17.19 45.84 19.09
N GLU G 125 16.64 45.95 17.89
CA GLU G 125 16.86 45.00 16.83
C GLU G 125 18.24 45.13 16.20
N LEU G 126 18.87 46.30 16.30
CA LEU G 126 20.19 46.48 15.69
C LEU G 126 21.24 45.60 16.37
N GLU G 127 22.18 45.07 15.58
CA GLU G 127 23.17 44.13 16.10
C GLU G 127 24.29 44.79 16.89
N TRP G 128 25.06 43.95 17.59
CA TRP G 128 26.02 44.42 18.60
C TRP G 128 26.99 45.53 18.18
N PRO G 129 27.53 45.54 16.95
CA PRO G 129 28.45 46.66 16.69
C PRO G 129 27.71 47.99 16.74
N ILE G 130 26.49 47.98 16.23
CA ILE G 130 25.66 49.16 16.25
C ILE G 130 25.28 49.50 17.68
N ASP G 131 25.06 48.48 18.52
CA ASP G 131 24.79 48.73 19.93
C ASP G 131 25.98 49.39 20.64
N ILE G 132 27.20 48.99 20.30
CA ILE G 132 28.38 49.65 20.82
C ILE G 132 28.41 51.11 20.38
N LEU G 133 28.19 51.35 19.09
CA LEU G 133 28.18 52.71 18.56
C LEU G 133 27.15 53.60 19.26
N ILE G 134 25.93 53.09 19.36
CA ILE G 134 24.86 53.75 20.09
C ILE G 134 25.31 54.10 21.51
N THR G 135 25.87 53.13 22.22
CA THR G 135 26.37 53.39 23.57
C THR G 135 27.36 54.56 23.60
N ILE G 136 28.29 54.59 22.66
CA ILE G 136 29.27 55.67 22.60
C ILE G 136 28.60 57.04 22.39
N VAL G 137 27.74 57.11 21.37
CA VAL G 137 27.05 58.34 21.04
C VAL G 137 26.20 58.82 22.22
N TRP G 138 25.54 57.89 22.89
CA TRP G 138 24.70 58.22 24.03
C TRP G 138 25.52 58.74 25.21
N VAL G 139 26.64 58.09 25.51
CA VAL G 139 27.54 58.57 26.55
C VAL G 139 27.95 60.01 26.26
N ALA G 140 28.33 60.27 25.01
CA ALA G 140 28.70 61.62 24.59
C ALA G 140 27.55 62.60 24.81
N TYR G 141 26.35 62.20 24.41
CA TYR G 141 25.14 63.00 24.57
C TYR G 141 24.86 63.34 26.03
N ALA G 142 24.99 62.32 26.89
CA ALA G 142 24.85 62.50 28.33
C ALA G 142 25.84 63.54 28.86
N VAL G 143 27.09 63.42 28.43
CA VAL G 143 28.12 64.37 28.84
C VAL G 143 27.77 65.78 28.40
N VAL G 144 27.31 65.92 27.16
CA VAL G 144 26.94 67.23 26.65
C VAL G 144 25.79 67.84 27.44
N PHE G 145 24.74 67.06 27.66
CA PHE G 145 23.56 67.57 28.35
C PHE G 145 23.80 67.89 29.82
N PHE G 146 24.19 66.86 30.58
CA PHE G 146 24.43 67.03 32.01
C PHE G 146 25.55 68.01 32.27
N GLY G 147 26.47 68.11 31.32
CA GLY G 147 27.47 69.13 31.39
C GLY G 147 26.91 70.54 31.25
N THR G 148 26.00 70.71 30.29
CA THR G 148 25.38 72.01 30.08
C THR G 148 24.62 72.41 31.33
N LEU G 149 23.95 71.43 31.95
CA LEU G 149 23.31 71.63 33.25
C LEU G 149 24.34 72.06 34.31
N ALA G 150 25.43 71.30 34.39
CA ALA G 150 26.46 71.51 35.40
C ALA G 150 27.09 72.90 35.33
N LYS G 151 26.99 73.56 34.18
CA LYS G 151 27.56 74.89 34.03
C LYS G 151 26.50 75.96 33.72
N ARG G 152 25.32 75.77 34.30
CA ARG G 152 24.20 76.71 34.17
C ARG G 152 24.46 78.01 34.91
N LYS G 153 23.50 78.92 34.82
CA LYS G 153 23.60 80.19 35.53
C LYS G 153 22.70 80.22 36.77
N VAL G 154 21.43 79.86 36.59
CA VAL G 154 20.47 79.87 37.69
C VAL G 154 20.75 78.79 38.71
N LYS G 155 20.36 79.04 39.95
CA LYS G 155 20.53 78.05 40.99
C LYS G 155 19.66 76.84 40.72
N HIS G 156 18.40 77.05 40.34
CA HIS G 156 17.48 75.95 40.12
C HIS G 156 17.56 75.32 38.74
N ILE G 157 17.22 74.05 38.67
CA ILE G 157 17.12 73.34 37.40
C ILE G 157 15.65 73.10 37.05
N TYR G 158 15.24 73.58 35.87
CA TYR G 158 13.87 73.41 35.42
C TYR G 158 13.45 71.94 35.32
N VAL G 159 12.20 71.65 35.66
CA VAL G 159 11.70 70.28 35.73
C VAL G 159 11.75 69.57 34.36
N GLY G 160 11.70 70.37 33.29
CA GLY G 160 11.83 69.86 31.94
C GLY G 160 13.12 69.09 31.84
N ASN G 161 14.14 69.61 32.51
CA ASN G 161 15.44 68.96 32.52
C ASN G 161 15.53 67.81 33.51
N TRP G 162 14.58 67.75 34.45
CA TRP G 162 14.47 66.56 35.30
C TRP G 162 14.08 65.42 34.37
N PHE G 163 13.07 65.68 33.55
CA PHE G 163 12.59 64.66 32.64
C PHE G 163 13.63 64.29 31.58
N PHE G 164 14.22 65.29 30.93
CA PHE G 164 15.29 65.02 29.96
C PHE G 164 16.43 64.22 30.57
N GLY G 165 17.00 64.74 31.66
CA GLY G 165 18.07 64.07 32.37
C GLY G 165 17.76 62.62 32.68
N ALA G 166 16.58 62.42 33.29
CA ALA G 166 16.12 61.09 33.64
C ALA G 166 16.14 60.21 32.41
N PHE G 167 15.38 60.62 31.39
CA PHE G 167 15.31 59.93 30.11
C PHE G 167 16.69 59.49 29.62
N ILE G 168 17.66 60.40 29.67
CA ILE G 168 19.00 60.07 29.20
C ILE G 168 19.65 58.95 30.03
N LEU G 169 19.70 59.12 31.34
CA LEU G 169 20.34 58.12 32.20
C LEU G 169 19.70 56.74 32.06
N THR G 170 18.38 56.70 32.26
CA THR G 170 17.70 55.42 32.29
C THR G 170 17.68 54.75 30.92
N VAL G 171 17.64 55.55 29.86
CA VAL G 171 17.75 54.98 28.52
C VAL G 171 19.12 54.32 28.34
N ALA G 172 20.17 54.99 28.83
CA ALA G 172 21.52 54.41 28.79
C ALA G 172 21.54 53.03 29.49
N ILE G 173 21.05 53.00 30.72
CA ILE G 173 20.98 51.74 31.48
C ILE G 173 20.21 50.66 30.70
N LEU G 174 18.96 50.97 30.35
CA LEU G 174 18.11 50.12 29.51
C LEU G 174 18.89 49.50 28.37
N HIS G 175 19.50 50.36 27.57
CA HIS G 175 20.19 49.94 26.37
C HIS G 175 21.34 48.97 26.66
N VAL G 176 22.18 49.32 27.62
CA VAL G 176 23.32 48.46 27.91
C VAL G 176 22.87 47.09 28.41
N VAL G 177 21.97 47.08 29.40
CA VAL G 177 21.49 45.84 29.98
C VAL G 177 20.81 44.93 28.96
N ASN G 178 19.85 45.45 28.22
CA ASN G 178 19.08 44.59 27.33
C ASN G 178 19.87 44.15 26.10
N ASN G 179 21.01 44.78 25.86
CA ASN G 179 21.80 44.40 24.70
C ASN G 179 23.10 43.67 25.06
N LEU G 180 23.18 43.16 26.28
CA LEU G 180 24.26 42.24 26.63
C LEU G 180 24.10 40.96 25.80
N GLU G 181 25.10 40.64 24.98
CA GLU G 181 24.96 39.57 24.02
C GLU G 181 26.31 39.01 23.56
N ILE G 182 26.42 37.69 23.48
CA ILE G 182 27.65 37.09 22.93
C ILE G 182 27.69 37.23 21.41
N PRO G 183 28.72 37.90 20.90
CA PRO G 183 28.89 37.97 19.45
C PRO G 183 29.38 36.65 18.88
N VAL G 184 28.76 36.20 17.80
CA VAL G 184 29.16 35.00 17.08
C VAL G 184 29.96 35.43 15.86
N THR G 185 29.40 36.37 15.11
CA THR G 185 30.09 36.95 13.96
C THR G 185 29.94 38.47 13.97
N ALA G 186 30.32 39.10 12.87
CA ALA G 186 30.26 40.55 12.73
C ALA G 186 28.89 41.09 13.07
N MET G 187 27.87 40.54 12.43
CA MET G 187 26.52 41.05 12.61
C MET G 187 25.55 39.99 13.15
N LYS G 188 26.04 39.16 14.05
CA LYS G 188 25.20 38.13 14.66
C LYS G 188 25.62 37.89 16.09
N SER G 189 24.69 38.06 17.01
CA SER G 189 24.93 37.80 18.42
C SER G 189 23.77 37.03 19.04
N TYR G 190 24.02 36.35 20.15
CA TYR G 190 22.96 35.71 20.90
C TYR G 190 22.75 36.44 22.22
N SER G 191 21.49 36.67 22.58
CA SER G 191 21.15 37.33 23.82
C SER G 191 21.75 36.61 25.03
N LEU G 192 22.16 37.38 26.02
CA LEU G 192 22.67 36.83 27.27
C LEU G 192 21.59 35.97 27.94
N TYR G 193 20.33 36.39 27.76
CA TYR G 193 19.21 35.77 28.46
C TYR G 193 18.41 34.85 27.55
N ALA G 194 17.51 34.07 28.14
CA ALA G 194 16.64 33.21 27.37
C ALA G 194 15.27 33.07 28.03
N GLY G 195 14.31 32.56 27.26
CA GLY G 195 12.97 32.29 27.76
C GLY G 195 12.30 33.41 28.52
N ALA G 196 11.67 33.06 29.63
CA ALA G 196 10.91 34.01 30.43
C ALA G 196 11.81 35.14 30.88
N THR G 197 13.05 34.81 31.21
CA THR G 197 13.99 35.81 31.67
C THR G 197 14.30 36.83 30.57
N ASP G 198 14.59 36.33 29.38
CA ASP G 198 14.83 37.20 28.26
C ASP G 198 13.62 38.07 27.99
N ALA G 199 12.43 37.47 28.06
CA ALA G 199 11.19 38.20 27.87
C ALA G 199 11.06 39.37 28.85
N MET G 200 11.39 39.10 30.11
CA MET G 200 11.28 40.12 31.13
C MET G 200 12.29 41.23 30.93
N VAL G 201 13.55 40.89 30.72
CA VAL G 201 14.57 41.92 30.42
C VAL G 201 14.13 42.72 29.22
N GLN G 202 13.60 42.02 28.23
CA GLN G 202 13.17 42.62 26.98
C GLN G 202 12.06 43.65 27.16
N TRP G 203 11.06 43.35 27.98
CA TRP G 203 9.95 44.30 28.10
C TRP G 203 10.09 45.29 29.24
N TRP G 204 11.03 45.01 30.14
CA TRP G 204 11.51 46.03 31.04
C TRP G 204 12.14 47.11 30.16
N TYR G 205 13.03 46.65 29.27
CA TYR G 205 13.65 47.53 28.30
C TYR G 205 12.65 48.16 27.37
N GLY G 206 11.77 47.33 26.84
CA GLY G 206 10.80 47.69 25.83
C GLY G 206 9.83 48.74 26.29
N HIS G 207 9.25 48.50 27.45
CA HIS G 207 8.30 49.47 27.94
C HIS G 207 9.03 50.72 28.37
N ASN G 208 10.10 50.57 29.15
CA ASN G 208 10.81 51.75 29.62
C ASN G 208 11.46 52.56 28.50
N ALA G 209 11.56 51.95 27.32
CA ALA G 209 11.92 52.66 26.10
C ALA G 209 10.89 53.74 25.82
N VAL G 210 9.63 53.34 25.65
CA VAL G 210 8.57 54.31 25.39
C VAL G 210 8.29 55.14 26.64
N GLY G 211 8.61 54.58 27.79
CA GLY G 211 8.41 55.20 29.08
C GLY G 211 9.32 56.38 29.29
N PHE G 212 10.56 56.29 28.81
CA PHE G 212 11.50 57.36 29.05
C PHE G 212 11.93 58.05 27.76
N PHE G 213 12.15 57.27 26.71
CA PHE G 213 12.46 57.84 25.40
C PHE G 213 11.23 58.57 24.82
N LEU G 214 10.07 57.91 24.84
CA LEU G 214 8.88 58.50 24.22
C LEU G 214 7.91 59.18 25.19
N THR G 215 8.08 58.98 26.50
CA THR G 215 7.23 59.68 27.46
C THR G 215 8.03 60.75 28.20
N ALA G 216 8.92 60.31 29.09
CA ALA G 216 9.73 61.23 29.89
C ALA G 216 10.43 62.29 29.04
N GLY G 217 11.25 61.83 28.10
CA GLY G 217 11.99 62.72 27.23
C GLY G 217 11.10 63.72 26.53
N PHE G 218 9.90 63.28 26.14
CA PHE G 218 8.97 64.15 25.43
C PHE G 218 8.16 65.02 26.39
N LEU G 219 8.06 64.59 27.65
CA LEU G 219 7.48 65.43 28.68
C LEU G 219 8.38 66.62 28.92
N GLY G 220 9.69 66.41 28.82
CA GLY G 220 10.62 67.53 28.83
C GLY G 220 10.26 68.56 27.77
N ILE G 221 10.07 68.07 26.56
CA ILE G 221 9.65 68.88 25.42
C ILE G 221 8.40 69.68 25.78
N MET G 222 7.37 68.98 26.26
CA MET G 222 6.13 69.60 26.67
C MET G 222 6.37 70.72 27.68
N TYR G 223 7.24 70.43 28.64
CA TYR G 223 7.50 71.36 29.73
C TYR G 223 8.24 72.61 29.31
N TYR G 224 9.02 72.54 28.24
CA TYR G 224 9.57 73.79 27.72
C TYR G 224 8.58 74.49 26.80
N PHE G 225 8.13 73.78 25.78
CA PHE G 225 7.40 74.43 24.69
C PHE G 225 5.96 74.84 25.00
N VAL G 226 5.21 74.05 25.77
CA VAL G 226 3.86 74.49 26.13
C VAL G 226 3.87 75.86 26.84
N PRO G 227 4.65 76.03 27.91
CA PRO G 227 4.64 77.36 28.52
C PRO G 227 5.25 78.45 27.65
N LYS G 228 6.27 78.10 26.88
CA LYS G 228 6.97 79.08 26.05
C LYS G 228 6.09 79.56 24.91
N GLN G 229 5.32 78.64 24.34
CA GLN G 229 4.43 78.98 23.24
C GLN G 229 3.19 79.70 23.76
N ALA G 230 2.58 79.18 24.81
CA ALA G 230 1.39 79.79 25.39
C ALA G 230 1.71 81.12 26.08
N GLU G 231 2.97 81.23 26.50
CA GLU G 231 3.48 82.36 27.28
C GLU G 231 2.64 82.51 28.53
N ARG G 232 2.45 81.38 29.18
CA ARG G 232 1.80 81.31 30.47
C ARG G 232 2.74 80.61 31.41
N PRO G 233 2.55 80.82 32.70
CA PRO G 233 3.34 80.08 33.67
C PRO G 233 2.80 78.66 33.86
N VAL G 234 3.69 77.75 34.27
CA VAL G 234 3.34 76.35 34.49
C VAL G 234 2.44 76.20 35.72
N TYR G 235 1.35 75.48 35.57
CA TYR G 235 0.43 75.27 36.68
C TYR G 235 1.01 74.23 37.62
N SER G 236 0.77 74.44 38.91
CA SER G 236 1.03 73.46 39.95
C SER G 236 2.40 72.80 40.06
N TYR G 237 3.43 73.57 40.35
CA TYR G 237 4.78 73.04 40.41
C TYR G 237 4.95 71.81 41.30
N ARG G 238 4.26 71.82 42.42
CA ARG G 238 4.22 70.65 43.28
C ARG G 238 3.90 69.42 42.48
N LEU G 239 2.91 69.58 41.60
CA LEU G 239 2.50 68.50 40.72
C LEU G 239 3.70 68.10 39.88
N SER G 240 4.47 69.08 39.39
CA SER G 240 5.66 68.76 38.61
C SER G 240 6.54 67.79 39.41
N ILE G 241 6.74 68.07 40.70
CA ILE G 241 7.53 67.14 41.53
C ILE G 241 6.90 65.75 41.63
N VAL G 242 5.68 65.69 42.17
CA VAL G 242 4.96 64.43 42.37
C VAL G 242 4.98 63.59 41.12
N HIS G 243 4.38 64.15 40.08
CA HIS G 243 4.24 63.47 38.81
C HIS G 243 5.61 63.05 38.25
N PHE G 244 6.64 63.86 38.47
CA PHE G 244 7.96 63.45 37.99
C PHE G 244 8.53 62.23 38.71
N TRP G 245 8.68 62.32 40.03
CA TRP G 245 9.28 61.23 40.78
C TRP G 245 8.44 59.96 40.71
N ALA G 246 7.14 60.13 40.91
CA ALA G 246 6.21 59.01 40.84
C ALA G 246 6.26 58.33 39.47
N LEU G 247 6.26 59.12 38.39
CA LEU G 247 6.38 58.53 37.05
C LEU G 247 7.70 57.78 36.89
N ILE G 248 8.78 58.48 37.23
CA ILE G 248 10.13 57.98 37.06
C ILE G 248 10.38 56.67 37.81
N THR G 249 9.65 56.46 38.90
CA THR G 249 9.88 55.28 39.73
C THR G 249 8.89 54.16 39.41
N VAL G 250 7.63 54.53 39.21
CA VAL G 250 6.61 53.53 38.94
C VAL G 250 6.74 52.92 37.55
N TYR G 251 7.14 53.73 36.57
CA TYR G 251 7.13 53.29 35.16
C TYR G 251 8.05 52.07 34.91
N ILE G 252 9.17 52.00 35.62
CA ILE G 252 10.11 50.89 35.45
C ILE G 252 9.42 49.56 35.68
N TRP G 253 8.55 49.53 36.68
CA TRP G 253 7.82 48.34 37.05
C TRP G 253 6.81 47.85 36.00
N ALA G 254 6.43 48.73 35.08
CA ALA G 254 5.32 48.43 34.17
C ALA G 254 5.65 47.38 33.13
N GLY G 255 6.88 46.87 33.17
CA GLY G 255 7.33 45.83 32.24
C GLY G 255 6.38 44.68 31.96
N PRO G 256 6.03 43.90 32.99
CA PRO G 256 5.24 42.68 32.82
C PRO G 256 3.86 42.82 32.18
N HIS G 257 3.34 44.03 31.99
CA HIS G 257 2.00 44.16 31.40
C HIS G 257 2.02 43.76 29.92
N HIS G 258 3.21 43.65 29.36
CA HIS G 258 3.38 43.09 28.03
C HIS G 258 3.21 41.59 28.04
N LEU G 259 3.68 40.95 29.10
CA LEU G 259 3.73 39.50 29.16
C LEU G 259 2.60 38.90 30.00
N HIS G 260 1.40 39.46 29.87
CA HIS G 260 0.24 38.96 30.64
C HIS G 260 -0.23 37.62 30.11
N TYR G 261 -0.52 36.71 31.03
CA TYR G 261 -0.93 35.35 30.71
C TYR G 261 0.05 34.63 29.80
N THR G 262 1.34 34.90 29.99
CA THR G 262 2.39 34.17 29.27
C THR G 262 3.09 33.25 30.26
N ALA G 263 4.23 32.70 29.83
CA ALA G 263 5.00 31.78 30.66
C ALA G 263 5.74 32.53 31.76
N LEU G 264 5.77 33.85 31.65
CA LEU G 264 6.27 34.69 32.74
C LEU G 264 5.45 34.39 33.99
N PRO G 265 6.13 34.22 35.14
CA PRO G 265 5.45 33.91 36.40
C PRO G 265 4.34 34.90 36.77
N ASP G 266 3.32 34.38 37.44
CA ASP G 266 2.17 35.17 37.85
C ASP G 266 2.54 36.37 38.69
N TRP G 267 3.50 36.20 39.60
CA TRP G 267 3.89 37.27 40.50
C TRP G 267 4.42 38.49 39.74
N ALA G 268 5.24 38.23 38.72
CA ALA G 268 5.80 39.30 37.92
C ALA G 268 4.69 40.00 37.15
N GLN G 269 3.84 39.20 36.50
CA GLN G 269 2.69 39.70 35.75
C GLN G 269 1.88 40.67 36.59
N SER G 270 1.52 40.22 37.79
CA SER G 270 0.76 41.03 38.72
C SER G 270 1.47 42.31 39.09
N LEU G 271 2.73 42.21 39.52
CA LEU G 271 3.54 43.39 39.80
C LEU G 271 3.42 44.42 38.68
N GLY G 272 3.48 43.91 37.46
CA GLY G 272 3.40 44.74 36.28
C GLY G 272 2.04 45.41 36.13
N MET G 273 0.98 44.63 36.30
CA MET G 273 -0.37 45.18 36.20
C MET G 273 -0.62 46.26 37.25
N VAL G 274 -0.39 45.90 38.50
CA VAL G 274 -0.58 46.81 39.63
C VAL G 274 0.16 48.12 39.44
N MET G 275 1.44 48.03 39.11
CA MET G 275 2.22 49.24 38.99
C MET G 275 1.81 50.01 37.73
N SER G 276 1.39 49.29 36.69
CA SER G 276 0.83 49.96 35.51
C SER G 276 -0.40 50.79 35.86
N LEU G 277 -1.25 50.26 36.73
CA LEU G 277 -2.44 50.99 37.18
C LEU G 277 -2.07 52.18 38.04
N ILE G 278 -1.13 51.99 38.97
CA ILE G 278 -0.61 53.11 39.76
C ILE G 278 -0.08 54.20 38.83
N LEU G 279 0.57 53.79 37.75
CA LEU G 279 1.20 54.69 36.78
C LEU G 279 0.25 55.72 36.16
N LEU G 280 -1.04 55.40 36.15
CA LEU G 280 -2.08 56.28 35.61
C LEU G 280 -1.99 57.69 36.17
N ALA G 281 -1.97 57.78 37.50
CA ALA G 281 -1.89 59.06 38.18
C ALA G 281 -0.75 59.98 37.72
N PRO G 282 0.53 59.58 37.90
CA PRO G 282 1.61 60.51 37.51
C PRO G 282 1.52 60.94 36.04
N SER G 283 1.25 59.95 35.19
CA SER G 283 1.12 60.16 33.76
C SER G 283 0.13 61.29 33.51
N TRP G 284 -1.03 61.19 34.14
CA TRP G 284 -2.05 62.22 34.01
C TRP G 284 -1.63 63.54 34.64
N GLY G 285 -0.81 63.47 35.70
CA GLY G 285 -0.26 64.66 36.30
C GLY G 285 0.49 65.46 35.25
N GLY G 286 1.09 64.74 34.31
CA GLY G 286 1.73 65.40 33.18
C GLY G 286 0.78 66.22 32.33
N MET G 287 -0.31 65.61 31.87
CA MET G 287 -1.22 66.30 30.96
C MET G 287 -2.03 67.36 31.68
N ILE G 288 -2.28 67.15 32.96
CA ILE G 288 -2.91 68.17 33.79
C ILE G 288 -2.01 69.38 33.87
N ASN G 289 -0.78 69.16 34.27
CA ASN G 289 0.20 70.23 34.35
C ASN G 289 0.38 70.97 33.03
N GLY G 290 0.23 70.24 31.93
CA GLY G 290 0.37 70.83 30.61
C GLY G 290 -0.82 71.69 30.21
N MET G 291 -2.00 71.15 30.41
CA MET G 291 -3.24 71.79 29.96
C MET G 291 -3.71 72.94 30.83
N MET G 292 -3.71 72.72 32.14
CA MET G 292 -4.16 73.74 33.08
C MET G 292 -3.25 74.96 32.95
N THR G 293 -2.06 74.74 32.42
CA THR G 293 -1.15 75.83 32.07
C THR G 293 -1.81 76.76 31.05
N LEU G 294 -2.58 76.17 30.14
CA LEU G 294 -3.23 76.91 29.06
C LEU G 294 -4.49 77.67 29.50
N SER G 295 -4.94 77.41 30.73
CA SER G 295 -6.17 78.00 31.24
C SER G 295 -6.17 79.53 31.14
N GLY G 296 -7.26 80.08 30.61
CA GLY G 296 -7.31 81.50 30.32
C GLY G 296 -6.92 81.78 28.89
N ALA G 297 -5.86 81.10 28.43
CA ALA G 297 -5.33 81.35 27.09
C ALA G 297 -5.87 80.40 26.02
N TRP G 298 -7.02 79.79 26.30
CA TRP G 298 -7.62 78.86 25.35
C TRP G 298 -8.01 79.55 24.04
N HIS G 299 -8.24 80.87 24.11
CA HIS G 299 -8.54 81.63 22.91
C HIS G 299 -7.38 81.61 21.93
N LYS G 300 -6.21 81.23 22.39
CA LYS G 300 -5.06 81.16 21.51
C LYS G 300 -5.16 79.97 20.58
N LEU G 301 -5.99 78.99 20.94
CA LEU G 301 -6.08 77.77 20.17
C LEU G 301 -6.64 78.01 18.77
N ARG G 302 -7.61 78.90 18.64
CA ARG G 302 -8.10 79.25 17.31
C ARG G 302 -7.08 80.12 16.58
N SER G 303 -6.26 80.83 17.35
CA SER G 303 -5.26 81.72 16.77
C SER G 303 -4.00 80.98 16.31
N ASP G 304 -3.42 80.19 17.20
CA ASP G 304 -2.11 79.59 16.97
C ASP G 304 -2.18 78.06 16.85
N PRO G 305 -1.95 77.56 15.63
CA PRO G 305 -1.97 76.11 15.35
C PRO G 305 -0.82 75.33 15.99
N ILE G 306 0.31 75.99 16.26
CA ILE G 306 1.41 75.35 16.97
C ILE G 306 0.95 74.94 18.37
N LEU G 307 0.28 75.88 19.03
CA LEU G 307 -0.32 75.61 20.33
C LEU G 307 -1.34 74.49 20.21
N ARG G 308 -2.16 74.54 19.16
CA ARG G 308 -3.10 73.46 18.85
C ARG G 308 -2.39 72.11 18.91
N PHE G 309 -1.31 72.00 18.13
CA PHE G 309 -0.48 70.81 18.11
C PHE G 309 -0.13 70.37 19.53
N LEU G 310 0.49 71.26 20.30
CA LEU G 310 0.91 70.91 21.66
C LEU G 310 -0.23 70.42 22.57
N VAL G 311 -1.35 71.15 22.55
CA VAL G 311 -2.50 70.83 23.39
C VAL G 311 -3.11 69.49 23.02
N VAL G 312 -3.52 69.36 21.76
CA VAL G 312 -4.08 68.11 21.24
C VAL G 312 -3.11 66.97 21.51
N SER G 313 -1.82 67.27 21.42
CA SER G 313 -0.79 66.33 21.82
C SER G 313 -0.99 65.83 23.22
N LEU G 314 -1.26 66.75 24.15
CA LEU G 314 -1.53 66.33 25.53
C LEU G 314 -2.82 65.52 25.60
N ALA G 315 -3.80 65.86 24.77
CA ALA G 315 -5.04 65.09 24.74
C ALA G 315 -4.78 63.62 24.45
N PHE G 316 -4.06 63.37 23.37
CA PHE G 316 -3.75 62.00 23.01
C PHE G 316 -2.83 61.33 24.02
N TYR G 317 -1.87 62.09 24.56
CA TYR G 317 -1.01 61.57 25.61
C TYR G 317 -1.82 61.02 26.77
N GLY G 318 -2.73 61.83 27.27
CA GLY G 318 -3.60 61.42 28.37
C GLY G 318 -4.43 60.23 27.99
N MET G 319 -4.96 60.28 26.78
CA MET G 319 -5.82 59.21 26.29
C MET G 319 -5.10 57.87 26.29
N SER G 320 -3.84 57.87 25.85
CA SER G 320 -3.07 56.63 25.78
C SER G 320 -2.47 56.24 27.13
N THR G 321 -2.26 57.21 28.01
CA THR G 321 -1.80 56.91 29.36
C THR G 321 -3.00 56.62 30.25
N PHE G 322 -4.15 56.45 29.61
CA PHE G 322 -5.33 55.97 30.29
C PHE G 322 -5.63 54.59 29.71
N GLU G 323 -5.62 54.52 28.39
CA GLU G 323 -5.78 53.27 27.64
C GLU G 323 -4.76 52.20 28.05
N GLY G 324 -3.52 52.62 28.25
CA GLY G 324 -2.45 51.74 28.64
C GLY G 324 -2.69 51.00 29.95
N PRO G 325 -2.90 51.75 31.03
CA PRO G 325 -3.26 51.15 32.32
C PRO G 325 -4.43 50.17 32.20
N MET G 326 -5.43 50.52 31.39
CA MET G 326 -6.59 49.65 31.19
C MET G 326 -6.19 48.31 30.56
N MET G 327 -5.39 48.37 29.50
CA MET G 327 -4.95 47.17 28.81
C MET G 327 -3.93 46.40 29.61
N ALA G 328 -3.43 47.02 30.67
CA ALA G 328 -2.46 46.39 31.55
C ALA G 328 -3.18 45.57 32.61
N ILE G 329 -4.50 45.68 32.64
CA ILE G 329 -5.34 44.81 33.44
C ILE G 329 -5.39 43.46 32.75
N LYS G 330 -5.06 42.40 33.48
CA LYS G 330 -4.95 41.06 32.91
C LYS G 330 -6.16 40.65 32.09
N THR G 331 -7.36 40.87 32.62
CA THR G 331 -8.59 40.49 31.92
C THR G 331 -8.76 41.26 30.62
N VAL G 332 -8.34 42.52 30.60
CA VAL G 332 -8.41 43.32 29.38
C VAL G 332 -7.35 42.85 28.38
N ASN G 333 -6.11 42.71 28.85
CA ASN G 333 -5.02 42.21 28.02
C ASN G 333 -5.35 40.84 27.43
N ALA G 334 -6.18 40.10 28.13
CA ALA G 334 -6.63 38.79 27.69
C ALA G 334 -7.26 38.87 26.30
N LEU G 335 -7.92 39.99 26.03
CA LEU G 335 -8.49 40.23 24.70
C LEU G 335 -7.55 41.06 23.84
N SER G 336 -6.96 42.08 24.43
CA SER G 336 -6.14 43.03 23.68
C SER G 336 -4.89 42.41 23.07
N HIS G 337 -4.24 41.51 23.82
CA HIS G 337 -2.90 41.02 23.48
C HIS G 337 -2.89 40.36 22.10
N TYR G 338 -1.85 40.68 21.32
CA TYR G 338 -1.56 40.08 20.01
C TYR G 338 -2.45 40.65 18.93
N THR G 339 -3.33 41.56 19.32
CA THR G 339 -4.29 42.12 18.39
C THR G 339 -3.86 43.48 17.87
N ASP G 340 -4.51 43.92 16.81
CA ASP G 340 -4.24 45.22 16.25
C ASP G 340 -4.54 46.32 17.28
N TRP G 341 -5.25 45.96 18.36
CA TRP G 341 -5.54 46.92 19.40
C TRP G 341 -4.21 47.46 19.94
N THR G 342 -3.24 46.56 20.11
CA THR G 342 -1.92 46.94 20.56
C THR G 342 -1.34 48.02 19.66
N ILE G 343 -1.38 47.77 18.36
CA ILE G 343 -0.89 48.72 17.35
C ILE G 343 -1.64 50.06 17.42
N GLY G 344 -2.93 49.96 17.68
CA GLY G 344 -3.77 51.14 17.85
C GLY G 344 -3.33 52.00 19.00
N HIS G 345 -3.15 51.39 20.16
CA HIS G 345 -2.58 52.05 21.32
C HIS G 345 -1.25 52.70 20.94
N VAL G 346 -0.40 51.90 20.32
CA VAL G 346 0.92 52.34 19.90
C VAL G 346 0.85 53.64 19.15
N HIS G 347 0.04 53.68 18.11
CA HIS G 347 0.01 54.85 17.24
C HIS G 347 -0.86 55.97 17.79
N ALA G 348 -1.76 55.67 18.70
CA ALA G 348 -2.43 56.71 19.48
C ALA G 348 -1.36 57.54 20.17
N GLY G 349 -0.58 56.89 21.02
CA GLY G 349 0.58 57.53 21.63
C GLY G 349 1.60 58.09 20.65
N ALA G 350 1.84 57.37 19.56
CA ALA G 350 2.94 57.67 18.65
C ALA G 350 2.65 58.87 17.74
N LEU G 351 1.51 58.82 17.06
CA LEU G 351 1.06 59.89 16.20
C LEU G 351 0.49 61.02 17.04
N GLY G 352 -0.41 60.67 17.94
CA GLY G 352 -1.13 61.64 18.76
C GLY G 352 -0.33 62.37 19.84
N TRP G 353 0.63 61.70 20.46
CA TRP G 353 1.42 62.33 21.51
C TRP G 353 2.81 62.69 21.03
N VAL G 354 3.65 61.68 20.78
CA VAL G 354 5.03 61.93 20.35
C VAL G 354 5.13 62.83 19.12
N ALA G 355 4.51 62.40 18.04
CA ALA G 355 4.58 63.12 16.77
C ALA G 355 4.03 64.52 16.91
N MET G 356 2.83 64.66 17.48
CA MET G 356 2.22 65.98 17.65
C MET G 356 3.08 66.96 18.46
N VAL G 357 3.52 66.53 19.63
CA VAL G 357 4.29 67.39 20.51
C VAL G 357 5.62 67.78 19.85
N SER G 358 6.25 66.84 19.16
CA SER G 358 7.52 67.14 18.51
C SER G 358 7.33 68.06 17.30
N ILE G 359 6.24 67.84 16.57
CA ILE G 359 5.82 68.75 15.51
C ILE G 359 5.72 70.16 16.01
N GLY G 360 4.84 70.36 17.00
CA GLY G 360 4.67 71.66 17.62
C GLY G 360 6.00 72.28 18.02
N ALA G 361 6.81 71.49 18.73
CA ALA G 361 8.11 71.95 19.20
C ALA G 361 9.00 72.43 18.07
N LEU G 362 9.03 71.68 16.98
CA LEU G 362 9.81 72.05 15.81
C LEU G 362 9.28 73.32 15.17
N TYR G 363 7.99 73.35 14.90
CA TYR G 363 7.33 74.55 14.39
C TYR G 363 7.69 75.79 15.21
N HIS G 364 7.84 75.61 16.52
CA HIS G 364 8.28 76.73 17.38
C HIS G 364 9.74 77.08 17.16
N LEU G 365 10.61 76.08 17.24
CA LEU G 365 12.05 76.32 17.35
C LEU G 365 12.78 76.55 16.02
N VAL G 366 12.37 75.84 14.97
CA VAL G 366 13.02 75.96 13.65
C VAL G 366 13.19 77.41 13.17
N PRO G 367 12.13 78.25 13.24
CA PRO G 367 12.37 79.65 12.87
C PRO G 367 13.46 80.30 13.72
N LYS G 368 13.27 80.28 15.03
CA LYS G 368 14.23 80.77 16.00
C LYS G 368 15.66 80.37 15.66
N VAL G 369 15.86 79.07 15.48
CA VAL G 369 17.18 78.51 15.25
C VAL G 369 17.74 78.93 13.89
N PHE G 370 16.87 79.19 12.92
CA PHE G 370 17.33 79.64 11.62
C PHE G 370 17.35 81.17 11.52
N GLY G 371 17.43 81.84 12.68
CA GLY G 371 17.37 83.30 12.72
C GLY G 371 16.21 83.85 11.92
N ARG G 372 15.00 83.55 12.39
CA ARG G 372 13.79 83.92 11.69
C ARG G 372 12.64 84.02 12.68
N GLU G 373 11.78 85.03 12.51
CA GLU G 373 10.77 85.35 13.50
C GLU G 373 9.65 84.32 13.58
N GLN G 374 9.33 83.67 12.46
CA GLN G 374 8.32 82.62 12.47
C GLN G 374 8.40 81.72 11.23
N MET G 375 7.53 80.71 11.19
CA MET G 375 7.45 79.84 10.03
C MET G 375 7.02 80.64 8.79
N HIS G 376 7.19 80.05 7.62
CA HIS G 376 6.87 80.68 6.36
C HIS G 376 5.39 80.89 6.23
N SER G 377 4.63 79.84 6.53
CA SER G 377 3.19 79.90 6.45
C SER G 377 2.57 79.22 7.65
N ILE G 378 1.82 80.00 8.43
CA ILE G 378 1.11 79.50 9.59
C ILE G 378 -0.11 78.68 9.14
N GLY G 379 -0.68 79.09 8.02
CA GLY G 379 -1.78 78.37 7.40
C GLY G 379 -1.43 76.90 7.19
N LEU G 380 -0.20 76.65 6.76
CA LEU G 380 0.24 75.28 6.54
C LEU G 380 0.47 74.55 7.86
N ILE G 381 0.63 75.31 8.95
CA ILE G 381 0.74 74.69 10.26
C ILE G 381 -0.64 74.22 10.67
N ASN G 382 -1.66 75.00 10.31
CA ASN G 382 -3.03 74.61 10.60
C ASN G 382 -3.50 73.42 9.76
N THR G 383 -3.25 73.48 8.45
CA THR G 383 -3.64 72.37 7.57
C THR G 383 -2.88 71.11 7.96
N HIS G 384 -1.61 71.28 8.36
CA HIS G 384 -0.85 70.16 8.90
C HIS G 384 -1.58 69.61 10.12
N PHE G 385 -1.98 70.49 11.02
CA PHE G 385 -2.68 70.07 12.23
C PHE G 385 -3.89 69.21 11.91
N TRP G 386 -4.71 69.66 10.96
CA TRP G 386 -5.91 68.91 10.64
C TRP G 386 -5.63 67.59 9.95
N LEU G 387 -4.71 67.59 8.98
CA LEU G 387 -4.31 66.34 8.33
C LEU G 387 -3.86 65.34 9.38
N ALA G 388 -3.01 65.80 10.28
CA ALA G 388 -2.44 64.95 11.30
C ALA G 388 -3.48 64.45 12.30
N THR G 389 -4.44 65.30 12.63
CA THR G 389 -5.49 64.89 13.55
C THR G 389 -6.42 63.87 12.93
N ILE G 390 -7.00 64.20 11.77
CA ILE G 390 -7.82 63.26 11.01
C ILE G 390 -7.12 61.91 10.84
N GLY G 391 -5.88 61.96 10.36
CA GLY G 391 -5.07 60.76 10.22
C GLY G 391 -4.99 59.95 11.50
N THR G 392 -4.60 60.60 12.59
CA THR G 392 -4.45 59.93 13.88
C THR G 392 -5.77 59.25 14.30
N VAL G 393 -6.86 60.01 14.26
CA VAL G 393 -8.16 59.48 14.65
C VAL G 393 -8.58 58.28 13.79
N LEU G 394 -8.41 58.39 12.46
CA LEU G 394 -8.72 57.27 11.56
C LEU G 394 -7.94 56.01 11.93
N TYR G 395 -6.62 56.19 12.12
CA TYR G 395 -5.73 55.10 12.50
C TYR G 395 -6.26 54.41 13.76
N ILE G 396 -6.44 55.21 14.81
CA ILE G 396 -6.95 54.71 16.07
C ILE G 396 -8.26 53.94 15.89
N ALA G 397 -9.23 54.55 15.23
CA ALA G 397 -10.54 53.93 15.01
C ALA G 397 -10.44 52.58 14.34
N SER G 398 -9.72 52.55 13.22
CA SER G 398 -9.59 51.32 12.44
C SER G 398 -8.94 50.23 13.27
N MET G 399 -7.96 50.61 14.08
CA MET G 399 -7.26 49.65 14.92
C MET G 399 -8.07 49.15 16.11
N TRP G 400 -8.94 49.99 16.67
CA TRP G 400 -9.87 49.53 17.68
C TRP G 400 -10.83 48.51 17.09
N VAL G 401 -11.43 48.86 15.96
CA VAL G 401 -12.32 47.96 15.26
C VAL G 401 -11.63 46.61 15.03
N ASN G 402 -10.50 46.65 14.34
CA ASN G 402 -9.71 45.46 14.08
C ASN G 402 -9.37 44.67 15.34
N GLY G 403 -8.84 45.35 16.35
CA GLY G 403 -8.44 44.70 17.59
C GLY G 403 -9.56 43.99 18.32
N ILE G 404 -10.68 44.67 18.49
CA ILE G 404 -11.83 44.05 19.12
C ILE G 404 -12.29 42.87 18.30
N ALA G 405 -12.39 43.08 16.99
CA ALA G 405 -12.80 42.02 16.06
C ALA G 405 -11.93 40.80 16.23
N GLN G 406 -10.62 41.01 16.26
CA GLN G 406 -9.67 39.93 16.38
C GLN G 406 -9.78 39.20 17.71
N GLY G 407 -9.61 39.90 18.83
CA GLY G 407 -9.75 39.27 20.14
C GLY G 407 -11.00 38.44 20.29
N LEU G 408 -12.12 39.09 19.97
CA LEU G 408 -13.44 38.47 20.02
C LEU G 408 -13.47 37.20 19.17
N MET G 409 -13.12 37.34 17.89
CA MET G 409 -13.21 36.22 16.95
C MET G 409 -12.30 35.05 17.31
N TRP G 410 -11.12 35.36 17.84
CA TRP G 410 -10.16 34.33 18.23
C TRP G 410 -10.69 33.48 19.36
N ARG G 411 -11.31 34.14 20.34
CA ARG G 411 -11.75 33.38 21.51
C ARG G 411 -13.22 32.94 21.44
N ALA G 412 -13.91 33.40 20.40
CA ALA G 412 -15.32 33.07 20.16
C ALA G 412 -15.62 31.58 20.17
N ILE G 413 -16.43 31.19 21.13
CA ILE G 413 -16.86 29.81 21.32
C ILE G 413 -18.33 29.69 20.94
N ASN G 414 -18.70 28.56 20.35
CA ASN G 414 -20.11 28.28 20.05
C ASN G 414 -20.87 27.70 21.23
N ASP G 415 -22.15 27.42 21.01
CA ASP G 415 -22.99 26.83 22.03
C ASP G 415 -22.55 25.41 22.36
N ASP G 416 -21.86 24.77 21.41
CA ASP G 416 -21.33 23.42 21.61
C ASP G 416 -19.84 23.40 21.91
N GLY G 417 -19.28 24.54 22.29
CA GLY G 417 -17.91 24.59 22.76
C GLY G 417 -16.85 24.71 21.71
N THR G 418 -17.21 24.44 20.46
CA THR G 418 -16.24 24.53 19.39
C THR G 418 -15.91 25.96 19.04
N LEU G 419 -14.72 26.17 18.48
CA LEU G 419 -14.28 27.49 18.10
C LEU G 419 -15.09 28.03 16.93
N THR G 420 -15.58 29.26 17.06
CA THR G 420 -16.50 29.82 16.08
C THR G 420 -15.83 30.21 14.77
N TYR G 421 -14.62 30.76 14.86
CA TYR G 421 -13.96 31.32 13.69
C TYR G 421 -12.58 30.73 13.43
N SER G 422 -12.28 30.47 12.16
CA SER G 422 -10.93 30.15 11.76
C SER G 422 -10.07 31.40 11.85
N PHE G 423 -8.77 31.24 12.01
CA PHE G 423 -7.89 32.40 12.11
C PHE G 423 -7.93 33.19 10.81
N VAL G 424 -8.11 32.48 9.70
CA VAL G 424 -8.17 33.14 8.40
C VAL G 424 -9.41 34.02 8.29
N GLU G 425 -10.51 33.58 8.89
CA GLU G 425 -11.72 34.40 8.93
C GLU G 425 -11.49 35.72 9.67
N SER G 426 -10.75 35.64 10.78
CA SER G 426 -10.37 36.83 11.53
C SER G 426 -9.47 37.72 10.68
N LEU G 427 -8.53 37.10 9.97
CA LEU G 427 -7.61 37.79 9.08
C LEU G 427 -8.38 38.60 8.03
N GLU G 428 -9.34 37.94 7.41
CA GLU G 428 -10.17 38.53 6.37
C GLU G 428 -11.00 39.66 6.94
N ALA G 429 -11.59 39.45 8.11
CA ALA G 429 -12.36 40.49 8.80
C ALA G 429 -11.56 41.78 8.97
N SER G 430 -10.26 41.65 9.14
CA SER G 430 -9.37 42.78 9.42
C SER G 430 -8.97 43.63 8.22
N HIS G 431 -9.23 43.16 7.00
CA HIS G 431 -8.76 43.86 5.81
C HIS G 431 -9.29 45.29 5.69
N PRO G 432 -10.61 45.49 5.89
CA PRO G 432 -11.08 46.88 5.85
C PRO G 432 -10.29 47.75 6.82
N GLY G 433 -10.07 47.24 8.03
CA GLY G 433 -9.23 47.93 8.99
C GLY G 433 -7.84 48.24 8.45
N PHE G 434 -7.20 47.27 7.79
CA PHE G 434 -5.88 47.47 7.23
C PHE G 434 -5.87 48.61 6.22
N VAL G 435 -6.95 48.70 5.45
CA VAL G 435 -7.01 49.71 4.39
C VAL G 435 -7.28 51.09 4.97
N VAL G 436 -8.23 51.17 5.90
CA VAL G 436 -8.53 52.42 6.57
C VAL G 436 -7.30 52.94 7.30
N ARG G 437 -6.60 52.06 7.99
CA ARG G 437 -5.37 52.47 8.68
C ARG G 437 -4.33 52.96 7.69
N MET G 438 -4.19 52.25 6.57
CA MET G 438 -3.24 52.64 5.55
C MET G 438 -3.55 54.06 5.07
N ILE G 439 -4.84 54.37 4.93
CA ILE G 439 -5.27 55.70 4.49
C ILE G 439 -5.04 56.77 5.55
N GLY G 440 -5.35 56.45 6.80
CA GLY G 440 -5.15 57.39 7.89
C GLY G 440 -3.70 57.78 8.00
N GLY G 441 -2.84 56.77 8.03
CA GLY G 441 -1.40 56.97 8.07
C GLY G 441 -0.94 57.74 6.86
N ALA G 442 -1.53 57.45 5.71
CA ALA G 442 -1.23 58.19 4.50
C ALA G 442 -1.51 59.68 4.70
N ILE G 443 -2.65 60.02 5.28
CA ILE G 443 -3.04 61.40 5.51
C ILE G 443 -2.06 62.09 6.45
N PHE G 444 -1.71 61.40 7.53
CA PHE G 444 -0.74 61.92 8.49
C PHE G 444 0.59 62.23 7.79
N PHE G 445 1.03 61.27 6.98
CA PHE G 445 2.23 61.38 6.17
C PHE G 445 2.17 62.60 5.25
N ALA G 446 0.99 62.84 4.68
CA ALA G 446 0.76 63.99 3.83
C ALA G 446 1.04 65.23 4.64
N GLY G 447 0.55 65.22 5.88
CA GLY G 447 0.79 66.32 6.78
C GLY G 447 2.28 66.55 6.98
N MET G 448 3.02 65.46 7.12
CA MET G 448 4.47 65.56 7.25
C MET G 448 5.11 66.18 6.03
N LEU G 449 4.61 65.84 4.84
CA LEU G 449 5.11 66.46 3.63
C LEU G 449 4.85 67.96 3.66
N VAL G 450 3.65 68.36 4.10
CA VAL G 450 3.32 69.78 4.21
C VAL G 450 4.32 70.45 5.13
N MET G 451 4.65 69.77 6.23
CA MET G 451 5.64 70.30 7.16
C MET G 451 6.97 70.46 6.46
N ALA G 452 7.39 69.45 5.71
CA ALA G 452 8.67 69.48 5.00
C ALA G 452 8.77 70.69 4.08
N TYR G 453 7.71 70.90 3.28
CA TYR G 453 7.65 72.03 2.36
C TYR G 453 7.73 73.36 3.09
N ASN G 454 6.92 73.47 4.13
CA ASN G 454 6.85 74.66 4.95
C ASN G 454 8.24 74.96 5.50
N THR G 455 8.82 73.96 6.14
CA THR G 455 10.11 74.10 6.81
C THR G 455 11.13 74.53 5.78
N TRP G 456 11.10 73.95 4.59
CA TRP G 456 12.09 74.28 3.56
C TRP G 456 11.96 75.79 3.18
N ARG G 457 10.71 76.25 3.04
CA ARG G 457 10.39 77.65 2.67
C ARG G 457 10.96 78.56 3.75
N THR G 458 10.80 78.20 5.02
CA THR G 458 11.40 79.04 6.07
C THR G 458 12.91 79.02 6.06
N VAL G 459 13.49 77.89 5.67
CA VAL G 459 14.94 77.71 5.60
C VAL G 459 15.53 78.61 4.51
N GLN G 460 14.75 78.94 3.49
CA GLN G 460 15.24 79.75 2.36
C GLN G 460 15.72 81.13 2.77
N ALA G 461 15.07 81.75 3.75
CA ALA G 461 15.14 83.18 3.96
C ALA G 461 16.54 83.76 4.28
N ALA G 462 17.33 83.17 5.17
CA ALA G 462 18.59 83.79 5.58
C ALA G 462 19.76 82.83 5.51
N LYS G 463 20.84 83.27 4.80
CA LYS G 463 21.95 82.38 4.90
C LYS G 463 22.69 82.49 6.23
N PRO G 464 23.23 83.59 6.83
CA PRO G 464 23.87 83.83 8.13
C PRO G 464 23.01 84.10 9.40
N ALA G 465 22.14 83.19 9.87
CA ALA G 465 21.22 83.43 11.02
C ALA G 465 21.89 83.70 12.39
N GLU G 466 21.84 82.75 13.34
CA GLU G 466 22.60 82.95 14.61
C GLU G 466 22.17 84.08 15.56
N TYR G 467 20.88 84.35 15.62
CA TYR G 467 20.30 85.47 16.37
C TYR G 467 20.11 85.17 17.85
N ASP G 468 20.57 86.13 18.67
CA ASP G 468 20.41 86.05 20.12
C ASP G 468 21.55 85.20 20.67
N ALA G 469 22.05 85.81 21.73
CA ALA G 469 23.16 85.45 22.57
C ALA G 469 22.74 85.46 24.05
N ALA G 470 21.65 86.14 24.40
CA ALA G 470 21.26 86.23 25.81
C ALA G 470 21.04 84.82 26.37
N LYS H 6 14.87 70.98 48.83
CA LYS H 6 14.56 71.24 47.43
C LYS H 6 15.30 70.27 46.51
N LEU H 7 16.62 70.36 46.47
CA LEU H 7 17.46 69.43 45.69
C LEU H 7 17.29 69.65 44.17
N GLU H 8 16.71 70.78 43.80
CA GLU H 8 16.51 71.09 42.40
C GLU H 8 17.81 71.56 41.82
N LYS H 9 18.60 72.24 42.63
CA LYS H 9 19.86 72.79 42.19
C LYS H 9 21.06 71.83 42.31
N ASN H 10 20.90 70.71 43.02
CA ASN H 10 22.02 69.80 43.17
C ASN H 10 21.98 68.74 42.07
N VAL H 11 22.86 68.93 41.08
CA VAL H 11 22.88 68.13 39.87
C VAL H 11 23.25 66.68 40.15
N GLY H 12 24.26 66.50 41.01
CA GLY H 12 24.75 65.17 41.32
C GLY H 12 23.80 64.42 42.21
N LEU H 13 23.18 65.14 43.15
CA LEU H 13 22.20 64.56 44.06
C LEU H 13 20.97 64.10 43.27
N LEU H 14 20.51 64.97 42.37
CA LEU H 14 19.41 64.66 41.47
C LEU H 14 19.74 63.45 40.61
N THR H 15 20.93 63.46 40.01
CA THR H 15 21.40 62.36 39.19
C THR H 15 21.37 61.04 39.97
N LEU H 16 21.94 61.07 41.17
CA LEU H 16 22.04 59.90 42.02
C LEU H 16 20.67 59.35 42.39
N PHE H 17 19.78 60.21 42.90
CA PHE H 17 18.45 59.76 43.28
C PHE H 17 17.62 59.32 42.07
N MET H 18 17.95 59.83 40.88
CA MET H 18 17.31 59.33 39.65
C MET H 18 17.76 57.92 39.35
N ILE H 19 19.07 57.70 39.26
CA ILE H 19 19.61 56.37 38.99
C ILE H 19 19.18 55.37 40.07
N LEU H 20 18.94 55.88 41.28
CA LEU H 20 18.45 55.05 42.37
C LEU H 20 16.99 54.68 42.16
N ALA H 21 16.14 55.70 42.00
CA ALA H 21 14.70 55.52 41.87
C ALA H 21 14.35 54.64 40.67
N VAL H 22 15.15 54.75 39.63
CA VAL H 22 14.86 54.11 38.36
C VAL H 22 15.31 52.64 38.36
N SER H 23 16.14 52.28 39.33
CA SER H 23 16.73 50.94 39.36
C SER H 23 15.85 49.90 40.05
N ILE H 24 15.13 50.32 41.08
CA ILE H 24 14.35 49.42 41.94
C ILE H 24 13.47 48.40 41.19
N GLY H 25 12.68 48.84 40.21
CA GLY H 25 11.83 47.94 39.45
C GLY H 25 12.60 46.86 38.70
N GLY H 26 13.72 47.27 38.11
CA GLY H 26 14.60 46.35 37.42
C GLY H 26 15.17 45.31 38.36
N LEU H 27 15.67 45.76 39.50
CA LEU H 27 16.24 44.86 40.50
C LEU H 27 15.19 43.90 41.05
N THR H 28 13.94 44.36 41.14
CA THR H 28 12.91 43.56 41.79
C THR H 28 12.21 42.60 40.83
N GLN H 29 12.29 42.86 39.53
CA GLN H 29 11.60 42.01 38.57
C GLN H 29 12.54 41.07 37.80
N ILE H 30 13.67 41.60 37.34
CA ILE H 30 14.59 40.81 36.54
C ILE H 30 15.46 39.88 37.39
N VAL H 31 16.09 40.45 38.42
CA VAL H 31 17.05 39.70 39.23
C VAL H 31 16.52 38.40 39.82
N PRO H 32 15.32 38.42 40.44
CA PRO H 32 14.85 37.16 41.05
C PRO H 32 14.56 36.04 40.07
N LEU H 33 14.35 36.38 38.80
CA LEU H 33 14.07 35.37 37.79
C LEU H 33 15.26 34.50 37.46
N PHE H 34 16.46 35.07 37.58
CA PHE H 34 17.71 34.34 37.34
C PHE H 34 17.82 33.13 38.25
N PHE H 35 17.27 33.26 39.44
CA PHE H 35 17.40 32.27 40.49
C PHE H 35 16.11 31.48 40.68
N GLN H 36 15.06 31.88 39.97
CA GLN H 36 13.82 31.11 40.02
C GLN H 36 14.00 29.85 39.23
N ASP H 37 13.61 28.72 39.82
CA ASP H 37 13.80 27.45 39.16
C ASP H 37 12.87 27.31 37.98
N SER H 38 11.60 27.65 38.20
CA SER H 38 10.57 27.38 37.21
C SER H 38 10.86 27.96 35.81
N VAL H 39 11.55 29.10 35.75
CA VAL H 39 11.82 29.71 34.46
C VAL H 39 13.22 29.40 33.93
N ASN H 40 13.95 28.56 34.63
CA ASN H 40 15.28 28.13 34.19
C ASN H 40 15.42 26.62 34.01
N GLU H 41 14.41 25.87 34.45
CA GLU H 41 14.40 24.42 34.33
C GLU H 41 13.81 24.03 32.99
N PRO H 42 14.55 23.27 32.16
CA PRO H 42 13.89 22.86 30.92
C PRO H 42 12.74 21.89 31.21
N VAL H 43 11.83 21.78 30.26
CA VAL H 43 10.83 20.72 30.26
C VAL H 43 11.70 19.47 30.14
N GLU H 44 11.29 18.37 30.77
CA GLU H 44 12.18 17.23 30.97
C GLU H 44 12.70 16.61 29.70
N GLY H 45 11.87 16.48 28.69
CA GLY H 45 12.33 15.90 27.45
C GLY H 45 13.31 16.75 26.64
N MET H 46 13.23 18.07 26.76
CA MET H 46 13.93 18.93 25.81
C MET H 46 15.46 18.88 25.76
N LYS H 47 15.91 18.90 24.51
CA LYS H 47 17.29 18.98 24.08
C LYS H 47 17.55 20.35 23.42
N PRO H 48 18.81 20.76 23.24
CA PRO H 48 19.02 21.99 22.45
C PRO H 48 18.59 21.85 21.00
N TYR H 49 18.36 22.95 20.29
CA TYR H 49 18.00 22.86 18.88
C TYR H 49 19.15 22.20 18.14
N THR H 50 18.82 21.30 17.21
CA THR H 50 19.85 20.68 16.39
C THR H 50 20.40 21.70 15.39
N ALA H 51 21.63 21.46 14.94
CA ALA H 51 22.33 22.38 14.06
C ALA H 51 21.43 22.93 12.95
N LEU H 52 20.68 22.04 12.31
CA LEU H 52 19.80 22.46 11.24
C LEU H 52 18.65 23.30 11.77
N GLN H 53 18.09 22.85 12.90
CA GLN H 53 17.01 23.57 13.53
C GLN H 53 17.46 24.96 13.98
N LEU H 54 18.65 24.99 14.57
CA LEU H 54 19.25 26.22 15.09
C LEU H 54 19.52 27.23 13.96
N GLU H 55 20.02 26.71 12.84
CA GLU H 55 20.32 27.52 11.67
C GLU H 55 19.00 28.09 11.13
N GLY H 56 17.97 27.25 11.16
CA GLY H 56 16.66 27.63 10.68
C GLY H 56 15.97 28.63 11.58
N ARG H 57 16.24 28.55 12.88
CA ARG H 57 15.70 29.50 13.84
C ARG H 57 16.32 30.84 13.56
N ASP H 58 17.62 30.84 13.26
CA ASP H 58 18.25 32.10 12.91
C ASP H 58 17.72 32.62 11.57
N LEU H 59 17.22 31.72 10.73
CA LEU H 59 16.56 32.19 9.51
C LEU H 59 15.23 32.85 9.81
N TYR H 60 14.46 32.21 10.68
CA TYR H 60 13.21 32.74 11.23
C TYR H 60 13.43 34.12 11.84
N ILE H 61 14.58 34.29 12.48
CA ILE H 61 14.93 35.56 13.09
C ILE H 61 15.22 36.59 12.02
N ARG H 62 16.00 36.21 11.02
CA ARG H 62 16.46 37.16 10.03
C ARG H 62 15.33 37.62 9.14
N GLU H 63 14.34 36.78 8.93
CA GLU H 63 13.24 37.14 8.04
C GLU H 63 12.14 38.01 8.68
N GLY H 64 12.17 38.11 10.01
CA GLY H 64 11.24 38.95 10.73
C GLY H 64 9.95 38.23 11.03
N CYS H 65 10.02 36.91 11.04
CA CYS H 65 8.86 36.07 11.31
C CYS H 65 8.13 36.43 12.59
N VAL H 66 8.90 36.69 13.65
CA VAL H 66 8.38 37.09 14.96
C VAL H 66 7.39 38.25 14.82
N GLY H 67 7.64 39.12 13.84
CA GLY H 67 6.82 40.29 13.62
C GLY H 67 5.35 40.06 13.30
N CYS H 68 4.96 38.85 12.93
CA CYS H 68 3.54 38.58 12.68
C CYS H 68 3.12 37.34 13.47
N HIS H 69 4.11 36.62 13.98
CA HIS H 69 3.86 35.30 14.56
C HIS H 69 4.34 35.18 15.98
N SER H 70 3.40 34.89 16.88
CA SER H 70 3.73 34.61 18.28
C SER H 70 4.18 33.16 18.47
N GLN H 71 4.99 32.93 19.49
CA GLN H 71 5.33 31.58 19.94
C GLN H 71 5.07 31.47 21.43
N MET H 72 3.81 31.64 21.80
CA MET H 72 3.43 31.73 23.20
C MET H 72 1.93 31.57 23.34
N ILE H 73 1.51 30.36 23.73
CA ILE H 73 0.10 30.04 23.89
C ILE H 73 -0.36 30.36 25.29
N ARG H 74 -1.34 31.25 25.38
CA ARG H 74 -1.86 31.71 26.66
C ARG H 74 -2.84 30.69 27.25
N PRO H 75 -2.85 30.58 28.59
CA PRO H 75 -3.67 29.57 29.25
C PRO H 75 -5.16 29.90 29.27
N PHE H 76 -5.74 30.11 28.10
CA PHE H 76 -7.18 30.21 27.96
C PHE H 76 -7.69 28.98 27.23
N ARG H 77 -8.94 28.60 27.50
CA ARG H 77 -9.53 27.45 26.82
C ARG H 77 -9.50 27.59 25.31
N ALA H 78 -9.91 28.74 24.79
CA ALA H 78 -10.01 28.93 23.36
C ALA H 78 -8.65 28.88 22.66
N GLU H 79 -7.62 29.39 23.32
CA GLU H 79 -6.29 29.36 22.74
C GLU H 79 -5.73 27.93 22.83
N THR H 80 -6.02 27.28 23.95
CA THR H 80 -5.74 25.86 24.13
C THR H 80 -6.35 25.03 23.00
N GLU H 81 -7.63 25.26 22.71
CA GLU H 81 -8.33 24.52 21.69
C GLU H 81 -7.77 24.80 20.31
N ARG H 82 -7.40 26.05 20.05
CA ARG H 82 -6.92 26.42 18.74
C ARG H 82 -5.49 25.96 18.46
N TYR H 83 -4.64 26.00 19.47
CA TYR H 83 -3.22 25.78 19.26
C TYR H 83 -2.62 24.60 20.00
N GLY H 84 -3.20 24.25 21.14
CA GLY H 84 -2.68 23.17 21.96
C GLY H 84 -2.38 23.60 23.39
N HIS H 85 -1.53 22.83 24.06
CA HIS H 85 -1.23 23.10 25.46
C HIS H 85 -0.59 24.48 25.57
N TYR H 86 -1.04 25.26 26.53
CA TYR H 86 -0.48 26.60 26.75
C TYR H 86 1.02 26.50 27.00
N SER H 87 1.76 27.42 26.39
CA SER H 87 3.21 27.46 26.52
C SER H 87 3.69 27.46 27.96
N VAL H 88 4.84 26.84 28.16
CA VAL H 88 5.43 26.69 29.48
C VAL H 88 6.82 27.31 29.48
N ALA H 89 7.18 27.94 30.60
CA ALA H 89 8.48 28.59 30.72
C ALA H 89 9.61 27.66 30.27
N GLY H 90 9.53 26.39 30.68
CA GLY H 90 10.55 25.40 30.40
C GLY H 90 10.80 25.15 28.93
N GLU H 91 9.85 25.51 28.08
CA GLU H 91 9.98 25.29 26.63
C GLU H 91 10.96 26.25 25.95
N SER H 92 11.09 27.46 26.50
CA SER H 92 11.90 28.51 25.88
C SER H 92 13.22 28.72 26.60
N VAL H 93 13.54 27.81 27.51
CA VAL H 93 14.72 27.91 28.36
C VAL H 93 16.03 28.08 27.59
N TYR H 94 16.11 27.52 26.38
CA TYR H 94 17.32 27.64 25.57
C TYR H 94 17.15 28.65 24.44
N ASP H 95 16.14 29.50 24.52
CA ASP H 95 15.87 30.45 23.44
C ASP H 95 16.63 31.77 23.60
N HIS H 96 17.83 31.80 23.03
CA HIS H 96 18.58 33.04 22.90
C HIS H 96 18.49 33.59 21.48
N PRO H 97 17.75 34.67 21.29
CA PRO H 97 16.85 35.30 22.25
C PRO H 97 15.44 34.74 22.13
N PHE H 98 14.60 34.97 23.13
CA PHE H 98 13.24 34.44 23.12
C PHE H 98 12.44 34.99 21.95
N LEU H 99 11.56 34.17 21.39
CA LEU H 99 10.74 34.57 20.25
C LEU H 99 9.26 34.38 20.54
N TRP H 100 8.87 34.67 21.78
CA TRP H 100 7.45 34.84 22.08
C TRP H 100 7.05 36.01 21.20
N GLY H 101 5.82 36.04 20.74
CA GLY H 101 5.42 37.14 19.90
C GLY H 101 5.00 38.35 20.73
N SER H 102 4.54 39.36 20.02
CA SER H 102 3.74 40.41 20.62
C SER H 102 2.58 40.75 19.69
N LYS H 103 2.63 40.24 18.45
CA LYS H 103 1.51 40.33 17.54
C LYS H 103 1.23 39.00 16.83
N ARG H 104 -0.04 38.81 16.48
CA ARG H 104 -0.48 37.69 15.69
C ARG H 104 -1.16 38.16 14.41
N THR H 105 -0.39 38.66 13.47
CA THR H 105 -0.92 38.94 12.14
C THR H 105 -1.24 37.59 11.50
N GLY H 106 -0.33 36.63 11.69
CA GLY H 106 -0.58 35.23 11.38
C GLY H 106 -0.76 34.49 12.69
N PRO H 107 -1.13 33.20 12.63
CA PRO H 107 -1.46 32.43 13.83
C PRO H 107 -0.24 32.16 14.71
N ASP H 108 -0.49 31.70 15.93
CA ASP H 108 0.58 31.33 16.83
C ASP H 108 1.31 30.09 16.33
N LEU H 109 2.63 30.10 16.45
CA LEU H 109 3.44 28.99 15.96
C LEU H 109 4.12 28.19 17.07
N ALA H 110 3.71 28.41 18.32
CA ALA H 110 4.35 27.73 19.43
C ALA H 110 4.27 26.21 19.31
N ARG H 111 3.22 25.71 18.67
CA ARG H 111 3.06 24.28 18.48
C ARG H 111 2.70 23.85 17.08
N VAL H 112 3.26 24.49 16.05
CA VAL H 112 3.10 24.00 14.69
C VAL H 112 3.73 22.61 14.54
N GLY H 113 4.59 22.26 15.50
CA GLY H 113 4.94 20.89 15.81
C GLY H 113 5.07 19.98 14.61
N GLY H 114 4.22 18.96 14.54
CA GLY H 114 4.12 18.14 13.34
C GLY H 114 2.71 18.21 12.80
N ARG H 115 2.10 19.39 12.97
CA ARG H 115 0.71 19.61 12.58
C ARG H 115 0.56 19.67 11.07
N TYR H 116 1.64 20.05 10.40
CA TYR H 116 1.64 20.13 8.95
C TYR H 116 2.83 19.36 8.38
N SER H 117 2.68 18.86 7.16
CA SER H 117 3.77 18.15 6.48
C SER H 117 4.86 19.11 6.02
N ASP H 118 6.08 18.59 5.89
CA ASP H 118 7.18 19.38 5.35
C ASP H 118 6.81 19.94 3.98
N ASP H 119 6.13 19.13 3.18
CA ASP H 119 5.73 19.54 1.84
C ASP H 119 4.83 20.77 1.89
N TRP H 120 3.88 20.74 2.82
CA TRP H 120 2.99 21.86 2.97
C TRP H 120 3.76 23.09 3.38
N HIS H 121 4.66 22.95 4.35
CA HIS H 121 5.43 24.08 4.85
C HIS H 121 6.26 24.70 3.73
N ARG H 122 6.74 23.85 2.82
CA ARG H 122 7.55 24.32 1.71
C ARG H 122 6.69 25.09 0.72
N ALA H 123 5.55 24.52 0.36
CA ALA H 123 4.63 25.19 -0.55
C ALA H 123 4.19 26.53 -0.01
N HIS H 124 3.90 26.55 1.28
CA HIS H 124 3.30 27.70 1.93
C HIS H 124 4.34 28.79 2.12
N LEU H 125 5.53 28.41 2.52
CA LEU H 125 6.61 29.38 2.60
C LEU H 125 6.96 29.93 1.21
N TYR H 126 6.92 29.09 0.18
CA TYR H 126 7.26 29.58 -1.16
C TYR H 126 6.26 30.61 -1.69
N ASN H 127 4.99 30.42 -1.33
CA ASN H 127 3.90 31.32 -1.74
C ASN H 127 2.66 31.01 -0.91
N PRO H 128 2.48 31.71 0.20
CA PRO H 128 1.37 31.38 1.09
C PRO H 128 0.02 31.48 0.38
N ARG H 129 -0.12 32.44 -0.51
CA ARG H 129 -1.37 32.66 -1.25
C ARG H 129 -1.68 31.44 -2.11
N ASN H 130 -0.63 30.73 -2.49
CA ASN H 130 -0.75 29.55 -3.31
C ASN H 130 -1.45 28.39 -2.59
N VAL H 131 -1.37 28.39 -1.27
CA VAL H 131 -1.99 27.34 -0.46
C VAL H 131 -3.14 27.90 0.39
N VAL H 132 -3.00 29.16 0.77
CA VAL H 132 -4.01 29.86 1.56
C VAL H 132 -4.33 31.18 0.84
N PRO H 133 -5.27 31.12 -0.11
CA PRO H 133 -5.53 32.19 -1.07
C PRO H 133 -5.66 33.58 -0.45
N GLU H 134 -6.17 33.67 0.78
CA GLU H 134 -6.43 34.95 1.41
C GLU H 134 -5.39 35.31 2.47
N SER H 135 -4.20 34.72 2.37
CA SER H 135 -3.10 34.99 3.29
C SER H 135 -2.54 36.39 3.06
N LYS H 136 -1.96 36.99 4.11
CA LYS H 136 -1.30 38.29 3.96
C LYS H 136 0.21 38.15 4.15
N MET H 137 0.64 36.91 4.36
CA MET H 137 2.05 36.56 4.51
C MET H 137 2.84 36.79 3.25
N PRO H 138 4.04 37.36 3.40
CA PRO H 138 4.97 37.51 2.29
C PRO H 138 5.38 36.17 1.75
N SER H 139 5.67 36.12 0.46
CA SER H 139 6.26 34.94 -0.14
C SER H 139 7.74 34.89 0.21
N TYR H 140 8.24 33.69 0.45
CA TYR H 140 9.65 33.51 0.82
C TYR H 140 10.40 32.55 -0.08
N PRO H 141 10.35 32.76 -1.41
CA PRO H 141 10.90 31.80 -2.35
C PRO H 141 12.43 31.66 -2.31
N TRP H 142 13.13 32.71 -1.90
CA TRP H 142 14.59 32.66 -1.89
C TRP H 142 15.11 31.58 -0.95
N LEU H 143 14.29 31.16 0.00
CA LEU H 143 14.67 30.11 0.93
C LEU H 143 15.04 28.84 0.17
N VAL H 144 14.46 28.66 -1.01
CA VAL H 144 14.73 27.48 -1.81
C VAL H 144 16.01 27.68 -2.61
N GLU H 145 16.25 28.93 -3.01
CA GLU H 145 17.40 29.22 -3.86
C GLU H 145 18.69 29.36 -3.06
N ASN H 146 18.58 29.42 -1.74
CA ASN H 146 19.75 29.62 -0.91
C ASN H 146 20.21 28.38 -0.18
N THR H 147 21.52 28.19 -0.12
CA THR H 147 22.10 26.99 0.48
C THR H 147 22.95 27.30 1.70
N LEU H 148 22.72 26.57 2.78
CA LEU H 148 23.55 26.71 3.97
C LEU H 148 24.91 26.05 3.77
N ASP H 149 25.97 26.76 4.15
CA ASP H 149 27.32 26.23 4.06
C ASP H 149 27.80 25.66 5.39
N GLY H 150 27.08 26.00 6.46
CA GLY H 150 27.38 25.49 7.79
C GLY H 150 28.65 26.07 8.39
N LYS H 151 29.14 27.17 7.83
CA LYS H 151 30.38 27.81 8.30
C LYS H 151 30.34 28.16 9.79
N ASP H 152 29.29 28.85 10.21
CA ASP H 152 29.26 29.45 11.54
C ASP H 152 28.51 28.63 12.58
N THR H 153 27.86 27.54 12.15
CA THR H 153 27.08 26.72 13.06
C THR H 153 27.87 26.29 14.30
N ALA H 154 29.09 25.81 14.07
CA ALA H 154 30.00 25.46 15.14
C ALA H 154 30.16 26.60 16.15
N LYS H 155 30.53 27.79 15.64
CA LYS H 155 30.68 28.97 16.49
C LYS H 155 29.42 29.30 17.26
N LYS H 156 28.29 29.28 16.57
CA LYS H 156 27.00 29.59 17.19
C LYS H 156 26.74 28.68 18.36
N MET H 157 26.91 27.38 18.15
CA MET H 157 26.68 26.39 19.20
C MET H 157 27.67 26.51 20.35
N SER H 158 28.93 26.78 20.05
CA SER H 158 29.93 27.04 21.09
C SER H 158 29.47 28.20 21.96
N ALA H 159 29.05 29.28 21.31
CA ALA H 159 28.55 30.47 21.97
C ALA H 159 27.35 30.16 22.86
N LEU H 160 26.39 29.42 22.32
CA LEU H 160 25.17 29.10 23.05
C LEU H 160 25.47 28.19 24.24
N ARG H 161 26.45 27.30 24.09
CA ARG H 161 26.91 26.47 25.19
C ARG H 161 27.48 27.37 26.28
N MET H 162 28.31 28.31 25.86
CA MET H 162 28.84 29.33 26.76
C MET H 162 27.71 30.05 27.51
N LEU H 163 26.55 30.17 26.86
CA LEU H 163 25.39 30.81 27.47
C LEU H 163 24.50 29.83 28.24
N GLY H 164 24.92 28.57 28.37
CA GLY H 164 24.19 27.62 29.18
C GLY H 164 23.59 26.43 28.46
N VAL H 165 23.39 26.56 27.15
CA VAL H 165 22.76 25.50 26.37
C VAL H 165 23.66 24.27 26.24
N PRO H 166 23.21 23.11 26.74
CA PRO H 166 24.09 21.95 26.86
C PRO H 166 24.37 21.23 25.54
N TYR H 167 25.04 21.90 24.61
CA TYR H 167 25.49 21.24 23.40
C TYR H 167 26.67 20.33 23.71
N THR H 168 26.63 19.13 23.15
CA THR H 168 27.70 18.18 23.38
C THR H 168 28.84 18.48 22.41
N GLU H 169 30.01 17.96 22.74
CA GLU H 169 31.17 18.03 21.87
C GLU H 169 30.82 17.30 20.56
N GLU H 170 30.04 16.22 20.68
CA GLU H 170 29.53 15.49 19.52
C GLU H 170 28.69 16.40 18.66
N ASP H 171 27.86 17.22 19.31
CA ASP H 171 27.01 18.17 18.60
C ASP H 171 27.82 19.19 17.80
N ILE H 172 28.77 19.85 18.44
CA ILE H 172 29.57 20.89 17.78
C ILE H 172 30.45 20.33 16.67
N ALA H 173 31.25 19.33 17.00
CA ALA H 173 31.97 18.57 15.99
C ALA H 173 30.98 18.07 14.95
N GLY H 174 31.21 18.42 13.70
CA GLY H 174 30.32 18.01 12.63
C GLY H 174 28.92 18.57 12.75
N ALA H 175 28.81 19.75 13.36
CA ALA H 175 27.58 20.51 13.23
C ALA H 175 27.54 21.09 11.81
N ARG H 176 28.72 21.29 11.24
CA ARG H 176 28.84 21.77 9.87
C ARG H 176 28.23 20.82 8.85
N ASP H 177 28.62 19.55 8.87
CA ASP H 177 28.16 18.61 7.85
C ASP H 177 26.75 18.14 8.13
N SER H 178 26.17 18.59 9.24
CA SER H 178 24.76 18.36 9.51
C SER H 178 23.92 19.35 8.73
N VAL H 179 24.57 20.42 8.30
CA VAL H 179 23.89 21.58 7.76
C VAL H 179 24.31 21.89 6.32
N ASN H 180 25.60 21.71 6.03
CA ASN H 180 26.16 22.03 4.72
C ASN H 180 25.39 21.37 3.57
N GLY H 181 25.05 22.15 2.56
CA GLY H 181 24.35 21.65 1.40
C GLY H 181 22.84 21.68 1.53
N LYS H 182 22.35 21.76 2.76
CA LYS H 182 20.92 21.94 3.01
C LYS H 182 20.49 23.34 2.56
N THR H 183 19.25 23.48 2.10
CA THR H 183 18.76 24.79 1.69
C THR H 183 18.18 25.53 2.89
N GLU H 184 18.10 26.84 2.78
CA GLU H 184 17.54 27.64 3.85
C GLU H 184 16.13 27.18 4.15
N MET H 185 15.39 26.84 3.10
CA MET H 185 14.05 26.34 3.27
C MET H 185 14.05 25.05 4.08
N ASP H 186 15.03 24.19 3.80
CA ASP H 186 15.19 22.96 4.58
C ASP H 186 15.30 23.29 6.05
N ALA H 187 16.16 24.26 6.37
CA ALA H 187 16.42 24.64 7.74
C ALA H 187 15.19 25.24 8.40
N MET H 188 14.52 26.14 7.69
CA MET H 188 13.32 26.77 8.20
C MET H 188 12.27 25.74 8.54
N VAL H 189 12.08 24.79 7.64
CA VAL H 189 11.10 23.74 7.85
C VAL H 189 11.49 22.90 9.06
N ALA H 190 12.78 22.58 9.18
CA ALA H 190 13.28 21.79 10.30
C ALA H 190 12.99 22.49 11.63
N TYR H 191 13.22 23.78 11.66
CA TYR H 191 12.97 24.59 12.85
C TYR H 191 11.48 24.56 13.17
N LEU H 192 10.64 24.91 12.20
CA LEU H 192 9.20 24.94 12.43
C LEU H 192 8.66 23.61 12.95
N GLN H 193 9.25 22.50 12.51
CA GLN H 193 8.73 21.20 12.87
C GLN H 193 9.11 20.74 14.26
N VAL H 194 9.94 21.50 14.96
CA VAL H 194 10.34 21.12 16.33
C VAL H 194 9.61 21.95 17.37
N LEU H 195 9.04 23.08 16.94
CA LEU H 195 8.35 23.99 17.85
C LEU H 195 7.24 23.32 18.66
N GLY H 196 7.42 23.28 19.97
CA GLY H 196 6.40 22.78 20.87
C GLY H 196 6.33 21.27 20.96
N THR H 197 7.17 20.59 20.19
CA THR H 197 7.20 19.14 20.23
C THR H 197 7.74 18.64 21.56
N ALA H 198 8.66 19.39 22.14
CA ALA H 198 9.32 18.98 23.37
C ALA H 198 8.37 18.64 24.50
N LEU H 199 7.30 19.41 24.65
CA LEU H 199 6.35 19.19 25.73
C LEU H 199 5.45 17.98 25.49
N THR H 200 4.83 17.92 24.31
CA THR H 200 3.77 16.95 24.06
C THR H 200 4.26 15.54 23.76
N ASN H 201 5.53 15.27 24.02
CA ASN H 201 6.06 13.92 23.91
C ASN H 201 7.03 13.56 25.03
N LYS H 202 7.12 14.42 26.04
CA LYS H 202 7.99 14.19 27.18
C LYS H 202 7.61 12.94 27.97
N MET I 1 9.81 29.31 44.45
CA MET I 1 10.53 30.57 44.62
C MET I 1 11.15 30.36 46.10
N SER I 2 12.44 30.58 46.28
CA SER I 2 12.97 30.55 47.63
C SER I 2 12.43 31.69 48.45
N THR I 3 12.33 31.42 49.72
CA THR I 3 11.79 32.40 50.62
C THR I 3 12.53 33.75 50.64
N PHE I 4 13.87 33.68 50.62
CA PHE I 4 14.77 34.84 50.65
C PHE I 4 14.31 35.80 49.47
N TRP I 5 14.09 35.26 48.27
CA TRP I 5 13.66 36.03 47.06
C TRP I 5 12.27 36.55 47.23
N SER I 6 11.44 35.71 47.80
CA SER I 6 10.07 36.09 48.02
C SER I 6 9.98 37.30 48.93
N GLY I 7 10.76 37.24 50.00
CA GLY I 7 10.81 38.29 50.99
C GLY I 7 11.35 39.56 50.37
N TYR I 8 12.40 39.38 49.56
CA TYR I 8 13.10 40.47 48.92
C TYR I 8 12.15 41.22 47.99
N ILE I 9 11.40 40.46 47.21
CA ILE I 9 10.46 41.03 46.25
C ILE I 9 9.41 41.80 47.01
N ALA I 10 8.89 41.17 48.07
CA ALA I 10 7.81 41.79 48.82
C ALA I 10 8.30 43.08 49.47
N LEU I 11 9.50 43.05 50.03
CA LEU I 11 10.07 44.18 50.77
C LEU I 11 10.25 45.36 49.83
N LEU I 12 10.80 45.09 48.66
CA LEU I 12 11.11 46.12 47.69
C LEU I 12 9.83 46.68 47.14
N THR I 13 8.88 45.80 46.86
CA THR I 13 7.60 46.18 46.27
C THR I 13 6.89 47.11 47.26
N LEU I 14 6.87 46.68 48.52
CA LEU I 14 6.22 47.40 49.59
C LEU I 14 6.92 48.72 49.86
N GLY I 15 8.24 48.71 49.83
CA GLY I 15 9.04 49.89 50.11
C GLY I 15 8.67 50.90 49.05
N THR I 16 8.54 50.43 47.81
CA THR I 16 8.18 51.32 46.72
C THR I 16 6.79 51.90 46.95
N ILE I 17 5.84 51.08 47.38
CA ILE I 17 4.49 51.59 47.66
C ILE I 17 4.48 52.64 48.80
N VAL I 18 5.21 52.33 49.86
CA VAL I 18 5.29 53.15 51.05
C VAL I 18 5.88 54.49 50.65
N ALA I 19 6.95 54.40 49.85
CA ALA I 19 7.73 55.53 49.39
C ALA I 19 6.81 56.40 48.59
N LEU I 20 5.95 55.75 47.81
CA LEU I 20 5.02 56.47 46.97
C LEU I 20 4.06 57.29 47.82
N PHE I 21 3.55 56.67 48.87
CA PHE I 21 2.62 57.35 49.76
C PHE I 21 3.30 58.55 50.44
N TRP I 22 4.54 58.30 50.88
CA TRP I 22 5.32 59.28 51.59
C TRP I 22 5.54 60.49 50.68
N LEU I 23 5.85 60.17 49.42
CA LEU I 23 6.14 61.19 48.42
C LEU I 23 4.96 62.05 48.13
N ILE I 24 3.82 61.41 47.95
CA ILE I 24 2.65 62.16 47.59
C ILE I 24 2.29 63.12 48.74
N PHE I 25 2.32 62.62 49.98
CA PHE I 25 1.97 63.48 51.11
C PHE I 25 2.95 64.61 51.34
N ALA I 26 4.23 64.30 51.27
CA ALA I 26 5.27 65.28 51.53
C ALA I 26 5.13 66.38 50.48
N THR I 27 4.76 66.01 49.26
CA THR I 27 4.50 67.00 48.22
C THR I 27 3.30 67.84 48.66
N ARG I 28 2.34 67.26 49.41
CA ARG I 28 1.09 67.97 49.70
C ARG I 28 1.14 68.99 50.85
N LYS I 29 2.27 69.09 51.52
CA LYS I 29 2.29 69.84 52.81
C LYS I 29 1.90 71.34 52.88
N GLY I 30 2.38 72.15 51.95
CA GLY I 30 2.06 73.57 51.96
C GLY I 30 0.90 73.78 51.00
N GLU I 31 -0.17 73.01 51.18
CA GLU I 31 -1.24 73.00 50.20
C GLU I 31 -2.12 74.24 50.29
N SER I 32 -2.12 75.03 49.22
CA SER I 32 -2.94 76.23 49.20
C SER I 32 -4.42 75.89 49.30
N ALA I 33 -4.83 74.82 48.61
CA ALA I 33 -6.25 74.42 48.57
C ALA I 33 -7.05 75.45 47.78
N GLY I 34 -6.31 76.31 47.09
CA GLY I 34 -6.86 77.35 46.26
C GLY I 34 -6.03 77.59 45.02
N THR I 35 -6.64 78.21 44.02
CA THR I 35 -6.04 78.46 42.71
C THR I 35 -4.78 79.27 42.94
N THR I 36 -4.88 80.21 43.88
CA THR I 36 -3.71 80.88 44.41
C THR I 36 -3.11 81.88 43.43
N ASP I 37 -2.70 81.38 42.28
CA ASP I 37 -2.07 82.18 41.24
C ASP I 37 -0.73 82.69 41.72
N GLN I 38 -0.13 81.95 42.66
CA GLN I 38 1.12 82.42 43.23
C GLN I 38 2.12 82.03 42.17
N THR I 39 3.36 82.39 42.42
CA THR I 39 4.50 82.15 41.56
C THR I 39 5.66 81.78 42.47
N MET I 40 6.61 81.09 41.87
CA MET I 40 7.89 80.75 42.46
C MET I 40 8.79 81.82 41.94
N GLY I 41 9.76 82.20 42.76
CA GLY I 41 10.61 83.28 42.32
C GLY I 41 11.53 83.20 41.15
N HIS I 42 11.58 82.11 40.40
CA HIS I 42 12.60 82.13 39.37
C HIS I 42 11.91 81.62 38.12
N ALA I 43 12.32 82.35 37.10
CA ALA I 43 12.07 82.31 35.67
C ALA I 43 13.12 81.51 34.97
N PHE I 44 12.75 80.62 34.05
CA PHE I 44 13.82 79.99 33.29
C PHE I 44 13.47 80.52 31.92
N ASP I 45 14.34 81.30 31.28
CA ASP I 45 13.98 81.89 29.99
C ASP I 45 12.65 82.63 30.20
N GLY I 46 11.73 82.32 29.30
CA GLY I 46 10.35 82.73 29.38
C GLY I 46 9.64 82.09 30.56
N ILE I 47 9.95 80.83 30.88
CA ILE I 47 9.01 80.15 31.73
C ILE I 47 9.17 80.33 33.22
N GLU I 48 7.99 80.42 33.85
CA GLU I 48 7.81 80.53 35.28
C GLU I 48 6.66 79.64 35.74
N GLU I 49 6.63 79.25 37.00
CA GLU I 49 5.62 78.29 37.45
C GLU I 49 4.70 78.69 38.61
N TYR I 50 3.39 78.58 38.48
CA TYR I 50 2.54 78.80 39.66
C TYR I 50 2.71 77.74 40.74
N ASP I 51 2.74 78.14 42.01
CA ASP I 51 2.76 77.17 43.09
C ASP I 51 1.30 76.85 43.39
N ASN I 52 0.78 75.82 42.74
CA ASN I 52 -0.62 75.48 42.91
C ASN I 52 -0.78 74.21 43.70
N PRO I 53 -1.94 74.01 44.33
CA PRO I 53 -2.02 72.73 45.02
C PRO I 53 -2.42 71.63 44.05
N LEU I 54 -2.07 70.39 44.40
CA LEU I 54 -2.45 69.25 43.58
C LEU I 54 -3.96 69.15 43.60
N PRO I 55 -4.57 68.88 42.43
CA PRO I 55 -6.03 68.75 42.39
C PRO I 55 -6.52 67.62 43.30
N ARG I 56 -7.60 67.84 44.05
CA ARG I 56 -8.03 66.86 45.04
C ARG I 56 -8.43 65.55 44.39
N TRP I 57 -9.15 65.64 43.28
CA TRP I 57 -9.63 64.45 42.61
C TRP I 57 -8.43 63.64 42.14
N TRP I 58 -7.43 64.32 41.60
CA TRP I 58 -6.21 63.71 41.08
C TRP I 58 -5.52 63.03 42.26
N PHE I 59 -5.55 63.72 43.40
CA PHE I 59 -4.97 63.20 44.61
C PHE I 59 -5.64 61.91 44.97
N LEU I 60 -6.96 61.97 44.85
CA LEU I 60 -7.84 60.88 45.18
C LEU I 60 -7.58 59.69 44.30
N LEU I 61 -7.39 59.96 43.02
CA LEU I 61 -7.16 58.92 42.04
C LEU I 61 -5.88 58.23 42.38
N PHE I 62 -4.87 59.02 42.70
CA PHE I 62 -3.57 58.46 42.97
C PHE I 62 -3.71 57.55 44.18
N ILE I 63 -4.41 58.06 45.18
CA ILE I 63 -4.56 57.29 46.40
C ILE I 63 -5.35 56.01 46.09
N GLY I 64 -6.40 56.14 45.27
CA GLY I 64 -7.23 55.01 44.94
C GLY I 64 -6.49 53.91 44.20
N THR I 65 -5.63 54.31 43.26
CA THR I 65 -4.86 53.34 42.49
C THR I 65 -3.98 52.62 43.45
N LEU I 66 -3.36 53.40 44.32
CA LEU I 66 -2.44 52.76 45.24
C LEU I 66 -3.16 51.76 46.14
N VAL I 67 -4.35 52.13 46.62
CA VAL I 67 -5.15 51.29 47.52
C VAL I 67 -5.49 50.01 46.80
N PHE I 68 -5.88 50.16 45.55
CA PHE I 68 -6.30 49.05 44.72
C PHE I 68 -5.12 48.12 44.55
N GLY I 69 -3.93 48.68 44.35
CA GLY I 69 -2.76 47.87 44.14
C GLY I 69 -2.53 47.05 45.40
N ILE I 70 -2.68 47.64 46.59
CA ILE I 70 -2.47 46.84 47.81
C ILE I 70 -3.49 45.72 47.90
N LEU I 71 -4.74 46.06 47.57
CA LEU I 71 -5.83 45.10 47.65
C LEU I 71 -5.58 43.94 46.72
N TYR I 72 -5.12 44.25 45.52
CA TYR I 72 -4.83 43.28 44.49
C TYR I 72 -3.71 42.35 44.93
N LEU I 73 -2.69 42.96 45.53
CA LEU I 73 -1.53 42.21 45.96
C LEU I 73 -1.99 41.23 47.03
N VAL I 74 -2.87 41.70 47.91
CA VAL I 74 -3.39 40.86 48.99
C VAL I 74 -4.27 39.77 48.32
N LEU I 75 -5.09 40.12 47.35
CA LEU I 75 -5.93 39.11 46.68
C LEU I 75 -5.20 38.06 45.81
N TYR I 76 -4.14 38.51 45.13
CA TYR I 76 -3.50 37.75 44.03
C TYR I 76 -1.99 37.60 44.17
N PRO I 77 -1.40 36.56 43.53
CA PRO I 77 0.04 36.43 43.74
C PRO I 77 0.75 37.61 43.12
N GLY I 78 1.97 37.88 43.57
CA GLY I 78 2.65 39.09 43.14
C GLY I 78 3.75 39.35 44.14
N LEU I 79 3.32 39.54 45.38
CA LEU I 79 4.25 39.85 46.45
C LEU I 79 4.93 38.58 46.80
N GLY I 80 6.23 38.49 46.63
CA GLY I 80 6.85 37.26 47.09
C GLY I 80 6.31 35.93 46.58
N ASN I 81 6.22 34.99 47.52
CA ASN I 81 5.69 33.62 47.38
C ASN I 81 4.24 33.53 47.71
N TRP I 82 3.68 34.68 47.95
CA TRP I 82 2.34 34.76 48.39
C TRP I 82 1.45 34.11 47.32
N LYS I 83 0.54 33.27 47.83
CA LYS I 83 -0.50 32.57 47.09
C LYS I 83 -1.70 33.46 47.20
N GLY I 84 -2.59 33.46 46.22
CA GLY I 84 -3.71 34.36 46.41
C GLY I 84 -4.61 34.07 47.58
N VAL I 85 -5.10 35.11 48.25
CA VAL I 85 -6.02 34.89 49.35
C VAL I 85 -7.41 35.04 48.75
N LEU I 86 -7.49 35.21 47.43
CA LEU I 86 -8.80 35.52 46.85
C LEU I 86 -9.71 34.35 47.14
N PRO I 87 -10.98 34.63 47.42
CA PRO I 87 -11.77 33.46 47.79
C PRO I 87 -12.10 32.61 46.57
N GLY I 88 -12.30 31.33 46.81
CA GLY I 88 -12.79 30.43 45.79
C GLY I 88 -11.73 29.75 44.97
N TYR I 89 -10.47 30.11 45.11
CA TYR I 89 -9.49 29.31 44.38
C TYR I 89 -8.62 28.76 45.50
N GLU I 90 -8.57 27.44 45.61
CA GLU I 90 -7.84 26.82 46.72
C GLU I 90 -6.35 26.83 46.49
N GLY I 91 -5.62 27.08 47.57
CA GLY I 91 -4.17 27.09 47.53
C GLY I 91 -3.75 28.32 46.76
N GLY I 92 -4.66 29.28 46.66
CA GLY I 92 -4.37 30.50 45.92
C GLY I 92 -4.77 30.41 44.46
N TRP I 93 -4.44 31.47 43.73
CA TRP I 93 -4.80 31.60 42.33
C TRP I 93 -3.61 31.71 41.41
N THR I 94 -3.62 30.91 40.36
CA THR I 94 -2.59 30.94 39.33
C THR I 94 -3.32 30.79 37.99
N GLN I 95 -2.69 31.24 36.92
CA GLN I 95 -3.28 31.21 35.59
C GLN I 95 -3.55 29.74 35.23
N GLU I 96 -2.64 28.85 35.61
CA GLU I 96 -2.80 27.44 35.30
C GLU I 96 -4.07 26.95 35.99
N LYS I 97 -4.24 27.37 37.25
CA LYS I 97 -5.37 26.91 38.05
C LYS I 97 -6.64 27.39 37.35
N GLN I 98 -6.60 28.62 36.86
CA GLN I 98 -7.76 29.19 36.19
C GLN I 98 -8.07 28.37 34.95
N TRP I 99 -7.03 27.97 34.24
CA TRP I 99 -7.22 27.23 33.00
C TRP I 99 -7.89 25.88 33.27
N GLU I 100 -7.42 25.18 34.31
CA GLU I 100 -7.95 23.87 34.67
C GLU I 100 -9.43 23.98 34.95
N ARG I 101 -9.72 25.04 35.68
CA ARG I 101 -11.06 25.35 36.08
C ARG I 101 -11.94 25.59 34.84
N GLU I 102 -11.40 26.38 33.89
CA GLU I 102 -12.19 26.73 32.71
C GLU I 102 -12.55 25.53 31.87
N VAL I 103 -11.55 24.67 31.70
CA VAL I 103 -11.72 23.46 30.91
C VAL I 103 -12.70 22.54 31.56
N ALA I 104 -12.59 22.35 32.88
CA ALA I 104 -13.44 21.38 33.55
C ALA I 104 -14.90 21.81 33.41
N GLN I 105 -15.12 23.11 33.57
CA GLN I 105 -16.47 23.65 33.48
C GLN I 105 -16.99 23.41 32.06
N ALA I 106 -16.10 23.62 31.09
CA ALA I 106 -16.43 23.46 29.68
C ALA I 106 -16.78 21.99 29.42
N ASP I 107 -16.00 21.08 29.99
CA ASP I 107 -16.17 19.63 29.81
C ASP I 107 -17.53 19.25 30.35
N GLU I 108 -17.92 19.79 31.50
CA GLU I 108 -19.23 19.44 32.03
C GLU I 108 -20.31 19.95 31.06
N LYS I 109 -20.15 21.16 30.56
CA LYS I 109 -21.15 21.74 29.67
C LYS I 109 -21.33 21.04 28.33
N TYR I 110 -20.22 20.72 27.69
CA TYR I 110 -20.28 20.20 26.36
C TYR I 110 -20.09 18.69 26.30
N GLY I 111 -19.74 18.11 27.44
CA GLY I 111 -19.35 16.72 27.50
C GLY I 111 -20.49 15.83 27.09
N PRO I 112 -21.72 16.14 27.54
CA PRO I 112 -22.80 15.25 27.13
C PRO I 112 -22.92 15.28 25.61
N ILE I 113 -22.76 16.44 24.97
CA ILE I 113 -22.97 16.55 23.52
C ILE I 113 -21.96 15.64 22.80
N PHE I 114 -20.72 15.68 23.28
CA PHE I 114 -19.67 14.83 22.74
C PHE I 114 -20.01 13.38 22.99
N ALA I 115 -20.48 13.08 24.20
CA ALA I 115 -20.78 11.71 24.59
C ALA I 115 -21.88 11.18 23.68
N LYS I 116 -22.86 12.05 23.42
CA LYS I 116 -24.03 11.68 22.66
C LYS I 116 -23.59 11.29 21.28
N TYR I 117 -22.73 12.13 20.69
CA TYR I 117 -22.27 11.83 19.34
C TYR I 117 -21.40 10.57 19.33
N ALA I 118 -20.60 10.44 20.38
CA ALA I 118 -19.63 9.37 20.49
C ALA I 118 -20.30 8.01 20.46
N ALA I 119 -21.45 7.88 21.13
CA ALA I 119 -22.16 6.59 21.14
C ALA I 119 -22.57 6.21 19.72
N MET I 120 -22.99 7.22 18.97
CA MET I 120 -23.49 7.10 17.60
C MET I 120 -22.40 6.71 16.59
N SER I 121 -22.82 5.98 15.56
CA SER I 121 -21.98 5.55 14.45
C SER I 121 -21.64 6.77 13.61
N VAL I 122 -20.51 6.71 12.92
CA VAL I 122 -20.00 7.84 12.14
C VAL I 122 -21.10 8.17 11.13
N GLU I 123 -21.66 7.14 10.52
CA GLU I 123 -22.74 7.29 9.55
C GLU I 123 -23.99 7.91 10.22
N GLU I 124 -24.27 7.49 11.46
CA GLU I 124 -25.40 8.04 12.18
C GLU I 124 -25.15 9.52 12.41
N VAL I 125 -23.92 9.89 12.77
CA VAL I 125 -23.60 11.28 13.05
C VAL I 125 -23.81 12.08 11.77
N ALA I 126 -23.45 11.49 10.64
CA ALA I 126 -23.59 12.21 9.38
C ALA I 126 -25.07 12.51 9.24
N GLN I 127 -25.91 11.61 9.74
CA GLN I 127 -27.33 11.84 9.56
C GLN I 127 -27.82 13.14 10.27
N ASP I 128 -27.30 13.39 11.47
CA ASP I 128 -27.73 14.56 12.26
C ASP I 128 -27.17 15.85 11.65
N PRO I 129 -28.04 16.80 11.26
CA PRO I 129 -27.48 18.06 10.72
C PRO I 129 -26.66 18.90 11.70
N GLN I 130 -27.04 18.96 12.99
CA GLN I 130 -26.33 19.84 13.94
C GLN I 130 -24.91 19.39 14.08
N ALA I 131 -24.77 18.08 14.14
CA ALA I 131 -23.48 17.48 14.29
C ALA I 131 -22.69 17.81 13.05
N VAL I 132 -23.32 17.78 11.87
CA VAL I 132 -22.59 18.05 10.64
C VAL I 132 -22.07 19.48 10.71
N LYS I 133 -22.93 20.38 11.16
CA LYS I 133 -22.59 21.81 11.24
C LYS I 133 -21.44 22.02 12.21
N MET I 134 -21.46 21.26 13.29
CA MET I 134 -20.40 21.24 14.28
C MET I 134 -19.11 20.77 13.62
N GLY I 135 -19.25 19.75 12.79
CA GLY I 135 -18.15 19.13 12.07
C GLY I 135 -17.57 20.17 11.13
N ALA I 136 -18.44 20.93 10.46
CA ALA I 136 -18.00 21.94 9.52
C ALA I 136 -17.20 22.97 10.31
N ARG I 137 -17.67 23.26 11.52
CA ARG I 137 -17.01 24.24 12.36
C ARG I 137 -15.61 23.74 12.69
N LEU I 138 -15.48 22.45 13.00
CA LEU I 138 -14.20 21.84 13.33
C LEU I 138 -13.27 21.88 12.13
N PHE I 139 -13.88 21.63 10.98
CA PHE I 139 -13.16 21.49 9.73
C PHE I 139 -12.46 22.79 9.43
N ALA I 140 -13.19 23.88 9.58
CA ALA I 140 -12.66 25.17 9.18
C ALA I 140 -11.43 25.51 10.00
N ASN I 141 -11.49 25.23 11.30
CA ASN I 141 -10.39 25.53 12.19
C ASN I 141 -9.14 24.71 11.93
N TYR I 142 -9.34 23.41 11.70
CA TYR I 142 -8.18 22.53 11.62
C TYR I 142 -7.85 21.90 10.29
N CYS I 143 -8.83 21.85 9.40
CA CYS I 143 -8.64 21.12 8.20
C CYS I 143 -8.65 21.97 6.95
N SER I 144 -9.15 23.18 7.11
CA SER I 144 -9.42 24.08 6.02
C SER I 144 -8.14 24.45 5.31
N ILE I 145 -7.08 24.61 6.08
CA ILE I 145 -5.86 25.20 5.55
C ILE I 145 -5.25 24.37 4.42
N CYS I 146 -5.30 23.04 4.50
CA CYS I 146 -4.72 22.17 3.47
C CYS I 146 -5.75 21.86 2.38
N HIS I 147 -6.93 21.48 2.86
CA HIS I 147 -7.99 20.93 2.03
C HIS I 147 -8.94 22.01 1.53
N GLY I 148 -8.62 23.27 1.78
CA GLY I 148 -9.45 24.36 1.34
C GLY I 148 -10.59 24.61 2.30
N SER I 149 -11.01 25.86 2.39
CA SER I 149 -12.16 26.25 3.20
C SER I 149 -13.44 25.59 2.68
N ASP I 150 -13.42 25.22 1.40
CA ASP I 150 -14.55 24.55 0.76
C ASP I 150 -14.42 23.02 0.78
N ALA I 151 -13.33 22.53 1.39
CA ALA I 151 -13.00 21.11 1.46
C ALA I 151 -12.75 20.50 0.09
N LYS I 152 -12.55 21.34 -0.92
CA LYS I 152 -12.40 20.86 -2.28
C LYS I 152 -10.93 20.83 -2.72
N GLY I 153 -10.03 21.05 -1.77
CA GLY I 153 -8.60 20.87 -1.97
C GLY I 153 -7.92 21.76 -3.01
N SER I 154 -6.66 21.43 -3.29
CA SER I 154 -5.84 22.13 -4.28
C SER I 154 -4.70 21.19 -4.71
N LEU I 155 -3.82 21.66 -5.59
CA LEU I 155 -2.71 20.83 -6.06
C LEU I 155 -1.86 20.29 -4.90
N GLY I 156 -1.87 18.97 -4.73
CA GLY I 156 -1.16 18.34 -3.63
C GLY I 156 -2.09 17.90 -2.52
N PHE I 157 -3.31 18.42 -2.52
CA PHE I 157 -4.23 18.21 -1.41
C PHE I 157 -5.61 17.82 -1.90
N PRO I 158 -6.08 16.65 -1.46
CA PRO I 158 -7.31 16.02 -1.91
C PRO I 158 -8.56 16.88 -1.78
N ASN I 159 -9.43 16.73 -2.76
CA ASN I 159 -10.77 17.27 -2.69
C ASN I 159 -11.59 16.28 -1.87
N LEU I 160 -12.01 16.70 -0.69
CA LEU I 160 -12.76 15.81 0.20
C LEU I 160 -14.25 15.84 -0.10
N ALA I 161 -14.67 16.81 -0.91
CA ALA I 161 -16.07 16.99 -1.24
C ALA I 161 -16.57 16.04 -2.32
N ASP I 162 -15.68 15.65 -3.23
CA ASP I 162 -16.07 14.80 -4.36
C ASP I 162 -16.29 13.34 -3.95
N GLN I 163 -16.49 12.49 -4.95
CA GLN I 163 -16.77 11.09 -4.71
C GLN I 163 -15.52 10.24 -4.90
N ASP I 164 -14.37 10.88 -5.10
CA ASP I 164 -13.12 10.17 -5.30
C ASP I 164 -12.31 10.10 -4.02
N TRP I 165 -12.04 8.87 -3.58
CA TRP I 165 -11.25 8.62 -2.38
C TRP I 165 -10.02 7.78 -2.69
N ARG I 166 -8.88 8.21 -2.17
CA ARG I 166 -7.62 7.51 -2.40
C ARG I 166 -7.50 6.33 -1.44
N TRP I 167 -7.88 6.55 -0.19
CA TRP I 167 -7.77 5.53 0.86
C TRP I 167 -9.08 4.84 1.20
N GLY I 168 -10.12 5.07 0.40
CA GLY I 168 -11.44 4.52 0.67
C GLY I 168 -12.37 5.54 1.28
N GLY I 169 -13.66 5.43 0.99
CA GLY I 169 -14.62 6.45 1.39
C GLY I 169 -15.72 5.99 2.31
N ASP I 170 -15.55 4.81 2.89
CA ASP I 170 -16.43 4.34 3.95
C ASP I 170 -16.09 5.09 5.23
N ALA I 171 -17.02 5.10 6.17
CA ALA I 171 -16.83 5.77 7.45
C ALA I 171 -15.52 5.37 8.12
N ALA I 172 -15.32 4.06 8.25
CA ALA I 172 -14.16 3.53 8.96
C ALA I 172 -12.83 3.98 8.34
N SER I 173 -12.77 3.94 7.01
CA SER I 173 -11.59 4.38 6.28
C SER I 173 -11.29 5.84 6.50
N ILE I 174 -12.32 6.67 6.35
CA ILE I 174 -12.18 8.11 6.53
C ILE I 174 -11.72 8.46 7.94
N LYS I 175 -12.41 7.90 8.92
CA LYS I 175 -12.05 8.10 10.31
C LYS I 175 -10.62 7.67 10.57
N THR I 176 -10.20 6.56 9.98
CA THR I 176 -8.82 6.10 10.13
C THR I 176 -7.83 7.10 9.54
N SER I 177 -8.16 7.60 8.35
CA SER I 177 -7.34 8.60 7.69
C SER I 177 -7.12 9.77 8.64
N ILE I 178 -8.18 10.20 9.31
CA ILE I 178 -8.08 11.38 10.15
C ILE I 178 -7.38 11.09 11.48
N LEU I 179 -7.73 9.95 12.07
CA LEU I 179 -7.26 9.55 13.38
C LEU I 179 -5.77 9.21 13.39
N ASN I 180 -5.38 8.30 12.50
CA ASN I 180 -4.03 7.76 12.46
C ASN I 180 -3.15 8.43 11.41
N GLY I 181 -3.76 9.29 10.61
CA GLY I 181 -3.02 9.93 9.54
C GLY I 181 -2.77 9.01 8.38
N ARG I 182 -2.09 9.52 7.36
CA ARG I 182 -1.82 8.74 6.17
C ARG I 182 -0.57 9.21 5.45
N ILE I 183 0.29 8.28 5.05
CA ILE I 183 1.40 8.59 4.14
C ILE I 183 1.34 7.70 2.93
N ALA I 184 1.28 8.32 1.75
CA ALA I 184 1.28 7.57 0.51
C ALA I 184 2.72 7.40 0.02
N ALA I 185 2.95 6.40 -0.82
CA ALA I 185 4.28 6.20 -1.36
C ALA I 185 4.28 5.76 -2.82
N MET I 186 4.28 6.73 -3.74
CA MET I 186 4.62 6.49 -5.14
C MET I 186 6.13 6.40 -5.20
N PRO I 187 6.66 5.22 -5.54
CA PRO I 187 8.12 5.19 -5.66
C PRO I 187 8.55 5.89 -6.94
N ALA I 188 9.82 6.24 -7.07
CA ALA I 188 10.31 6.92 -8.25
C ALA I 188 10.71 5.94 -9.34
N TRP I 189 10.27 6.19 -10.56
CA TRP I 189 10.59 5.28 -11.64
C TRP I 189 11.61 5.79 -12.64
N GLY I 190 11.96 7.07 -12.55
CA GLY I 190 12.99 7.67 -13.40
C GLY I 190 14.13 6.74 -13.77
N GLN I 191 14.90 6.32 -12.77
CA GLN I 191 16.06 5.46 -13.00
C GLN I 191 15.67 4.06 -13.43
N ALA I 192 14.67 3.50 -12.77
CA ALA I 192 14.25 2.12 -13.01
C ALA I 192 13.74 1.91 -14.43
N ILE I 193 13.07 2.94 -14.96
CA ILE I 193 12.21 2.80 -16.12
C ILE I 193 12.76 3.50 -17.35
N GLY I 194 13.71 4.41 -17.14
CA GLY I 194 14.26 5.19 -18.24
C GLY I 194 13.40 6.37 -18.56
N GLU I 195 14.02 7.45 -19.03
CA GLU I 195 13.30 8.67 -19.38
C GLU I 195 12.21 8.47 -20.43
N GLU I 196 12.56 7.75 -21.49
CA GLU I 196 11.59 7.42 -22.51
C GLU I 196 10.46 6.59 -21.92
N GLY I 197 10.80 5.71 -20.99
CA GLY I 197 9.82 4.90 -20.31
C GLY I 197 8.85 5.80 -19.56
N VAL I 198 9.38 6.79 -18.85
CA VAL I 198 8.54 7.74 -18.13
C VAL I 198 7.58 8.43 -19.07
N LYS I 199 8.12 9.00 -20.15
CA LYS I 199 7.29 9.70 -21.15
C LYS I 199 6.17 8.78 -21.66
N ASN I 200 6.49 7.52 -21.89
CA ASN I 200 5.52 6.57 -22.43
C ASN I 200 4.41 6.21 -21.43
N VAL I 201 4.74 5.80 -20.20
CA VAL I 201 3.65 5.53 -19.26
C VAL I 201 2.84 6.77 -19.02
N ALA I 202 3.50 7.92 -18.97
CA ALA I 202 2.77 9.16 -18.75
C ALA I 202 1.70 9.33 -19.83
N ALA I 203 2.11 9.26 -21.09
CA ALA I 203 1.19 9.34 -22.22
C ALA I 203 0.07 8.29 -22.14
N PHE I 204 0.45 7.04 -21.87
CA PHE I 204 -0.51 5.94 -21.75
C PHE I 204 -1.56 6.20 -20.66
N VAL I 205 -1.09 6.62 -19.49
CA VAL I 205 -1.95 6.93 -18.38
C VAL I 205 -2.90 8.06 -18.72
N ARG I 206 -2.37 9.11 -19.33
CA ARG I 206 -3.20 10.26 -19.67
C ARG I 206 -4.26 9.92 -20.71
N LYS I 207 -3.83 9.35 -21.84
CA LYS I 207 -4.74 9.03 -22.92
C LYS I 207 -5.60 7.80 -22.68
N ASP I 208 -4.95 6.63 -22.56
CA ASP I 208 -5.66 5.37 -22.57
C ASP I 208 -6.41 5.10 -21.27
N LEU I 209 -5.83 5.48 -20.15
CA LEU I 209 -6.52 5.29 -18.87
C LEU I 209 -7.44 6.43 -18.49
N ALA I 210 -6.93 7.66 -18.49
CA ALA I 210 -7.67 8.80 -17.95
C ALA I 210 -8.57 9.46 -19.00
N GLY I 211 -8.44 9.01 -20.25
CA GLY I 211 -9.27 9.50 -21.32
C GLY I 211 -9.05 10.97 -21.62
N LEU I 212 -7.82 11.43 -21.43
CA LEU I 212 -7.47 12.81 -21.74
C LEU I 212 -6.66 12.84 -23.03
N PRO I 213 -6.85 13.89 -23.84
CA PRO I 213 -6.17 13.88 -25.14
C PRO I 213 -4.71 14.32 -25.04
N LEU I 214 -3.89 13.83 -25.97
CA LEU I 214 -2.49 14.17 -25.97
C LEU I 214 -2.25 15.46 -26.76
N PRO I 215 -1.23 16.24 -26.37
CA PRO I 215 -0.89 17.47 -27.09
C PRO I 215 -0.49 17.17 -28.53
N GLU I 216 -0.85 18.04 -29.46
CA GLU I 216 -0.63 17.72 -30.86
C GLU I 216 0.85 17.47 -31.11
N GLY I 217 1.13 16.45 -31.90
CA GLY I 217 2.48 15.96 -32.17
C GLY I 217 3.36 15.75 -30.94
N THR I 218 3.02 14.75 -30.14
CA THR I 218 3.92 14.27 -29.10
C THR I 218 4.09 12.76 -29.27
N ASP I 219 5.00 12.36 -30.14
CA ASP I 219 5.15 10.95 -30.49
C ASP I 219 5.71 10.10 -29.37
N ALA I 220 4.85 9.77 -28.41
CA ALA I 220 5.19 8.80 -27.37
C ALA I 220 4.71 7.42 -27.81
N ASP I 221 5.46 6.39 -27.44
CA ASP I 221 5.07 5.03 -27.76
C ASP I 221 4.03 4.56 -26.76
N LEU I 222 2.76 4.66 -27.15
CA LEU I 222 1.67 4.30 -26.26
C LEU I 222 1.57 2.80 -25.95
N SER I 223 2.05 1.99 -26.88
CA SER I 223 2.10 0.54 -26.67
C SER I 223 3.13 0.20 -25.60
N ALA I 224 4.30 0.82 -25.73
CA ALA I 224 5.37 0.72 -24.75
C ALA I 224 4.86 1.13 -23.40
N GLY I 225 4.23 2.31 -23.34
CA GLY I 225 3.59 2.83 -22.15
C GLY I 225 2.68 1.79 -21.50
N LYS I 226 1.80 1.22 -22.31
CA LYS I 226 0.89 0.17 -21.86
C LYS I 226 1.64 -0.99 -21.20
N ASN I 227 2.68 -1.47 -21.87
CA ASN I 227 3.45 -2.59 -21.34
C ASN I 227 4.11 -2.23 -20.04
N VAL I 228 4.69 -1.03 -19.98
CA VAL I 228 5.31 -0.54 -18.76
C VAL I 228 4.32 -0.51 -17.61
N TYR I 229 3.14 0.01 -17.90
CA TYR I 229 2.10 0.13 -16.90
C TYR I 229 1.75 -1.25 -16.37
N ALA I 230 1.54 -2.20 -17.28
CA ALA I 230 1.14 -3.54 -16.87
C ALA I 230 2.23 -4.20 -16.05
N GLN I 231 3.48 -3.88 -16.37
CA GLN I 231 4.63 -4.50 -15.70
C GLN I 231 4.84 -3.98 -14.29
N THR I 232 4.60 -2.69 -14.08
CA THR I 232 5.02 -2.03 -12.84
C THR I 232 3.88 -1.37 -12.09
N CYS I 233 3.17 -0.49 -12.81
CA CYS I 233 2.09 0.30 -12.27
C CYS I 233 0.88 -0.51 -11.80
N ALA I 234 0.53 -1.52 -12.58
CA ALA I 234 -0.70 -2.25 -12.36
C ALA I 234 -0.67 -2.91 -10.99
N VAL I 235 0.53 -3.11 -10.46
CA VAL I 235 0.68 -3.80 -9.20
C VAL I 235 -0.03 -3.01 -8.10
N CYS I 236 0.09 -1.68 -8.13
CA CYS I 236 -0.54 -0.90 -7.06
C CYS I 236 -1.81 -0.25 -7.56
N HIS I 237 -1.79 0.28 -8.79
CA HIS I 237 -2.95 1.00 -9.31
C HIS I 237 -3.98 0.11 -10.00
N GLY I 238 -3.62 -1.17 -10.17
CA GLY I 238 -4.44 -2.11 -10.90
C GLY I 238 -4.25 -1.83 -12.39
N GLN I 239 -4.56 -2.78 -13.24
CA GLN I 239 -4.52 -2.53 -14.68
C GLN I 239 -5.87 -1.96 -15.02
N GLY I 240 -5.89 -0.91 -15.83
CA GLY I 240 -7.10 -0.16 -16.05
C GLY I 240 -7.26 0.91 -14.98
N GLY I 241 -6.31 0.99 -14.06
CA GLY I 241 -6.28 2.05 -13.06
C GLY I 241 -7.46 2.21 -12.12
N GLU I 242 -8.03 1.11 -11.65
CA GLU I 242 -9.08 1.14 -10.63
C GLU I 242 -8.54 1.71 -9.34
N GLY I 243 -7.29 1.38 -9.04
CA GLY I 243 -6.58 1.92 -7.89
C GLY I 243 -6.90 1.02 -6.72
N MET I 244 -6.07 1.09 -5.67
CA MET I 244 -6.31 0.27 -4.47
C MET I 244 -6.35 1.13 -3.23
N ALA I 245 -7.50 1.15 -2.56
CA ALA I 245 -7.67 1.97 -1.37
C ALA I 245 -6.73 1.50 -0.27
N ALA I 246 -6.39 0.21 -0.31
CA ALA I 246 -5.49 -0.40 0.66
C ALA I 246 -4.15 0.30 0.66
N LEU I 247 -3.66 0.67 -0.51
CA LEU I 247 -2.33 1.28 -0.63
C LEU I 247 -2.43 2.78 -0.72
N GLY I 248 -3.64 3.31 -0.78
CA GLY I 248 -3.81 4.73 -1.06
C GLY I 248 -3.39 5.10 -2.46
N ALA I 249 -3.30 4.10 -3.32
CA ALA I 249 -3.10 4.31 -4.75
C ALA I 249 -4.38 4.83 -5.42
N PRO I 250 -4.32 6.04 -5.97
CA PRO I 250 -5.55 6.59 -6.54
C PRO I 250 -5.87 5.90 -7.86
N LYS I 251 -7.15 5.93 -8.25
CA LYS I 251 -7.52 5.35 -9.52
C LYS I 251 -6.94 6.26 -10.61
N LEU I 252 -6.55 5.64 -11.71
CA LEU I 252 -5.84 6.33 -12.78
C LEU I 252 -6.69 6.37 -14.04
N ASN I 253 -7.88 5.79 -13.96
CA ASN I 253 -8.80 5.77 -15.07
C ASN I 253 -9.67 7.03 -15.11
N SER I 254 -9.31 7.99 -14.28
CA SER I 254 -9.99 9.28 -14.29
C SER I 254 -9.13 10.32 -13.57
N ALA I 255 -8.89 11.44 -14.24
CA ALA I 255 -8.05 12.49 -13.69
C ALA I 255 -8.78 13.25 -12.59
N ALA I 256 -10.08 13.00 -12.47
CA ALA I 256 -10.96 13.74 -11.57
C ALA I 256 -10.44 13.84 -10.15
N GLY I 257 -9.86 12.76 -9.65
CA GLY I 257 -9.42 12.70 -8.26
C GLY I 257 -7.94 12.93 -8.08
N TRP I 258 -7.27 13.45 -9.10
CA TRP I 258 -5.82 13.61 -9.04
C TRP I 258 -5.41 14.90 -8.32
N ILE I 259 -4.47 14.79 -7.40
CA ILE I 259 -4.00 15.96 -6.65
C ILE I 259 -2.67 16.50 -7.16
N TYR I 260 -2.01 15.81 -8.08
CA TYR I 260 -0.73 16.31 -8.58
C TYR I 260 -0.75 16.75 -10.04
N GLY I 261 -1.93 17.06 -10.54
CA GLY I 261 -2.08 17.55 -11.90
C GLY I 261 -2.28 16.41 -12.89
N SER I 262 -2.67 16.77 -14.10
CA SER I 262 -3.04 15.78 -15.09
C SER I 262 -2.34 16.02 -16.42
N SER I 263 -1.54 17.08 -16.50
CA SER I 263 -0.82 17.39 -17.73
C SER I 263 0.24 16.35 -17.92
N LEU I 264 0.58 16.07 -19.18
CA LEU I 264 1.61 15.08 -19.49
C LEU I 264 2.89 15.33 -18.67
N GLY I 265 3.36 16.56 -18.66
CA GLY I 265 4.55 16.93 -17.91
C GLY I 265 4.48 16.64 -16.42
N GLN I 266 3.36 17.01 -15.79
CA GLN I 266 3.16 16.77 -14.37
C GLN I 266 3.12 15.29 -14.06
N LEU I 267 2.45 14.53 -14.93
CA LEU I 267 2.38 13.08 -14.79
C LEU I 267 3.76 12.51 -14.84
N GLN I 268 4.53 13.02 -15.80
CA GLN I 268 5.90 12.59 -15.99
C GLN I 268 6.69 12.84 -14.74
N GLN I 269 6.46 13.97 -14.12
CA GLN I 269 7.21 14.30 -12.91
C GLN I 269 6.80 13.41 -11.74
N THR I 270 5.52 13.15 -11.64
CA THR I 270 5.01 12.27 -10.61
C THR I 270 5.67 10.89 -10.74
N ILE I 271 5.61 10.35 -11.95
CA ILE I 271 6.17 9.04 -12.29
C ILE I 271 7.67 8.97 -12.11
N ARG I 272 8.35 10.03 -12.52
CA ARG I 272 9.79 10.09 -12.53
C ARG I 272 10.36 10.18 -11.12
N HIS I 273 9.79 11.05 -10.29
CA HIS I 273 10.34 11.26 -8.95
C HIS I 273 9.47 10.78 -7.78
N GLY I 274 8.32 10.20 -8.08
CA GLY I 274 7.47 9.67 -7.02
C GLY I 274 6.67 10.69 -6.23
N ARG I 275 5.89 10.21 -5.27
CA ARG I 275 5.10 11.07 -4.41
C ARG I 275 5.04 10.57 -2.97
N ASN I 276 5.05 11.48 -2.00
CA ASN I 276 4.90 11.07 -0.61
C ASN I 276 3.94 11.97 0.16
N GLY I 277 2.68 11.95 -0.25
CA GLY I 277 1.64 12.72 0.38
C GLY I 277 1.44 12.38 1.84
N GLN I 278 1.20 13.40 2.67
CA GLN I 278 0.93 13.16 4.07
C GLN I 278 -0.32 13.82 4.58
N MET I 279 -1.12 12.98 5.23
CA MET I 279 -2.29 13.42 5.96
C MET I 279 -1.89 13.23 7.41
N PRO I 280 -1.64 14.34 8.12
CA PRO I 280 -1.15 14.29 9.50
C PRO I 280 -2.16 13.66 10.44
N ALA I 281 -1.71 12.95 11.45
CA ALA I 281 -2.62 12.31 12.38
C ALA I 281 -3.22 13.32 13.33
N GLN I 282 -4.51 13.17 13.62
CA GLN I 282 -5.19 14.14 14.45
C GLN I 282 -5.46 13.58 15.85
N GLN I 283 -5.19 12.29 16.02
CA GLN I 283 -5.33 11.62 17.31
C GLN I 283 -4.75 12.41 18.47
N GLN I 284 -3.60 13.04 18.23
CA GLN I 284 -2.91 13.76 19.27
C GLN I 284 -3.43 15.16 19.46
N TYR I 285 -3.62 15.88 18.34
CA TYR I 285 -4.03 17.27 18.40
C TYR I 285 -5.50 17.49 18.75
N LEU I 286 -6.37 16.63 18.24
CA LEU I 286 -7.81 16.86 18.35
C LEU I 286 -8.53 15.86 19.26
N GLY I 287 -7.99 14.65 19.35
CA GLY I 287 -8.60 13.63 20.17
C GLY I 287 -9.76 12.91 19.49
N ASP I 288 -10.09 11.74 20.03
CA ASP I 288 -11.10 10.85 19.46
C ASP I 288 -12.45 11.51 19.16
N ASP I 289 -12.97 12.29 20.10
CA ASP I 289 -14.27 12.95 19.94
C ASP I 289 -14.34 13.86 18.73
N LYS I 290 -13.51 14.91 18.76
CA LYS I 290 -13.38 15.83 17.64
C LYS I 290 -13.16 15.08 16.33
N VAL I 291 -12.23 14.12 16.35
CA VAL I 291 -11.91 13.34 15.15
C VAL I 291 -13.12 12.60 14.61
N HIS I 292 -13.91 12.04 15.52
CA HIS I 292 -15.13 11.32 15.20
C HIS I 292 -16.10 12.24 14.46
N LEU I 293 -16.33 13.41 15.06
CA LEU I 293 -17.20 14.42 14.43
C LEU I 293 -16.70 14.85 13.06
N LEU I 294 -15.37 14.93 12.91
CA LEU I 294 -14.80 15.35 11.64
C LEU I 294 -14.99 14.27 10.59
N ALA I 295 -14.87 13.01 11.00
CA ALA I 295 -15.08 11.89 10.10
C ALA I 295 -16.52 11.92 9.63
N ALA I 296 -17.42 12.17 10.57
CA ALA I 296 -18.83 12.33 10.22
C ALA I 296 -19.05 13.43 9.18
N TYR I 297 -18.45 14.60 9.42
CA TYR I 297 -18.58 15.72 8.50
C TYR I 297 -18.10 15.39 7.10
N VAL I 298 -16.87 14.90 7.01
CA VAL I 298 -16.26 14.55 5.72
C VAL I 298 -17.12 13.51 4.99
N TYR I 299 -17.59 12.52 5.74
CA TYR I 299 -18.50 11.53 5.19
C TYR I 299 -19.74 12.19 4.61
N SER I 300 -20.30 13.15 5.35
CA SER I 300 -21.50 13.86 4.94
C SER I 300 -21.28 14.59 3.62
N LEU I 301 -20.13 15.26 3.50
CA LEU I 301 -19.75 15.99 2.29
C LEU I 301 -20.13 15.37 0.96
N SER I 302 -20.01 14.05 0.85
CA SER I 302 -20.25 13.39 -0.43
C SER I 302 -21.64 12.75 -0.50
N GLN I 303 -22.68 13.59 -0.36
CA GLN I 303 -24.10 13.21 -0.43
C GLN I 303 -25.00 14.29 0.18
N SER J 6 -28.13 -0.86 72.12
CA SER J 6 -26.89 -1.08 71.40
C SER J 6 -26.74 -2.56 71.07
N THR J 7 -27.82 -3.31 71.32
CA THR J 7 -27.87 -4.73 71.07
C THR J 7 -28.08 -5.01 69.58
N ALA J 8 -28.25 -3.93 68.82
CA ALA J 8 -28.21 -3.93 67.35
C ALA J 8 -26.86 -4.38 66.81
N TYR J 9 -26.87 -5.35 65.91
CA TYR J 9 -25.65 -5.90 65.35
C TYR J 9 -24.80 -4.78 64.74
N SER J 10 -23.49 -4.84 64.96
CA SER J 10 -22.52 -3.93 64.33
C SER J 10 -22.25 -4.36 62.88
N TYR J 11 -22.93 -3.70 61.94
CA TYR J 11 -22.87 -4.02 60.51
C TYR J 11 -21.82 -3.21 59.75
N LYS J 12 -21.16 -2.28 60.44
CA LYS J 12 -20.21 -1.36 59.82
C LYS J 12 -19.07 -2.12 59.14
N VAL J 13 -18.40 -2.96 59.91
CA VAL J 13 -17.25 -3.69 59.43
C VAL J 13 -17.67 -4.61 58.29
N VAL J 14 -18.79 -5.30 58.48
CA VAL J 14 -19.35 -6.17 57.44
C VAL J 14 -19.58 -5.42 56.14
N ARG J 15 -20.08 -4.18 56.25
CA ARG J 15 -20.33 -3.35 55.10
C ARG J 15 -19.02 -3.07 54.34
N GLN J 16 -18.03 -2.61 55.09
CA GLN J 16 -16.72 -2.29 54.52
C GLN J 16 -16.13 -3.51 53.81
N PHE J 17 -16.00 -4.61 54.55
CA PHE J 17 -15.46 -5.85 54.00
C PHE J 17 -16.23 -6.41 52.82
N ALA J 18 -17.55 -6.22 52.79
CA ALA J 18 -18.35 -6.63 51.64
C ALA J 18 -17.91 -5.85 50.40
N ILE J 19 -17.97 -4.52 50.51
CA ILE J 19 -17.60 -3.66 49.38
C ILE J 19 -16.19 -4.00 48.89
N MET J 20 -15.24 -4.06 49.82
CA MET J 20 -13.87 -4.40 49.46
C MET J 20 -13.75 -5.81 48.89
N THR J 21 -14.63 -6.72 49.29
CA THR J 21 -14.65 -8.05 48.70
C THR J 21 -14.96 -7.94 47.23
N VAL J 22 -15.95 -7.13 46.88
CA VAL J 22 -16.25 -6.96 45.46
C VAL J 22 -15.10 -6.28 44.72
N VAL J 23 -14.53 -5.24 45.33
CA VAL J 23 -13.44 -4.48 44.72
C VAL J 23 -12.22 -5.36 44.42
N TRP J 24 -11.76 -6.08 45.45
CA TRP J 24 -10.61 -6.95 45.31
C TRP J 24 -10.91 -8.15 44.42
N GLY J 25 -12.16 -8.58 44.43
CA GLY J 25 -12.62 -9.55 43.44
C GLY J 25 -12.25 -9.05 42.05
N ILE J 26 -12.72 -7.85 41.73
CA ILE J 26 -12.40 -7.22 40.45
C ILE J 26 -10.89 -7.14 40.19
N VAL J 27 -10.15 -6.50 41.09
CA VAL J 27 -8.71 -6.33 40.90
C VAL J 27 -7.95 -7.65 40.67
N GLY J 28 -8.22 -8.62 41.55
CA GLY J 28 -7.56 -9.91 41.52
C GLY J 28 -7.86 -10.71 40.27
N MET J 29 -9.14 -10.83 39.94
CA MET J 29 -9.52 -11.62 38.76
C MET J 29 -9.12 -10.89 37.48
N GLY J 30 -9.08 -9.57 37.54
CA GLY J 30 -8.55 -8.76 36.47
C GLY J 30 -7.11 -9.15 36.21
N LEU J 31 -6.30 -9.09 37.27
CA LEU J 31 -4.91 -9.55 37.21
C LEU J 31 -4.81 -10.95 36.59
N GLY J 32 -5.70 -11.82 37.02
CA GLY J 32 -5.78 -13.17 36.48
C GLY J 32 -5.92 -13.15 34.98
N VAL J 33 -6.95 -12.46 34.50
CA VAL J 33 -7.18 -12.32 33.06
C VAL J 33 -5.93 -11.81 32.35
N PHE J 34 -5.31 -10.80 32.96
CA PHE J 34 -4.14 -10.17 32.35
C PHE J 34 -2.98 -11.16 32.19
N ILE J 35 -2.60 -11.83 33.27
CA ILE J 35 -1.49 -12.75 33.20
C ILE J 35 -1.81 -13.96 32.32
N ALA J 36 -3.09 -14.33 32.23
CA ALA J 36 -3.50 -15.38 31.30
C ALA J 36 -3.21 -14.95 29.88
N ALA J 37 -3.52 -13.68 29.62
CA ALA J 37 -3.27 -13.11 28.31
C ALA J 37 -1.75 -13.06 28.04
N GLN J 38 -0.97 -12.82 29.11
CA GLN J 38 0.48 -12.82 29.00
C GLN J 38 1.00 -14.19 28.62
N LEU J 39 0.37 -15.23 29.16
CA LEU J 39 0.77 -16.59 28.81
C LEU J 39 0.40 -16.86 27.37
N ALA J 40 -0.64 -16.18 26.88
CA ALA J 40 -1.04 -16.33 25.49
C ALA J 40 -0.20 -15.48 24.56
N TRP J 41 0.03 -14.23 24.97
CA TRP J 41 0.69 -13.26 24.11
C TRP J 41 1.76 -12.50 24.90
N PRO J 42 3.01 -12.98 24.85
CA PRO J 42 4.09 -12.51 25.73
C PRO J 42 4.39 -11.02 25.65
N PHE J 43 3.95 -10.34 24.59
CA PHE J 43 4.24 -8.91 24.46
C PHE J 43 3.61 -8.10 25.58
N LEU J 44 2.57 -8.66 26.18
CA LEU J 44 1.85 -8.02 27.27
C LEU J 44 2.68 -7.99 28.54
N ASN J 45 3.86 -8.59 28.50
CA ASN J 45 4.82 -8.46 29.59
C ASN J 45 5.40 -7.04 29.59
N PHE J 46 5.43 -6.44 28.41
CA PHE J 46 5.82 -5.05 28.19
C PHE J 46 7.27 -4.74 28.56
N ASP J 47 8.12 -5.75 28.57
CA ASP J 47 9.52 -5.58 28.93
C ASP J 47 9.77 -4.67 30.14
N LEU J 48 8.87 -4.76 31.12
CA LEU J 48 8.98 -4.03 32.37
C LEU J 48 9.02 -5.02 33.52
N PRO J 49 9.93 -4.80 34.48
CA PRO J 49 10.09 -5.68 35.62
C PRO J 49 8.80 -5.79 36.43
N TRP J 50 8.06 -4.71 36.58
CA TRP J 50 6.89 -4.69 37.46
C TRP J 50 5.65 -5.26 36.79
N THR J 51 5.71 -5.49 35.49
CA THR J 51 4.54 -5.98 34.77
C THR J 51 4.80 -7.33 34.11
N SER J 52 5.99 -7.89 34.32
CA SER J 52 6.31 -9.22 33.80
C SER J 52 5.54 -10.30 34.57
N PHE J 53 5.31 -11.44 33.91
CA PHE J 53 4.50 -12.52 34.47
C PHE J 53 5.01 -13.02 35.82
N GLY J 54 6.32 -13.25 35.91
CA GLY J 54 6.93 -13.81 37.10
C GLY J 54 6.60 -13.06 38.38
N ARG J 55 6.45 -11.74 38.26
CA ARG J 55 6.18 -10.91 39.42
C ARG J 55 4.68 -10.73 39.63
N LEU J 56 3.94 -10.59 38.53
CA LEU J 56 2.49 -10.38 38.62
C LEU J 56 1.72 -11.61 39.10
N ARG J 57 2.22 -12.79 38.77
CA ARG J 57 1.55 -14.04 39.12
C ARG J 57 1.23 -14.12 40.62
N PRO J 58 2.25 -14.02 41.51
CA PRO J 58 1.90 -14.07 42.92
C PRO J 58 1.01 -12.90 43.37
N LEU J 59 0.99 -11.79 42.63
CA LEU J 59 0.03 -10.72 42.92
C LEU J 59 -1.39 -11.21 42.66
N HIS J 60 -1.63 -11.82 41.50
CA HIS J 60 -2.92 -12.44 41.22
C HIS J 60 -3.28 -13.38 42.35
N THR J 61 -2.36 -14.28 42.67
CA THR J 61 -2.54 -15.24 43.74
C THR J 61 -2.98 -14.60 45.07
N ASN J 62 -2.18 -13.69 45.59
CA ASN J 62 -2.46 -13.10 46.90
C ASN J 62 -3.70 -12.22 46.91
N ALA J 63 -3.84 -11.39 45.88
CA ALA J 63 -5.02 -10.54 45.71
C ALA J 63 -6.28 -11.40 45.68
N VAL J 64 -6.20 -12.52 44.99
CA VAL J 64 -7.39 -13.32 44.77
C VAL J 64 -7.73 -14.19 45.98
N ILE J 65 -6.72 -14.67 46.70
CA ILE J 65 -6.95 -15.51 47.87
C ILE J 65 -7.15 -14.69 49.15
N PHE J 66 -6.14 -13.89 49.50
CA PHE J 66 -6.14 -13.16 50.75
C PHE J 66 -6.94 -11.85 50.70
N ALA J 67 -6.96 -11.18 49.56
CA ALA J 67 -7.77 -9.97 49.44
C ALA J 67 -9.23 -10.31 49.13
N PHE J 68 -9.49 -11.00 48.02
CA PHE J 68 -10.86 -11.37 47.68
C PHE J 68 -11.45 -12.39 48.66
N GLY J 69 -10.89 -13.60 48.63
CA GLY J 69 -11.30 -14.65 49.56
C GLY J 69 -11.23 -14.20 51.01
N GLY J 70 -10.15 -13.53 51.37
CA GLY J 70 -9.99 -12.99 52.71
C GLY J 70 -11.11 -12.07 53.13
N CYS J 71 -11.38 -11.03 52.34
CA CYS J 71 -12.40 -10.05 52.67
C CYS J 71 -13.77 -10.70 52.69
N ALA J 72 -13.99 -11.64 51.77
CA ALA J 72 -15.20 -12.43 51.77
C ALA J 72 -15.37 -13.14 53.10
N LEU J 73 -14.28 -13.73 53.58
CA LEU J 73 -14.27 -14.44 54.85
C LEU J 73 -14.55 -13.51 56.03
N PHE J 74 -13.95 -12.33 56.02
CA PHE J 74 -14.20 -11.34 57.06
C PHE J 74 -15.67 -10.89 57.11
N ALA J 75 -16.18 -10.42 55.98
CA ALA J 75 -17.55 -9.95 55.90
C ALA J 75 -18.52 -11.05 56.32
N THR J 76 -18.31 -12.23 55.75
CA THR J 76 -19.18 -13.37 56.00
C THR J 76 -19.13 -13.77 57.46
N SER J 77 -17.94 -13.97 58.00
CA SER J 77 -17.80 -14.41 59.38
C SER J 77 -18.36 -13.39 60.35
N TYR J 78 -18.07 -12.11 60.12
CA TYR J 78 -18.57 -11.05 61.00
C TYR J 78 -20.10 -10.93 61.01
N TYR J 79 -20.72 -11.08 59.85
CA TYR J 79 -22.18 -11.13 59.75
C TYR J 79 -22.73 -12.39 60.44
N SER J 80 -22.32 -13.52 59.89
CA SER J 80 -22.74 -14.86 60.30
C SER J 80 -22.60 -15.13 61.79
N VAL J 81 -21.44 -14.90 62.37
CA VAL J 81 -21.25 -15.22 63.78
C VAL J 81 -22.24 -14.39 64.61
N GLN J 82 -22.33 -13.09 64.31
CA GLN J 82 -23.22 -12.20 65.04
C GLN J 82 -24.64 -12.64 65.08
N ARG J 83 -25.16 -12.98 63.92
CA ARG J 83 -26.55 -13.39 63.88
C ARG J 83 -26.70 -14.80 64.45
N THR J 84 -25.81 -15.70 64.05
CA THR J 84 -25.90 -17.11 64.45
C THR J 84 -25.75 -17.32 65.96
N CYS J 85 -25.24 -16.34 66.69
CA CYS J 85 -25.29 -16.50 68.14
C CYS J 85 -25.87 -15.27 68.82
N GLN J 86 -26.32 -14.32 68.00
CA GLN J 86 -27.24 -13.26 68.43
C GLN J 86 -26.65 -12.26 69.44
N THR J 87 -25.47 -11.72 69.14
CA THR J 87 -24.92 -10.60 69.88
C THR J 87 -24.08 -9.74 68.96
N THR J 88 -23.84 -8.48 69.35
CA THR J 88 -22.97 -7.63 68.57
C THR J 88 -21.53 -8.16 68.62
N LEU J 89 -20.77 -7.99 67.53
CA LEU J 89 -19.40 -8.48 67.44
C LEU J 89 -18.58 -7.96 68.60
N PHE J 90 -17.83 -8.86 69.22
CA PHE J 90 -17.00 -8.49 70.35
C PHE J 90 -15.99 -7.47 69.84
N ALA J 91 -15.77 -6.44 70.64
CA ALA J 91 -14.72 -5.45 70.43
C ALA J 91 -14.80 -4.86 69.03
N PRO J 92 -15.92 -4.23 68.67
CA PRO J 92 -16.14 -3.87 67.28
C PRO J 92 -15.01 -2.96 66.80
N LYS J 93 -14.48 -2.10 67.66
CA LYS J 93 -13.40 -1.23 67.22
C LYS J 93 -12.21 -2.11 66.80
N LEU J 94 -11.86 -3.11 67.60
CA LEU J 94 -10.81 -4.07 67.23
C LEU J 94 -11.06 -4.70 65.85
N ALA J 95 -12.35 -4.87 65.52
CA ALA J 95 -12.76 -5.38 64.21
C ALA J 95 -12.47 -4.37 63.10
N ALA J 96 -12.74 -3.09 63.39
CA ALA J 96 -12.43 -2.03 62.45
C ALA J 96 -10.93 -2.06 62.18
N PHE J 97 -10.16 -2.24 63.24
CA PHE J 97 -8.73 -2.44 63.11
C PHE J 97 -8.44 -3.59 62.17
N THR J 98 -9.11 -4.73 62.35
CA THR J 98 -8.85 -5.85 61.44
C THR J 98 -9.21 -5.50 60.00
N PHE J 99 -10.13 -4.55 59.81
CA PHE J 99 -10.43 -4.12 58.45
C PHE J 99 -9.29 -3.32 57.85
N TRP J 100 -8.98 -2.17 58.44
CA TRP J 100 -7.92 -1.33 57.88
C TRP J 100 -6.57 -2.04 57.86
N GLY J 101 -6.31 -2.85 58.87
CA GLY J 101 -5.15 -3.72 58.89
C GLY J 101 -5.07 -4.64 57.68
N TRP J 102 -6.17 -5.35 57.41
CA TRP J 102 -6.20 -6.26 56.28
C TRP J 102 -6.03 -5.50 54.97
N GLN J 103 -6.63 -4.32 54.89
CA GLN J 103 -6.51 -3.49 53.70
C GLN J 103 -5.06 -3.04 53.48
N LEU J 104 -4.41 -2.66 54.57
CA LEU J 104 -3.00 -2.28 54.56
C LEU J 104 -2.14 -3.46 54.10
N VAL J 105 -2.51 -4.66 54.54
CA VAL J 105 -1.84 -5.88 54.11
C VAL J 105 -1.95 -6.03 52.61
N ILE J 106 -3.17 -5.92 52.09
CA ILE J 106 -3.40 -6.08 50.66
C ILE J 106 -2.63 -5.04 49.84
N LEU J 107 -2.69 -3.78 50.27
CA LEU J 107 -2.01 -2.69 49.59
C LEU J 107 -0.48 -2.89 49.60
N LEU J 108 0.01 -3.37 50.73
CA LEU J 108 1.43 -3.69 50.87
C LEU J 108 1.84 -4.81 49.92
N ALA J 109 0.96 -5.80 49.75
CA ALA J 109 1.18 -6.85 48.78
C ALA J 109 1.27 -6.26 47.37
N ALA J 110 0.30 -5.40 47.05
CA ALA J 110 0.20 -4.77 45.75
C ALA J 110 1.46 -3.98 45.39
N ILE J 111 2.01 -3.27 46.36
CA ILE J 111 3.25 -2.52 46.10
C ILE J 111 4.46 -3.44 46.07
N SER J 112 4.58 -4.32 47.05
CA SER J 112 5.80 -5.10 47.25
C SER J 112 6.05 -6.20 46.20
N LEU J 113 5.00 -6.89 45.74
CA LEU J 113 5.22 -8.03 44.84
C LEU J 113 5.71 -7.65 43.44
N PRO J 114 5.13 -6.60 42.81
CA PRO J 114 5.71 -6.24 41.51
C PRO J 114 7.09 -5.60 41.61
N LEU J 115 7.40 -5.02 42.77
CA LEU J 115 8.73 -4.49 43.04
C LEU J 115 9.79 -5.58 43.22
N GLY J 116 9.35 -6.82 43.35
CA GLY J 116 10.25 -7.96 43.41
C GLY J 116 10.57 -8.49 44.80
N PHE J 117 9.95 -7.95 45.84
CA PHE J 117 10.21 -8.48 47.18
C PHE J 117 9.29 -9.64 47.50
N THR J 118 9.78 -10.85 47.23
CA THR J 118 9.01 -12.06 47.45
C THR J 118 9.84 -13.12 48.16
N SER J 119 9.17 -13.89 49.02
CA SER J 119 9.79 -15.01 49.72
C SER J 119 10.12 -16.17 48.80
N SER J 120 9.33 -16.28 47.71
CA SER J 120 9.38 -17.35 46.71
C SER J 120 8.60 -18.56 47.20
N LYS J 121 7.91 -18.41 48.34
CA LYS J 121 7.09 -19.50 48.87
C LYS J 121 5.65 -19.24 48.48
N GLU J 122 5.03 -20.24 47.86
CA GLU J 122 3.69 -20.05 47.30
C GLU J 122 2.64 -19.76 48.37
N TYR J 123 1.85 -18.72 48.13
CA TYR J 123 0.77 -18.26 49.01
C TYR J 123 1.32 -17.80 50.35
N ALA J 124 2.64 -17.55 50.39
CA ALA J 124 3.30 -17.03 51.57
C ALA J 124 4.41 -16.12 51.09
N GLU J 125 4.17 -15.52 49.93
CA GLU J 125 5.23 -14.85 49.17
C GLU J 125 5.66 -13.52 49.78
N LEU J 126 4.76 -12.90 50.55
CA LEU J 126 5.06 -11.61 51.17
C LEU J 126 6.19 -11.71 52.20
N GLU J 127 7.03 -10.68 52.25
CA GLU J 127 8.21 -10.70 53.11
C GLU J 127 7.90 -10.45 54.59
N TRP J 128 8.90 -10.72 55.43
CA TRP J 128 8.72 -10.78 56.88
C TRP J 128 8.00 -9.61 57.58
N PRO J 129 8.24 -8.34 57.17
CA PRO J 129 7.50 -7.32 57.91
C PRO J 129 5.98 -7.43 57.72
N ILE J 130 5.60 -7.77 56.50
CA ILE J 130 4.21 -7.97 56.16
C ILE J 130 3.67 -9.21 56.86
N ASP J 131 4.50 -10.23 57.02
CA ASP J 131 4.11 -11.42 57.76
C ASP J 131 3.83 -11.10 59.23
N ILE J 132 4.64 -10.20 59.81
CA ILE J 132 4.40 -9.72 61.15
C ILE J 132 3.07 -9.00 61.23
N LEU J 133 2.84 -8.10 60.29
CA LEU J 133 1.60 -7.33 60.24
C LEU J 133 0.39 -8.26 60.15
N ILE J 134 0.45 -9.21 59.22
CA ILE J 134 -0.57 -10.25 59.06
C ILE J 134 -0.83 -10.95 60.39
N THR J 135 0.24 -11.40 61.05
CA THR J 135 0.10 -12.06 62.35
C THR J 135 -0.67 -11.19 63.36
N ILE J 136 -0.34 -9.90 63.41
CA ILE J 136 -1.03 -8.97 64.32
C ILE J 136 -2.52 -8.88 63.99
N VAL J 137 -2.83 -8.61 62.73
CA VAL J 137 -4.21 -8.46 62.29
C VAL J 137 -5.00 -9.73 62.55
N TRP J 138 -4.37 -10.88 62.29
CA TRP J 138 -5.02 -12.16 62.49
C TRP J 138 -5.29 -12.44 63.97
N VAL J 139 -4.33 -12.15 64.84
CA VAL J 139 -4.56 -12.28 66.28
C VAL J 139 -5.77 -11.45 66.69
N ALA J 140 -5.81 -10.21 66.21
CA ALA J 140 -6.93 -9.32 66.50
C ALA J 140 -8.26 -9.91 66.03
N TYR J 141 -8.26 -10.43 64.80
CA TYR J 141 -9.43 -11.07 64.20
C TYR J 141 -9.92 -12.25 65.02
N ALA J 142 -8.99 -13.10 65.45
CA ALA J 142 -9.26 -14.23 66.32
C ALA J 142 -9.95 -13.77 67.62
N VAL J 143 -9.39 -12.73 68.23
CA VAL J 143 -9.96 -12.18 69.46
C VAL J 143 -11.39 -11.71 69.21
N VAL J 144 -11.62 -11.03 68.10
CA VAL J 144 -12.96 -10.54 67.78
C VAL J 144 -13.95 -11.70 67.59
N PHE J 145 -13.56 -12.70 66.81
CA PHE J 145 -14.47 -13.81 66.51
C PHE J 145 -14.75 -14.69 67.72
N PHE J 146 -13.70 -15.29 68.28
CA PHE J 146 -13.86 -16.18 69.43
C PHE J 146 -14.43 -15.46 70.61
N GLY J 147 -14.17 -14.16 70.66
CA GLY J 147 -14.81 -13.35 71.65
C GLY J 147 -16.32 -13.21 71.45
N THR J 148 -16.73 -12.99 70.21
CA THR J 148 -18.16 -12.86 69.89
C THR J 148 -18.86 -14.17 70.23
N LEU J 149 -18.19 -15.27 69.94
CA LEU J 149 -18.66 -16.59 70.38
C LEU J 149 -18.79 -16.65 71.90
N ALA J 150 -17.72 -16.25 72.60
CA ALA J 150 -17.66 -16.33 74.06
C ALA J 150 -18.75 -15.55 74.80
N LYS J 151 -19.35 -14.57 74.15
CA LYS J 151 -20.41 -13.78 74.78
C LYS J 151 -21.73 -13.92 74.02
N ARG J 152 -21.96 -15.13 73.49
CA ARG J 152 -23.20 -15.43 72.78
C ARG J 152 -24.40 -15.53 73.72
N LYS J 153 -25.57 -15.80 73.17
CA LYS J 153 -26.79 -15.97 73.95
C LYS J 153 -27.20 -17.43 74.10
N VAL J 154 -27.26 -18.14 72.98
CA VAL J 154 -27.64 -19.55 72.98
C VAL J 154 -26.57 -20.42 73.63
N LYS J 155 -26.99 -21.55 74.21
CA LYS J 155 -26.06 -22.50 74.82
C LYS J 155 -25.15 -23.16 73.80
N HIS J 156 -25.73 -23.56 72.68
CA HIS J 156 -25.03 -24.29 71.63
C HIS J 156 -24.32 -23.35 70.67
N ILE J 157 -23.24 -23.83 70.05
CA ILE J 157 -22.56 -23.06 69.00
C ILE J 157 -22.83 -23.69 67.63
N TYR J 158 -23.37 -22.92 66.68
CA TYR J 158 -23.66 -23.42 65.34
C TYR J 158 -22.40 -23.97 64.64
N VAL J 159 -22.56 -25.04 63.87
CA VAL J 159 -21.43 -25.73 63.23
C VAL J 159 -20.66 -24.86 62.24
N GLY J 160 -21.35 -23.86 61.68
CA GLY J 160 -20.73 -22.90 60.78
C GLY J 160 -19.56 -22.24 61.49
N ASN J 161 -19.74 -21.99 62.79
CA ASN J 161 -18.69 -21.38 63.59
C ASN J 161 -17.66 -22.40 64.06
N TRP J 162 -17.99 -23.68 63.98
CA TRP J 162 -16.97 -24.70 64.20
C TRP J 162 -15.97 -24.54 63.07
N PHE J 163 -16.51 -24.45 61.86
CA PHE J 163 -15.65 -24.31 60.69
C PHE J 163 -14.90 -22.99 60.67
N PHE J 164 -15.60 -21.88 60.90
CA PHE J 164 -14.95 -20.58 60.99
C PHE J 164 -13.84 -20.54 62.05
N GLY J 165 -14.20 -20.89 63.28
CA GLY J 165 -13.24 -20.93 64.38
C GLY J 165 -11.99 -21.73 64.05
N ALA J 166 -12.22 -22.95 63.57
CA ALA J 166 -11.14 -23.85 63.17
C ALA J 166 -10.23 -23.14 62.18
N PHE J 167 -10.83 -22.74 61.04
CA PHE J 167 -10.14 -21.99 60.00
C PHE J 167 -9.24 -20.91 60.58
N ILE J 168 -9.78 -20.12 61.50
CA ILE J 168 -9.01 -19.02 62.10
C ILE J 168 -7.78 -19.54 62.85
N LEU J 169 -7.99 -20.46 63.78
CA LEU J 169 -6.88 -20.98 64.58
C LEU J 169 -5.79 -21.61 63.71
N THR J 170 -6.17 -22.55 62.87
CA THR J 170 -5.19 -23.30 62.11
C THR J 170 -4.50 -22.43 61.06
N VAL J 171 -5.21 -21.45 60.51
CA VAL J 171 -4.56 -20.51 59.60
C VAL J 171 -3.50 -19.72 60.35
N ALA J 172 -3.81 -19.30 61.58
CA ALA J 172 -2.83 -18.62 62.41
C ALA J 172 -1.56 -19.48 62.60
N ILE J 173 -1.75 -20.72 63.05
CA ILE J 173 -0.64 -21.65 63.23
C ILE J 173 0.19 -21.82 61.94
N LEU J 174 -0.49 -22.24 60.88
CA LEU J 174 0.08 -22.36 59.54
C LEU J 174 0.99 -21.19 59.21
N HIS J 175 0.41 -19.99 59.30
CA HIS J 175 1.10 -18.76 58.90
C HIS J 175 2.35 -18.54 59.71
N VAL J 176 2.23 -18.65 61.03
CA VAL J 176 3.39 -18.40 61.87
C VAL J 176 4.51 -19.41 61.60
N VAL J 177 4.16 -20.69 61.59
CA VAL J 177 5.14 -21.74 61.37
C VAL J 177 5.87 -21.64 60.02
N ASN J 178 5.11 -21.53 58.93
CA ASN J 178 5.71 -21.55 57.59
C ASN J 178 6.46 -20.28 57.18
N ASN J 179 6.29 -19.21 57.95
CA ASN J 179 6.97 -17.95 57.65
C ASN J 179 8.07 -17.62 58.66
N LEU J 180 8.52 -18.62 59.40
CA LEU J 180 9.72 -18.46 60.21
C LEU J 180 10.91 -18.27 59.29
N GLU J 181 11.58 -17.14 59.43
CA GLU J 181 12.61 -16.73 58.49
C GLU J 181 13.58 -15.71 59.10
N ILE J 182 14.86 -15.91 58.87
CA ILE J 182 15.85 -14.92 59.30
C ILE J 182 15.82 -13.70 58.39
N PRO J 183 15.56 -12.51 58.98
CA PRO J 183 15.63 -11.29 58.18
C PRO J 183 17.08 -10.90 57.88
N VAL J 184 17.35 -10.57 56.63
CA VAL J 184 18.66 -10.08 56.22
C VAL J 184 18.60 -8.56 56.11
N THR J 185 17.59 -8.08 55.39
CA THR J 185 17.35 -6.65 55.27
C THR J 185 15.87 -6.35 55.45
N ALA J 186 15.48 -5.12 55.13
CA ALA J 186 14.09 -4.68 55.28
C ALA J 186 13.08 -5.62 54.61
N MET J 187 13.30 -5.90 53.33
CA MET J 187 12.35 -6.70 52.56
C MET J 187 13.00 -7.96 52.00
N LYS J 188 13.89 -8.58 52.76
CA LYS J 188 14.54 -9.82 52.32
C LYS J 188 14.82 -10.72 53.50
N SER J 189 14.30 -11.94 53.45
CA SER J 189 14.56 -12.93 54.49
C SER J 189 14.87 -14.29 53.89
N TYR J 190 15.54 -15.14 54.66
CA TYR J 190 15.74 -16.53 54.23
C TYR J 190 14.90 -17.45 55.10
N SER J 191 14.26 -18.41 54.44
CA SER J 191 13.45 -19.40 55.13
C SER J 191 14.24 -20.14 56.19
N LEU J 192 13.59 -20.46 57.31
CA LEU J 192 14.21 -21.26 58.36
C LEU J 192 14.62 -22.62 57.83
N TYR J 193 13.83 -23.14 56.89
CA TYR J 193 14.02 -24.50 56.41
C TYR J 193 14.67 -24.53 55.03
N ALA J 194 15.10 -25.72 54.61
CA ALA J 194 15.69 -25.90 53.29
C ALA J 194 15.33 -27.26 52.72
N GLY J 195 15.54 -27.43 51.42
CA GLY J 195 15.33 -28.69 50.73
C GLY J 195 14.01 -29.38 51.01
N ALA J 196 14.06 -30.69 51.23
CA ALA J 196 12.86 -31.50 51.44
C ALA J 196 12.04 -31.00 52.63
N THR J 197 12.74 -30.58 53.69
CA THR J 197 12.07 -30.10 54.89
C THR J 197 11.29 -28.83 54.60
N ASP J 198 11.95 -27.89 53.92
CA ASP J 198 11.29 -26.66 53.51
C ASP J 198 10.09 -26.96 52.61
N ALA J 199 10.26 -27.90 51.69
CA ALA J 199 9.19 -28.31 50.80
C ALA J 199 7.98 -28.79 51.58
N MET J 200 8.24 -29.61 52.60
CA MET J 200 7.17 -30.19 53.40
C MET J 200 6.46 -29.15 54.26
N VAL J 201 7.21 -28.33 54.98
CA VAL J 201 6.61 -27.26 55.76
C VAL J 201 5.76 -26.39 54.81
N GLN J 202 6.32 -26.15 53.63
CA GLN J 202 5.71 -25.32 52.61
C GLN J 202 4.37 -25.86 52.14
N TRP J 203 4.27 -27.17 51.88
CA TRP J 203 3.01 -27.69 51.34
C TRP J 203 2.05 -28.21 52.39
N TRP J 204 2.53 -28.40 53.61
CA TRP J 204 1.66 -28.53 54.75
C TRP J 204 0.90 -27.20 54.86
N TYR J 205 1.66 -26.11 54.85
CA TYR J 205 1.09 -24.77 54.86
C TYR J 205 0.23 -24.52 53.63
N GLY J 206 0.78 -24.86 52.48
CA GLY J 206 0.19 -24.59 51.19
C GLY J 206 -1.13 -25.28 51.01
N HIS J 207 -1.18 -26.58 51.31
CA HIS J 207 -2.44 -27.27 51.15
C HIS J 207 -3.41 -26.82 52.23
N ASN J 208 -2.97 -26.78 53.48
CA ASN J 208 -3.90 -26.39 54.55
C ASN J 208 -4.37 -24.95 54.44
N ALA J 209 -3.70 -24.17 53.60
CA ALA J 209 -4.20 -22.86 53.23
C ALA J 209 -5.53 -23.01 52.51
N VAL J 210 -5.55 -23.77 51.42
CA VAL J 210 -6.82 -23.97 50.71
C VAL J 210 -7.75 -24.86 51.51
N GLY J 211 -7.17 -25.68 52.39
CA GLY J 211 -7.92 -26.60 53.23
C GLY J 211 -8.75 -25.92 54.29
N PHE J 212 -8.22 -24.84 54.86
CA PHE J 212 -8.92 -24.16 55.93
C PHE J 212 -9.35 -22.74 55.57
N PHE J 213 -8.48 -22.02 54.88
CA PHE J 213 -8.81 -20.68 54.38
C PHE J 213 -9.87 -20.79 53.27
N LEU J 214 -9.65 -21.67 52.31
CA LEU J 214 -10.56 -21.78 51.16
C LEU J 214 -11.58 -22.92 51.22
N THR J 215 -11.43 -23.85 52.16
CA THR J 215 -12.43 -24.91 52.32
C THR J 215 -13.24 -24.73 53.61
N ALA J 216 -12.61 -24.99 54.75
CA ALA J 216 -13.26 -24.88 56.07
C ALA J 216 -13.98 -23.56 56.28
N GLY J 217 -13.22 -22.46 56.17
CA GLY J 217 -13.74 -21.12 56.34
C GLY J 217 -14.94 -20.86 55.45
N PHE J 218 -14.89 -21.40 54.24
CA PHE J 218 -15.96 -21.20 53.27
C PHE J 218 -17.11 -22.19 53.50
N LEU J 219 -16.79 -23.30 54.17
CA LEU J 219 -17.84 -24.22 54.61
C LEU J 219 -18.68 -23.56 55.68
N GLY J 220 -18.05 -22.75 56.52
CA GLY J 220 -18.81 -21.91 57.45
C GLY J 220 -19.82 -21.05 56.70
N ILE J 221 -19.34 -20.37 55.66
CA ILE J 221 -20.19 -19.57 54.80
C ILE J 221 -21.37 -20.37 54.28
N MET J 222 -21.07 -21.52 53.69
CA MET J 222 -22.09 -22.41 53.16
C MET J 222 -23.13 -22.76 54.22
N TYR J 223 -22.63 -23.05 55.42
CA TYR J 223 -23.47 -23.51 56.52
C TYR J 223 -24.39 -22.42 57.04
N TYR J 224 -24.00 -21.15 56.90
CA TYR J 224 -24.98 -20.13 57.23
C TYR J 224 -25.92 -19.83 56.06
N PHE J 225 -25.34 -19.49 54.92
CA PHE J 225 -26.12 -18.94 53.81
C PHE J 225 -26.98 -19.91 53.01
N VAL J 226 -26.52 -21.14 52.79
CA VAL J 226 -27.37 -22.12 52.10
C VAL J 226 -28.70 -22.32 52.83
N PRO J 227 -28.66 -22.64 54.14
CA PRO J 227 -29.95 -22.80 54.80
C PRO J 227 -30.73 -21.49 54.94
N LYS J 228 -30.04 -20.36 55.11
CA LYS J 228 -30.71 -19.06 55.29
C LYS J 228 -31.40 -18.58 54.04
N GLN J 229 -30.76 -18.84 52.91
CA GLN J 229 -31.32 -18.45 51.62
C GLN J 229 -32.44 -19.41 51.23
N ALA J 230 -32.18 -20.71 51.38
CA ALA J 230 -33.15 -21.72 51.04
C ALA J 230 -34.31 -21.70 52.04
N GLU J 231 -34.03 -21.20 53.24
CA GLU J 231 -35.00 -21.21 54.33
C GLU J 231 -35.48 -22.60 54.60
N ARG J 232 -34.52 -23.49 54.70
CA ARG J 232 -34.84 -24.82 55.09
C ARG J 232 -33.92 -24.92 56.28
N PRO J 233 -34.22 -25.84 57.15
CA PRO J 233 -33.45 -26.19 58.32
C PRO J 233 -32.28 -27.07 57.92
N VAL J 234 -31.19 -27.06 58.69
CA VAL J 234 -30.08 -27.89 58.29
C VAL J 234 -30.26 -29.38 58.41
N TYR J 235 -29.93 -30.00 57.30
CA TYR J 235 -30.02 -31.42 57.19
C TYR J 235 -28.86 -32.15 57.87
N SER J 236 -29.18 -33.29 58.47
CA SER J 236 -28.26 -34.30 58.98
C SER J 236 -27.21 -33.70 59.89
N TYR J 237 -27.64 -33.16 61.00
CA TYR J 237 -26.70 -32.50 61.91
C TYR J 237 -25.51 -33.39 62.33
N ARG J 238 -25.85 -34.66 62.55
CA ARG J 238 -24.88 -35.72 62.82
C ARG J 238 -23.74 -35.66 61.80
N LEU J 239 -24.11 -35.50 60.53
CA LEU J 239 -23.13 -35.39 59.47
C LEU J 239 -22.22 -34.21 59.71
N SER J 240 -22.80 -33.09 60.12
CA SER J 240 -22.02 -31.89 60.42
C SER J 240 -20.92 -32.26 61.39
N ILE J 241 -21.27 -33.03 62.42
CA ILE J 241 -20.22 -33.47 63.35
C ILE J 241 -19.14 -34.30 62.65
N VAL J 242 -19.54 -35.44 62.06
CA VAL J 242 -18.55 -36.32 61.40
C VAL J 242 -17.63 -35.61 60.45
N HIS J 243 -18.26 -35.04 59.43
CA HIS J 243 -17.60 -34.36 58.36
C HIS J 243 -16.73 -33.22 58.88
N PHE J 244 -17.17 -32.54 59.94
CA PHE J 244 -16.34 -31.48 60.49
C PHE J 244 -15.06 -32.02 61.13
N TRP J 245 -15.18 -32.92 62.10
CA TRP J 245 -13.98 -33.39 62.79
C TRP J 245 -13.04 -34.16 61.85
N ALA J 246 -13.62 -35.06 61.07
CA ALA J 246 -12.87 -35.84 60.10
C ALA J 246 -12.14 -34.94 59.10
N LEU J 247 -12.82 -33.93 58.58
CA LEU J 247 -12.17 -32.98 57.67
C LEU J 247 -11.02 -32.27 58.39
N ILE J 248 -11.34 -31.71 59.55
CA ILE J 248 -10.41 -30.90 60.33
C ILE J 248 -9.13 -31.65 60.72
N THR J 249 -9.22 -32.97 60.85
CA THR J 249 -8.07 -33.75 61.29
C THR J 249 -7.33 -34.37 60.11
N VAL J 250 -8.07 -34.88 59.13
CA VAL J 250 -7.47 -35.53 57.99
C VAL J 250 -6.78 -34.54 57.04
N TYR J 251 -7.36 -33.35 56.89
CA TYR J 251 -6.86 -32.40 55.88
C TYR J 251 -5.41 -31.99 56.11
N ILE J 252 -5.00 -31.87 57.37
CA ILE J 252 -3.64 -31.46 57.70
C ILE J 252 -2.59 -32.40 57.08
N TRP J 253 -2.90 -33.68 57.09
CA TRP J 253 -2.02 -34.72 56.54
C TRP J 253 -1.81 -34.65 55.03
N ALA J 254 -2.71 -33.97 54.33
CA ALA J 254 -2.74 -34.00 52.87
C ALA J 254 -1.59 -33.27 52.20
N GLY J 255 -0.69 -32.68 52.99
CA GLY J 255 0.45 -31.95 52.47
C GLY J 255 1.24 -32.60 51.33
N PRO J 256 1.82 -33.78 51.58
CA PRO J 256 2.72 -34.44 50.63
C PRO J 256 2.11 -34.77 49.26
N HIS J 257 0.81 -34.64 49.06
CA HIS J 257 0.25 -34.98 47.75
C HIS J 257 0.71 -33.96 46.70
N HIS J 258 1.24 -32.84 47.18
CA HIS J 258 1.89 -31.88 46.31
C HIS J 258 3.26 -32.36 45.83
N LEU J 259 3.97 -33.04 46.71
CA LEU J 259 5.36 -33.43 46.45
C LEU J 259 5.53 -34.89 46.04
N HIS J 260 4.61 -35.38 45.21
CA HIS J 260 4.68 -36.77 44.76
C HIS J 260 5.81 -36.99 43.77
N TYR J 261 6.53 -38.10 43.97
CA TYR J 261 7.68 -38.45 43.14
C TYR J 261 8.70 -37.33 43.11
N THR J 262 8.85 -36.65 44.25
CA THR J 262 9.88 -35.64 44.41
C THR J 262 10.96 -36.16 45.36
N ALA J 263 11.85 -35.27 45.80
CA ALA J 263 12.93 -35.66 46.70
C ALA J 263 12.41 -35.91 48.11
N LEU J 264 11.17 -35.52 48.38
CA LEU J 264 10.51 -35.89 49.63
C LEU J 264 10.46 -37.40 49.78
N PRO J 265 10.81 -37.89 50.98
CA PRO J 265 10.82 -39.33 51.27
C PRO J 265 9.50 -40.02 50.95
N ASP J 266 9.58 -41.28 50.56
CA ASP J 266 8.41 -42.06 50.18
C ASP J 266 7.34 -42.14 51.26
N TRP J 267 7.76 -42.30 52.50
CA TRP J 267 6.82 -42.44 53.60
C TRP J 267 5.91 -41.23 53.74
N ALA J 268 6.48 -40.04 53.59
CA ALA J 268 5.70 -38.82 53.69
C ALA J 268 4.73 -38.75 52.53
N GLN J 269 5.25 -38.98 51.32
CA GLN J 269 4.43 -39.00 50.11
C GLN J 269 3.20 -39.88 50.26
N SER J 270 3.43 -41.12 50.69
CA SER J 270 2.36 -42.09 50.89
C SER J 270 1.36 -41.61 51.93
N LEU J 271 1.85 -41.22 53.10
CA LEU J 271 0.99 -40.63 54.13
C LEU J 271 0.05 -39.59 53.54
N GLY J 272 0.63 -38.76 52.67
CA GLY J 272 -0.13 -37.70 52.02
C GLY J 272 -1.19 -38.24 51.09
N MET J 273 -0.83 -39.22 50.27
CA MET J 273 -1.78 -39.83 49.35
C MET J 273 -2.95 -40.49 50.09
N VAL J 274 -2.60 -41.40 50.99
CA VAL J 274 -3.58 -42.13 51.79
C VAL J 274 -4.55 -41.19 52.46
N MET J 275 -4.03 -40.18 53.16
CA MET J 275 -4.91 -39.30 53.90
C MET J 275 -5.70 -38.38 52.98
N SER J 276 -5.11 -38.01 51.84
CA SER J 276 -5.85 -37.27 50.83
C SER J 276 -7.05 -38.06 50.33
N LEU J 277 -6.87 -39.38 50.17
CA LEU J 277 -7.95 -40.25 49.74
C LEU J 277 -9.03 -40.40 50.82
N ILE J 278 -8.60 -40.59 52.07
CA ILE J 278 -9.54 -40.61 53.20
C ILE J 278 -10.37 -39.32 53.22
N LEU J 279 -9.71 -38.22 52.92
CA LEU J 279 -10.30 -36.88 52.94
C LEU J 279 -11.54 -36.74 52.05
N LEU J 280 -11.65 -37.61 51.04
CA LEU J 280 -12.79 -37.60 50.12
C LEU J 280 -14.12 -37.59 50.85
N ALA J 281 -14.27 -38.56 51.75
CA ALA J 281 -15.48 -38.72 52.53
C ALA J 281 -15.92 -37.42 53.26
N PRO J 282 -15.12 -36.90 54.22
CA PRO J 282 -15.60 -35.70 54.94
C PRO J 282 -15.95 -34.54 54.01
N SER J 283 -15.07 -34.31 53.04
CA SER J 283 -15.23 -33.26 52.06
C SER J 283 -16.61 -33.36 51.42
N TRP J 284 -16.94 -34.56 50.96
CA TRP J 284 -18.24 -34.81 50.36
C TRP J 284 -19.38 -34.69 51.37
N GLY J 285 -19.11 -35.01 52.63
CA GLY J 285 -20.08 -34.83 53.69
C GLY J 285 -20.52 -33.38 53.75
N GLY J 286 -19.60 -32.49 53.41
CA GLY J 286 -19.92 -31.08 53.29
C GLY J 286 -20.96 -30.79 52.23
N MET J 287 -20.73 -31.25 51.00
CA MET J 287 -21.62 -30.93 49.88
C MET J 287 -22.95 -31.66 49.99
N ILE J 288 -22.93 -32.85 50.59
CA ILE J 288 -24.14 -33.60 50.88
C ILE J 288 -25.01 -32.81 51.86
N ASN J 289 -24.40 -32.45 52.98
CA ASN J 289 -25.09 -31.66 53.99
C ASN J 289 -25.62 -30.37 53.39
N GLY J 290 -24.92 -29.82 52.41
CA GLY J 290 -25.36 -28.60 51.77
C GLY J 290 -26.52 -28.73 50.79
N MET J 291 -26.42 -29.72 49.90
CA MET J 291 -27.39 -29.90 48.81
C MET J 291 -28.70 -30.54 49.21
N MET J 292 -28.56 -31.61 49.96
CA MET J 292 -29.70 -32.36 50.42
C MET J 292 -30.61 -31.51 51.34
N THR J 293 -30.04 -30.45 51.91
CA THR J 293 -30.76 -29.42 52.66
C THR J 293 -31.82 -28.79 51.75
N LEU J 294 -31.46 -28.66 50.48
CA LEU J 294 -32.32 -28.02 49.49
C LEU J 294 -33.44 -28.95 49.00
N SER J 295 -33.38 -30.22 49.38
CA SER J 295 -34.35 -31.22 48.94
C SER J 295 -35.78 -30.77 49.22
N GLY J 296 -36.64 -30.86 48.22
CA GLY J 296 -37.99 -30.32 48.31
C GLY J 296 -38.08 -28.91 47.76
N ALA J 297 -37.07 -28.10 48.08
CA ALA J 297 -37.07 -26.69 47.68
C ALA J 297 -36.29 -26.45 46.39
N TRP J 298 -36.10 -27.49 45.59
CA TRP J 298 -35.37 -27.37 44.33
C TRP J 298 -36.06 -26.44 43.34
N HIS J 299 -37.37 -26.28 43.49
CA HIS J 299 -38.14 -25.37 42.64
C HIS J 299 -37.68 -23.93 42.83
N LYS J 300 -36.95 -23.67 43.91
CA LYS J 300 -36.45 -22.33 44.17
C LYS J 300 -35.30 -21.98 43.24
N LEU J 301 -34.68 -23.00 42.65
CA LEU J 301 -33.50 -22.77 41.82
C LEU J 301 -33.81 -21.96 40.57
N ARG J 302 -34.95 -22.22 39.94
CA ARG J 302 -35.37 -21.42 38.80
C ARG J 302 -35.83 -20.04 39.26
N SER J 303 -36.27 -19.95 40.51
CA SER J 303 -36.77 -18.69 41.05
C SER J 303 -35.64 -17.77 41.51
N ASP J 304 -34.75 -18.31 42.35
CA ASP J 304 -33.76 -17.50 43.03
C ASP J 304 -32.34 -17.83 42.57
N PRO J 305 -31.70 -16.91 41.83
CA PRO J 305 -30.34 -17.08 41.31
C PRO J 305 -29.25 -17.07 42.39
N ILE J 306 -29.52 -16.44 43.53
CA ILE J 306 -28.58 -16.48 44.65
C ILE J 306 -28.42 -17.92 45.15
N LEU J 307 -29.56 -18.58 45.30
CA LEU J 307 -29.58 -19.99 45.67
C LEU J 307 -28.87 -20.80 44.59
N ARG J 308 -29.14 -20.48 43.33
CA ARG J 308 -28.43 -21.08 42.20
C ARG J 308 -26.92 -21.04 42.45
N PHE J 309 -26.41 -19.84 42.71
CA PHE J 309 -25.00 -19.64 43.04
C PHE J 309 -24.53 -20.61 44.13
N LEU J 310 -25.20 -20.60 45.27
CA LEU J 310 -24.78 -21.46 46.38
C LEU J 310 -24.75 -22.95 46.01
N VAL J 311 -25.80 -23.42 45.36
CA VAL J 311 -25.92 -24.83 44.99
C VAL J 311 -24.85 -25.26 44.00
N VAL J 312 -24.81 -24.59 42.85
CA VAL J 312 -23.79 -24.86 41.83
C VAL J 312 -22.38 -24.77 42.44
N SER J 313 -22.23 -23.83 43.38
CA SER J 313 -21.01 -23.72 44.17
C SER J 313 -20.70 -25.04 44.85
N LEU J 314 -21.71 -25.65 45.47
CA LEU J 314 -21.51 -26.95 46.09
C LEU J 314 -21.17 -28.03 45.06
N ALA J 315 -21.75 -27.93 43.88
CA ALA J 315 -21.46 -28.88 42.79
C ALA J 315 -19.97 -28.89 42.46
N PHE J 316 -19.43 -27.69 42.22
CA PHE J 316 -18.01 -27.57 41.91
C PHE J 316 -17.14 -27.96 43.10
N TYR J 317 -17.59 -27.61 44.31
CA TYR J 317 -16.88 -28.01 45.52
C TYR J 317 -16.69 -29.52 45.58
N GLY J 318 -17.78 -30.26 45.42
CA GLY J 318 -17.74 -31.72 45.43
C GLY J 318 -16.82 -32.19 44.32
N MET J 319 -16.97 -31.59 43.15
CA MET J 319 -16.18 -31.96 41.97
C MET J 319 -14.68 -31.85 42.21
N SER J 320 -14.25 -30.76 42.84
CA SER J 320 -12.83 -30.55 43.07
C SER J 320 -12.34 -31.33 44.29
N THR J 321 -13.26 -31.63 45.21
CA THR J 321 -12.90 -32.46 46.35
C THR J 321 -13.04 -33.94 46.00
N PHE J 322 -13.23 -34.21 44.71
CA PHE J 322 -13.19 -35.57 44.17
C PHE J 322 -11.96 -35.64 43.27
N GLU J 323 -11.83 -34.65 42.40
CA GLU J 323 -10.66 -34.48 41.53
C GLU J 323 -9.37 -34.45 42.32
N GLY J 324 -9.38 -33.75 43.45
CA GLY J 324 -8.22 -33.62 44.31
C GLY J 324 -7.67 -34.94 44.82
N PRO J 325 -8.50 -35.72 45.52
CA PRO J 325 -8.11 -37.07 45.96
C PRO J 325 -7.57 -37.94 44.82
N MET J 326 -8.16 -37.83 43.64
CA MET J 326 -7.71 -38.58 42.48
C MET J 326 -6.29 -38.21 42.08
N MET J 327 -6.01 -36.91 41.98
CA MET J 327 -4.69 -36.43 41.60
C MET J 327 -3.68 -36.64 42.72
N ALA J 328 -4.19 -37.00 43.90
CA ALA J 328 -3.34 -37.25 45.04
C ALA J 328 -2.87 -38.69 45.02
N ILE J 329 -3.42 -39.45 44.09
CA ILE J 329 -2.92 -40.79 43.80
C ILE J 329 -1.62 -40.64 43.03
N LYS J 330 -0.56 -41.28 43.52
CA LYS J 330 0.79 -41.13 42.96
C LYS J 330 0.82 -41.34 41.45
N THR J 331 0.19 -42.39 40.95
CA THR J 331 0.18 -42.67 39.51
C THR J 331 -0.52 -41.57 38.72
N VAL J 332 -1.57 -40.99 39.30
CA VAL J 332 -2.26 -39.89 38.62
C VAL J 332 -1.40 -38.63 38.67
N ASN J 333 -0.89 -38.30 39.85
CA ASN J 333 -0.01 -37.14 40.00
C ASN J 333 1.22 -37.24 39.09
N ALA J 334 1.62 -38.47 38.77
CA ALA J 334 2.76 -38.72 37.87
C ALA J 334 2.57 -38.03 36.53
N LEU J 335 1.33 -37.93 36.08
CA LEU J 335 0.98 -37.22 34.87
C LEU J 335 0.54 -35.79 35.14
N SER J 336 -0.28 -35.64 36.18
CA SER J 336 -0.90 -34.36 36.50
C SER J 336 0.12 -33.30 36.90
N HIS J 337 1.14 -33.72 37.65
CA HIS J 337 2.05 -32.78 38.31
C HIS J 337 2.73 -31.90 37.28
N TYR J 338 2.80 -30.59 37.58
CA TYR J 338 3.54 -29.61 36.78
C TYR J 338 2.77 -29.21 35.53
N THR J 339 1.59 -29.79 35.34
CA THR J 339 0.81 -29.53 34.14
C THR J 339 -0.27 -28.52 34.43
N ASP J 340 -0.85 -27.97 33.37
CA ASP J 340 -1.95 -27.04 33.51
C ASP J 340 -3.14 -27.68 34.22
N TRP J 341 -3.14 -29.01 34.32
CA TRP J 341 -4.21 -29.73 35.00
C TRP J 341 -4.30 -29.21 36.44
N THR J 342 -3.15 -29.01 37.08
CA THR J 342 -3.11 -28.47 38.43
C THR J 342 -3.88 -27.16 38.50
N ILE J 343 -3.58 -26.25 37.59
CA ILE J 343 -4.25 -24.96 37.51
C ILE J 343 -5.76 -25.15 37.28
N GLY J 344 -6.11 -26.15 36.49
CA GLY J 344 -7.51 -26.49 36.25
C GLY J 344 -8.24 -26.87 37.52
N HIS J 345 -7.67 -27.81 38.28
CA HIS J 345 -8.20 -28.14 39.59
C HIS J 345 -8.34 -26.89 40.45
N VAL J 346 -7.25 -26.11 40.51
CA VAL J 346 -7.20 -24.89 41.29
C VAL J 346 -8.41 -24.02 41.03
N HIS J 347 -8.64 -23.69 39.77
CA HIS J 347 -9.69 -22.74 39.42
C HIS J 347 -11.07 -23.39 39.37
N ALA J 348 -11.11 -24.71 39.23
CA ALA J 348 -12.34 -25.44 39.46
C ALA J 348 -12.83 -25.11 40.87
N GLY J 349 -12.00 -25.44 41.86
CA GLY J 349 -12.27 -25.05 43.23
C GLY J 349 -12.43 -23.56 43.47
N ALA J 350 -11.62 -22.76 42.79
CA ALA J 350 -11.50 -21.33 43.07
C ALA J 350 -12.67 -20.53 42.52
N LEU J 351 -12.95 -20.71 41.25
CA LEU J 351 -14.06 -20.06 40.59
C LEU J 351 -15.37 -20.75 40.96
N GLY J 352 -15.39 -22.07 40.81
CA GLY J 352 -16.57 -22.87 41.03
C GLY J 352 -17.05 -23.03 42.46
N TRP J 353 -16.14 -23.09 43.41
CA TRP J 353 -16.55 -23.27 44.81
C TRP J 353 -16.41 -21.97 45.60
N VAL J 354 -15.17 -21.56 45.85
CA VAL J 354 -14.89 -20.34 46.62
C VAL J 354 -15.64 -19.11 46.09
N ALA J 355 -15.36 -18.78 44.84
CA ALA J 355 -15.92 -17.59 44.21
C ALA J 355 -17.45 -17.63 44.20
N MET J 356 -18.03 -18.74 43.72
CA MET J 356 -19.48 -18.87 43.66
C MET J 356 -20.16 -18.70 45.03
N VAL J 357 -19.68 -19.44 46.03
CA VAL J 357 -20.29 -19.41 47.36
C VAL J 357 -20.15 -18.01 47.98
N SER J 358 -19.00 -17.35 47.77
CA SER J 358 -18.82 -16.03 48.35
C SER J 358 -19.68 -15.01 47.61
N ILE J 359 -19.81 -15.18 46.30
CA ILE J 359 -20.76 -14.42 45.50
C ILE J 359 -22.16 -14.49 46.09
N GLY J 360 -22.70 -15.70 46.16
CA GLY J 360 -24.01 -15.93 46.73
C GLY J 360 -24.16 -15.27 48.09
N ALA J 361 -23.19 -15.52 48.97
CA ALA J 361 -23.21 -14.96 50.31
C ALA J 361 -23.30 -13.44 50.29
N LEU J 362 -22.52 -12.81 49.42
CA LEU J 362 -22.57 -11.36 49.31
C LEU J 362 -23.91 -10.86 48.77
N TYR J 363 -24.36 -11.43 47.66
CA TYR J 363 -25.68 -11.11 47.12
C TYR J 363 -26.78 -11.19 48.17
N HIS J 364 -26.64 -12.15 49.10
CA HIS J 364 -27.57 -12.25 50.20
C HIS J 364 -27.40 -11.14 51.23
N LEU J 365 -26.17 -10.93 51.71
CA LEU J 365 -25.95 -10.10 52.89
C LEU J 365 -25.87 -8.60 52.61
N VAL J 366 -25.28 -8.23 51.48
CA VAL J 366 -25.10 -6.81 51.12
C VAL J 366 -26.39 -5.99 51.23
N PRO J 367 -27.53 -6.48 50.68
CA PRO J 367 -28.76 -5.71 50.91
C PRO J 367 -29.04 -5.53 52.41
N LYS J 368 -29.14 -6.65 53.12
CA LYS J 368 -29.32 -6.66 54.57
C LYS J 368 -28.44 -5.64 55.28
N VAL J 369 -27.13 -5.70 55.01
CA VAL J 369 -26.15 -4.87 55.68
C VAL J 369 -26.29 -3.40 55.29
N PHE J 370 -26.79 -3.14 54.09
CA PHE J 370 -26.99 -1.76 53.64
C PHE J 370 -28.41 -1.26 53.90
N GLY J 371 -29.08 -1.87 54.87
CA GLY J 371 -30.46 -1.55 55.17
C GLY J 371 -31.33 -1.54 53.93
N ARG J 372 -31.49 -2.71 53.33
CA ARG J 372 -32.21 -2.84 52.07
C ARG J 372 -32.76 -4.26 51.92
N GLU J 373 -33.97 -4.37 51.42
CA GLU J 373 -34.70 -5.64 51.41
C GLU J 373 -34.12 -6.66 50.44
N GLN J 374 -33.55 -6.18 49.32
CA GLN J 374 -32.90 -7.07 48.37
C GLN J 374 -31.94 -6.34 47.41
N MET J 375 -31.28 -7.09 46.54
CA MET J 375 -30.42 -6.49 45.52
C MET J 375 -31.24 -5.60 44.57
N HIS J 376 -30.54 -4.77 43.80
CA HIS J 376 -31.15 -3.83 42.87
C HIS J 376 -31.85 -4.57 41.74
N SER J 377 -31.14 -5.53 41.18
CA SER J 377 -31.69 -6.33 40.09
C SER J 377 -31.34 -7.80 40.28
N ILE J 378 -32.38 -8.62 40.40
CA ILE J 378 -32.20 -10.06 40.55
C ILE J 378 -31.80 -10.66 39.19
N GLY J 379 -32.32 -10.04 38.13
CA GLY J 379 -31.96 -10.41 36.78
C GLY J 379 -30.46 -10.40 36.54
N LEU J 380 -29.78 -9.39 37.08
CA LEU J 380 -28.33 -9.29 36.93
C LEU J 380 -27.62 -10.32 37.79
N ILE J 381 -28.32 -10.85 38.79
CA ILE J 381 -27.78 -11.92 39.60
C ILE J 381 -27.81 -13.20 38.78
N ASN J 382 -28.87 -13.34 37.98
CA ASN J 382 -28.99 -14.50 37.10
C ASN J 382 -27.98 -14.45 35.95
N THR J 383 -27.88 -13.29 35.30
CA THR J 383 -26.92 -13.12 34.21
C THR J 383 -25.50 -13.28 34.75
N HIS J 384 -25.26 -12.79 35.96
CA HIS J 384 -24.00 -13.03 36.65
C HIS J 384 -23.75 -14.53 36.77
N PHE J 385 -24.77 -15.23 37.25
CA PHE J 385 -24.67 -16.68 37.43
C PHE J 385 -24.22 -17.37 36.15
N TRP J 386 -24.86 -17.02 35.03
CA TRP J 386 -24.53 -17.69 33.78
C TRP J 386 -23.15 -17.31 33.24
N LEU J 387 -22.79 -16.03 33.28
CA LEU J 387 -21.45 -15.63 32.87
C LEU J 387 -20.40 -16.41 33.66
N ALA J 388 -20.58 -16.46 34.97
CA ALA J 388 -19.64 -17.10 35.86
C ALA J 388 -19.57 -18.61 35.65
N THR J 389 -20.72 -19.22 35.36
CA THR J 389 -20.76 -20.66 35.12
C THR J 389 -20.08 -21.03 33.80
N ILE J 390 -20.53 -20.42 32.71
CA ILE J 390 -19.89 -20.61 31.41
C ILE J 390 -18.38 -20.42 31.51
N GLY J 391 -17.97 -19.30 32.09
CA GLY J 391 -16.57 -19.01 32.34
C GLY J 391 -15.83 -20.11 33.06
N THR J 392 -16.36 -20.52 34.21
CA THR J 392 -15.74 -21.57 35.01
C THR J 392 -15.56 -22.86 34.22
N VAL J 393 -16.63 -23.30 33.56
CA VAL J 393 -16.59 -24.52 32.77
C VAL J 393 -15.56 -24.44 31.65
N LEU J 394 -15.54 -23.32 30.93
CA LEU J 394 -14.54 -23.11 29.88
C LEU J 394 -13.12 -23.22 30.42
N TYR J 395 -12.87 -22.54 31.55
CA TYR J 395 -11.58 -22.57 32.21
C TYR J 395 -11.16 -24.00 32.49
N ILE J 396 -12.01 -24.72 33.21
CA ILE J 396 -11.78 -26.12 33.56
C ILE J 396 -11.45 -26.97 32.33
N ALA J 397 -12.31 -26.89 31.32
CA ALA J 397 -12.15 -27.68 30.09
C ALA J 397 -10.80 -27.43 29.42
N SER J 398 -10.47 -26.15 29.22
CA SER J 398 -9.25 -25.78 28.55
C SER J 398 -8.05 -26.30 29.33
N MET J 399 -8.14 -26.23 30.65
CA MET J 399 -7.04 -26.70 31.49
C MET J 399 -6.91 -28.23 31.53
N TRP J 400 -8.02 -28.94 31.44
CA TRP J 400 -7.94 -30.40 31.30
C TRP J 400 -7.27 -30.78 29.99
N VAL J 401 -7.73 -30.18 28.90
CA VAL J 401 -7.13 -30.41 27.59
C VAL J 401 -5.63 -30.17 27.65
N ASN J 402 -5.26 -28.96 28.05
CA ASN J 402 -3.85 -28.58 28.19
C ASN J 402 -3.06 -29.52 29.09
N GLY J 403 -3.58 -29.80 30.28
CA GLY J 403 -2.90 -30.66 31.24
C GLY J 403 -2.64 -32.07 30.75
N ILE J 404 -3.67 -32.69 30.17
CA ILE J 404 -3.52 -34.02 29.60
C ILE J 404 -2.49 -33.99 28.48
N ALA J 405 -2.64 -33.00 27.58
CA ALA J 405 -1.72 -32.82 26.46
C ALA J 405 -0.28 -32.74 26.95
N GLN J 406 -0.03 -31.93 27.97
CA GLN J 406 1.30 -31.74 28.52
C GLN J 406 1.88 -32.99 29.16
N GLY J 407 1.20 -33.54 30.17
CA GLY J 407 1.67 -34.77 30.81
C GLY J 407 2.02 -35.85 29.80
N LEU J 408 1.06 -36.10 28.91
CA LEU J 408 1.21 -37.09 27.85
C LEU J 408 2.44 -36.78 27.00
N MET J 409 2.51 -35.57 26.46
CA MET J 409 3.60 -35.21 25.55
C MET J 409 4.96 -35.25 26.22
N TRP J 410 5.02 -34.86 27.50
CA TRP J 410 6.27 -34.86 28.25
C TRP J 410 6.81 -36.27 28.43
N ARG J 411 5.91 -37.21 28.74
CA ARG J 411 6.42 -38.54 29.02
C ARG J 411 6.35 -39.45 27.80
N ALA J 412 5.77 -38.96 26.71
CA ALA J 412 5.65 -39.69 25.45
C ALA J 412 6.96 -40.25 24.92
N ILE J 413 7.04 -41.57 24.85
CA ILE J 413 8.20 -42.32 24.38
C ILE J 413 7.87 -42.94 23.01
N ASN J 414 8.85 -42.99 22.11
CA ASN J 414 8.68 -43.67 20.83
C ASN J 414 8.90 -45.18 20.90
N ASP J 415 8.76 -45.85 19.76
CA ASP J 415 8.98 -47.29 19.70
C ASP J 415 10.45 -47.66 19.95
N ASP J 416 11.34 -46.71 19.70
CA ASP J 416 12.77 -46.90 19.92
C ASP J 416 13.26 -46.21 21.19
N GLY J 417 12.32 -45.87 22.08
CA GLY J 417 12.69 -45.39 23.38
C GLY J 417 12.98 -43.92 23.52
N THR J 418 13.20 -43.24 22.40
CA THR J 418 13.50 -41.82 22.41
C THR J 418 12.26 -41.00 22.71
N LEU J 419 12.47 -39.80 23.24
CA LEU J 419 11.35 -38.90 23.59
C LEU J 419 10.63 -38.39 22.35
N THR J 420 9.31 -38.49 22.37
CA THR J 420 8.50 -38.19 21.19
C THR J 420 8.43 -36.70 20.91
N TYR J 421 8.32 -35.90 21.97
CA TYR J 421 8.08 -34.48 21.80
C TYR J 421 9.12 -33.61 22.50
N SER J 422 9.52 -32.53 21.83
CA SER J 422 10.31 -31.48 22.45
C SER J 422 9.41 -30.71 23.43
N PHE J 423 10.00 -30.06 24.43
CA PHE J 423 9.21 -29.31 25.38
C PHE J 423 8.48 -28.15 24.69
N VAL J 424 9.10 -27.58 23.67
CA VAL J 424 8.53 -26.48 22.92
C VAL J 424 7.27 -26.92 22.16
N GLU J 425 7.29 -28.16 21.67
CA GLU J 425 6.12 -28.73 21.02
C GLU J 425 4.95 -28.78 21.99
N SER J 426 5.23 -29.18 23.23
CA SER J 426 4.20 -29.18 24.26
C SER J 426 3.70 -27.77 24.54
N LEU J 427 4.64 -26.82 24.62
CA LEU J 427 4.32 -25.42 24.84
C LEU J 427 3.36 -24.89 23.77
N GLU J 428 3.69 -25.16 22.51
CA GLU J 428 2.90 -24.72 21.38
C GLU J 428 1.54 -25.38 21.40
N ALA J 429 1.54 -26.68 21.69
CA ALA J 429 0.29 -27.42 21.83
C ALA J 429 -0.65 -26.76 22.82
N SER J 430 -0.07 -26.12 23.84
CA SER J 430 -0.85 -25.52 24.92
C SER J 430 -1.48 -24.17 24.62
N HIS J 431 -1.08 -23.52 23.54
CA HIS J 431 -1.55 -22.15 23.26
C HIS J 431 -3.07 -21.99 23.11
N PRO J 432 -3.72 -22.86 22.30
CA PRO J 432 -5.19 -22.78 22.20
C PRO J 432 -5.84 -22.82 23.58
N GLY J 433 -5.37 -23.75 24.42
CA GLY J 433 -5.80 -23.84 25.80
C GLY J 433 -5.62 -22.53 26.54
N PHE J 434 -4.46 -21.89 26.35
CA PHE J 434 -4.18 -20.61 26.99
C PHE J 434 -5.20 -19.56 26.61
N VAL J 435 -5.61 -19.59 25.34
CA VAL J 435 -6.53 -18.58 24.83
C VAL J 435 -7.94 -18.84 25.33
N VAL J 436 -8.37 -20.10 25.27
CA VAL J 436 -9.69 -20.48 25.77
C VAL J 436 -9.79 -20.15 27.27
N ARG J 437 -8.76 -20.47 28.04
CA ARG J 437 -8.77 -20.14 29.47
C ARG J 437 -8.85 -18.64 29.67
N MET J 438 -8.08 -17.90 28.88
CA MET J 438 -8.08 -16.44 28.95
C MET J 438 -9.50 -15.92 28.73
N ILE J 439 -10.21 -16.52 27.78
CA ILE J 439 -11.58 -16.14 27.47
C ILE J 439 -12.56 -16.53 28.58
N GLY J 440 -12.42 -17.73 29.12
CA GLY J 440 -13.28 -18.18 30.20
C GLY J 440 -13.15 -17.25 31.38
N GLY J 441 -11.92 -17.00 31.79
CA GLY J 441 -11.63 -16.08 32.87
C GLY J 441 -12.16 -14.70 32.56
N ALA J 442 -12.03 -14.26 31.31
CA ALA J 442 -12.57 -12.98 30.89
C ALA J 442 -14.06 -12.91 31.16
N ILE J 443 -14.78 -13.96 30.78
CA ILE J 443 -16.22 -14.03 30.95
C ILE J 443 -16.60 -13.98 32.43
N PHE J 444 -15.88 -14.76 33.24
CA PHE J 444 -16.10 -14.77 34.69
C PHE J 444 -15.92 -13.35 35.25
N PHE J 445 -14.83 -12.73 34.84
CA PHE J 445 -14.51 -11.35 35.20
C PHE J 445 -15.63 -10.39 34.83
N ALA J 446 -16.21 -10.61 33.65
CA ALA J 446 -17.32 -9.80 33.18
C ALA J 446 -18.47 -9.93 34.17
N GLY J 447 -18.70 -11.17 34.60
CA GLY J 447 -19.72 -11.43 35.59
C GLY J 447 -19.46 -10.63 36.85
N MET J 448 -18.20 -10.59 37.26
CA MET J 448 -17.81 -9.79 38.42
C MET J 448 -18.10 -8.31 38.23
N LEU J 449 -17.88 -7.80 37.01
CA LEU J 449 -18.21 -6.41 36.72
C LEU J 449 -19.71 -6.19 36.88
N VAL J 450 -20.50 -7.15 36.38
CA VAL J 450 -21.96 -7.07 36.51
C VAL J 450 -22.35 -6.99 37.98
N MET J 451 -21.66 -7.79 38.79
CA MET J 451 -21.92 -7.77 40.23
C MET J 451 -21.59 -6.39 40.79
N ALA J 452 -20.45 -5.86 40.40
CA ALA J 452 -19.99 -4.55 40.86
C ALA J 452 -21.04 -3.47 40.57
N TYR J 453 -21.53 -3.47 39.34
CA TYR J 453 -22.57 -2.51 38.92
C TYR J 453 -23.82 -2.68 39.75
N ASN J 454 -24.26 -3.93 39.89
CA ASN J 454 -25.47 -4.23 40.67
C ASN J 454 -25.33 -3.72 42.08
N THR J 455 -24.24 -4.12 42.71
CA THR J 455 -23.99 -3.80 44.09
C THR J 455 -23.98 -2.29 44.24
N TRP J 456 -23.35 -1.59 43.30
CA TRP J 456 -23.23 -0.12 43.35
C TRP J 456 -24.65 0.50 43.32
N ARG J 457 -25.52 -0.04 42.46
CA ARG J 457 -26.91 0.43 42.25
C ARG J 457 -27.65 0.27 43.58
N THR J 458 -27.43 -0.86 44.25
CA THR J 458 -28.01 -1.15 45.58
C THR J 458 -27.43 -0.24 46.65
N VAL J 459 -26.18 0.19 46.48
CA VAL J 459 -25.55 1.08 47.47
C VAL J 459 -26.29 2.40 47.44
N GLN J 460 -26.87 2.71 46.30
CA GLN J 460 -27.56 3.97 46.16
C GLN J 460 -28.76 4.11 47.11
N ALA J 461 -29.50 3.03 47.37
CA ALA J 461 -30.85 3.20 47.90
C ALA J 461 -31.00 3.93 49.25
N ALA J 462 -30.23 3.60 50.31
CA ALA J 462 -30.57 4.29 51.59
C ALA J 462 -29.25 4.83 52.16
N LYS J 463 -29.14 6.11 52.51
CA LYS J 463 -27.90 6.51 53.18
C LYS J 463 -27.71 6.14 54.73
N PRO J 464 -28.68 6.46 55.66
CA PRO J 464 -28.85 6.15 57.10
C PRO J 464 -29.51 4.84 57.60
N ALA J 465 -30.35 4.18 56.78
CA ALA J 465 -31.14 3.00 57.20
C ALA J 465 -30.46 2.00 58.17
N GLU J 466 -29.22 1.57 57.92
CA GLU J 466 -28.43 0.72 58.87
C GLU J 466 -29.26 -0.11 59.91
N TYR J 467 -30.43 -0.57 59.49
CA TYR J 467 -31.43 -1.31 60.28
C TYR J 467 -31.48 -2.82 60.45
N ASP J 468 -31.61 -3.15 61.74
CA ASP J 468 -31.83 -4.47 62.32
C ASP J 468 -31.22 -4.45 63.73
N ALA J 469 -31.81 -5.23 64.63
CA ALA J 469 -31.34 -5.24 66.03
C ALA J 469 -31.53 -6.55 66.78
N ALA J 470 -32.70 -7.14 66.63
CA ALA J 470 -33.06 -8.35 67.38
C ALA J 470 -32.12 -9.51 67.00
N LYS K 6 -20.49 -33.90 73.82
CA LYS K 6 -20.77 -32.88 72.86
C LYS K 6 -19.71 -31.79 72.71
N LEU K 7 -19.53 -30.99 73.76
CA LEU K 7 -18.48 -29.95 73.83
C LEU K 7 -18.78 -28.79 72.86
N GLU K 8 -20.01 -28.73 72.37
CA GLU K 8 -20.44 -27.69 71.44
C GLU K 8 -20.72 -26.39 72.17
N LYS K 9 -21.21 -26.49 73.39
CA LYS K 9 -21.55 -25.31 74.17
C LYS K 9 -20.29 -24.84 74.91
N ASN K 10 -19.26 -25.69 74.94
CA ASN K 10 -18.01 -25.37 75.62
C ASN K 10 -17.00 -24.74 74.66
N VAL K 11 -16.82 -23.43 74.74
CA VAL K 11 -16.01 -22.69 73.78
C VAL K 11 -14.53 -23.06 73.86
N GLY K 12 -14.03 -23.16 75.08
CA GLY K 12 -12.63 -23.45 75.34
C GLY K 12 -12.29 -24.89 75.04
N LEU K 13 -13.23 -25.77 75.34
CA LEU K 13 -13.07 -27.19 75.07
C LEU K 13 -13.02 -27.43 73.56
N LEU K 14 -13.93 -26.78 72.84
CA LEU K 14 -13.93 -26.83 71.38
C LEU K 14 -12.64 -26.29 70.80
N THR K 15 -12.22 -25.12 71.28
CA THR K 15 -10.97 -24.51 70.84
C THR K 15 -9.79 -25.47 71.05
N LEU K 16 -9.71 -26.02 72.25
CA LEU K 16 -8.61 -26.91 72.63
C LEU K 16 -8.58 -28.16 71.76
N PHE K 17 -9.71 -28.84 71.64
CA PHE K 17 -9.75 -30.05 70.82
C PHE K 17 -9.53 -29.75 69.34
N MET K 18 -9.84 -28.53 68.91
CA MET K 18 -9.51 -28.12 67.55
C MET K 18 -8.00 -27.97 67.35
N ILE K 19 -7.36 -27.16 68.20
CA ILE K 19 -5.90 -26.98 68.13
C ILE K 19 -5.17 -28.31 68.30
N LEU K 20 -5.79 -29.23 69.02
CA LEU K 20 -5.22 -30.56 69.19
C LEU K 20 -5.35 -31.39 67.92
N ALA K 21 -6.59 -31.54 67.44
CA ALA K 21 -6.88 -32.36 66.27
C ALA K 21 -6.13 -31.92 65.03
N VAL K 22 -5.91 -30.61 64.93
CA VAL K 22 -5.35 -30.00 63.74
C VAL K 22 -3.83 -30.09 63.73
N SER K 23 -3.25 -30.40 64.89
CA SER K 23 -1.80 -30.40 65.05
C SER K 23 -1.14 -31.72 64.65
N ILE K 24 -1.83 -32.84 64.88
CA ILE K 24 -1.28 -34.18 64.68
C ILE K 24 -0.56 -34.37 63.33
N GLY K 25 -1.19 -33.98 62.23
CA GLY K 25 -0.58 -34.12 60.91
C GLY K 25 0.72 -33.36 60.75
N GLY K 26 0.75 -32.13 61.27
CA GLY K 26 1.95 -31.31 61.25
C GLY K 26 3.09 -31.94 62.04
N LEU K 27 2.78 -32.38 63.26
CA LEU K 27 3.76 -33.01 64.13
C LEU K 27 4.28 -34.31 63.54
N THR K 28 3.43 -35.02 62.79
CA THR K 28 3.79 -36.34 62.31
C THR K 28 4.50 -36.30 60.95
N GLN K 29 4.35 -35.19 60.23
CA GLN K 29 4.98 -35.11 58.92
C GLN K 29 6.21 -34.22 58.89
N ILE K 30 6.13 -33.05 59.52
CA ILE K 30 7.24 -32.11 59.50
C ILE K 30 8.35 -32.46 60.48
N VAL K 31 7.98 -32.70 61.74
CA VAL K 31 8.96 -32.92 62.82
C VAL K 31 9.98 -34.04 62.53
N PRO K 32 9.52 -35.23 62.07
CA PRO K 32 10.54 -36.28 61.88
C PRO K 32 11.52 -35.97 60.76
N LEU K 33 11.16 -35.05 59.87
CA LEU K 33 12.03 -34.68 58.76
C LEU K 33 13.22 -33.87 59.26
N PHE K 34 13.02 -33.15 60.37
CA PHE K 34 14.12 -32.38 60.96
C PHE K 34 15.26 -33.32 61.33
N PHE K 35 14.90 -34.54 61.72
CA PHE K 35 15.86 -35.51 62.24
C PHE K 35 16.22 -36.63 61.26
N GLN K 36 15.55 -36.68 60.11
CA GLN K 36 15.90 -37.66 59.09
C GLN K 36 17.18 -37.24 58.40
N ASP K 37 18.10 -38.20 58.25
CA ASP K 37 19.41 -37.91 57.66
C ASP K 37 19.34 -37.65 56.17
N SER K 38 18.60 -38.49 55.44
CA SER K 38 18.60 -38.48 53.98
C SER K 38 18.24 -37.11 53.40
N VAL K 39 17.42 -36.34 54.11
CA VAL K 39 17.00 -35.02 53.61
C VAL K 39 17.78 -33.82 54.21
N ASN K 40 18.81 -34.11 54.99
CA ASN K 40 19.70 -33.08 55.57
C ASN K 40 21.13 -33.34 55.14
N GLU K 41 21.39 -34.47 54.51
CA GLU K 41 22.76 -34.73 54.09
C GLU K 41 23.03 -34.14 52.73
N PRO K 42 24.05 -33.26 52.65
CA PRO K 42 24.43 -32.71 51.35
C PRO K 42 25.03 -33.77 50.46
N VAL K 43 25.03 -33.57 49.15
CA VAL K 43 25.85 -34.44 48.30
C VAL K 43 27.31 -34.23 48.68
N GLU K 44 28.13 -35.27 48.64
CA GLU K 44 29.45 -35.19 49.27
C GLU K 44 30.31 -34.09 48.62
N GLY K 45 30.25 -33.99 47.31
CA GLY K 45 31.02 -32.99 46.60
C GLY K 45 30.54 -31.57 46.81
N MET K 46 29.25 -31.40 47.09
CA MET K 46 28.62 -30.09 47.05
C MET K 46 29.11 -29.05 48.06
N LYS K 47 29.25 -27.82 47.55
CA LYS K 47 29.58 -26.64 48.33
C LYS K 47 28.36 -25.70 48.36
N PRO K 48 28.36 -24.73 49.28
CA PRO K 48 27.34 -23.69 49.28
C PRO K 48 27.45 -22.82 48.03
N TYR K 49 26.39 -22.10 47.68
CA TYR K 49 26.45 -21.22 46.52
C TYR K 49 27.51 -20.15 46.72
N THR K 50 28.27 -19.86 45.68
CA THR K 50 29.25 -18.78 45.75
C THR K 50 28.51 -17.45 45.76
N ALA K 51 29.14 -16.43 46.31
CA ALA K 51 28.52 -15.12 46.49
C ALA K 51 27.71 -14.68 45.28
N LEU K 52 28.31 -14.80 44.10
CA LEU K 52 27.67 -14.41 42.85
C LEU K 52 26.50 -15.33 42.53
N GLN K 53 26.70 -16.63 42.74
CA GLN K 53 25.65 -17.62 42.52
C GLN K 53 24.48 -17.35 43.44
N LEU K 54 24.79 -17.05 44.71
CA LEU K 54 23.79 -16.78 45.74
C LEU K 54 22.98 -15.52 45.36
N GLU K 55 23.69 -14.52 44.88
CA GLU K 55 23.07 -13.26 44.48
C GLU K 55 22.14 -13.49 43.29
N GLY K 56 22.60 -14.34 42.37
CA GLY K 56 21.84 -14.65 41.19
C GLY K 56 20.63 -15.49 41.53
N ARG K 57 20.75 -16.31 42.55
CA ARG K 57 19.64 -17.11 43.02
C ARG K 57 18.59 -16.18 43.60
N ASP K 58 19.03 -15.16 44.32
CA ASP K 58 18.08 -14.20 44.85
C ASP K 58 17.44 -13.39 43.72
N LEU K 59 18.14 -13.27 42.60
CA LEU K 59 17.55 -12.63 41.42
C LEU K 59 16.47 -13.52 40.80
N TYR K 60 16.79 -14.80 40.69
CA TYR K 60 15.86 -15.85 40.27
C TYR K 60 14.60 -15.80 41.16
N ILE K 61 14.82 -15.52 42.44
CA ILE K 61 13.71 -15.42 43.36
C ILE K 61 12.88 -14.17 43.09
N ARG K 62 13.56 -13.05 42.90
CA ARG K 62 12.85 -11.78 42.79
C ARG K 62 12.06 -11.65 41.49
N GLU K 63 12.54 -12.30 40.43
CA GLU K 63 11.89 -12.20 39.14
C GLU K 63 10.70 -13.16 38.96
N GLY K 64 10.56 -14.11 39.88
CA GLY K 64 9.43 -15.02 39.85
C GLY K 64 9.67 -16.23 38.97
N CYS K 65 10.93 -16.52 38.73
CA CYS K 65 11.35 -17.65 37.91
C CYS K 65 10.71 -18.97 38.29
N VAL K 66 10.64 -19.22 39.60
CA VAL K 66 10.01 -20.43 40.14
C VAL K 66 8.61 -20.66 39.56
N GLY K 67 7.92 -19.57 39.28
CA GLY K 67 6.57 -19.60 38.76
C GLY K 67 6.32 -20.29 37.42
N CYS K 68 7.37 -20.56 36.65
CA CYS K 68 7.16 -21.28 35.39
C CYS K 68 8.16 -22.45 35.32
N HIS K 69 9.13 -22.45 36.22
CA HIS K 69 10.27 -23.37 36.13
C HIS K 69 10.46 -24.20 37.40
N SER K 70 10.35 -25.52 37.25
CA SER K 70 10.66 -26.44 38.33
C SER K 70 12.15 -26.69 38.48
N GLN K 71 12.57 -27.01 39.69
CA GLN K 71 13.93 -27.50 39.93
C GLN K 71 13.86 -28.81 40.70
N MET K 72 13.25 -29.80 40.07
CA MET K 72 12.96 -31.07 40.74
C MET K 72 12.61 -32.10 39.68
N ILE K 73 13.58 -32.95 39.36
CA ILE K 73 13.39 -33.97 38.35
C ILE K 73 12.84 -35.24 38.98
N ARG K 74 11.67 -35.66 38.51
CA ARG K 74 11.00 -36.82 39.06
C ARG K 74 11.60 -38.11 38.49
N PRO K 75 11.64 -39.17 39.31
CA PRO K 75 12.30 -40.42 38.92
C PRO K 75 11.49 -41.24 37.91
N PHE K 76 11.16 -40.64 36.77
CA PHE K 76 10.61 -41.38 35.65
C PHE K 76 11.64 -41.46 34.53
N ARG K 77 11.57 -42.51 33.72
CA ARG K 77 12.50 -42.65 32.61
C ARG K 77 12.45 -41.44 31.67
N ALA K 78 11.26 -41.00 31.30
CA ALA K 78 11.14 -39.92 30.33
C ALA K 78 11.68 -38.59 30.86
N GLU K 79 11.51 -38.34 32.16
CA GLU K 79 12.03 -37.12 32.75
C GLU K 79 13.55 -37.22 32.91
N THR K 80 14.01 -38.42 33.28
CA THR K 80 15.44 -38.71 33.26
C THR K 80 16.08 -38.40 31.90
N GLU K 81 15.46 -38.90 30.84
CA GLU K 81 15.96 -38.71 29.49
C GLU K 81 15.91 -37.24 29.07
N ARG K 82 14.85 -36.55 29.47
CA ARG K 82 14.69 -35.16 29.07
C ARG K 82 15.61 -34.20 29.82
N TYR K 83 15.83 -34.45 31.11
CA TYR K 83 16.53 -33.46 31.94
C TYR K 83 17.82 -33.97 32.55
N GLY K 84 17.90 -35.27 32.79
CA GLY K 84 19.07 -35.83 33.44
C GLY K 84 18.68 -36.62 34.67
N HIS K 85 19.64 -36.82 35.57
CA HIS K 85 19.41 -37.62 36.77
C HIS K 85 18.32 -36.98 37.64
N TYR K 86 17.38 -37.79 38.12
CA TYR K 86 16.32 -37.28 38.98
C TYR K 86 16.90 -36.58 40.20
N SER K 87 16.30 -35.46 40.56
CA SER K 87 16.74 -34.67 41.71
C SER K 87 16.82 -35.48 42.98
N VAL K 88 17.79 -35.12 43.82
CA VAL K 88 18.05 -35.82 45.07
C VAL K 88 17.92 -34.83 46.21
N ALA K 89 17.37 -35.27 47.35
CA ALA K 89 17.19 -34.40 48.51
C ALA K 89 18.46 -33.62 48.85
N GLY K 90 19.59 -34.32 48.81
CA GLY K 90 20.86 -33.73 49.17
C GLY K 90 21.27 -32.54 48.33
N GLU K 91 20.66 -32.41 47.15
CA GLU K 91 20.98 -31.33 46.25
C GLU K 91 20.40 -30.00 46.73
N SER K 92 19.27 -30.06 47.43
CA SER K 92 18.59 -28.83 47.82
C SER K 92 18.78 -28.53 49.30
N VAL K 93 19.71 -29.24 49.92
CA VAL K 93 19.96 -29.16 51.35
C VAL K 93 20.29 -27.73 51.83
N TYR K 94 20.89 -26.93 50.96
CA TYR K 94 21.23 -25.55 51.32
C TYR K 94 20.30 -24.52 50.69
N ASP K 95 19.14 -24.96 50.20
CA ASP K 95 18.24 -24.03 49.53
C ASP K 95 17.26 -23.36 50.47
N HIS K 96 17.66 -22.20 51.00
CA HIS K 96 16.75 -21.34 51.73
C HIS K 96 16.29 -20.17 50.87
N PRO K 97 15.02 -20.20 50.42
CA PRO K 97 14.07 -21.30 50.51
C PRO K 97 14.14 -22.21 49.29
N PHE K 98 13.57 -23.41 49.39
CA PHE K 98 13.62 -24.36 48.28
C PHE K 98 12.92 -23.82 47.05
N LEU K 99 13.44 -24.16 45.88
CA LEU K 99 12.86 -23.68 44.63
C LEU K 99 12.52 -24.84 43.70
N TRP K 100 12.05 -25.95 44.29
CA TRP K 100 11.40 -26.97 43.51
C TRP K 100 10.20 -26.25 42.91
N GLY K 101 9.78 -26.66 41.72
CA GLY K 101 8.65 -25.98 41.13
C GLY K 101 7.34 -26.54 41.62
N SER K 102 6.26 -26.02 41.05
CA SER K 102 4.98 -26.69 41.10
C SER K 102 4.32 -26.60 39.74
N LYS K 103 4.89 -25.77 38.88
CA LYS K 103 4.49 -25.72 37.47
C LYS K 103 5.65 -25.70 36.51
N ARG K 104 5.41 -26.24 35.31
CA ARG K 104 6.37 -26.18 34.23
C ARG K 104 5.80 -25.48 32.99
N THR K 105 5.65 -24.17 33.06
CA THR K 105 5.31 -23.40 31.87
C THR K 105 6.52 -23.45 30.94
N GLY K 106 7.69 -23.29 31.54
CA GLY K 106 8.97 -23.56 30.89
C GLY K 106 9.54 -24.85 31.45
N PRO K 107 10.65 -25.32 30.85
CA PRO K 107 11.22 -26.60 31.23
C PRO K 107 11.79 -26.61 32.64
N ASP K 108 12.09 -27.79 33.13
CA ASP K 108 12.72 -27.92 34.41
C ASP K 108 14.16 -27.39 34.32
N LEU K 109 14.62 -26.68 35.34
CA LEU K 109 15.96 -26.09 35.31
C LEU K 109 16.90 -26.73 36.34
N ALA K 110 16.49 -27.86 36.92
CA ALA K 110 17.30 -28.50 37.96
C ALA K 110 18.69 -28.85 37.46
N ARG K 111 18.82 -29.14 36.16
CA ARG K 111 20.13 -29.47 35.62
C ARG K 111 20.47 -28.72 34.32
N VAL K 112 20.09 -27.45 34.22
CA VAL K 112 20.55 -26.62 33.11
C VAL K 112 22.06 -26.46 33.15
N GLY K 113 22.64 -26.76 34.31
CA GLY K 113 24.04 -27.12 34.44
C GLY K 113 24.99 -26.35 33.57
N GLY K 114 25.67 -27.05 32.69
CA GLY K 114 26.48 -26.42 31.67
C GLY K 114 25.93 -26.84 30.31
N ARG K 115 24.61 -27.03 30.25
CA ARG K 115 23.96 -27.52 29.02
C ARG K 115 23.97 -26.44 27.95
N TYR K 116 24.01 -25.18 28.39
CA TYR K 116 24.06 -24.04 27.49
C TYR K 116 25.21 -23.11 27.84
N SER K 117 25.72 -22.40 26.85
CA SER K 117 26.78 -21.42 27.04
C SER K 117 26.25 -20.17 27.73
N ASP K 118 27.12 -19.46 28.44
CA ASP K 118 26.75 -18.18 29.05
C ASP K 118 26.18 -17.23 28.01
N ASP K 119 26.78 -17.22 26.82
CA ASP K 119 26.32 -16.34 25.76
C ASP K 119 24.86 -16.63 25.42
N TRP K 120 24.54 -17.91 25.33
CA TRP K 120 23.18 -18.30 25.04
C TRP K 120 22.26 -17.83 26.16
N HIS K 121 22.65 -18.06 27.41
CA HIS K 121 21.82 -17.69 28.55
C HIS K 121 21.57 -16.18 28.58
N ARG K 122 22.57 -15.41 28.14
CA ARG K 122 22.46 -13.97 28.12
C ARG K 122 21.50 -13.52 27.03
N ALA K 123 21.68 -14.07 25.83
CA ALA K 123 20.81 -13.76 24.70
C ALA K 123 19.37 -14.10 25.01
N HIS K 124 19.19 -15.25 25.64
CA HIS K 124 17.88 -15.83 25.86
C HIS K 124 17.16 -15.09 26.97
N LEU K 125 17.89 -14.75 28.03
CA LEU K 125 17.32 -13.92 29.08
C LEU K 125 17.00 -12.51 28.58
N TYR K 126 17.83 -11.97 27.70
CA TYR K 126 17.59 -10.63 27.17
C TYR K 126 16.33 -10.58 26.32
N ASN K 127 16.06 -11.67 25.61
CA ASN K 127 14.88 -11.77 24.76
C ASN K 127 14.68 -13.22 24.33
N PRO K 128 13.88 -13.99 25.08
CA PRO K 128 13.73 -15.42 24.79
C PRO K 128 13.22 -15.70 23.39
N ARG K 129 12.31 -14.85 22.90
CA ARG K 129 11.72 -15.03 21.58
C ARG K 129 12.78 -14.93 20.49
N ASN K 130 13.84 -14.19 20.78
CA ASN K 130 14.93 -13.98 19.84
C ASN K 130 15.75 -15.24 19.54
N VAL K 131 15.75 -16.17 20.48
CA VAL K 131 16.50 -17.40 20.30
C VAL K 131 15.56 -18.60 20.18
N VAL K 132 14.43 -18.52 20.86
CA VAL K 132 13.42 -19.58 20.80
C VAL K 132 12.11 -18.89 20.43
N PRO K 133 11.87 -18.74 19.12
CA PRO K 133 10.81 -17.90 18.54
C PRO K 133 9.43 -18.10 19.16
N GLU K 134 9.13 -19.31 19.60
CA GLU K 134 7.80 -19.60 20.09
C GLU K 134 7.77 -19.68 21.62
N SER K 135 8.74 -19.02 22.25
CA SER K 135 8.81 -18.99 23.71
C SER K 135 7.70 -18.13 24.30
N LYS K 136 7.29 -18.42 25.53
CA LYS K 136 6.30 -17.59 26.21
C LYS K 136 6.93 -16.85 27.40
N MET K 137 8.22 -17.08 27.60
CA MET K 137 9.00 -16.42 28.63
C MET K 137 9.09 -14.91 28.42
N PRO K 138 8.93 -14.14 29.50
CA PRO K 138 9.12 -12.69 29.47
C PRO K 138 10.55 -12.33 29.12
N SER K 139 10.77 -11.19 28.46
CA SER K 139 12.12 -10.70 28.26
C SER K 139 12.62 -10.09 29.57
N TYR K 140 13.90 -10.27 29.85
CA TYR K 140 14.49 -9.75 31.08
C TYR K 140 15.72 -8.87 30.82
N PRO K 141 15.59 -7.86 29.94
CA PRO K 141 16.74 -7.07 29.49
C PRO K 141 17.37 -6.19 30.59
N TRP K 142 16.57 -5.81 31.58
CA TRP K 142 17.08 -4.94 32.64
C TRP K 142 18.22 -5.59 33.41
N LEU K 143 18.28 -6.91 33.36
CA LEU K 143 19.33 -7.65 34.03
C LEU K 143 20.71 -7.19 33.56
N VAL K 144 20.77 -6.71 32.32
CA VAL K 144 22.03 -6.25 31.76
C VAL K 144 22.33 -4.83 32.21
N GLU K 145 21.28 -4.03 32.37
CA GLU K 145 21.42 -2.62 32.73
C GLU K 145 21.66 -2.40 34.21
N ASN K 146 21.51 -3.46 35.00
CA ASN K 146 21.63 -3.35 36.45
C ASN K 146 22.92 -3.95 36.96
N THR K 147 23.55 -3.27 37.91
CA THR K 147 24.84 -3.69 38.44
C THR K 147 24.75 -4.04 39.91
N LEU K 148 25.29 -5.20 40.28
CA LEU K 148 25.37 -5.56 41.69
C LEU K 148 26.45 -4.75 42.40
N ASP K 149 26.11 -4.22 43.58
CA ASP K 149 27.07 -3.46 44.37
C ASP K 149 27.70 -4.32 45.46
N GLY K 150 27.09 -5.49 45.71
CA GLY K 150 27.60 -6.43 46.69
C GLY K 150 27.47 -6.00 48.13
N LYS K 151 26.61 -5.01 48.36
CA LYS K 151 26.36 -4.46 49.69
C LYS K 151 25.95 -5.52 50.71
N ASP K 152 24.94 -6.31 50.36
CA ASP K 152 24.29 -7.20 51.33
C ASP K 152 24.76 -8.64 51.28
N THR K 153 25.61 -8.99 50.32
CA THR K 153 26.09 -10.36 50.16
C THR K 153 26.68 -10.94 51.45
N ALA K 154 27.54 -10.15 52.10
CA ALA K 154 28.10 -10.52 53.39
C ALA K 154 27.02 -10.91 54.40
N LYS K 155 26.05 -10.02 54.58
CA LYS K 155 24.93 -10.27 55.49
C LYS K 155 24.16 -11.54 55.12
N LYS K 156 23.84 -11.70 53.84
CA LYS K 156 23.10 -12.85 53.36
C LYS K 156 23.80 -14.14 53.73
N MET K 157 25.10 -14.20 53.44
CA MET K 157 25.89 -15.39 53.74
C MET K 157 26.02 -15.64 55.24
N SER K 158 26.22 -14.58 56.02
CA SER K 158 26.23 -14.72 57.47
C SER K 158 24.93 -15.36 57.98
N ALA K 159 23.82 -14.84 57.49
CA ALA K 159 22.49 -15.35 57.84
C ALA K 159 22.34 -16.83 57.48
N LEU K 160 22.74 -17.17 56.26
CA LEU K 160 22.60 -18.54 55.77
C LEU K 160 23.51 -19.48 56.56
N ARG K 161 24.68 -18.99 56.97
CA ARG K 161 25.57 -19.77 57.83
C ARG K 161 24.90 -20.05 59.16
N MET K 162 24.29 -19.01 59.72
CA MET K 162 23.48 -19.12 60.94
C MET K 162 22.40 -20.20 60.78
N LEU K 163 21.91 -20.37 59.56
CA LEU K 163 20.90 -21.39 59.26
C LEU K 163 21.49 -22.74 58.88
N GLY K 164 22.80 -22.88 58.98
CA GLY K 164 23.42 -24.18 58.74
C GLY K 164 24.35 -24.28 57.56
N VAL K 165 24.22 -23.38 56.60
CA VAL K 165 25.03 -23.42 55.37
C VAL K 165 26.50 -23.09 55.67
N PRO K 166 27.41 -24.02 55.40
CA PRO K 166 28.80 -23.90 55.85
C PRO K 166 29.64 -22.92 55.04
N TYR K 167 29.28 -21.64 55.10
CA TYR K 167 30.10 -20.59 54.52
C TYR K 167 31.36 -20.36 55.36
N THR K 168 32.51 -20.25 54.72
CA THR K 168 33.76 -20.01 55.43
C THR K 168 33.95 -18.53 55.73
N GLU K 169 34.83 -18.23 56.68
CA GLU K 169 35.20 -16.85 56.96
C GLU K 169 35.81 -16.22 55.72
N GLU K 170 36.56 -17.03 54.99
CA GLU K 170 37.14 -16.63 53.71
C GLU K 170 36.06 -16.24 52.72
N ASP K 171 34.98 -17.01 52.70
CA ASP K 171 33.84 -16.76 51.83
C ASP K 171 33.17 -15.42 52.12
N ILE K 172 32.85 -15.20 53.39
CA ILE K 172 32.16 -13.97 53.79
C ILE K 172 33.04 -12.74 53.60
N ALA K 173 34.25 -12.77 54.15
CA ALA K 173 35.24 -11.75 53.85
C ALA K 173 35.42 -11.66 52.34
N GLY K 174 35.22 -10.48 51.78
CA GLY K 174 35.37 -10.30 50.35
C GLY K 174 34.36 -11.08 49.50
N ALA K 175 33.19 -11.33 50.07
CA ALA K 175 32.05 -11.76 49.28
C ALA K 175 31.55 -10.57 48.47
N ARG K 176 31.79 -9.38 49.01
CA ARG K 176 31.44 -8.14 48.32
C ARG K 176 32.18 -8.00 46.99
N ASP K 177 33.50 -8.11 47.01
CA ASP K 177 34.28 -7.86 45.80
C ASP K 177 34.24 -9.02 44.82
N SER K 178 33.58 -10.11 45.20
CA SER K 178 33.31 -11.22 44.29
C SER K 178 32.12 -10.88 43.40
N VAL K 179 31.35 -9.89 43.85
CA VAL K 179 30.06 -9.59 43.28
C VAL K 179 30.00 -8.16 42.73
N ASN K 180 30.63 -7.24 43.45
CA ASN K 180 30.61 -5.83 43.09
C ASN K 180 31.03 -5.58 41.65
N GLY K 181 30.23 -4.81 40.92
CA GLY K 181 30.54 -4.46 39.55
C GLY K 181 29.98 -5.45 38.53
N LYS K 182 29.68 -6.66 38.97
CA LYS K 182 29.01 -7.64 38.12
C LYS K 182 27.58 -7.21 37.84
N THR K 183 27.06 -7.55 36.66
CA THR K 183 25.69 -7.21 36.32
C THR K 183 24.75 -8.28 36.84
N GLU K 184 23.49 -7.91 37.01
CA GLU K 184 22.48 -8.87 37.47
C GLU K 184 22.43 -10.05 36.51
N MET K 185 22.56 -9.76 35.23
CA MET K 185 22.57 -10.81 34.23
C MET K 185 23.73 -11.77 34.47
N ASP K 186 24.89 -11.20 34.82
CA ASP K 186 26.07 -12.00 35.17
C ASP K 186 25.73 -12.98 36.27
N ALA K 187 25.09 -12.47 37.32
CA ALA K 187 24.77 -13.26 38.50
C ALA K 187 23.76 -14.35 38.16
N MET K 188 22.74 -13.99 37.40
CA MET K 188 21.72 -14.93 37.00
C MET K 188 22.35 -16.08 36.22
N VAL K 189 23.23 -15.71 35.29
CA VAL K 189 23.91 -16.70 34.49
C VAL K 189 24.77 -17.59 35.38
N ALA K 190 25.46 -17.00 36.33
CA ALA K 190 26.29 -17.76 37.24
C ALA K 190 25.47 -18.79 38.02
N TYR K 191 24.31 -18.37 38.50
CA TYR K 191 23.40 -19.25 39.23
C TYR K 191 22.92 -20.40 38.37
N LEU K 192 22.36 -20.07 37.21
CA LEU K 192 21.84 -21.08 36.31
C LEU K 192 22.90 -22.12 35.96
N GLN K 193 24.15 -21.68 35.86
CA GLN K 193 25.22 -22.56 35.43
C GLN K 193 25.72 -23.51 36.52
N VAL K 194 25.22 -23.35 37.75
CA VAL K 194 25.67 -24.22 38.82
C VAL K 194 24.61 -25.28 39.14
N LEU K 195 23.39 -25.03 38.68
CA LEU K 195 22.26 -25.92 38.96
C LEU K 195 22.47 -27.38 38.53
N GLY K 196 22.47 -28.27 39.52
CA GLY K 196 22.55 -29.70 39.26
C GLY K 196 23.93 -30.21 38.95
N THR K 197 24.91 -29.32 38.90
CA THR K 197 26.29 -29.70 38.64
C THR K 197 26.86 -30.51 39.80
N ALA K 198 26.43 -30.19 41.01
CA ALA K 198 26.95 -30.81 42.22
C ALA K 198 26.89 -32.34 42.19
N LEU K 199 25.81 -32.88 41.66
CA LEU K 199 25.62 -34.33 41.60
C LEU K 199 26.49 -34.97 40.51
N THR K 200 26.42 -34.43 39.30
CA THR K 200 27.00 -35.11 38.15
C THR K 200 28.51 -34.95 38.02
N ASN K 201 29.18 -34.46 39.07
CA ASN K 201 30.63 -34.42 39.06
C ASN K 201 31.26 -34.79 40.40
N LYS K 202 30.43 -35.27 41.32
CA LYS K 202 30.89 -35.69 42.65
C LYS K 202 31.88 -36.85 42.57
N MET L 1 16.08 -42.78 58.78
CA MET L 1 15.15 -42.69 59.90
C MET L 1 15.51 -43.65 61.07
N SER L 2 15.56 -43.07 62.27
CA SER L 2 15.74 -43.77 63.55
C SER L 2 14.49 -44.60 63.81
N THR L 3 14.64 -45.71 64.53
CA THR L 3 13.53 -46.61 64.82
C THR L 3 12.42 -45.83 65.54
N PHE L 4 12.82 -44.94 66.45
CA PHE L 4 11.88 -44.12 67.23
C PHE L 4 10.88 -43.32 66.38
N TRP L 5 11.41 -42.68 65.34
CA TRP L 5 10.64 -41.86 64.42
C TRP L 5 9.72 -42.80 63.66
N SER L 6 10.23 -43.97 63.32
CA SER L 6 9.49 -44.97 62.61
C SER L 6 8.24 -45.42 63.40
N GLY L 7 8.49 -45.65 64.68
CA GLY L 7 7.53 -46.09 65.66
C GLY L 7 6.52 -44.98 65.77
N TYR L 8 7.04 -43.77 65.77
CA TYR L 8 6.32 -42.53 65.94
C TYR L 8 5.33 -42.40 64.78
N ILE L 9 5.76 -42.66 63.56
CA ILE L 9 4.88 -42.53 62.41
C ILE L 9 3.77 -43.53 62.56
N ALA L 10 4.12 -44.77 62.92
CA ALA L 10 3.09 -45.78 63.00
C ALA L 10 2.12 -45.39 64.10
N LEU L 11 2.63 -44.93 65.23
CA LEU L 11 1.75 -44.63 66.36
C LEU L 11 0.80 -43.50 66.00
N LEU L 12 1.30 -42.42 65.40
CA LEU L 12 0.36 -41.33 65.15
C LEU L 12 -0.62 -41.66 64.05
N THR L 13 -0.12 -42.29 62.98
CA THR L 13 -0.97 -42.61 61.84
C THR L 13 -2.06 -43.57 62.24
N LEU L 14 -1.65 -44.62 62.95
CA LEU L 14 -2.56 -45.67 63.39
C LEU L 14 -3.53 -45.11 64.40
N GLY L 15 -3.02 -44.27 65.29
CA GLY L 15 -3.85 -43.70 66.35
C GLY L 15 -4.92 -42.88 65.66
N THR L 16 -4.50 -42.15 64.63
CA THR L 16 -5.40 -41.32 63.87
C THR L 16 -6.48 -42.15 63.16
N ILE L 17 -6.07 -43.26 62.56
CA ILE L 17 -6.99 -44.18 61.86
C ILE L 17 -8.02 -44.80 62.82
N VAL L 18 -7.51 -45.20 63.98
CA VAL L 18 -8.29 -45.84 65.02
C VAL L 18 -9.32 -44.81 65.38
N ALA L 19 -8.85 -43.57 65.53
CA ALA L 19 -9.73 -42.50 65.95
C ALA L 19 -10.81 -42.37 64.87
N LEU L 20 -10.47 -42.49 63.59
CA LEU L 20 -11.51 -42.35 62.55
C LEU L 20 -12.61 -43.44 62.64
N PHE L 21 -12.23 -44.71 62.83
CA PHE L 21 -13.26 -45.79 62.93
C PHE L 21 -14.09 -45.49 64.16
N TRP L 22 -13.41 -45.09 65.22
CA TRP L 22 -14.09 -44.82 66.46
C TRP L 22 -15.11 -43.68 66.30
N LEU L 23 -14.72 -42.64 65.57
CA LEU L 23 -15.53 -41.46 65.35
C LEU L 23 -16.78 -41.83 64.58
N ILE L 24 -16.56 -42.62 63.56
CA ILE L 24 -17.62 -43.01 62.67
C ILE L 24 -18.66 -43.86 63.45
N PHE L 25 -18.18 -44.80 64.26
CA PHE L 25 -19.07 -45.68 65.02
C PHE L 25 -19.84 -44.82 66.03
N ALA L 26 -19.15 -43.90 66.71
CA ALA L 26 -19.73 -43.05 67.75
C ALA L 26 -20.84 -42.23 67.09
N THR L 27 -20.59 -41.87 65.84
CA THR L 27 -21.56 -41.18 65.02
C THR L 27 -22.73 -42.09 64.84
N ARG L 28 -22.50 -43.39 64.85
CA ARG L 28 -23.61 -44.22 64.49
C ARG L 28 -24.59 -44.45 65.67
N LYS L 29 -24.30 -43.94 66.86
CA LYS L 29 -25.07 -44.37 68.03
C LYS L 29 -26.60 -44.12 67.97
N GLY L 30 -27.06 -42.94 67.54
CA GLY L 30 -28.51 -42.74 67.50
C GLY L 30 -28.89 -43.01 66.06
N GLU L 31 -28.50 -44.15 65.49
CA GLU L 31 -28.77 -44.19 64.09
C GLU L 31 -30.25 -44.45 63.89
N SER L 32 -30.95 -43.47 63.33
CA SER L 32 -32.38 -43.59 63.05
C SER L 32 -32.81 -44.66 62.06
N ALA L 33 -32.02 -44.80 60.99
CA ALA L 33 -32.31 -45.74 59.90
C ALA L 33 -33.56 -45.27 59.13
N GLY L 34 -34.00 -44.04 59.35
CA GLY L 34 -35.16 -43.51 58.63
C GLY L 34 -35.18 -42.05 58.23
N THR L 35 -36.02 -41.74 57.19
CA THR L 35 -36.09 -40.38 56.62
C THR L 35 -36.43 -39.33 57.69
N THR L 36 -37.35 -39.69 58.58
CA THR L 36 -37.54 -38.94 59.83
C THR L 36 -38.24 -37.55 59.59
N ASP L 37 -37.64 -36.67 58.78
CA ASP L 37 -38.11 -35.30 58.46
C ASP L 37 -38.10 -34.31 59.61
N GLN L 38 -39.22 -34.20 60.34
CA GLN L 38 -39.45 -33.31 61.50
C GLN L 38 -38.29 -32.39 61.87
N THR L 39 -37.91 -32.30 63.14
CA THR L 39 -36.85 -31.37 63.54
C THR L 39 -36.14 -31.99 64.75
N MET L 40 -34.89 -31.63 65.05
CA MET L 40 -34.28 -32.08 66.31
C MET L 40 -34.29 -30.79 67.12
N GLY L 41 -34.15 -30.83 68.43
CA GLY L 41 -34.28 -29.55 69.11
C GLY L 41 -33.23 -28.48 68.91
N HIS L 42 -33.77 -27.25 68.84
CA HIS L 42 -33.07 -25.98 68.63
C HIS L 42 -33.09 -25.48 67.20
N ALA L 43 -33.29 -24.18 67.09
CA ALA L 43 -33.34 -23.48 65.82
C ALA L 43 -32.23 -22.45 66.01
N PHE L 44 -31.37 -22.30 65.00
CA PHE L 44 -30.26 -21.34 65.04
C PHE L 44 -30.35 -20.19 64.08
N ASP L 45 -30.30 -18.98 64.65
CA ASP L 45 -30.42 -17.76 63.91
C ASP L 45 -31.69 -18.01 63.12
N GLY L 46 -31.79 -17.82 61.81
CA GLY L 46 -33.02 -18.33 61.20
C GLY L 46 -33.17 -19.87 61.24
N ILE L 47 -32.02 -20.53 61.06
CA ILE L 47 -31.89 -21.95 60.68
C ILE L 47 -31.86 -23.00 61.84
N GLU L 48 -32.49 -24.15 61.66
CA GLU L 48 -32.46 -25.21 62.68
C GLU L 48 -32.23 -26.56 62.06
N GLU L 49 -31.74 -27.56 62.78
CA GLU L 49 -31.43 -28.78 62.05
C GLU L 49 -32.11 -30.03 62.50
N TYR L 50 -32.70 -30.65 61.49
CA TYR L 50 -33.31 -31.95 61.52
C TYR L 50 -32.17 -32.91 61.77
N ASP L 51 -32.42 -33.89 62.60
CA ASP L 51 -31.52 -34.99 62.91
C ASP L 51 -31.55 -36.21 62.02
N ASN L 52 -30.71 -36.24 61.00
CA ASN L 52 -30.79 -37.36 60.10
C ASN L 52 -29.64 -38.31 60.23
N PRO L 53 -29.87 -39.54 59.77
CA PRO L 53 -28.77 -40.48 59.86
C PRO L 53 -27.87 -40.25 58.68
N LEU L 54 -26.62 -40.65 58.85
CA LEU L 54 -25.65 -40.55 57.81
C LEU L 54 -26.05 -41.43 56.65
N PRO L 55 -25.90 -40.90 55.43
CA PRO L 55 -26.26 -41.73 54.29
C PRO L 55 -25.45 -43.00 54.20
N ARG L 56 -26.13 -44.10 53.91
CA ARG L 56 -25.50 -45.40 53.93
C ARG L 56 -24.37 -45.63 52.90
N TRP L 57 -24.62 -45.17 51.68
CA TRP L 57 -23.70 -45.34 50.56
C TRP L 57 -22.42 -44.60 50.89
N TRP L 58 -22.62 -43.40 51.44
CA TRP L 58 -21.58 -42.48 51.85
C TRP L 58 -20.75 -43.06 52.93
N PHE L 59 -21.48 -43.73 53.79
CA PHE L 59 -20.90 -44.40 54.89
C PHE L 59 -19.96 -45.43 54.29
N LEU L 60 -20.45 -46.10 53.25
CA LEU L 60 -19.74 -47.17 52.56
C LEU L 60 -18.48 -46.71 51.88
N LEU L 61 -18.58 -45.57 51.23
CA LEU L 61 -17.47 -45.02 50.49
C LEU L 61 -16.41 -44.74 51.53
N PHE L 62 -16.82 -44.15 52.66
CA PHE L 62 -15.87 -43.77 53.68
C PHE L 62 -15.22 -45.09 54.15
N ILE L 63 -16.02 -46.13 54.38
CA ILE L 63 -15.47 -47.40 54.86
C ILE L 63 -14.52 -48.09 53.89
N GLY L 64 -14.88 -48.07 52.61
CA GLY L 64 -14.10 -48.72 51.57
C GLY L 64 -12.77 -48.04 51.53
N THR L 65 -12.80 -46.72 51.67
CA THR L 65 -11.60 -45.87 51.67
C THR L 65 -10.72 -46.21 52.85
N LEU L 66 -11.31 -46.39 54.04
CA LEU L 66 -10.48 -46.65 55.21
C LEU L 66 -9.75 -47.94 54.92
N VAL L 67 -10.50 -48.86 54.34
CA VAL L 67 -9.95 -50.15 54.01
C VAL L 67 -8.82 -49.90 53.03
N PHE L 68 -9.07 -49.02 52.05
CA PHE L 68 -8.12 -48.70 50.98
C PHE L 68 -6.83 -48.05 51.45
N GLY L 69 -6.94 -47.12 52.39
CA GLY L 69 -5.78 -46.42 52.89
C GLY L 69 -4.95 -47.50 53.51
N ILE L 70 -5.61 -48.38 54.26
CA ILE L 70 -4.84 -49.45 54.89
C ILE L 70 -4.17 -50.40 53.88
N LEU L 71 -4.88 -50.80 52.82
CA LEU L 71 -4.29 -51.76 51.86
C LEU L 71 -3.08 -51.16 51.17
N TYR L 72 -3.23 -49.90 50.77
CA TYR L 72 -2.17 -49.21 50.06
C TYR L 72 -0.96 -49.06 50.93
N LEU L 73 -1.24 -48.71 52.18
CA LEU L 73 -0.25 -48.45 53.19
C LEU L 73 0.57 -49.74 53.51
N VAL L 74 -0.13 -50.86 53.60
CA VAL L 74 0.44 -52.19 53.90
C VAL L 74 1.36 -52.63 52.78
N LEU L 75 0.85 -52.38 51.59
CA LEU L 75 1.47 -52.69 50.34
C LEU L 75 2.77 -51.87 50.11
N TYR L 76 2.78 -50.61 50.56
CA TYR L 76 3.81 -49.62 50.15
C TYR L 76 4.44 -48.95 51.42
N PRO L 77 5.67 -48.40 51.32
CA PRO L 77 6.33 -47.80 52.49
C PRO L 77 5.62 -46.56 52.98
N GLY L 78 5.84 -46.19 54.24
CA GLY L 78 5.05 -45.11 54.80
C GLY L 78 5.10 -45.14 56.30
N LEU L 79 4.61 -46.25 56.84
CA LEU L 79 4.53 -46.39 58.27
C LEU L 79 5.92 -46.66 58.70
N GLY L 80 6.43 -45.73 59.47
CA GLY L 80 7.72 -45.89 60.07
C GLY L 80 8.78 -46.16 59.04
N ASN L 81 9.67 -47.08 59.41
CA ASN L 81 10.70 -47.53 58.51
C ASN L 81 10.21 -48.77 57.82
N TRP L 82 8.95 -49.11 58.09
CA TRP L 82 8.39 -50.35 57.59
C TRP L 82 8.43 -50.28 56.08
N LYS L 83 8.86 -51.36 55.45
CA LYS L 83 8.88 -51.45 54.01
C LYS L 83 7.67 -52.11 53.40
N GLY L 84 7.34 -51.70 52.18
CA GLY L 84 6.18 -52.27 51.52
C GLY L 84 6.47 -53.75 51.32
N VAL L 85 5.44 -54.58 51.46
CA VAL L 85 5.51 -56.02 51.26
C VAL L 85 5.07 -56.41 49.85
N LEU L 86 4.82 -55.43 48.99
CA LEU L 86 4.21 -55.73 47.70
C LEU L 86 5.07 -56.64 46.87
N PRO L 87 4.39 -57.53 46.11
CA PRO L 87 5.17 -58.51 45.37
C PRO L 87 5.84 -57.87 44.18
N GLY L 88 6.94 -58.51 43.84
CA GLY L 88 7.70 -58.24 42.66
C GLY L 88 8.75 -57.22 43.06
N TYR L 89 8.69 -56.65 44.27
CA TYR L 89 9.79 -55.77 44.64
C TYR L 89 10.57 -56.22 45.87
N GLU L 90 11.86 -56.49 45.67
CA GLU L 90 12.73 -57.00 46.73
C GLU L 90 13.22 -55.92 47.70
N GLY L 91 13.28 -56.19 49.00
CA GLY L 91 13.78 -55.16 49.89
C GLY L 91 12.82 -54.01 50.04
N GLY L 92 11.55 -54.27 49.73
CA GLY L 92 10.52 -53.25 49.79
C GLY L 92 10.38 -52.50 48.47
N TRP L 93 9.53 -51.49 48.47
CA TRP L 93 9.23 -50.73 47.26
C TRP L 93 9.65 -49.31 47.56
N THR L 94 10.40 -48.70 46.65
CA THR L 94 10.83 -47.30 46.77
C THR L 94 10.70 -46.65 45.41
N GLN L 95 10.60 -45.32 45.38
CA GLN L 95 10.41 -44.58 44.14
C GLN L 95 11.58 -44.82 43.19
N GLU L 96 12.77 -44.87 43.77
CA GLU L 96 14.01 -45.06 43.05
C GLU L 96 14.05 -46.40 42.32
N LYS L 97 13.59 -47.42 43.04
CA LYS L 97 13.58 -48.79 42.58
C LYS L 97 12.75 -48.93 41.34
N GLN L 98 11.59 -48.26 41.33
CA GLN L 98 10.70 -48.36 40.18
C GLN L 98 11.49 -47.80 39.01
N TRP L 99 12.21 -46.71 39.23
CA TRP L 99 12.94 -46.11 38.11
C TRP L 99 14.01 -46.99 37.55
N GLU L 100 14.77 -47.60 38.44
CA GLU L 100 15.86 -48.47 38.06
C GLU L 100 15.36 -49.65 37.24
N ARG L 101 14.23 -50.17 37.72
CA ARG L 101 13.54 -51.29 37.11
C ARG L 101 13.12 -50.82 35.70
N GLU L 102 12.59 -49.59 35.65
CA GLU L 102 12.05 -49.01 34.41
C GLU L 102 13.09 -48.80 33.34
N VAL L 103 14.25 -48.31 33.80
CA VAL L 103 15.41 -48.01 32.97
C VAL L 103 15.92 -49.30 32.41
N ALA L 104 16.00 -50.29 33.30
CA ALA L 104 16.59 -51.58 33.00
C ALA L 104 15.77 -52.23 31.90
N GLN L 105 14.46 -52.13 32.03
CA GLN L 105 13.55 -52.75 31.07
C GLN L 105 13.79 -52.10 29.71
N ALA L 106 13.94 -50.79 29.72
CA ALA L 106 14.15 -49.98 28.53
C ALA L 106 15.47 -50.42 27.92
N ASP L 107 16.48 -50.61 28.74
CA ASP L 107 17.81 -50.99 28.29
C ASP L 107 17.69 -52.32 27.60
N GLU L 108 16.94 -53.24 28.18
CA GLU L 108 16.79 -54.53 27.52
C GLU L 108 16.06 -54.32 26.19
N LYS L 109 14.99 -53.53 26.22
CA LYS L 109 14.15 -53.27 25.04
C LYS L 109 14.84 -52.53 23.87
N TYR L 110 15.55 -51.46 24.24
CA TYR L 110 16.18 -50.53 23.31
C TYR L 110 17.67 -50.70 23.16
N GLY L 111 18.23 -51.55 24.03
CA GLY L 111 19.67 -51.68 24.14
C GLY L 111 20.21 -52.23 22.84
N PRO L 112 19.49 -53.22 22.28
CA PRO L 112 19.91 -53.84 21.02
C PRO L 112 19.92 -52.80 19.93
N ILE L 113 18.92 -51.92 19.96
CA ILE L 113 18.76 -50.94 18.92
C ILE L 113 19.97 -50.06 18.88
N PHE L 114 20.43 -49.65 20.07
CA PHE L 114 21.63 -48.85 20.25
C PHE L 114 22.88 -49.57 19.80
N ALA L 115 22.97 -50.84 20.18
CA ALA L 115 24.15 -51.64 19.90
C ALA L 115 24.35 -51.80 18.40
N LYS L 116 23.25 -52.01 17.68
CA LYS L 116 23.35 -52.28 16.26
C LYS L 116 23.94 -51.06 15.60
N TYR L 117 23.43 -49.89 15.97
CA TYR L 117 23.91 -48.65 15.39
C TYR L 117 25.35 -48.40 15.81
N ALA L 118 25.65 -48.73 17.06
CA ALA L 118 26.95 -48.44 17.64
C ALA L 118 27.99 -49.17 16.80
N ALA L 119 27.68 -50.40 16.41
CA ALA L 119 28.61 -51.17 15.61
C ALA L 119 28.84 -50.44 14.29
N MET L 120 27.77 -49.87 13.75
CA MET L 120 27.87 -49.19 12.46
C MET L 120 28.69 -47.91 12.51
N SER L 121 29.35 -47.63 11.41
CA SER L 121 30.14 -46.42 11.20
C SER L 121 29.14 -45.27 11.09
N VAL L 122 29.55 -44.06 11.43
CA VAL L 122 28.64 -42.91 11.45
C VAL L 122 28.02 -42.67 10.06
N GLU L 123 28.84 -42.76 9.02
CA GLU L 123 28.34 -42.58 7.66
C GLU L 123 27.30 -43.66 7.30
N GLU L 124 27.57 -44.89 7.72
CA GLU L 124 26.65 -45.99 7.46
C GLU L 124 25.33 -45.73 8.17
N VAL L 125 25.40 -45.23 9.40
CA VAL L 125 24.17 -45.00 10.14
C VAL L 125 23.36 -43.94 9.41
N ALA L 126 24.04 -42.95 8.84
CA ALA L 126 23.32 -41.88 8.14
C ALA L 126 22.54 -42.50 6.99
N GLN L 127 23.11 -43.56 6.40
CA GLN L 127 22.49 -44.19 5.24
C GLN L 127 21.12 -44.78 5.58
N ASP L 128 21.02 -45.36 6.77
CA ASP L 128 19.81 -46.03 7.25
C ASP L 128 18.80 -44.92 7.56
N PRO L 129 17.63 -44.95 6.89
CA PRO L 129 16.58 -43.96 7.15
C PRO L 129 16.05 -44.05 8.57
N GLN L 130 15.97 -45.26 9.10
CA GLN L 130 15.36 -45.44 10.41
C GLN L 130 16.18 -44.71 11.46
N ALA L 131 17.49 -44.82 11.33
CA ALA L 131 18.41 -44.20 12.24
C ALA L 131 18.26 -42.69 12.16
N VAL L 132 18.10 -42.17 10.96
CA VAL L 132 18.01 -40.73 10.76
C VAL L 132 16.78 -40.26 11.51
N LYS L 133 15.68 -40.99 11.38
CA LYS L 133 14.45 -40.57 12.04
C LYS L 133 14.68 -40.56 13.57
N MET L 134 15.44 -41.54 14.04
CA MET L 134 15.84 -41.60 15.46
C MET L 134 16.68 -40.39 15.89
N GLY L 135 17.62 -40.05 15.02
CA GLY L 135 18.53 -38.95 15.23
C GLY L 135 17.79 -37.64 15.29
N ALA L 136 16.84 -37.47 14.38
CA ALA L 136 16.05 -36.25 14.31
C ALA L 136 15.29 -36.11 15.60
N ARG L 137 14.80 -37.25 16.08
CA ARG L 137 14.02 -37.23 17.30
C ARG L 137 14.91 -36.75 18.43
N LEU L 138 16.14 -37.23 18.46
CA LEU L 138 17.10 -36.82 19.50
C LEU L 138 17.44 -35.34 19.39
N PHE L 139 17.58 -34.88 18.15
CA PHE L 139 18.04 -33.55 17.81
C PHE L 139 17.03 -32.58 18.39
N ALA L 140 15.75 -32.86 18.20
CA ALA L 140 14.75 -31.89 18.61
C ALA L 140 14.80 -31.71 20.13
N ASN L 141 14.96 -32.81 20.85
CA ASN L 141 15.02 -32.78 22.31
C ASN L 141 16.24 -32.06 22.90
N TYR L 142 17.41 -32.32 22.32
CA TYR L 142 18.64 -31.81 22.93
C TYR L 142 19.35 -30.74 22.13
N CYS L 143 19.06 -30.68 20.84
CA CYS L 143 19.83 -29.81 19.96
C CYS L 143 19.04 -28.68 19.33
N SER L 144 17.71 -28.77 19.37
CA SER L 144 16.87 -27.84 18.63
C SER L 144 16.98 -26.41 19.08
N ILE L 145 17.13 -26.20 20.39
CA ILE L 145 17.01 -24.86 20.94
C ILE L 145 18.06 -23.87 20.43
N CYS L 146 19.30 -24.32 20.21
CA CYS L 146 20.36 -23.41 19.73
C CYS L 146 20.37 -23.38 18.22
N HIS L 147 20.36 -24.57 17.63
CA HIS L 147 20.58 -24.71 16.20
C HIS L 147 19.28 -24.66 15.44
N GLY L 148 18.20 -24.36 16.13
CA GLY L 148 16.91 -24.29 15.47
C GLY L 148 16.23 -25.65 15.31
N SER L 149 14.90 -25.66 15.32
CA SER L 149 14.16 -26.89 15.07
C SER L 149 14.42 -27.42 13.66
N ASP L 150 14.83 -26.54 12.76
CA ASP L 150 15.14 -26.95 11.39
C ASP L 150 16.62 -27.24 11.18
N ALA L 151 17.40 -27.13 12.26
CA ALA L 151 18.85 -27.31 12.24
C ALA L 151 19.57 -26.30 11.37
N LYS L 152 18.88 -25.23 11.01
CA LYS L 152 19.46 -24.24 10.10
C LYS L 152 19.98 -23.02 10.85
N GLY L 153 20.00 -23.14 12.18
CA GLY L 153 20.64 -22.16 13.03
C GLY L 153 20.06 -20.77 13.03
N SER L 154 20.79 -19.87 13.68
CA SER L 154 20.44 -18.45 13.76
C SER L 154 21.71 -17.65 14.09
N LEU L 155 21.56 -16.35 14.23
CA LEU L 155 22.70 -15.49 14.54
C LEU L 155 23.42 -15.97 15.78
N GLY L 156 24.67 -16.41 15.61
CA GLY L 156 25.44 -16.94 16.71
C GLY L 156 25.55 -18.45 16.68
N PHE L 157 24.69 -19.07 15.88
CA PHE L 157 24.56 -20.52 15.90
C PHE L 157 24.52 -21.14 14.51
N PRO L 158 25.48 -22.03 14.24
CA PRO L 158 25.71 -22.64 12.92
C PRO L 158 24.48 -23.32 12.34
N ASN L 159 24.35 -23.19 11.04
CA ASN L 159 23.39 -23.95 10.26
C ASN L 159 24.03 -25.33 10.00
N LEU L 160 23.45 -26.38 10.58
CA LEU L 160 24.02 -27.71 10.45
C LEU L 160 23.52 -28.41 9.19
N ALA L 161 22.50 -27.83 8.57
CA ALA L 161 21.87 -28.40 7.38
C ALA L 161 22.67 -28.10 6.09
N ASP L 162 23.36 -26.96 6.05
CA ASP L 162 24.09 -26.57 4.84
C ASP L 162 25.40 -27.36 4.64
N GLN L 163 26.18 -26.94 3.65
CA GLN L 163 27.42 -27.63 3.30
C GLN L 163 28.65 -26.92 3.88
N ASP L 164 28.42 -25.90 4.70
CA ASP L 164 29.51 -25.14 5.31
C ASP L 164 29.78 -25.61 6.74
N TRP L 165 31.01 -26.07 6.97
CA TRP L 165 31.44 -26.54 8.27
C TRP L 165 32.63 -25.73 8.77
N ARG L 166 32.57 -25.30 10.03
CA ARG L 166 33.64 -24.50 10.62
C ARG L 166 34.77 -25.40 11.09
N TRP L 167 34.37 -26.52 11.71
CA TRP L 167 35.33 -27.46 12.26
C TRP L 167 35.52 -28.69 11.38
N GLY L 168 34.98 -28.65 10.18
CA GLY L 168 35.06 -29.81 9.30
C GLY L 168 33.77 -30.59 9.29
N GLY L 169 33.47 -31.20 8.14
CA GLY L 169 32.19 -31.84 7.94
C GLY L 169 32.24 -33.33 7.67
N ASP L 170 33.39 -33.94 7.93
CA ASP L 170 33.46 -35.38 7.90
C ASP L 170 32.77 -35.92 9.14
N ALA L 171 32.38 -37.18 9.08
CA ALA L 171 31.72 -37.86 10.19
C ALA L 171 32.51 -37.67 11.48
N ALA L 172 33.80 -37.97 11.43
CA ALA L 172 34.65 -37.94 12.62
C ALA L 172 34.69 -36.57 13.25
N SER L 173 34.81 -35.54 12.40
CA SER L 173 34.82 -34.15 12.88
C SER L 173 33.52 -33.76 13.56
N ILE L 174 32.41 -34.08 12.91
CA ILE L 174 31.08 -33.77 13.45
C ILE L 174 30.87 -34.47 14.80
N LYS L 175 31.16 -35.76 14.81
CA LYS L 175 31.05 -36.54 16.04
C LYS L 175 31.92 -35.94 17.12
N THR L 176 33.12 -35.50 16.76
CA THR L 176 33.98 -34.85 17.75
C THR L 176 33.36 -33.58 18.28
N SER L 177 32.81 -32.76 17.38
CA SER L 177 32.15 -31.53 17.78
C SER L 177 31.10 -31.80 18.82
N ILE L 178 30.30 -32.84 18.60
CA ILE L 178 29.19 -33.11 19.50
C ILE L 178 29.66 -33.73 20.81
N LEU L 179 30.59 -34.68 20.67
CA LEU L 179 31.07 -35.47 21.79
C LEU L 179 31.89 -34.63 22.75
N ASN L 180 32.90 -33.95 22.23
CA ASN L 180 33.84 -33.22 23.05
C ASN L 180 33.54 -31.74 23.15
N GLY L 181 32.57 -31.29 22.39
CA GLY L 181 32.24 -29.88 22.33
C GLY L 181 33.27 -29.09 21.55
N ARG L 182 33.06 -27.79 21.46
CA ARG L 182 33.96 -26.93 20.71
C ARG L 182 33.91 -25.51 21.26
N ILE L 183 35.08 -24.90 21.43
CA ILE L 183 35.14 -23.46 21.71
C ILE L 183 36.02 -22.80 20.69
N ALA L 184 35.48 -21.82 19.99
CA ALA L 184 36.26 -21.05 19.02
C ALA L 184 36.89 -19.82 19.67
N ALA L 185 37.95 -19.30 19.06
CA ALA L 185 38.56 -18.12 19.60
C ALA L 185 39.05 -17.16 18.53
N MET L 186 38.16 -16.26 18.09
CA MET L 186 38.54 -15.06 17.33
C MET L 186 39.06 -14.09 18.35
N PRO L 187 40.34 -13.75 18.28
CA PRO L 187 40.81 -12.75 19.24
C PRO L 187 40.31 -11.36 18.82
N ALA L 188 40.39 -10.41 19.73
CA ALA L 188 39.93 -9.07 19.45
C ALA L 188 41.04 -8.26 18.81
N TRP L 189 40.74 -7.56 17.71
CA TRP L 189 41.79 -6.79 17.06
C TRP L 189 41.68 -5.28 17.24
N GLY L 190 40.57 -4.81 17.78
CA GLY L 190 40.36 -3.41 18.08
C GLY L 190 41.62 -2.66 18.49
N GLN L 191 42.18 -3.03 19.64
CA GLN L 191 43.36 -2.35 20.16
C GLN L 191 44.61 -2.59 19.33
N ALA L 192 44.81 -3.85 18.95
CA ALA L 192 46.01 -4.25 18.23
C ALA L 192 46.17 -3.58 16.87
N ILE L 193 45.03 -3.35 16.21
CA ILE L 193 44.97 -3.08 14.79
C ILE L 193 44.53 -1.64 14.49
N GLY L 194 43.94 -0.98 15.49
CA GLY L 194 43.43 0.36 15.32
C GLY L 194 42.04 0.32 14.73
N GLU L 195 41.23 1.31 15.07
CA GLU L 195 39.86 1.39 14.58
C GLU L 195 39.79 1.43 13.06
N GLU L 196 40.63 2.25 12.46
CA GLU L 196 40.71 2.32 11.01
C GLU L 196 41.14 0.98 10.43
N GLY L 197 42.03 0.29 11.13
CA GLY L 197 42.45 -1.03 10.72
C GLY L 197 41.25 -1.95 10.68
N VAL L 198 40.43 -1.91 11.74
CA VAL L 198 39.22 -2.70 11.80
C VAL L 198 38.32 -2.41 10.61
N LYS L 199 38.02 -1.12 10.39
CA LYS L 199 37.17 -0.72 9.26
C LYS L 199 37.70 -1.25 7.93
N ASN L 200 39.02 -1.18 7.76
CA ASN L 200 39.62 -1.61 6.51
C ASN L 200 39.57 -3.11 6.28
N VAL L 201 40.01 -3.93 7.24
CA VAL L 201 39.88 -5.38 7.02
C VAL L 201 38.44 -5.76 6.86
N ALA L 202 37.56 -5.10 7.60
CA ALA L 202 36.15 -5.43 7.48
C ALA L 202 35.70 -5.26 6.05
N ALA L 203 35.96 -4.07 5.50
CA ALA L 203 35.62 -3.80 4.10
C ALA L 203 36.27 -4.80 3.15
N PHE L 204 37.56 -5.07 3.33
CA PHE L 204 38.29 -6.03 2.50
C PHE L 204 37.67 -7.45 2.52
N VAL L 205 37.36 -7.94 3.71
CA VAL L 205 36.75 -9.25 3.90
C VAL L 205 35.38 -9.28 3.23
N ARG L 206 34.59 -8.23 3.43
CA ARG L 206 33.26 -8.20 2.85
C ARG L 206 33.30 -8.15 1.31
N LYS L 207 34.03 -7.18 0.76
CA LYS L 207 34.08 -7.02 -0.69
C LYS L 207 34.99 -8.03 -1.37
N ASP L 208 36.28 -7.98 -1.06
CA ASP L 208 37.30 -8.73 -1.80
C ASP L 208 37.30 -10.22 -1.50
N LEU L 209 37.05 -10.61 -0.25
CA LEU L 209 37.01 -12.03 0.05
C LEU L 209 35.61 -12.61 -0.18
N ALA L 210 34.60 -11.99 0.44
CA ALA L 210 33.26 -12.58 0.44
C ALA L 210 32.45 -12.17 -0.77
N GLY L 211 32.97 -11.25 -1.58
CA GLY L 211 32.31 -10.83 -2.80
C GLY L 211 30.98 -10.14 -2.60
N LEU L 212 30.87 -9.42 -1.50
CA LEU L 212 29.69 -8.64 -1.16
C LEU L 212 29.93 -7.17 -1.38
N PRO L 213 28.92 -6.43 -1.83
CA PRO L 213 29.21 -5.04 -2.13
C PRO L 213 29.22 -4.16 -0.88
N LEU L 214 29.98 -3.08 -0.95
CA LEU L 214 30.11 -2.14 0.15
C LEU L 214 29.01 -1.09 0.08
N PRO L 215 28.58 -0.59 1.24
CA PRO L 215 27.56 0.45 1.31
C PRO L 215 28.04 1.68 0.60
N GLU L 216 27.14 2.39 -0.08
CA GLU L 216 27.56 3.50 -0.91
C GLU L 216 28.30 4.51 -0.07
N GLY L 217 29.39 5.02 -0.62
CA GLY L 217 30.29 5.91 0.08
C GLY L 217 30.74 5.47 1.45
N THR L 218 31.56 4.42 1.48
CA THR L 218 32.27 4.06 2.70
C THR L 218 33.73 3.95 2.33
N ASP L 219 34.42 5.09 2.34
CA ASP L 219 35.78 5.13 1.86
C ASP L 219 36.72 4.42 2.82
N ALA L 220 36.74 3.09 2.76
CA ALA L 220 37.74 2.33 3.49
C ALA L 220 38.91 2.04 2.57
N ASP L 221 40.11 2.00 3.14
CA ASP L 221 41.29 1.69 2.35
C ASP L 221 41.38 0.18 2.19
N LEU L 222 40.89 -0.31 1.06
CA LEU L 222 40.85 -1.75 0.79
C LEU L 222 42.23 -2.36 0.60
N SER L 223 43.19 -1.57 0.14
CA SER L 223 44.56 -2.06 0.02
C SER L 223 45.13 -2.29 1.41
N ALA L 224 44.90 -1.32 2.28
CA ALA L 224 45.28 -1.42 3.69
C ALA L 224 44.63 -2.63 4.29
N GLY L 225 43.32 -2.75 4.10
CA GLY L 225 42.57 -3.91 4.54
C GLY L 225 43.22 -5.21 4.11
N LYS L 226 43.55 -5.30 2.82
CA LYS L 226 44.22 -6.45 2.25
C LYS L 226 45.51 -6.78 2.99
N ASN L 227 46.33 -5.76 3.21
CA ASN L 227 47.60 -5.95 3.88
C ASN L 227 47.42 -6.42 5.32
N VAL L 228 46.46 -5.81 6.00
CA VAL L 228 46.12 -6.19 7.35
C VAL L 228 45.74 -7.64 7.40
N TYR L 229 44.92 -8.06 6.45
CA TYR L 229 44.45 -9.43 6.40
C TYR L 229 45.64 -10.36 6.26
N ALA L 230 46.53 -10.02 5.33
CA ALA L 230 47.68 -10.88 5.08
C ALA L 230 48.58 -10.96 6.29
N GLN L 231 48.67 -9.88 7.04
CA GLN L 231 49.56 -9.83 8.21
C GLN L 231 49.03 -10.65 9.39
N THR L 232 47.73 -10.65 9.59
CA THR L 232 47.12 -11.17 10.81
C THR L 232 46.10 -12.26 10.62
N CYS L 233 45.12 -11.95 9.79
CA CYS L 233 43.99 -12.82 9.50
C CYS L 233 44.35 -14.11 8.79
N ALA L 234 45.26 -13.99 7.84
CA ALA L 234 45.58 -15.09 6.95
C ALA L 234 46.12 -16.26 7.76
N VAL L 235 46.64 -15.97 8.94
CA VAL L 235 47.24 -17.00 9.75
C VAL L 235 46.24 -18.06 10.11
N CYS L 236 45.02 -17.66 10.43
CA CYS L 236 43.99 -18.63 10.84
C CYS L 236 42.98 -18.85 9.71
N HIS L 237 42.61 -17.79 9.00
CA HIS L 237 41.59 -17.93 7.96
C HIS L 237 42.16 -18.32 6.61
N GLY L 238 43.48 -18.35 6.53
CA GLY L 238 44.13 -18.61 5.27
C GLY L 238 44.07 -17.33 4.47
N GLN L 239 44.93 -17.21 3.48
CA GLN L 239 44.82 -16.08 2.59
C GLN L 239 43.85 -16.46 1.52
N GLY L 240 42.96 -15.55 1.19
CA GLY L 240 41.86 -15.90 0.32
C GLY L 240 40.71 -16.47 1.14
N GLY L 241 40.91 -16.54 2.45
CA GLY L 241 39.88 -16.93 3.39
C GLY L 241 39.24 -18.29 3.27
N GLU L 242 40.03 -19.30 2.94
CA GLU L 242 39.59 -20.69 2.93
C GLU L 242 39.20 -21.10 4.34
N GLY L 243 39.95 -20.60 5.31
CA GLY L 243 39.63 -20.85 6.70
C GLY L 243 40.29 -22.14 7.11
N MET L 244 40.44 -22.36 8.40
CA MET L 244 41.05 -23.59 8.84
C MET L 244 40.17 -24.31 9.84
N ALA L 245 39.73 -25.51 9.41
CA ALA L 245 38.82 -26.36 10.18
C ALA L 245 39.51 -26.80 11.44
N ALA L 246 40.84 -26.86 11.38
CA ALA L 246 41.64 -27.24 12.54
C ALA L 246 41.36 -26.30 13.70
N LEU L 247 41.21 -25.02 13.39
CA LEU L 247 41.01 -23.98 14.41
C LEU L 247 39.57 -23.60 14.57
N GLY L 248 38.71 -24.17 13.72
CA GLY L 248 37.34 -23.73 13.64
C GLY L 248 37.23 -22.31 13.09
N ALA L 249 38.30 -21.84 12.44
CA ALA L 249 38.26 -20.59 11.69
C ALA L 249 37.45 -20.82 10.40
N PRO L 250 36.32 -20.12 10.28
CA PRO L 250 35.41 -20.29 9.15
C PRO L 250 35.97 -19.67 7.89
N LYS L 251 35.54 -20.15 6.72
CA LYS L 251 36.01 -19.55 5.49
C LYS L 251 35.42 -18.15 5.34
N LEU L 252 36.20 -17.25 4.74
CA LEU L 252 35.82 -15.86 4.67
C LEU L 252 35.58 -15.45 3.23
N ASN L 253 35.77 -16.38 2.32
CA ASN L 253 35.56 -16.13 0.90
C ASN L 253 34.11 -16.34 0.49
N SER L 254 33.25 -16.52 1.49
CA SER L 254 31.82 -16.65 1.28
C SER L 254 31.10 -16.41 2.59
N ALA L 255 30.13 -15.50 2.57
CA ALA L 255 29.39 -15.14 3.77
C ALA L 255 28.40 -16.23 4.19
N ALA L 256 28.21 -17.21 3.30
CA ALA L 256 27.20 -18.25 3.45
C ALA L 256 27.23 -18.96 4.80
N GLY L 257 28.42 -19.22 5.31
CA GLY L 257 28.54 -19.99 6.54
C GLY L 257 28.77 -19.14 7.77
N TRP L 258 28.52 -17.83 7.65
CA TRP L 258 28.79 -16.92 8.74
C TRP L 258 27.67 -16.88 9.77
N ILE L 259 28.03 -16.98 11.05
CA ILE L 259 27.04 -16.95 12.12
C ILE L 259 26.92 -15.62 12.86
N TYR L 260 27.82 -14.68 12.55
CA TYR L 260 27.76 -13.39 13.23
C TYR L 260 27.38 -12.24 12.31
N GLY L 261 26.72 -12.55 11.21
CA GLY L 261 26.27 -11.53 10.28
C GLY L 261 27.31 -11.23 9.23
N SER L 262 26.90 -10.48 8.21
CA SER L 262 27.77 -10.24 7.08
C SER L 262 27.81 -8.78 6.72
N SER L 263 27.07 -7.97 7.47
CA SER L 263 27.06 -6.53 7.23
C SER L 263 28.40 -5.98 7.64
N LEU L 264 28.80 -4.90 6.99
CA LEU L 264 30.07 -4.25 7.30
C LEU L 264 30.21 -4.03 8.80
N GLY L 265 29.17 -3.45 9.42
CA GLY L 265 29.19 -3.21 10.85
C GLY L 265 29.42 -4.44 11.70
N GLN L 266 28.70 -5.52 11.41
CA GLN L 266 28.83 -6.77 12.15
C GLN L 266 30.22 -7.35 11.98
N LEU L 267 30.75 -7.27 10.77
CA LEU L 267 32.10 -7.74 10.50
C LEU L 267 33.03 -6.93 11.39
N GLN L 268 32.78 -5.63 11.46
CA GLN L 268 33.57 -4.73 12.28
C GLN L 268 33.54 -5.12 13.74
N GLN L 269 32.38 -5.51 14.26
CA GLN L 269 32.26 -5.87 15.67
C GLN L 269 32.99 -7.19 15.92
N THR L 270 32.85 -8.13 14.99
CA THR L 270 33.55 -9.40 15.10
C THR L 270 35.06 -9.16 15.17
N ILE L 271 35.58 -8.41 14.21
CA ILE L 271 37.00 -8.10 14.13
C ILE L 271 37.52 -7.31 15.32
N ARG L 272 36.72 -6.35 15.75
CA ARG L 272 37.11 -5.43 16.82
C ARG L 272 37.15 -6.11 18.16
N HIS L 273 36.12 -6.88 18.48
CA HIS L 273 36.04 -7.48 19.80
C HIS L 273 36.18 -9.00 19.83
N GLY L 274 36.38 -9.62 18.68
CA GLY L 274 36.56 -11.06 18.64
C GLY L 274 35.28 -11.87 18.81
N ARG L 275 35.42 -13.19 18.77
CA ARG L 275 34.30 -14.13 18.94
C ARG L 275 34.75 -15.34 19.74
N ASN L 276 33.88 -15.87 20.58
CA ASN L 276 34.17 -17.08 21.34
C ASN L 276 33.00 -18.04 21.36
N GLY L 277 32.63 -18.55 20.19
CA GLY L 277 31.53 -19.50 20.09
C GLY L 277 31.75 -20.76 20.90
N GLN L 278 30.69 -21.25 21.55
CA GLN L 278 30.77 -22.51 22.29
C GLN L 278 29.69 -23.48 21.91
N MET L 279 30.16 -24.69 21.59
CA MET L 279 29.34 -25.85 21.37
C MET L 279 29.55 -26.76 22.57
N PRO L 280 28.57 -26.86 23.46
CA PRO L 280 28.73 -27.64 24.69
C PRO L 280 28.96 -29.10 24.39
N ALA L 281 29.75 -29.78 25.20
CA ALA L 281 30.05 -31.19 24.99
C ALA L 281 28.84 -32.01 25.42
N GLN L 282 28.53 -33.05 24.66
CA GLN L 282 27.34 -33.87 24.91
C GLN L 282 27.70 -35.22 25.50
N GLN L 283 29.00 -35.51 25.54
CA GLN L 283 29.55 -36.73 26.12
C GLN L 283 28.93 -37.06 27.48
N GLN L 284 28.72 -36.03 28.29
CA GLN L 284 28.22 -36.22 29.64
C GLN L 284 26.70 -36.35 29.71
N TYR L 285 26.00 -35.47 29.00
CA TYR L 285 24.55 -35.41 29.05
C TYR L 285 23.88 -36.51 28.27
N LEU L 286 24.45 -36.88 27.13
CA LEU L 286 23.78 -37.79 26.21
C LEU L 286 24.45 -39.15 26.10
N GLY L 287 25.76 -39.18 26.30
CA GLY L 287 26.49 -40.43 26.19
C GLY L 287 26.83 -40.82 24.77
N ASP L 288 27.80 -41.73 24.65
CA ASP L 288 28.35 -42.15 23.38
C ASP L 288 27.31 -42.59 22.36
N ASP L 289 26.33 -43.40 22.78
CA ASP L 289 25.31 -43.91 21.87
C ASP L 289 24.50 -42.79 21.20
N LYS L 290 23.77 -42.05 22.03
CA LYS L 290 23.02 -40.90 21.56
C LYS L 290 23.86 -39.96 20.70
N VAL L 291 25.06 -39.62 21.17
CA VAL L 291 25.95 -38.71 20.44
C VAL L 291 26.26 -39.28 19.07
N HIS L 292 26.49 -40.59 19.01
CA HIS L 292 26.77 -41.26 17.76
C HIS L 292 25.62 -41.11 16.78
N LEU L 293 24.41 -41.42 17.25
CA LEU L 293 23.22 -41.25 16.42
C LEU L 293 23.01 -39.82 15.94
N LEU L 294 23.34 -38.86 16.81
CA LEU L 294 23.18 -37.45 16.48
C LEU L 294 24.18 -37.04 15.42
N ALA L 295 25.39 -37.58 15.54
CA ALA L 295 26.42 -37.30 14.55
C ALA L 295 25.98 -37.83 13.21
N ALA L 296 25.42 -39.04 13.23
CA ALA L 296 24.85 -39.64 12.02
C ALA L 296 23.78 -38.74 11.41
N TYR L 297 22.85 -38.26 12.23
CA TYR L 297 21.76 -37.40 11.77
C TYR L 297 22.28 -36.12 11.11
N VAL L 298 23.15 -35.41 11.83
CA VAL L 298 23.74 -34.17 11.34
C VAL L 298 24.48 -34.42 10.03
N TYR L 299 25.22 -35.52 9.98
CA TYR L 299 25.89 -35.93 8.76
C TYR L 299 24.89 -36.09 7.63
N SER L 300 23.76 -36.74 7.92
CA SER L 300 22.71 -36.99 6.93
C SER L 300 22.14 -35.71 6.33
N LEU L 301 21.88 -34.74 7.20
CA LEU L 301 21.32 -33.44 6.81
C LEU L 301 21.86 -32.85 5.51
N SER L 302 23.16 -33.00 5.26
CA SER L 302 23.79 -32.37 4.10
C SER L 302 23.99 -33.33 2.93
N GLN L 303 22.89 -33.88 2.41
CA GLN L 303 22.85 -34.80 1.26
C GLN L 303 21.52 -35.55 1.20
N MET M 1 14.25 -43.69 -12.62
CA MET M 1 14.38 -42.47 -13.40
C MET M 1 13.12 -42.22 -14.22
N PHE M 2 13.01 -41.01 -14.76
CA PHE M 2 11.90 -40.63 -15.64
C PHE M 2 12.14 -41.21 -17.02
N VAL M 3 11.14 -41.88 -17.59
CA VAL M 3 11.30 -42.49 -18.90
C VAL M 3 10.34 -41.95 -19.94
N ASP M 4 10.89 -41.38 -21.01
CA ASP M 4 10.10 -40.91 -22.12
C ASP M 4 10.63 -41.49 -23.42
N ASN M 5 9.91 -41.25 -24.52
CA ASN M 5 10.35 -41.64 -25.84
C ASN M 5 11.72 -41.05 -26.13
N VAL M 6 11.83 -39.76 -25.87
CA VAL M 6 13.03 -39.00 -26.14
C VAL M 6 14.18 -39.47 -25.24
N VAL M 7 13.87 -39.71 -23.98
CA VAL M 7 14.87 -40.22 -23.05
C VAL M 7 15.36 -41.59 -23.51
N LEU M 8 14.45 -42.41 -24.01
CA LEU M 8 14.81 -43.74 -24.51
C LEU M 8 15.69 -43.67 -25.75
N ALA M 9 15.36 -42.76 -26.66
CA ALA M 9 16.15 -42.52 -27.85
C ALA M 9 17.58 -42.16 -27.47
N GLY M 10 17.70 -41.22 -26.53
CA GLY M 10 19.01 -40.83 -26.04
C GLY M 10 19.77 -41.97 -25.42
N VAL M 11 19.10 -42.72 -24.55
CA VAL M 11 19.74 -43.83 -23.84
C VAL M 11 20.24 -44.92 -24.79
N VAL M 12 19.43 -45.29 -25.78
CA VAL M 12 19.85 -46.32 -26.74
C VAL M 12 20.89 -45.76 -27.69
N THR M 13 20.90 -44.44 -27.90
CA THR M 13 21.96 -43.84 -28.71
C THR M 13 23.29 -43.97 -27.98
N VAL M 14 23.30 -43.59 -26.70
CA VAL M 14 24.52 -43.71 -25.92
C VAL M 14 24.96 -45.17 -25.81
N GLY M 15 23.98 -46.06 -25.61
CA GLY M 15 24.23 -47.48 -25.53
C GLY M 15 24.85 -48.00 -26.80
N LEU M 16 24.31 -47.56 -27.94
CA LEU M 16 24.84 -47.91 -29.24
C LEU M 16 26.28 -47.41 -29.36
N MET M 17 26.57 -46.23 -28.82
CA MET M 17 27.95 -45.73 -28.86
C MET M 17 28.87 -46.59 -28.01
N VAL M 18 28.37 -47.05 -26.87
CA VAL M 18 29.13 -47.94 -26.01
C VAL M 18 29.40 -49.23 -26.77
N ALA M 19 28.38 -49.73 -27.45
CA ALA M 19 28.47 -50.97 -28.22
C ALA M 19 29.47 -50.81 -29.34
N PHE M 20 29.40 -49.70 -30.06
CA PHE M 20 30.27 -49.48 -31.22
C PHE M 20 31.70 -49.41 -30.67
N LEU M 21 31.87 -48.65 -29.60
CA LEU M 21 33.19 -48.47 -29.04
C LEU M 21 33.72 -49.78 -28.48
N ALA M 22 32.88 -50.52 -27.77
CA ALA M 22 33.30 -51.75 -27.13
C ALA M 22 33.70 -52.75 -28.19
N GLY M 23 32.89 -52.82 -29.25
CA GLY M 23 33.11 -53.76 -30.33
C GLY M 23 34.40 -53.43 -30.99
N PHE M 24 34.61 -52.14 -31.28
CA PHE M 24 35.83 -51.71 -31.94
C PHE M 24 37.06 -51.90 -31.08
N GLY M 25 36.88 -51.59 -29.80
CA GLY M 25 37.91 -51.63 -28.79
C GLY M 25 38.46 -53.00 -28.50
N TYR M 26 37.56 -53.97 -28.40
CA TYR M 26 38.00 -55.34 -28.19
C TYR M 26 38.46 -55.89 -29.52
N PHE M 27 37.89 -55.33 -30.58
CA PHE M 27 38.26 -55.74 -31.93
C PHE M 27 39.75 -55.36 -32.15
N ILE M 28 40.25 -54.40 -31.37
CA ILE M 28 41.66 -54.01 -31.49
C ILE M 28 42.52 -54.83 -30.49
N TRP M 29 41.92 -55.21 -29.35
CA TRP M 29 42.57 -56.04 -28.32
C TRP M 29 43.99 -55.58 -27.96
N MET N 1 -44.19 17.20 -9.22
CA MET N 1 -43.82 17.15 -10.64
C MET N 1 -44.62 18.15 -11.47
N PHE N 2 -44.17 18.38 -12.71
CA PHE N 2 -44.87 19.26 -13.64
C PHE N 2 -46.07 18.56 -14.28
N VAL N 3 -47.22 19.23 -14.27
CA VAL N 3 -48.42 18.61 -14.82
C VAL N 3 -48.99 19.41 -15.99
N ASP N 4 -49.05 18.74 -17.14
CA ASP N 4 -49.64 19.29 -18.35
C ASP N 4 -50.67 18.31 -18.90
N ASN N 5 -51.38 18.72 -19.94
CA ASN N 5 -52.30 17.85 -20.66
C ASN N 5 -51.62 16.58 -21.16
N VAL N 6 -50.47 16.77 -21.81
CA VAL N 6 -49.75 15.65 -22.41
C VAL N 6 -49.16 14.66 -21.39
N VAL N 7 -48.59 15.19 -20.32
CA VAL N 7 -48.04 14.35 -19.25
C VAL N 7 -49.16 13.53 -18.61
N LEU N 8 -50.33 14.15 -18.45
CA LEU N 8 -51.50 13.49 -17.89
C LEU N 8 -51.97 12.37 -18.81
N ALA N 9 -51.99 12.64 -20.12
CA ALA N 9 -52.35 11.64 -21.12
C ALA N 9 -51.44 10.41 -20.97
N GLY N 10 -50.14 10.68 -20.90
CA GLY N 10 -49.17 9.61 -20.72
C GLY N 10 -49.41 8.83 -19.44
N VAL N 11 -49.60 9.56 -18.34
CA VAL N 11 -49.78 8.95 -17.02
C VAL N 11 -51.04 8.07 -16.95
N VAL N 12 -52.16 8.53 -17.51
CA VAL N 12 -53.39 7.75 -17.50
C VAL N 12 -53.29 6.59 -18.48
N THR N 13 -52.45 6.74 -19.50
CA THR N 13 -52.18 5.64 -20.43
C THR N 13 -51.44 4.52 -19.69
N VAL N 14 -50.39 4.90 -18.97
CA VAL N 14 -49.61 3.96 -18.19
C VAL N 14 -50.50 3.32 -17.12
N GLY N 15 -51.36 4.12 -16.51
CA GLY N 15 -52.31 3.66 -15.49
C GLY N 15 -53.26 2.63 -16.07
N LEU N 16 -53.74 2.89 -17.28
CA LEU N 16 -54.61 1.98 -18.03
C LEU N 16 -53.88 0.66 -18.31
N MET N 17 -52.58 0.76 -18.58
CA MET N 17 -51.73 -0.42 -18.82
C MET N 17 -51.62 -1.22 -17.51
N VAL N 18 -51.54 -0.49 -16.41
CA VAL N 18 -51.49 -1.10 -15.07
C VAL N 18 -52.79 -1.84 -14.90
N ALA N 19 -53.90 -1.22 -15.32
CA ALA N 19 -55.22 -1.84 -15.20
C ALA N 19 -55.34 -3.12 -16.05
N PHE N 20 -54.90 -3.08 -17.31
CA PHE N 20 -55.05 -4.22 -18.21
C PHE N 20 -54.22 -5.38 -17.67
N LEU N 21 -52.99 -5.07 -17.27
CA LEU N 21 -52.09 -6.11 -16.77
C LEU N 21 -52.64 -6.67 -15.49
N ALA N 22 -53.13 -5.80 -14.61
CA ALA N 22 -53.61 -6.27 -13.31
C ALA N 22 -54.79 -7.19 -13.51
N GLY N 23 -55.69 -6.78 -14.40
CA GLY N 23 -56.88 -7.57 -14.62
C GLY N 23 -56.41 -8.90 -15.13
N PHE N 24 -55.52 -8.97 -16.12
CA PHE N 24 -55.10 -10.27 -16.63
C PHE N 24 -54.31 -11.15 -15.65
N GLY N 25 -53.41 -10.55 -14.88
CA GLY N 25 -52.58 -11.29 -13.96
C GLY N 25 -53.32 -11.97 -12.84
N TYR N 26 -54.26 -11.23 -12.26
CA TYR N 26 -55.08 -11.83 -11.21
C TYR N 26 -56.18 -12.69 -11.82
N PHE N 27 -56.56 -12.35 -13.04
CA PHE N 27 -57.56 -13.07 -13.81
C PHE N 27 -57.02 -14.51 -14.06
N ILE N 28 -55.70 -14.68 -14.01
CA ILE N 28 -55.10 -16.01 -14.19
C ILE N 28 -54.95 -16.67 -12.82
N TRP N 29 -54.77 -15.84 -11.79
CA TRP N 29 -54.66 -16.26 -10.39
C TRP N 29 -53.73 -17.46 -10.18
N MET O 1 -22.96 39.35 17.84
CA MET O 1 -21.56 39.01 18.07
C MET O 1 -21.40 38.13 19.31
N PHE O 2 -20.23 37.54 19.46
CA PHE O 2 -19.94 36.72 20.63
C PHE O 2 -19.62 37.64 21.81
N VAL O 3 -20.27 37.38 22.95
CA VAL O 3 -20.07 38.21 24.12
C VAL O 3 -19.53 37.40 25.30
N ASP O 4 -18.35 37.79 25.79
CA ASP O 4 -17.77 37.17 26.96
C ASP O 4 -17.41 38.23 27.99
N ASN O 5 -16.98 37.80 29.17
CA ASN O 5 -16.47 38.71 30.19
C ASN O 5 -15.33 39.55 29.63
N VAL O 6 -14.39 38.86 29.01
CA VAL O 6 -13.18 39.46 28.47
C VAL O 6 -13.54 40.39 27.30
N VAL O 7 -14.45 39.94 26.45
CA VAL O 7 -14.92 40.75 25.34
C VAL O 7 -15.59 42.00 25.86
N LEU O 8 -16.33 41.87 26.96
CA LEU O 8 -17.01 42.99 27.58
C LEU O 8 -16.00 43.98 28.14
N ALA O 9 -14.96 43.46 28.80
CA ALA O 9 -13.89 44.28 29.34
C ALA O 9 -13.25 45.11 28.23
N GLY O 10 -12.92 44.45 27.12
CA GLY O 10 -12.35 45.14 25.98
C GLY O 10 -13.28 46.19 25.45
N VAL O 11 -14.54 45.84 25.27
CA VAL O 11 -15.53 46.75 24.70
C VAL O 11 -15.74 47.99 25.57
N VAL O 12 -15.85 47.81 26.89
CA VAL O 12 -16.04 48.97 27.74
C VAL O 12 -14.75 49.76 27.87
N THR O 13 -13.60 49.11 27.69
CA THR O 13 -12.34 49.85 27.66
C THR O 13 -12.29 50.75 26.44
N VAL O 14 -12.59 50.17 25.28
CA VAL O 14 -12.60 50.94 24.07
C VAL O 14 -13.63 52.03 24.17
N GLY O 15 -14.81 51.70 24.71
CA GLY O 15 -15.85 52.68 24.90
C GLY O 15 -15.44 53.83 25.78
N LEU O 16 -14.77 53.52 26.90
CA LEU O 16 -14.26 54.57 27.76
C LEU O 16 -13.27 55.43 27.01
N MET O 17 -12.44 54.80 26.17
CA MET O 17 -11.49 55.58 25.38
C MET O 17 -12.16 56.48 24.33
N VAL O 18 -13.22 55.96 23.70
CA VAL O 18 -14.00 56.70 22.72
C VAL O 18 -14.67 57.88 23.38
N ALA O 19 -15.20 57.59 24.56
CA ALA O 19 -15.91 58.53 25.42
C ALA O 19 -14.98 59.62 25.89
N PHE O 20 -13.81 59.19 26.33
CA PHE O 20 -12.79 60.05 26.90
C PHE O 20 -12.36 60.99 25.79
N LEU O 21 -12.14 60.44 24.60
CA LEU O 21 -11.68 61.24 23.48
C LEU O 21 -12.77 62.23 23.08
N ALA O 22 -14.03 61.79 23.04
CA ALA O 22 -15.14 62.64 22.62
C ALA O 22 -15.27 63.81 23.60
N GLY O 23 -15.16 63.47 24.89
CA GLY O 23 -15.30 64.41 25.98
C GLY O 23 -14.20 65.43 25.85
N PHE O 24 -12.98 64.99 25.61
CA PHE O 24 -11.86 65.89 25.50
C PHE O 24 -12.00 66.81 24.27
N GLY O 25 -12.47 66.22 23.17
CA GLY O 25 -12.59 66.93 21.92
C GLY O 25 -13.60 68.07 21.99
N TYR O 26 -14.74 67.84 22.61
CA TYR O 26 -15.70 68.95 22.73
C TYR O 26 -15.33 69.90 23.88
N PHE O 27 -14.62 69.36 24.85
CA PHE O 27 -14.13 70.11 26.00
C PHE O 27 -13.13 71.19 25.50
N ILE O 28 -12.55 70.96 24.31
CA ILE O 28 -11.62 71.92 23.69
C ILE O 28 -12.38 72.90 22.78
N TRP O 29 -13.50 72.42 22.22
CA TRP O 29 -14.42 73.20 21.36
C TRP O 29 -13.68 74.01 20.28
N MET P 1 -2.82 -40.83 19.45
CA MET P 1 -2.02 -40.28 20.53
C MET P 1 -1.22 -41.37 21.24
N PHE P 2 -0.26 -40.94 22.06
CA PHE P 2 0.54 -41.86 22.86
C PHE P 2 -0.24 -42.32 24.09
N VAL P 3 -0.24 -43.63 24.30
CA VAL P 3 -0.98 -44.23 25.40
C VAL P 3 -0.07 -44.98 26.37
N ASP P 4 -0.08 -44.55 27.63
CA ASP P 4 0.68 -45.24 28.65
C ASP P 4 -0.24 -45.55 29.83
N ASN P 5 0.28 -46.29 30.80
CA ASN P 5 -0.46 -46.55 32.04
C ASN P 5 -0.89 -45.27 32.73
N VAL P 6 0.08 -44.36 32.87
CA VAL P 6 -0.13 -43.11 33.57
C VAL P 6 -1.11 -42.23 32.78
N VAL P 7 -0.92 -42.22 31.46
CA VAL P 7 -1.80 -41.49 30.56
C VAL P 7 -3.22 -42.01 30.62
N LEU P 8 -3.36 -43.33 30.71
CA LEU P 8 -4.68 -43.94 30.80
C LEU P 8 -5.35 -43.53 32.10
N ALA P 9 -4.58 -43.54 33.19
CA ALA P 9 -5.07 -43.12 34.49
C ALA P 9 -5.60 -41.68 34.45
N GLY P 10 -4.80 -40.79 33.87
CA GLY P 10 -5.22 -39.41 33.72
C GLY P 10 -6.49 -39.26 32.89
N VAL P 11 -6.52 -39.93 31.74
CA VAL P 11 -7.65 -39.83 30.83
C VAL P 11 -8.95 -40.33 31.45
N VAL P 12 -8.91 -41.46 32.15
CA VAL P 12 -10.12 -41.98 32.79
C VAL P 12 -10.50 -41.14 34.01
N THR P 13 -9.53 -40.47 34.64
CA THR P 13 -9.86 -39.54 35.73
C THR P 13 -10.66 -38.36 35.19
N VAL P 14 -10.14 -37.75 34.13
CA VAL P 14 -10.81 -36.61 33.50
C VAL P 14 -12.17 -37.04 32.99
N GLY P 15 -12.25 -38.23 32.39
CA GLY P 15 -13.49 -38.78 31.89
C GLY P 15 -14.52 -38.95 33.00
N LEU P 16 -14.08 -39.46 34.14
CA LEU P 16 -14.95 -39.60 35.30
C LEU P 16 -15.46 -38.24 35.76
N MET P 17 -14.61 -37.23 35.69
CA MET P 17 -15.02 -35.88 36.06
C MET P 17 -16.07 -35.36 35.08
N VAL P 18 -15.89 -35.69 33.80
CA VAL P 18 -16.85 -35.29 32.79
C VAL P 18 -18.18 -35.96 33.10
N ALA P 19 -18.15 -37.24 33.44
CA ALA P 19 -19.38 -37.95 33.75
C ALA P 19 -20.05 -37.34 34.97
N PHE P 20 -19.27 -37.09 36.02
CA PHE P 20 -19.86 -36.57 37.24
C PHE P 20 -20.48 -35.18 37.10
N LEU P 21 -19.73 -34.26 36.48
CA LEU P 21 -20.26 -32.91 36.35
C LEU P 21 -21.46 -32.89 35.45
N ALA P 22 -21.33 -33.61 34.33
CA ALA P 22 -22.37 -33.64 33.31
C ALA P 22 -23.60 -34.27 33.90
N GLY P 23 -23.39 -35.36 34.64
CA GLY P 23 -24.46 -36.12 35.24
C GLY P 23 -25.20 -35.26 36.23
N PHE P 24 -24.46 -34.55 37.09
CA PHE P 24 -25.05 -33.69 38.13
C PHE P 24 -25.77 -32.49 37.50
N GLY P 25 -25.16 -31.96 36.45
CA GLY P 25 -25.58 -30.80 35.70
C GLY P 25 -26.92 -31.16 35.06
N TYR P 26 -27.02 -32.38 34.52
CA TYR P 26 -28.27 -32.84 33.94
C TYR P 26 -29.20 -33.28 35.09
N PHE P 27 -28.62 -33.68 36.22
CA PHE P 27 -29.33 -34.09 37.46
C PHE P 27 -30.12 -32.97 38.09
N ILE P 28 -29.72 -31.77 37.74
CA ILE P 28 -30.30 -30.51 38.15
C ILE P 28 -31.37 -30.12 37.15
N TRP P 29 -31.16 -30.59 35.92
CA TRP P 29 -32.01 -30.44 34.75
C TRP P 29 -32.43 -28.98 34.68
CHA HEM Q . 27.78 -30.95 -32.16
CHB HEM Q . 26.43 -33.93 -35.72
CHC HEM Q . 31.01 -35.23 -36.47
CHD HEM Q . 32.45 -31.68 -33.53
C1A HEM Q . 27.01 -31.76 -32.96
C2A HEM Q . 25.59 -32.02 -32.83
C3A HEM Q . 25.23 -32.85 -33.81
C4A HEM Q . 26.40 -33.14 -34.61
CMA HEM Q . 23.83 -33.42 -34.09
CAA HEM Q . 24.64 -31.45 -31.74
CBA HEM Q . 24.26 -30.02 -32.10
CGA HEM Q . 23.38 -29.50 -30.99
O1A HEM Q . 22.48 -30.28 -30.59
O2A HEM Q . 23.59 -28.34 -30.51
C1B HEM Q . 27.56 -34.48 -36.29
C2B HEM Q . 27.59 -35.24 -37.52
C3B HEM Q . 28.87 -35.58 -37.74
C4B HEM Q . 29.66 -35.07 -36.64
CMB HEM Q . 26.31 -35.50 -38.36
CAB HEM Q . 29.49 -36.42 -38.89
CBB HEM Q . 28.79 -37.18 -39.74
C1C HEM Q . 31.80 -34.43 -35.69
C2C HEM Q . 33.22 -34.60 -35.46
C3C HEM Q . 33.64 -33.63 -34.66
C4C HEM Q . 32.48 -32.80 -34.34
CMC HEM Q . 34.12 -35.71 -36.06
CAC HEM Q . 35.11 -33.49 -34.20
CBC HEM Q . 35.58 -32.36 -33.67
C1D HEM Q . 31.33 -31.10 -32.98
C2D HEM Q . 31.33 -29.82 -32.30
C3D HEM Q . 29.88 -29.57 -31.89
C4D HEM Q . 29.14 -30.73 -32.33
CMD HEM Q . 32.53 -28.90 -32.07
CAD HEM Q . 29.32 -28.38 -31.10
CBD HEM Q . 28.72 -27.26 -31.95
CGD HEM Q . 28.12 -26.28 -30.97
O1D HEM Q . 28.91 -25.59 -30.26
O2D HEM Q . 26.87 -26.19 -30.88
NA HEM Q . 27.48 -32.46 -34.06
NB HEM Q . 28.83 -34.40 -35.76
NC HEM Q . 31.38 -33.32 -34.98
ND HEM Q . 30.03 -31.60 -32.99
FE HEM Q . 29.47 -33.02 -34.38
CHA HEM R . 34.49 -26.65 -24.94
CHB HEM R . 37.41 -28.67 -21.71
CHC HEM R . 40.42 -30.15 -25.19
CHD HEM R . 37.37 -28.38 -28.50
C1A HEM R . 35.02 -27.06 -23.74
C2A HEM R . 34.48 -26.80 -22.41
C3A HEM R . 35.30 -27.36 -21.54
C4A HEM R . 36.38 -27.99 -22.28
CMA HEM R . 35.15 -27.36 -20.01
CAA HEM R . 33.19 -26.03 -22.04
CBA HEM R . 32.15 -27.07 -21.62
CGA HEM R . 30.78 -26.50 -21.38
O1A HEM R . 29.93 -27.29 -20.89
O2A HEM R . 30.55 -25.29 -21.67
C1B HEM R . 38.45 -29.28 -22.38
C2B HEM R . 39.48 -30.06 -21.73
C3B HEM R . 40.33 -30.47 -22.67
C4B HEM R . 39.85 -29.96 -23.95
CMB HEM R . 39.59 -30.34 -20.22
CAB HEM R . 41.57 -31.33 -22.37
CBB HEM R . 42.44 -31.71 -23.30
C1C HEM R . 39.86 -29.81 -26.39
C2C HEM R . 40.43 -30.08 -27.71
C3C HEM R . 39.59 -29.59 -28.63
C4C HEM R . 38.46 -28.99 -27.93
CMC HEM R . 41.75 -30.79 -28.05
CAC HEM R . 39.91 -29.69 -30.14
CBC HEM R . 39.06 -29.25 -31.07
C1D HEM R . 36.31 -27.78 -27.85
C2D HEM R . 35.17 -27.22 -28.52
C3D HEM R . 34.26 -26.67 -27.42
C4D HEM R . 34.95 -26.96 -26.19
CMD HEM R . 34.89 -27.15 -30.04
CAD HEM R . 32.90 -25.96 -27.59
CBD HEM R . 31.77 -26.97 -27.43
CGD HEM R . 30.44 -26.34 -27.74
O1D HEM R . 29.40 -27.03 -27.64
O2D HEM R . 30.42 -25.12 -28.08
NA HEM R . 36.19 -27.78 -23.62
NB HEM R . 38.69 -29.24 -23.72
NC HEM R . 38.65 -29.15 -26.57
ND HEM R . 36.15 -27.61 -26.47
FE HEM R . 37.43 -28.39 -25.08
CU CU S . 27.21 -29.94 -37.05
CA CA T . 34.81 -13.68 -36.91
O1 PEO U . 29.42 -31.35 -35.40
O2 PEO U . 29.14 -30.21 -36.30
P PO4 V . 12.08 -37.77 -35.97
O1 PO4 V . 10.75 -37.16 -35.55
O2 PO4 V . 12.87 -38.09 -34.72
O3 PO4 V . 12.90 -36.79 -36.78
O4 PO4 V . 11.86 -39.02 -36.77
CA CA W . 28.10 -25.00 -28.11
FE HEC X . 23.90 -16.99 -15.83
CHA HEC X . 21.30 -18.21 -14.01
CHB HEC X . 22.17 -13.95 -16.31
CHC HEC X . 26.57 -15.66 -17.46
CHD HEC X . 25.75 -19.91 -15.19
NA HEC X . 22.04 -16.26 -15.33
C1A HEC X . 21.12 -16.88 -14.60
C2A HEC X . 19.88 -16.11 -14.41
C3A HEC X . 20.10 -14.89 -15.17
C4A HEC X . 21.45 -15.09 -15.71
CMA HEC X . 19.20 -13.70 -15.38
CAA HEC X . 18.66 -16.56 -13.67
CBA HEC X . 17.94 -17.30 -14.79
CGA HEC X . 16.71 -17.96 -14.26
O1A HEC X . 15.66 -17.89 -14.96
O2A HEC X . 16.78 -18.52 -13.15
NB HEC X . 24.28 -15.16 -16.72
C1B HEC X . 23.53 -14.03 -16.86
C2B HEC X . 24.17 -12.88 -17.58
C3B HEC X . 25.55 -13.38 -17.68
C4B HEC X . 25.40 -14.80 -17.32
CMB HEC X . 23.67 -11.50 -17.90
CAB HEC X . 26.57 -13.25 -18.70
CBB HEC X . 27.70 -12.39 -18.19
NC HEC X . 25.76 -17.68 -16.31
C1C HEC X . 26.71 -17.02 -16.98
C2C HEC X . 27.98 -17.75 -17.22
C3C HEC X . 27.72 -19.03 -16.55
C4C HEC X . 26.32 -18.92 -16.10
CMC HEC X . 29.21 -17.25 -17.94
CAC HEC X . 28.49 -20.13 -17.11
CBC HEC X . 29.90 -20.35 -16.63
ND HEC X . 23.58 -18.74 -14.79
C1D HEC X . 24.40 -19.81 -14.61
C2D HEC X . 23.86 -20.92 -13.80
C3D HEC X . 22.53 -20.43 -13.43
C4D HEC X . 22.48 -19.08 -14.09
CMD HEC X . 24.53 -22.20 -13.43
CAD HEC X . 21.51 -21.14 -12.57
CBD HEC X . 21.73 -20.76 -11.11
CGD HEC X . 21.54 -19.27 -10.90
O1D HEC X . 22.54 -18.56 -10.61
O2D HEC X . 20.38 -18.81 -11.03
FE HEC Y . 9.02 1.21 7.11
CHA HEC Y . 9.97 -1.89 5.88
CHB HEC Y . 11.41 0.97 9.57
CHC HEC Y . 8.50 4.48 8.00
CHD HEC Y . 6.39 1.36 4.91
NA HEC Y . 10.52 -0.16 7.57
C1A HEC Y . 10.79 -1.34 6.98
C2A HEC Y . 11.95 -2.06 7.55
C3A HEC Y . 12.43 -1.14 8.60
C4A HEC Y . 11.49 -0.02 8.49
CMA HEC Y . 13.59 -1.29 9.53
CAA HEC Y . 12.54 -3.37 7.15
CBA HEC Y . 11.89 -4.57 7.80
CGA HEC Y . 12.67 -5.72 7.23
O1A HEC Y . 12.08 -6.58 6.55
O2A HEC Y . 13.91 -5.76 7.46
NB HEC Y . 9.83 2.51 8.54
C1B HEC Y . 10.79 2.29 9.45
C2B HEC Y . 11.13 3.44 10.33
C3B HEC Y . 10.47 4.52 9.61
C4B HEC Y . 9.53 3.77 8.76
CMB HEC Y . 12.17 3.50 11.42
CAB HEC Y . 9.81 5.71 10.14
CBB HEC Y . 10.44 7.03 9.77
NC HEC Y . 7.71 2.70 6.46
C1C HEC Y . 7.66 3.96 6.92
C2C HEC Y . 6.69 4.82 6.26
C3C HEC Y . 6.09 3.97 5.22
C4C HEC Y . 6.78 2.66 5.47
CMC HEC Y . 6.41 6.25 6.59
CAC HEC Y . 4.70 4.41 5.03
CBC HEC Y . 3.75 3.38 4.51
ND HEC Y . 8.30 -0.07 5.63
C1D HEC Y . 7.24 0.15 4.82
C2D HEC Y . 6.98 -0.94 3.86
C3D HEC Y . 8.04 -1.92 4.16
C4D HEC Y . 8.78 -1.27 5.25
CMD HEC Y . 5.88 -1.03 2.83
CAD HEC Y . 8.37 -3.22 3.51
CBD HEC Y . 9.58 -2.86 2.65
CGD HEC Y . 9.91 -4.05 1.80
O1D HEC Y . 9.53 -5.16 2.23
O2D HEC Y . 10.53 -3.85 0.73
FE HEC Z . 7.66 -13.88 -3.51
CHA HEC Z . 6.75 -11.64 -1.07
CHB HEC Z . 5.15 -15.99 -2.59
CHC HEC Z . 8.14 -15.72 -6.36
CHD HEC Z . 10.50 -12.14 -4.21
NA HEC Z . 6.08 -13.76 -2.19
C1A HEC Z . 5.83 -12.79 -1.29
C2A HEC Z . 4.58 -13.00 -0.54
C3A HEC Z . 4.04 -14.25 -1.10
C4A HEC Z . 5.03 -14.60 -2.13
CMA HEC Z . 2.78 -15.00 -0.76
CAA HEC Z . 3.99 -12.16 0.55
CBA HEC Z . 4.81 -12.47 1.79
CGA HEC Z . 4.18 -11.71 2.91
O1A HEC Z . 4.85 -11.55 3.95
O2A HEC Z . 3.02 -11.26 2.71
NB HEC Z . 6.77 -15.56 -4.32
C1B HEC Z . 5.77 -16.33 -3.87
C2B HEC Z . 5.39 -17.48 -4.74
C3B HEC Z . 6.10 -17.13 -5.98
C4B HEC Z . 7.08 -16.18 -5.46
CMB HEC Z . 4.31 -18.50 -4.54
CAB HEC Z . 6.82 -17.96 -6.93
CBB HEC Z . 6.34 -17.92 -8.37
NC HEC Z . 8.98 -13.78 -5.08
C1C HEC Z . 9.02 -14.58 -6.16
C2C HEC Z . 10.03 -14.27 -7.17
C3C HEC Z . 10.65 -13.06 -6.63
C4C HEC Z . 9.94 -12.87 -5.33
CMC HEC Z . 10.27 -15.03 -8.45
CAC HEC Z . 12.06 -12.96 -6.97
CBC HEC Z . 12.48 -12.41 -8.32
ND HEC Z . 8.50 -12.15 -2.75
C1D HEC Z . 9.65 -11.56 -3.16
C2D HEC Z . 10.01 -10.32 -2.45
C3D HEC Z . 8.89 -10.16 -1.51
C4D HEC Z . 8.02 -11.34 -1.78
CMD HEC Z . 11.21 -9.45 -2.65
CAD HEC Z . 8.72 -9.05 -0.53
CBD HEC Z . 7.81 -8.01 -1.14
CGD HEC Z . 7.92 -6.85 -0.20
O1D HEC Z . 9.03 -6.28 -0.17
O2D HEC Z . 6.92 -6.54 0.49
N24 FC6 AA . 24.61 -0.17 3.59
C24 FC6 AA . 24.58 -1.29 3.82
FE2 FC6 AA . 24.42 -3.05 4.19
C21 FC6 AA . 26.23 -3.21 4.33
N25 FC6 AA . 27.38 -3.30 4.41
C22 FC6 AA . 24.42 -2.60 5.98
N22 FC6 AA . 24.41 -2.31 7.09
C26 FC6 AA . 24.48 -3.48 2.44
N21 FC6 AA . 24.55 -3.71 1.29
C23 FC6 AA . 22.59 -2.91 4.13
N23 FC6 AA . 21.45 -2.80 4.09
C11 FC6 AA . 24.29 -4.85 4.58
N11 FC6 AA . 24.20 -5.99 4.81
CHA HEM BA . -42.95 1.77 -31.32
CHB HEM BA . -47.68 1.63 -32.27
CHC HEM BA . -47.60 -3.14 -31.53
CHD HEM BA . -42.78 -3.09 -31.91
C1A HEM BA . -44.25 2.17 -31.48
C2A HEM BA . -44.79 3.50 -31.26
C3A HEM BA . -46.11 3.46 -31.52
C4A HEM BA . -46.43 2.10 -31.92
CMA HEM BA . -47.08 4.65 -31.43
CAA HEM BA . -44.03 4.76 -30.81
CBA HEM BA . -43.26 5.33 -32.01
CGA HEM BA . -42.50 6.56 -31.61
O1A HEM BA . -42.95 7.28 -30.68
O2A HEM BA . -41.43 6.81 -32.22
C1B HEM BA . -48.06 0.31 -32.22
C2B HEM BA . -49.36 -0.22 -32.59
C3B HEM BA . -49.33 -1.55 -32.40
C4B HEM BA . -48.03 -1.89 -31.87
CMB HEM BA . -50.51 0.66 -33.14
CAB HEM BA . -50.44 -2.62 -32.62
CBB HEM BA . -51.72 -2.34 -32.90
C1C HEM BA . -46.28 -3.55 -31.51
C2C HEM BA . -45.80 -4.87 -31.15
C3C HEM BA . -44.47 -4.88 -31.26
C4C HEM BA . -44.05 -3.55 -31.68
CMC HEM BA . -46.68 -6.07 -30.74
CAC HEM BA . -43.62 -6.15 -30.95
CBC HEM BA . -42.31 -6.24 -31.19
C1D HEM BA . -42.36 -1.78 -31.85
C2D HEM BA . -41.01 -1.31 -32.06
C3D HEM BA . -41.07 0.21 -31.88
C4D HEM BA . -42.44 0.51 -31.57
CMD HEM BA . -39.78 -2.18 -32.40
CAD HEM BA . -39.92 1.24 -31.97
CBD HEM BA . -39.48 1.52 -33.39
CGD HEM BA . -38.58 2.73 -33.33
O1D HEM BA . -37.33 2.56 -33.32
O2D HEM BA . -39.12 3.86 -33.26
NA HEM BA . -45.28 1.34 -31.88
NB HEM BA . -47.28 -0.73 -31.78
NC HEM BA . -45.18 -2.77 -31.82
ND HEM BA . -43.17 -0.68 -31.57
FE HEM BA . -45.23 -0.66 -31.69
CHA HEM CA . -33.32 -1.85 -28.19
CHB HEM CA . -31.82 -4.22 -24.25
CHC HEM CA . -34.16 -8.23 -25.67
CHD HEM CA . -35.76 -5.87 -29.59
C1A HEM CA . -32.71 -2.13 -26.99
C2A HEM CA . -31.90 -1.23 -26.19
C3A HEM CA . -31.50 -1.89 -25.11
C4A HEM CA . -32.02 -3.24 -25.19
CMA HEM CA . -30.61 -1.35 -23.96
CAA HEM CA . -31.58 0.25 -26.52
CBA HEM CA . -32.41 1.11 -25.58
CGA HEM CA . -32.31 2.58 -25.86
O1A HEM CA . -32.87 3.37 -25.04
O2A HEM CA . -31.66 2.98 -26.86
C1B HEM CA . -32.33 -5.50 -24.29
C2B HEM CA . -32.14 -6.51 -23.26
C3B HEM CA . -32.77 -7.62 -23.63
C4B HEM CA . -33.40 -7.35 -24.92
CMB HEM CA . -31.32 -6.30 -21.96
CAB HEM CA . -32.79 -8.91 -22.78
CBB HEM CA . -33.38 -10.03 -23.19
C1C HEM CA . -34.79 -7.95 -26.86
C2C HEM CA . -35.58 -8.87 -27.65
C3C HEM CA . -36.01 -8.24 -28.73
C4C HEM CA . -35.53 -6.87 -28.68
CMC HEM CA . -35.85 -10.35 -27.32
CAC HEM CA . -36.89 -8.93 -29.82
CBC HEM CA . -37.33 -8.29 -30.91
C1D HEM CA . -35.28 -4.58 -29.56
C2D HEM CA . -35.62 -3.56 -30.54
C3D HEM CA . -34.86 -2.30 -30.11
C4D HEM CA . -34.14 -2.68 -28.92
CMD HEM CA . -36.56 -3.72 -31.75
CAD HEM CA . -34.89 -0.93 -30.79
CBD HEM CA . -35.90 -0.06 -30.04
CGD HEM CA . -35.98 1.30 -30.68
O1D HEM CA . -36.77 2.15 -30.17
O2D HEM CA . -35.25 1.54 -31.68
NA HEM CA . -32.76 -3.35 -26.35
NB HEM CA . -33.10 -6.05 -25.29
NC HEM CA . -34.79 -6.72 -27.51
ND HEM CA . -34.41 -4.02 -28.63
FE HEM CA . -33.71 -5.06 -27.01
CU CU DA . -45.17 1.36 -35.79
CA CA EA . -30.67 -1.63 -46.18
P PO4 FA . -55.16 14.39 -30.96
O1 PO4 FA . -54.95 15.89 -30.95
O2 PO4 FA . -54.38 13.77 -29.84
O3 PO4 FA . -54.67 13.83 -32.27
O4 PO4 FA . -56.62 14.07 -30.79
O1 PEO GA . -45.03 -0.39 -33.63
O2 PEO GA . -44.25 -0.31 -34.87
CA CA HA . -35.94 3.76 -31.82
FE HEC IA . -24.09 12.51 -28.09
CHA HEC IA . -24.74 15.18 -26.02
CHB HEC IA . -22.69 14.65 -30.45
CHC HEC IA . -23.15 9.87 -30.00
CHD HEC IA . -25.25 10.32 -25.62
NA HEC IA . -23.87 14.57 -28.27
C1A HEC IA . -24.19 15.50 -27.35
C2A HEC IA . -23.91 16.89 -27.76
C3A HEC IA . -23.38 16.73 -29.13
C4A HEC IA . -23.42 15.27 -29.33
CMA HEC IA . -22.92 17.77 -30.11
CAA HEC IA . -24.17 18.15 -26.99
CBA HEC IA . -25.55 18.57 -27.45
CGA HEC IA . -26.20 19.46 -26.43
O1A HEC IA . -27.10 20.24 -26.82
O2A HEC IA . -25.82 19.37 -25.25
NB HEC IA . -23.11 12.31 -29.92
C1B HEC IA . -22.59 13.23 -30.78
C2B HEC IA . -21.95 12.69 -32.01
C3B HEC IA . -21.90 11.27 -31.68
C4B HEC IA . -22.81 11.18 -30.53
CMB HEC IA . -21.26 13.40 -33.14
CAB HEC IA . -22.01 10.05 -32.48
CBB HEC IA . -20.72 9.31 -32.55
NC HEC IA . -24.30 10.44 -27.89
C1C HEC IA . -23.87 9.54 -28.77
C2C HEC IA . -24.12 8.14 -28.39
C3C HEC IA . -24.80 8.26 -27.09
C4C HEC IA . -24.91 9.73 -26.92
CMC HEC IA . -23.74 6.90 -29.17
CAC HEC IA . -25.71 7.17 -26.81
CBC HEC IA . -25.17 5.93 -26.15
ND HEC IA . -24.87 12.72 -26.15
C1D HEC IA . -25.28 11.75 -25.29
C2D HEC IA . -25.78 12.22 -23.97
C3D HEC IA . -25.64 13.67 -24.08
C4D HEC IA . -25.07 13.85 -25.45
CMD HEC IA . -26.30 11.38 -22.83
CAD HEC IA . -25.99 14.69 -23.02
CBD HEC IA . -24.79 14.97 -22.10
CGD HEC IA . -23.61 15.44 -22.92
O1D HEC IA . -22.66 14.65 -23.15
O2D HEC IA . -23.66 16.62 -23.32
FE HEC JA . -1.49 35.85 -23.80
CHA HEC JA . -4.14 33.98 -22.63
CHB HEC JA . 0.70 34.00 -21.84
CHC HEC JA . 1.17 37.31 -25.32
CHD HEC JA . -3.64 37.97 -25.49
NA HEC JA . -1.67 34.18 -22.55
C1A HEC JA . -2.80 33.54 -22.21
C2A HEC JA . -2.58 32.36 -21.32
C3A HEC JA . -1.12 32.32 -21.17
C4A HEC JA . -0.67 33.46 -21.99
CMA HEC JA . -0.27 31.36 -20.41
CAA HEC JA . -3.60 31.41 -20.75
CBA HEC JA . -4.12 31.87 -19.40
CGA HEC JA . -5.09 30.79 -19.03
O1A HEC JA . -6.30 31.05 -18.97
O2A HEC JA . -4.62 29.65 -18.81
NB HEC JA . 0.59 35.68 -23.61
C1B HEC JA . 1.35 34.91 -22.80
C2B HEC JA . 2.83 35.07 -22.97
C3B HEC JA . 2.87 35.82 -24.23
C4B HEC JA . 1.50 36.33 -24.30
CMB HEC JA . 3.97 34.40 -22.27
CAB HEC JA . 3.78 36.84 -24.74
CBB HEC JA . 4.56 36.47 -25.98
NC HEC JA . -1.31 37.30 -25.28
C1C HEC JA . -0.14 37.74 -25.78
C2C HEC JA . -0.24 38.74 -26.83
C3C HEC JA . -1.68 38.89 -27.03
C4C HEC JA . -2.26 37.97 -26.00
CMC HEC JA . 0.95 39.39 -27.50
CAC HEC JA . -1.99 40.22 -27.53
CBC HEC JA . -1.87 40.56 -29.01
ND HEC JA . -3.57 35.96 -24.03
C1D HEC JA . -4.28 36.86 -24.75
C2D HEC JA . -5.75 36.64 -24.71
C3D HEC JA . -5.90 35.46 -23.86
C4D HEC JA . -4.50 35.12 -23.49
CMD HEC JA . -6.82 37.45 -25.40
CAD HEC JA . -7.14 34.72 -23.47
CBD HEC JA . -7.09 33.46 -24.35
CGD HEC JA . -8.28 32.56 -24.14
O1D HEC JA . -8.81 32.52 -23.00
O2D HEC JA . -8.69 31.91 -25.12
FE HEC KA . -19.31 31.30 -21.74
CHA HEC KA . -16.46 33.18 -21.35
CHB HEC KA . -21.02 33.39 -19.63
CHC HEC KA . -22.25 29.87 -22.70
CHD HEC KA . -17.61 28.85 -23.41
NA HEC KA . -18.88 33.12 -20.82
C1A HEC KA . -17.69 33.75 -20.76
C2A HEC KA . -17.75 35.05 -20.05
C3A HEC KA . -19.16 35.18 -19.66
C4A HEC KA . -19.77 33.94 -20.21
CMA HEC KA . -19.83 36.30 -18.92
CAA HEC KA . -16.63 36.02 -19.77
CBA HEC KA . -15.91 35.57 -18.51
CGA HEC KA . -14.83 36.57 -18.20
O1A HEC KA . -13.82 36.18 -17.57
O2A HEC KA . -14.98 37.75 -18.59
NB HEC KA . -21.32 31.60 -21.24
C1B HEC KA . -21.88 32.47 -20.39
C2B HEC KA . -23.38 32.37 -20.31
C3B HEC KA . -23.68 31.52 -21.48
C4B HEC KA . -22.36 30.94 -21.72
CMB HEC KA . -24.33 33.19 -19.49
CAB HEC KA . -24.64 30.42 -21.65
CBB HEC KA . -25.62 30.54 -22.79
NC HEC KA . -19.81 29.74 -23.04
C1C HEC KA . -21.05 29.32 -23.32
C2C HEC KA . -21.17 28.25 -24.29
C3C HEC KA . -19.76 28.02 -24.68
C4C HEC KA . -19.01 29.00 -23.82
CMC HEC KA . -22.46 27.61 -24.73
CAC HEC KA . -19.52 26.62 -24.92
CBC HEC KA . -19.84 25.97 -26.23
ND HEC KA . -17.31 31.05 -22.30
C1D HEC KA . -16.77 30.01 -22.99
C2D HEC KA . -15.32 30.12 -23.25
C3D HEC KA . -14.97 31.40 -22.63
C4D HEC KA . -16.27 31.89 -22.08
CMD HEC KA . -14.42 29.15 -23.96
CAD HEC KA . -13.61 32.05 -22.59
CBD HEC KA . -13.51 33.15 -23.65
CGD HEC KA . -12.06 33.48 -23.83
O1D HEC KA . -11.29 32.56 -24.19
O2D HEC KA . -11.67 34.65 -23.61
N24 FC6 LA . 0.12 20.51 -24.61
C24 FC6 LA . -0.55 20.27 -23.70
FE2 FC6 LA . -1.46 19.97 -22.19
C21 FC6 LA . -0.99 18.22 -22.14
N25 FC6 LA . -0.74 17.09 -22.18
C22 FC6 LA . 0.08 20.28 -21.30
N22 FC6 LA . 1.09 20.46 -20.78
C26 FC6 LA . -2.98 19.61 -23.17
N21 FC6 LA . -3.91 19.36 -23.83
C23 FC6 LA . -1.91 21.74 -22.19
N23 FC6 LA . -2.18 22.88 -22.21
C11 FC6 LA . -2.51 19.65 -20.70
N11 FC6 LA . -3.05 19.46 -19.70
CHA HEM MA . 1.75 48.43 24.26
CHB HEM MA . 0.66 49.89 28.75
CHC HEM MA . 1.48 54.46 27.45
CHD HEM MA . 3.76 52.84 23.49
C1A HEM MA . 1.23 48.48 25.53
C2A HEM MA . 0.37 47.48 26.13
C3A HEM MA . 0.07 47.87 27.37
C4A HEM MA . 0.72 49.14 27.60
CMA HEM MA . -0.82 47.08 28.36
CAA HEM MA . -0.09 46.18 25.46
CBA HEM MA . 1.09 45.21 25.50
CGA HEM MA . 0.59 43.91 24.98
O1A HEM MA . -0.60 43.61 25.25
O2A HEM MA . 1.39 43.19 24.32
C1B HEM MA . 0.86 51.24 28.83
C2B HEM MA . 0.82 52.06 30.03
C3B HEM MA . 1.05 53.34 29.67
C4B HEM MA . 1.23 53.36 28.22
CMB HEM MA . 0.57 51.48 31.44
CAB HEM MA . 1.12 54.62 30.53
CBB HEM MA . 0.76 54.69 31.82
C1C HEM MA . 2.14 54.43 26.24
C2C HEM MA . 2.51 55.58 25.44
C3C HEM MA . 3.14 55.15 24.35
C4C HEM MA . 3.19 53.70 24.40
CMC HEM MA . 2.22 57.04 25.81
CAC HEM MA . 3.68 56.13 23.27
CBC HEM MA . 4.31 55.72 22.16
C1D HEM MA . 3.49 51.49 23.34
C2D HEM MA . 4.08 50.60 22.35
C3D HEM MA . 3.46 49.22 22.60
C4D HEM MA . 2.54 49.41 23.70
CMD HEM MA . 5.12 50.92 21.27
CAD HEM MA . 3.74 47.94 21.80
CBD HEM MA . 4.81 47.09 22.46
CGD HEM MA . 4.93 45.83 21.64
O1D HEM MA . 5.58 45.90 20.57
O2D HEM MA . 4.37 44.79 22.06
NA HEM MA . 1.42 49.49 26.45
NB HEM MA . 1.10 52.07 27.74
NC HEM MA . 2.57 53.30 25.57
ND HEM MA . 2.59 50.75 24.11
FE HEM MA . 1.83 51.42 25.92
CHA HEM NA . 4.20 49.51 13.84
CHB HEM NA . 2.15 52.02 10.27
CHC HEM NA . 3.81 56.17 12.09
CHD HEM NA . 5.62 53.74 15.88
C1A HEM NA . 3.52 49.81 12.68
C2A HEM NA . 2.88 48.87 11.77
C3A HEM NA . 2.32 49.59 10.80
C4A HEM NA . 2.58 50.98 11.06
CMA HEM NA . 1.52 49.07 9.58
CAA HEM NA . 2.84 47.33 11.91
CBA HEM NA . 1.42 46.97 12.34
CGA HEM NA . 1.21 45.49 12.56
O1A HEM NA . 0.02 45.11 12.74
O2A HEM NA . 2.21 44.72 12.57
C1B HEM NA . 2.38 53.35 10.46
C2B HEM NA . 1.86 54.42 9.64
C3B HEM NA . 2.31 55.58 10.13
C4B HEM NA . 3.14 55.28 11.28
CMB HEM NA . 0.95 54.24 8.41
CAB HEM NA . 1.97 56.95 9.52
CBB HEM NA . 2.40 58.11 10.04
C1C HEM NA . 4.44 55.87 13.26
C2C HEM NA . 5.03 56.84 14.16
C3C HEM NA . 5.54 56.20 15.21
C4C HEM NA . 5.28 54.77 15.03
CMC HEM NA . 5.09 58.36 13.96
CAC HEM NA . 6.27 56.94 16.36
CBC HEM NA . 6.78 56.30 17.42
C1D HEM NA . 5.39 52.40 15.69
C2D HEM NA . 5.74 51.37 16.65
C3D HEM NA . 5.31 50.05 16.01
C4D HEM NA . 4.73 50.41 14.74
CMD HEM NA . 6.44 51.59 18.02
CAD HEM NA . 5.44 48.63 16.60
CBD HEM NA . 4.06 48.20 17.12
CGD HEM NA . 4.21 46.98 17.98
O1D HEM NA . 3.22 46.63 18.69
O2D HEM NA . 5.31 46.37 17.97
NA HEM NA . 3.31 51.09 12.21
NB HEM NA . 3.16 53.92 11.46
NC HEM NA . 4.61 54.62 13.83
ND HEM NA . 4.80 51.78 14.59
FE HEM NA . 4.01 52.82 13.05
CU CU OA . 4.65 48.78 28.26
CA CA PA . 20.43 45.57 20.01
O1 PEO QA . 3.60 50.66 26.38
O2 PEO QA . 4.96 50.25 26.77
P PO4 RA . -7.62 40.50 36.75
O1 PO4 RA . -8.26 41.30 37.87
O2 PO4 RA . -8.09 41.04 35.43
O3 PO4 RA . -8.01 39.04 36.91
O4 PO4 RA . -6.13 40.65 36.83
CA CA SA . 4.54 44.36 19.03
FE HEC TA . 3.33 33.33 8.48
CHA HEC TA . 0.49 31.44 8.60
CHB HEC TA . 5.28 30.43 8.87
CHC HEC TA . 6.18 35.14 8.20
CHD HEC TA . 1.42 36.20 7.85
NA HEC TA . 2.95 31.31 8.80
C1A HEC TA . 1.75 30.72 8.82
C2A HEC TA . 1.79 29.27 9.07
C3A HEC TA . 3.22 28.99 9.25
C4A HEC TA . 3.83 30.33 9.07
CMA HEC TA . 3.94 27.70 9.53
CAA HEC TA . 0.60 28.37 9.17
CBA HEC TA . 0.34 28.39 10.66
CGA HEC TA . -0.98 27.74 10.96
O1A HEC TA . -1.02 26.97 11.94
O2A HEC TA . -1.96 28.01 10.22
NB HEC TA . 5.37 32.85 8.54
C1B HEC TA . 6.03 31.69 8.70
C2B HEC TA . 7.53 31.76 8.68
C3B HEC TA . 7.72 33.13 8.23
C4B HEC TA . 6.37 33.71 8.41
CMB HEC TA . 8.58 30.69 8.80
CAB HEC TA . 8.74 34.14 8.48
CBB HEC TA . 9.56 34.40 7.26
NC HEC TA . 3.72 35.35 8.21
C1C HEC TA . 4.93 35.89 8.13
C2C HEC TA . 4.97 37.34 7.92
C3C HEC TA . 3.54 37.68 7.85
C4C HEC TA . 2.86 36.39 8.12
CMC HEC TA . 6.21 38.18 7.79
CAC HEC TA . 3.27 39.04 8.31
CBC HEC TA . 3.35 40.16 7.30
ND HEC TA . 1.30 33.75 8.26
C1D HEC TA . 0.71 34.94 8.01
C2D HEC TA . -0.77 34.89 7.90
C3D HEC TA . -1.07 33.47 8.13
C4D HEC TA . 0.28 32.88 8.32
CMD HEC TA . -1.72 36.03 7.62
CAD HEC TA . -2.42 32.81 8.13
CBD HEC TA . -2.83 32.46 6.70
CGD HEC TA . -1.85 31.47 6.15
O1D HEC TA . -0.97 31.89 5.36
O2D HEC TA . -1.97 30.27 6.50
N24 FC6 UA . 7.58 19.50 -11.96
C24 FC6 UA . 6.55 19.97 -12.08
FE2 FC6 UA . 4.94 20.77 -12.17
C21 FC6 UA . 5.65 22.26 -12.94
N25 FC6 UA . 6.12 23.18 -13.43
C22 FC6 UA . 4.83 20.08 -13.83
N22 FC6 UA . 4.78 19.61 -14.89
C26 FC6 UA . 5.18 21.52 -10.50
N21 FC6 UA . 5.37 21.98 -9.45
C23 FC6 UA . 4.21 19.30 -11.36
N23 FC6 UA . 3.76 18.35 -10.85
C11 FC6 UA . 3.28 21.55 -12.33
N11 FC6 UA . 2.23 22.05 -12.35
FE HEC VA . 1.34 5.59 -8.57
CHA HEC VA . -0.08 8.40 -7.13
CHB HEC VA . 0.99 6.96 -11.69
CHC HEC VA . 3.27 3.10 -9.92
CHD HEC VA . 1.36 3.98 -5.54
NA HEC VA . 0.70 7.43 -9.29
C1A HEC VA . 0.18 8.45 -8.58
C2A HEC VA . -0.14 9.63 -9.41
C3A HEC VA . 0.29 9.22 -10.76
C4A HEC VA . 0.81 7.87 -10.55
CMA HEC VA . 0.24 9.96 -12.06
CAA HEC VA . -0.71 10.94 -8.99
CBA HEC VA . -2.22 10.90 -9.05
CGA HEC VA . -2.57 12.33 -8.74
O1A HEC VA . -3.18 12.58 -7.67
O2A HEC VA . -2.19 13.20 -9.57
NB HEC VA . 2.02 5.12 -10.50
C1B HEC VA . 1.82 5.76 -11.67
C2B HEC VA . 2.46 5.14 -12.87
C3B HEC VA . 3.37 4.20 -12.20
C4B HEC VA . 2.78 4.11 -10.86
CMB HEC VA . 2.47 5.61 -14.29
CAB HEC VA . 3.87 2.89 -12.61
CBB HEC VA . 5.35 2.80 -12.86
NC HEC VA . 2.26 3.88 -7.80
C1C HEC VA . 3.02 3.03 -8.49
C2C HEC VA . 3.59 1.95 -7.70
C3C HEC VA . 3.16 2.23 -6.32
C4C HEC VA . 2.31 3.46 -6.52
CMC HEC VA . 4.45 0.85 -8.25
CAC HEC VA . 2.99 1.02 -5.53
CBC HEC VA . 4.15 0.44 -4.78
ND HEC VA . 0.74 6.11 -6.64
C1D HEC VA . 0.83 5.35 -5.52
C2D HEC VA . 0.33 6.00 -4.28
C3D HEC VA . -0.10 7.31 -4.77
C4D HEC VA . 0.20 7.27 -6.22
CMD HEC VA . 0.29 5.43 -2.89
CAD HEC VA . -0.68 8.44 -3.98
CBD HEC VA . 0.46 9.44 -3.87
CGD HEC VA . -0.01 10.59 -3.02
O1D HEC VA . -1.24 10.82 -2.96
O2D HEC VA . 0.86 11.25 -2.41
FE HEC WA . -6.20 15.55 5.04
CHA HEC WA . -5.96 12.97 2.80
CHB HEC WA . -9.29 14.41 6.08
CHC HEC WA . -6.17 17.73 7.68
CHD HEC WA . -3.30 16.97 3.85
NA HEC WA . -7.37 13.89 4.61
C1A HEC WA . -7.13 12.94 3.69
C2A HEC WA . -8.17 11.86 3.66
C3A HEC WA . -9.11 12.26 4.71
C4A HEC WA . -8.50 13.50 5.24
CMA HEC WA . -10.36 11.58 5.17
CAA HEC WA . -8.25 10.67 2.77
CBA HEC WA . -8.55 11.18 1.37
CGA HEC WA . -8.90 9.98 0.52
O1A HEC WA . -8.92 10.15 -0.72
O2A HEC WA . -9.16 8.90 1.11
NB HEC WA . -7.51 15.99 6.61
C1B HEC WA . -8.71 15.45 6.94
C2B HEC WA . -9.34 16.03 8.17
C3B HEC WA . -8.22 16.76 8.74
C4B HEC WA . -7.35 16.87 7.58
CMB HEC WA . -10.66 15.68 8.82
CAB HEC WA . -8.18 18.06 9.41
CBB HEC WA . -7.72 18.09 10.84
NC HEC WA . -4.88 17.01 5.70
C1C HEC WA . -5.01 17.77 6.79
C2C HEC WA . -3.93 18.70 7.08
C3C HEC WA . -2.97 18.41 6.00
C4C HEC WA . -3.69 17.37 5.20
CMC HEC WA . -3.88 19.66 8.25
CAC HEC WA . -2.11 19.51 5.64
CBC HEC WA . -0.91 19.88 6.49
ND HEC WA . -4.84 15.05 3.55
C1D HEC WA . -3.71 15.71 3.20
C2D HEC WA . -2.95 15.11 2.11
C3D HEC WA . -3.73 13.92 1.79
C4D HEC WA . -4.87 13.98 2.74
CMD HEC WA . -1.67 15.60 1.48
CAD HEC WA . -3.43 12.90 0.74
CBD HEC WA . -2.73 11.71 1.39
CGD HEC WA . -2.15 11.01 0.22
O1D HEC WA . -1.30 11.67 -0.42
O2D HEC WA . -2.54 9.85 -0.07
CHA HEM XA . -3.47 -28.65 43.84
CHB HEM XA . -5.42 -32.34 46.27
CHC HEM XA . -9.39 -29.68 46.94
CHD HEM XA . -6.86 -25.72 45.82
C1A HEM XA . -3.73 -29.92 44.28
C2A HEM XA . -3.10 -31.14 43.82
C3A HEM XA . -3.64 -32.16 44.50
C4A HEM XA . -4.64 -31.63 45.40
CMA HEM XA . -3.26 -33.65 44.35
CAA HEM XA . -1.99 -31.26 42.76
CBA HEM XA . -0.67 -30.73 43.34
CGA HEM XA . 0.41 -30.76 42.30
O1A HEM XA . 0.29 -31.58 41.35
O2A HEM XA . 1.39 -29.98 42.43
C1B HEM XA . -6.64 -31.94 46.72
C2B HEM XA . -7.51 -32.66 47.63
C3B HEM XA . -8.62 -31.92 47.83
C4B HEM XA . -8.48 -30.71 47.03
CMB HEM XA . -7.14 -34.04 48.23
CAB HEM XA . -9.88 -32.21 48.69
CBB HEM XA . -10.11 -33.37 49.35
C1C HEM XA . -9.09 -28.36 46.65
C2C HEM XA . -10.02 -27.26 46.60
C3C HEM XA . -9.34 -26.16 46.29
C4C HEM XA . -7.94 -26.52 46.14
CMC HEM XA . -11.53 -27.35 46.86
CAC HEM XA . -10.01 -24.77 46.14
CBC HEM XA . -9.33 -23.64 45.97
C1D HEM XA . -5.69 -26.12 45.21
C2D HEM XA . -4.62 -25.25 44.81
C3D HEM XA . -3.55 -26.17 44.19
C4D HEM XA . -4.10 -27.50 44.28
CMD HEM XA . -4.56 -23.71 44.97
CAD HEM XA . -2.20 -25.77 43.57
CBD HEM XA . -1.11 -25.59 44.62
CGD HEM XA . 0.20 -25.46 43.86
O1D HEM XA . 0.56 -24.32 43.48
O2D HEM XA . 0.86 -26.51 43.65
NA HEM XA . -4.67 -30.25 45.23
NB HEM XA . -7.26 -30.75 46.37
NC HEM XA . -7.83 -27.88 46.36
ND HEM XA . -5.36 -27.43 44.90
FE HEM XA . -6.28 -29.08 45.64
CHA HEM YA . -3.01 -18.88 39.07
CHB HEM YA . -5.89 -16.74 35.83
CHC HEM YA . -9.42 -16.24 39.10
CHD HEM YA . -6.66 -18.60 42.32
C1A HEM YA . -3.49 -18.37 37.88
C2A HEM YA . -2.81 -18.37 36.61
C3A HEM YA . -3.62 -17.77 35.72
C4A HEM YA . -4.83 -17.38 36.42
CMA HEM YA . -3.36 -17.52 34.22
CAA HEM YA . -1.42 -18.94 36.31
CBA HEM YA . -1.60 -20.19 35.45
CGA HEM YA . -0.26 -20.75 35.06
O1A HEM YA . -0.24 -21.61 34.14
O2A HEM YA . 0.76 -20.36 35.67
C1B HEM YA . -7.10 -16.44 36.41
C2B HEM YA . -8.24 -15.88 35.73
C3B HEM YA . -9.23 -15.73 36.61
C4B HEM YA . -8.74 -16.20 37.91
CMB HEM YA . -8.31 -15.51 34.23
CAB HEM YA . -10.62 -15.16 36.24
CBB HEM YA . -11.62 -15.03 37.12
C1C HEM YA . -8.99 -16.83 40.26
C2C HEM YA . -9.74 -16.94 41.50
C3C HEM YA . -8.99 -17.58 42.39
C4C HEM YA . -7.73 -17.93 41.75
CMC HEM YA . -11.16 -16.39 41.79
CAC HEM YA . -9.45 -17.86 43.84
CBC HEM YA . -8.66 -18.45 44.76
C1D HEM YA . -5.45 -18.91 41.76
C2D HEM YA . -4.41 -19.66 42.41
C3D HEM YA . -3.27 -19.75 41.39
C4D HEM YA . -3.73 -19.04 40.24
CMD HEM YA . -4.43 -20.26 43.83
CAD HEM YA . -1.91 -20.45 41.58
CBD HEM YA . -2.02 -21.84 40.95
CGD HEM YA . -0.81 -22.64 41.33
O1D HEM YA . -0.78 -23.87 41.02
O2D HEM YA . 0.12 -22.06 41.93
NA HEM YA . -4.72 -17.75 37.73
NB HEM YA . -7.43 -16.63 37.74
NC HEM YA . -7.77 -17.46 40.46
ND HEM YA . -5.01 -18.56 40.48
FE HEM YA . -6.20 -17.63 39.10
CU CU ZA . -3.08 -29.73 48.51
CA CA AB . 1.53 -23.84 41.22
CA CA BB . 5.89 -15.31 54.07
P PO4 CB . 0.07 -45.61 42.97
O1 PO4 CB . 0.37 -44.74 44.17
O2 PO4 CB . -0.59 -44.72 41.97
O3 PO4 CB . 1.35 -46.24 42.47
O4 PO4 CB . -0.91 -46.69 43.33
O1 PEO DB . -5.03 -28.64 47.08
O2 PEO DB . -4.11 -27.95 48.00
FE HEC EB . 12.28 -19.49 31.41
CHA HEC EB . 13.11 -21.74 28.97
CHB HEC EB . 15.62 -19.33 32.46
CHC HEC EB . 11.54 -17.06 33.70
CHD HEC EB . 8.97 -19.49 30.35
NA HEC EB . 14.05 -20.43 30.85
C1A HEC EB . 14.21 -21.31 29.86
C2A HEC EB . 15.60 -21.81 29.71
C3A HEC EB . 16.33 -21.11 30.79
C4A HEC EB . 15.27 -20.31 31.42
CMA HEC EB . 17.77 -21.17 31.19
CAA HEC EB . 16.10 -22.80 28.71
CBA HEC EB . 16.10 -24.10 29.50
CGA HEC EB . 15.89 -25.28 28.59
O1A HEC EB . 16.24 -26.41 29.02
O2A HEC EB . 15.40 -25.10 27.47
NB HEC EB . 13.39 -18.40 32.84
C1B HEC EB . 14.71 -18.42 33.16
C2B HEC EB . 15.14 -17.48 34.24
C3B HEC EB . 13.92 -16.68 34.39
C4B HEC EB . 12.93 -17.47 33.65
CMB HEC EB . 16.50 -17.21 34.82
CAB HEC EB . 13.29 -16.02 35.52
CBB HEC EB . 13.32 -14.53 35.39
NC HEC EB . 10.54 -18.50 31.98
C1C HEC EB . 10.43 -17.57 32.91
C2C HEC EB . 9.10 -17.02 33.12
C3C HEC EB . 8.30 -17.74 32.13
C4C HEC EB . 9.28 -18.67 31.53
CMC HEC EB . 8.72 -15.95 34.12
CAC HEC EB . 6.93 -17.91 32.54
CBC HEC EB . 5.94 -16.81 32.24
ND HEC EB . 11.22 -20.47 29.92
C1D HEC EB . 9.90 -20.36 29.62
C2D HEC EB . 9.44 -21.18 28.48
C3D HEC EB . 10.66 -21.87 28.05
C4D HEC EB . 11.69 -21.34 29.00
CMD HEC EB . 8.04 -21.27 27.91
CAD HEC EB . 10.80 -22.84 26.91
CBD HEC EB . 11.13 -22.06 25.63
CGD HEC EB . 12.41 -21.25 25.77
O1D HEC EB . 12.32 -20.00 25.85
O2D HEC EB . 13.50 -21.86 25.79
N24 FC6 FB . 27.80 -4.14 17.61
C24 FC6 FB . 26.99 -4.82 17.15
FE2 FC6 FB . 25.77 -5.80 16.21
C21 FC6 FB . 24.52 -4.47 16.16
N25 FC6 FB . 23.83 -3.57 16.33
C22 FC6 FB . 26.45 -5.03 14.71
N22 FC6 FB . 26.91 -4.52 13.79
C26 FC6 FB . 25.06 -6.45 17.76
N21 FC6 FB . 24.74 -6.86 18.81
C23 FC6 FB . 26.98 -7.17 16.14
N23 FC6 FB . 27.78 -8.03 16.16
C11 FC6 FB . 24.57 -6.87 15.40
N11 FC6 FB . 23.77 -7.48 14.80
FE HEC GB . 38.59 -14.74 12.52
CHA HEC GB . 35.45 -16.06 12.94
CHB HEC GB . 37.32 -12.27 10.42
CHC HEC GB . 41.63 -13.17 12.44
CHD HEC GB . 39.98 -17.35 14.31
NA HEC GB . 36.70 -14.19 11.89
C1A HEC GB . 35.54 -14.81 12.15
C2A HEC GB . 34.36 -14.14 11.56
C3A HEC GB . 34.93 -12.98 10.89
C4A HEC GB . 36.37 -13.10 11.17
CMA HEC GB . 34.25 -11.90 10.12
CAA HEC GB . 32.93 -14.53 11.66
CBA HEC GB . 32.46 -15.54 10.64
CGA HEC GB . 30.99 -15.51 10.95
O1A HEC GB . 30.44 -16.52 11.43
O2A HEC GB . 30.41 -14.42 10.75
NB HEC GB . 39.34 -13.02 11.60
C1B HEC GB . 38.74 -12.12 10.79
C2B HEC GB . 39.61 -11.00 10.30
C3B HEC GB . 40.75 -11.16 11.21
C4B HEC GB . 40.57 -12.55 11.67
CMB HEC GB . 39.28 -9.83 9.42
CAB HEC GB . 42.16 -10.86 11.07
CBB HEC GB . 42.64 -9.78 11.99
NC HEC GB . 40.46 -15.15 13.36
C1C HEC GB . 41.55 -14.39 13.23
C2C HEC GB . 42.74 -14.86 13.94
C3C HEC GB . 42.25 -16.07 14.63
C4C HEC GB . 40.83 -16.16 14.17
CMC HEC GB . 44.10 -14.21 13.93
CAC HEC GB . 43.32 -17.03 14.82
CBC HEC GB . 44.18 -16.94 16.04
ND HEC GB . 37.83 -16.44 13.47
C1D HEC GB . 38.51 -17.38 14.17
C2D HEC GB . 37.68 -18.45 14.75
C3D HEC GB . 36.33 -18.06 14.33
C4D HEC GB . 36.54 -16.83 13.56
CMD HEC GB . 38.10 -19.65 15.56
CAD HEC GB . 35.02 -18.74 14.64
CBD HEC GB . 34.45 -17.82 15.70
CGD HEC GB . 33.26 -18.50 16.30
O1D HEC GB . 32.69 -19.33 15.57
O2D HEC GB . 32.92 -18.20 17.47
FE HEC HB . 26.12 -27.13 18.36
CHA HEC HB . 28.71 -25.93 16.49
CHB HEC HB . 26.08 -30.05 16.51
CHC HEC HB . 23.91 -28.51 20.56
CHD HEC HB . 25.78 -24.10 19.97
NA HEC HB . 27.32 -27.93 16.88
C1A HEC HB . 28.33 -27.33 16.23
C2A HEC HB . 29.00 -28.20 15.23
C3A HEC HB . 28.28 -29.47 15.33
C4A HEC HB . 27.28 -29.21 16.39
CMA HEC HB . 28.50 -30.75 14.57
CAA HEC HB . 30.14 -27.88 14.32
CBA HEC HB . 29.61 -27.08 13.16
CGA HEC HB . 30.78 -26.92 12.23
O1A HEC HB . 30.73 -26.01 11.38
O2A HEC HB . 31.74 -27.70 12.37
NB HEC HB . 25.17 -28.97 18.50
C1B HEC HB . 25.23 -30.06 17.72
C2B HEC HB . 24.37 -31.22 18.16
C3B HEC HB . 24.06 -30.79 19.52
C4B HEC HB . 24.32 -29.35 19.44
CMB HEC HB . 24.23 -32.57 17.53
CAB HEC HB . 22.84 -30.94 20.31
CBB HEC HB . 22.96 -31.68 21.62
NC HEC HB . 25.15 -26.45 20.06
C1C HEC HB . 24.32 -27.15 20.83
C2C HEC HB . 23.79 -26.46 22.02
C3C HEC HB . 24.47 -25.15 21.94
C4C HEC HB . 25.27 -25.26 20.69
CMC HEC HB . 22.83 -27.05 23.02
CAC HEC HB . 23.70 -24.07 22.52
CBC HEC HB . 23.76 -23.85 24.01
ND HEC HB . 27.10 -25.30 18.25
C1D HEC HB . 26.85 -24.18 18.98
C2D HEC HB . 27.72 -23.03 18.68
C3D HEC HB . 28.61 -23.56 17.64
C4D HEC HB . 28.12 -24.97 17.46
CMD HEC HB . 27.69 -21.66 19.30
CAD HEC HB . 29.71 -22.84 16.94
CBD HEC HB . 31.03 -23.27 17.54
CGD HEC HB . 31.99 -22.22 17.07
O1D HEC HB . 31.66 -21.04 17.35
O2D HEC HB . 33.01 -22.56 16.41
#